data_7VNN
#
_entry.id   7VNN
#
_cell.length_a   1.00
_cell.length_b   1.00
_cell.length_c   1.00
_cell.angle_alpha   90.00
_cell.angle_beta   90.00
_cell.angle_gamma   90.00
#
_symmetry.space_group_name_H-M   'P 1'
#
loop_
_entity.id
_entity.type
_entity.pdbx_description
1 polymer 'ADP-ribosylating binary toxin binding subunit CdtB'
2 polymer CdtA
3 non-polymer 'CALCIUM ION'
#
loop_
_entity_poly.entity_id
_entity_poly.type
_entity_poly.pdbx_seq_one_letter_code
_entity_poly.pdbx_strand_id
1 'polypeptide(L)'
;NNNFFDPKLMSDWEDEDLDTDNDNIPDSYERNGYTIKDLIAVKWEDSFAEQGYKKYVSNYLESNTAGDPYTDYEKASGSF
DKAIKTEARDPLVAAYPIVGVGMEKLIISTNEHASTDQGKTVSRATTNSKTESNTAGVSVNVGYQNGFTANVTTNYSHTT
DNSTAVQDSNGESWNTGLSINKGESAYINANVRYYNTGTAPMYKVTPTTNLVLDGDTLSTIKAQENQIGNNLSPGDTYPK
KGLSPLALNTMDQFSSRLIPINYDQLKKLDAGKQIKLETTQVSGNFGTKNSSGQIVTEGNSWSDYISQIDSISASIILDT
ENESYERRVTAKNLQDPEDKTPELTIGEAIEKAFGATKKDGLLYFNDIPIDESCVELIFDDNTANKIKDSLKTLSDKKIY
NVKLERGMNILIKTPTYFTNFDDYNNYPSTWSNVNTTNQDGLQGSANKLNGETKIKIPMSELKPYKRYVFSGYSKDPLTS
NSIIVKIKAKEEKTDYLVPEQGYTKFSYEFETTEKDSSNIEITLIGSGTTYLDNLSITELNSTPEILDEPEVKIPTDQEI
MDAHKIYFADLNFNPSTGNTYINGMYFAPTQTNKEALDYIQKYRVEATLQYSGFKDIGTKDKEMRNYLGDPNQPKTNYVN
LRSYFTGGENIMTYKKLRIYAITPDDRELLVLSVD
;
A,B,C,D,E,F,G
2 'polypeptide(L)'
;APIERPEDFLKDKEKAKEWERKEAERIEQKLERSEKEALESYKKDSVEISKYSQTRNYFYDYQIEANSREKEYKELRNAI
SKNKIDKPMYVYYFESPEKFAFNKVIRTENQNEISLEKFNEFKETIQNKLFKQDGFKDISLYEPGKGDEKPTPLLMHLKL
PRNTGMLPYTNTNNVSTLIEQGYSIKIDKIVRIVIDGKHYIKAEASVVSSLDFKDDVSKGDSWGKANYNDWSNKLTPNEL
ADVNDYMRGGYTAINNYLISNGPVNNPNPELDSKITNIENALKREPIPTNLTVYRRSGPQEFGLTLTSPEYDFNKLENID
AFKSKWEGQALSYPNFISTSIGSVNMSAFAKRKIVLRITIPKGSPGAYLSAIPGYAGEYEVLLNHGSKFKINKIDSYKDG
TITKLIVDATLIPENLYFQGLEHHHHHH
;
H
#
loop_
_chem_comp.id
_chem_comp.type
_chem_comp.name
_chem_comp.formula
CA non-polymer 'CALCIUM ION' 'Ca 2'
#
# COMPACT_ATOMS: atom_id res chain seq x y z
N GLU A 16 -29.95 -51.45 6.43
CA GLU A 16 -28.62 -51.71 6.98
C GLU A 16 -27.97 -50.41 7.47
N ASP A 17 -26.65 -50.43 7.60
CA ASP A 17 -25.90 -49.29 8.12
C ASP A 17 -24.62 -49.01 7.36
N LEU A 18 -24.41 -49.67 6.22
CA LEU A 18 -23.21 -49.40 5.42
C LEU A 18 -23.23 -47.98 4.90
N ASP A 19 -22.09 -47.30 5.03
CA ASP A 19 -21.96 -45.89 4.61
C ASP A 19 -20.54 -45.71 4.09
N THR A 20 -20.38 -45.76 2.77
CA THR A 20 -19.05 -45.71 2.18
C THR A 20 -18.51 -44.30 2.00
N ASP A 21 -19.35 -43.35 1.58
CA ASP A 21 -18.92 -41.98 1.40
C ASP A 21 -18.99 -41.14 2.68
N ASN A 22 -19.57 -41.69 3.74
CA ASN A 22 -19.68 -41.01 5.04
C ASN A 22 -20.43 -39.69 4.92
N ASP A 23 -21.67 -39.77 4.44
CA ASP A 23 -22.59 -38.64 4.44
C ASP A 23 -23.83 -38.91 5.27
N ASN A 24 -23.74 -39.81 6.25
CA ASN A 24 -24.79 -40.14 7.21
C ASN A 24 -26.00 -40.81 6.57
N ILE A 25 -25.94 -41.13 5.28
CA ILE A 25 -27.02 -41.81 4.58
C ILE A 25 -26.52 -43.20 4.19
N PRO A 26 -27.19 -44.27 4.58
CA PRO A 26 -26.74 -45.61 4.19
C PRO A 26 -26.79 -45.81 2.68
N ASP A 27 -25.91 -46.71 2.20
CA ASP A 27 -25.77 -46.93 0.76
C ASP A 27 -27.05 -47.46 0.14
N SER A 28 -27.71 -48.40 0.81
CA SER A 28 -28.93 -48.98 0.25
C SER A 28 -30.03 -47.95 0.14
N TYR A 29 -30.11 -47.01 1.09
CA TYR A 29 -31.09 -45.94 1.00
C TYR A 29 -30.79 -45.05 -0.21
N GLU A 30 -29.51 -44.73 -0.43
CA GLU A 30 -29.15 -43.90 -1.57
C GLU A 30 -29.46 -44.60 -2.88
N ARG A 31 -29.30 -45.92 -2.93
CA ARG A 31 -29.56 -46.66 -4.16
C ARG A 31 -31.06 -46.79 -4.42
N ASN A 32 -31.86 -47.00 -3.38
CA ASN A 32 -33.26 -47.34 -3.55
C ASN A 32 -34.21 -46.15 -3.38
N GLY A 33 -33.78 -45.09 -2.71
CA GLY A 33 -34.66 -43.97 -2.45
C GLY A 33 -34.92 -43.75 -0.97
N TYR A 34 -34.91 -42.50 -0.54
CA TYR A 34 -35.03 -42.19 0.88
C TYR A 34 -35.68 -40.82 1.03
N THR A 35 -35.89 -40.43 2.28
CA THR A 35 -36.39 -39.10 2.62
C THR A 35 -35.93 -38.78 4.04
N ILE A 36 -36.04 -37.50 4.40
CA ILE A 36 -35.56 -37.00 5.68
C ILE A 36 -36.74 -36.56 6.52
N LYS A 37 -36.81 -37.07 7.75
CA LYS A 37 -37.77 -36.59 8.74
C LYS A 37 -37.09 -36.60 10.11
N ASP A 38 -37.22 -35.49 10.83
CA ASP A 38 -36.52 -35.27 12.10
C ASP A 38 -35.02 -35.43 11.93
N LEU A 39 -34.50 -34.95 10.80
CA LEU A 39 -33.07 -34.95 10.51
C LEU A 39 -32.48 -36.37 10.48
N ILE A 40 -33.31 -37.35 10.13
CA ILE A 40 -32.88 -38.74 10.04
C ILE A 40 -33.33 -39.30 8.71
N ALA A 41 -32.43 -39.95 7.99
CA ALA A 41 -32.78 -40.60 6.74
C ALA A 41 -33.55 -41.89 7.02
N VAL A 42 -34.68 -42.06 6.33
CA VAL A 42 -35.54 -43.21 6.51
C VAL A 42 -35.86 -43.81 5.15
N LYS A 43 -36.26 -45.09 5.16
CA LYS A 43 -36.63 -45.76 3.93
C LYS A 43 -37.85 -45.08 3.29
N TRP A 44 -37.87 -45.06 1.96
CA TRP A 44 -38.98 -44.45 1.26
C TRP A 44 -40.18 -45.37 1.23
N GLU A 45 -41.36 -44.79 1.42
CA GLU A 45 -42.62 -45.51 1.34
C GLU A 45 -43.57 -44.74 0.45
N ASP A 46 -44.43 -45.48 -0.26
CA ASP A 46 -45.31 -44.85 -1.24
C ASP A 46 -46.28 -43.88 -0.59
N SER A 47 -46.72 -44.15 0.63
CA SER A 47 -47.67 -43.28 1.31
C SER A 47 -47.05 -41.94 1.72
N PHE A 48 -45.72 -41.81 1.66
CA PHE A 48 -45.07 -40.57 2.06
C PHE A 48 -45.37 -39.42 1.10
N ALA A 49 -45.63 -39.71 -0.18
CA ALA A 49 -45.81 -38.65 -1.15
C ALA A 49 -47.05 -37.83 -0.89
N GLU A 50 -48.13 -38.47 -0.44
CA GLU A 50 -49.38 -37.73 -0.21
C GLU A 50 -49.27 -36.81 1.00
N GLN A 51 -48.33 -37.09 1.91
CA GLN A 51 -48.10 -36.20 3.03
C GLN A 51 -47.26 -34.99 2.64
N GLY A 52 -46.66 -34.97 1.45
CA GLY A 52 -45.85 -33.87 0.99
C GLY A 52 -44.36 -34.11 0.94
N TYR A 53 -43.91 -35.36 1.01
CA TYR A 53 -42.49 -35.65 1.01
C TYR A 53 -41.98 -35.86 -0.42
N LYS A 54 -40.66 -35.99 -0.52
CA LYS A 54 -39.98 -36.21 -1.78
C LYS A 54 -39.09 -37.44 -1.69
N LYS A 55 -38.89 -38.09 -2.83
CA LYS A 55 -38.06 -39.29 -2.92
C LYS A 55 -36.74 -38.89 -3.55
N TYR A 56 -35.64 -39.12 -2.82
CA TYR A 56 -34.32 -38.73 -3.24
C TYR A 56 -33.46 -39.96 -3.52
N VAL A 57 -32.66 -39.89 -4.58
CA VAL A 57 -31.63 -40.88 -4.86
C VAL A 57 -30.34 -40.13 -5.13
N SER A 58 -29.21 -40.78 -4.82
CA SER A 58 -27.92 -40.11 -4.96
C SER A 58 -26.83 -41.16 -5.09
N ASN A 59 -25.65 -40.68 -5.49
CA ASN A 59 -24.47 -41.52 -5.59
C ASN A 59 -24.01 -41.92 -4.20
N TYR A 60 -23.89 -43.22 -3.95
CA TYR A 60 -23.50 -43.73 -2.65
C TYR A 60 -22.00 -43.82 -2.46
N LEU A 61 -21.21 -43.56 -3.50
CA LEU A 61 -19.76 -43.53 -3.40
C LEU A 61 -19.19 -42.12 -3.37
N GLU A 62 -20.06 -41.10 -3.43
CA GLU A 62 -19.64 -39.72 -3.40
C GLU A 62 -20.50 -38.94 -2.42
N SER A 63 -19.87 -38.12 -1.59
CA SER A 63 -20.61 -37.28 -0.66
C SER A 63 -21.26 -36.07 -1.32
N ASN A 64 -20.76 -35.66 -2.49
CA ASN A 64 -21.29 -34.53 -3.24
C ASN A 64 -21.67 -35.04 -4.63
N THR A 65 -22.91 -35.50 -4.77
CA THR A 65 -23.35 -36.06 -6.04
C THR A 65 -23.37 -35.00 -7.15
N ALA A 66 -23.86 -33.80 -6.84
CA ALA A 66 -24.02 -32.76 -7.84
C ALA A 66 -22.75 -31.95 -8.08
N GLY A 67 -21.73 -32.10 -7.24
CA GLY A 67 -20.50 -31.34 -7.38
C GLY A 67 -20.52 -29.97 -6.75
N ASP A 68 -21.62 -29.57 -6.13
CA ASP A 68 -21.71 -28.30 -5.43
C ASP A 68 -21.09 -28.42 -4.05
N PRO A 69 -20.84 -27.29 -3.36
CA PRO A 69 -20.16 -27.37 -2.05
C PRO A 69 -21.00 -27.97 -0.93
N TYR A 70 -22.23 -28.38 -1.18
CA TYR A 70 -23.10 -28.94 -0.14
C TYR A 70 -23.28 -30.43 -0.36
N THR A 71 -23.18 -31.20 0.73
CA THR A 71 -23.25 -32.64 0.66
C THR A 71 -24.70 -33.10 0.42
N ASP A 72 -24.83 -34.40 0.16
CA ASP A 72 -26.15 -34.96 -0.16
C ASP A 72 -27.10 -34.86 1.04
N TYR A 73 -26.61 -35.20 2.23
CA TYR A 73 -27.45 -35.12 3.42
C TYR A 73 -27.83 -33.67 3.72
N GLU A 74 -26.88 -32.74 3.58
CA GLU A 74 -27.17 -31.34 3.85
C GLU A 74 -28.24 -30.80 2.89
N LYS A 75 -28.14 -31.16 1.61
CA LYS A 75 -29.14 -30.71 0.64
C LYS A 75 -30.49 -31.35 0.92
N ALA A 76 -30.51 -32.66 1.16
CA ALA A 76 -31.78 -33.36 1.34
C ALA A 76 -32.48 -32.92 2.62
N SER A 77 -31.73 -32.65 3.69
CA SER A 77 -32.30 -32.27 4.96
C SER A 77 -32.60 -30.78 5.07
N GLY A 78 -32.10 -29.96 4.15
CA GLY A 78 -32.28 -28.53 4.28
C GLY A 78 -31.47 -27.90 5.39
N SER A 79 -30.36 -28.55 5.75
CA SER A 79 -29.46 -28.00 6.80
C SER A 79 -28.43 -27.07 6.14
N PHE A 80 -28.87 -26.24 5.19
CA PHE A 80 -27.97 -25.29 4.50
C PHE A 80 -28.58 -23.89 4.47
N ASP A 81 -28.08 -23.00 3.61
CA ASP A 81 -28.61 -21.62 3.52
C ASP A 81 -30.10 -21.66 3.17
N LYS A 82 -30.93 -20.99 3.97
CA LYS A 82 -32.38 -21.00 3.75
C LYS A 82 -32.79 -20.21 2.51
N ALA A 83 -31.88 -19.46 1.90
CA ALA A 83 -32.21 -18.65 0.73
C ALA A 83 -32.07 -19.40 -0.59
N ILE A 84 -31.73 -20.68 -0.54
CA ILE A 84 -31.59 -21.50 -1.73
C ILE A 84 -32.94 -22.13 -2.06
N LYS A 85 -33.27 -22.17 -3.35
CA LYS A 85 -34.58 -22.66 -3.78
C LYS A 85 -34.77 -24.12 -3.38
N THR A 86 -36.03 -24.47 -3.12
CA THR A 86 -36.35 -25.82 -2.64
C THR A 86 -36.07 -26.90 -3.69
N GLU A 87 -36.07 -26.55 -4.98
CA GLU A 87 -35.79 -27.55 -6.00
C GLU A 87 -34.32 -27.92 -6.08
N ALA A 88 -33.44 -27.15 -5.43
CA ALA A 88 -32.05 -27.49 -5.32
C ALA A 88 -31.73 -28.30 -4.07
N ARG A 89 -32.74 -28.91 -3.47
CA ARG A 89 -32.55 -29.73 -2.28
C ARG A 89 -32.28 -31.19 -2.61
N ASP A 90 -32.75 -31.69 -3.74
CA ASP A 90 -32.40 -33.05 -4.09
C ASP A 90 -30.95 -33.13 -4.55
N PRO A 91 -30.27 -34.25 -4.26
CA PRO A 91 -28.83 -34.31 -4.54
C PRO A 91 -28.48 -34.24 -6.01
N LEU A 92 -29.42 -34.43 -6.92
CA LEU A 92 -29.12 -34.44 -8.35
C LEU A 92 -29.26 -33.08 -9.01
N VAL A 93 -29.65 -32.04 -8.28
CA VAL A 93 -29.75 -30.69 -8.80
C VAL A 93 -28.75 -29.82 -8.05
N ALA A 94 -27.92 -29.11 -8.79
CA ALA A 94 -26.85 -28.33 -8.17
C ALA A 94 -27.36 -26.99 -7.67
N ALA A 95 -26.85 -26.59 -6.50
CA ALA A 95 -27.05 -25.23 -6.00
C ALA A 95 -25.99 -24.35 -6.66
N TYR A 96 -26.39 -23.62 -7.70
CA TYR A 96 -25.43 -22.93 -8.54
C TYR A 96 -26.00 -21.61 -9.04
N PRO A 97 -25.43 -20.48 -8.65
CA PRO A 97 -25.93 -19.19 -9.13
C PRO A 97 -25.51 -18.91 -10.56
N ILE A 98 -26.37 -18.17 -11.26
CA ILE A 98 -26.14 -17.75 -12.64
C ILE A 98 -26.28 -16.23 -12.65
N VAL A 99 -25.16 -15.52 -12.65
CA VAL A 99 -25.16 -14.06 -12.54
C VAL A 99 -24.76 -13.46 -13.89
N GLY A 100 -25.55 -12.49 -14.35
CA GLY A 100 -25.22 -11.76 -15.55
C GLY A 100 -25.37 -10.27 -15.31
N VAL A 101 -24.69 -9.50 -16.16
CA VAL A 101 -24.69 -8.05 -16.08
C VAL A 101 -25.38 -7.48 -17.31
N GLY A 102 -26.20 -6.46 -17.10
CA GLY A 102 -26.87 -5.79 -18.19
C GLY A 102 -26.74 -4.27 -18.13
N MET A 103 -26.28 -3.67 -19.22
CA MET A 103 -26.09 -2.23 -19.27
C MET A 103 -27.39 -1.54 -19.68
N GLU A 104 -27.69 -0.42 -19.02
CA GLU A 104 -28.89 0.35 -19.30
C GLU A 104 -28.61 1.60 -20.12
N LYS A 105 -27.50 2.29 -19.88
CA LYS A 105 -27.14 3.45 -20.67
C LYS A 105 -25.67 3.77 -20.47
N LEU A 106 -25.12 4.54 -21.40
CA LEU A 106 -23.71 4.94 -21.37
C LEU A 106 -23.62 6.46 -21.50
N ILE A 107 -22.71 7.04 -20.71
CA ILE A 107 -22.58 8.50 -20.62
C ILE A 107 -21.17 8.88 -21.04
N ILE A 108 -21.07 9.89 -21.90
CA ILE A 108 -19.79 10.34 -22.44
C ILE A 108 -19.49 11.73 -21.90
N SER A 109 -18.28 11.91 -21.38
CA SER A 109 -17.81 13.20 -20.88
C SER A 109 -16.61 13.65 -21.71
N THR A 110 -16.85 14.59 -22.62
CA THR A 110 -15.78 15.06 -23.50
C THR A 110 -14.69 15.74 -22.70
N ASN A 111 -13.44 15.39 -22.99
CA ASN A 111 -12.28 15.89 -22.24
C ASN A 111 -11.68 17.06 -23.02
N GLU A 112 -12.35 18.20 -22.95
CA GLU A 112 -11.92 19.41 -23.62
C GLU A 112 -11.45 20.44 -22.61
N HIS A 113 -10.67 21.41 -23.10
CA HIS A 113 -10.22 22.54 -22.29
C HIS A 113 -10.50 23.81 -23.07
N ALA A 114 -11.31 24.71 -22.50
CA ALA A 114 -11.76 25.91 -23.16
C ALA A 114 -11.27 27.14 -22.39
N SER A 115 -10.84 28.16 -23.13
CA SER A 115 -10.32 29.38 -22.55
C SER A 115 -10.95 30.59 -23.22
N THR A 116 -10.99 31.70 -22.48
CA THR A 116 -11.55 32.96 -22.97
C THR A 116 -10.71 34.09 -22.41
N ASP A 117 -10.21 34.96 -23.29
CA ASP A 117 -9.33 36.04 -22.90
C ASP A 117 -9.77 37.35 -23.56
N GLN A 118 -9.83 38.42 -22.79
CA GLN A 118 -10.07 39.74 -23.34
C GLN A 118 -9.13 40.74 -22.65
N GLY A 119 -8.68 41.73 -23.41
CA GLY A 119 -7.73 42.69 -22.91
C GLY A 119 -8.07 44.11 -23.36
N LYS A 120 -7.35 45.05 -22.77
CA LYS A 120 -7.49 46.47 -23.09
C LYS A 120 -6.12 47.13 -23.02
N THR A 121 -5.95 48.22 -23.76
CA THR A 121 -4.66 48.87 -23.86
C THR A 121 -4.87 50.38 -24.00
N VAL A 122 -3.95 51.14 -23.41
CA VAL A 122 -3.91 52.60 -23.56
C VAL A 122 -2.47 53.00 -23.84
N SER A 123 -2.26 53.84 -24.85
CA SER A 123 -0.93 54.25 -25.24
C SER A 123 -0.89 55.73 -25.56
N ARG A 124 0.32 56.29 -25.58
CA ARG A 124 0.52 57.70 -25.84
C ARG A 124 1.94 57.90 -26.33
N ALA A 125 2.12 58.71 -27.38
CA ALA A 125 3.42 58.96 -27.96
C ALA A 125 3.59 60.45 -28.26
N THR A 126 4.85 60.89 -28.28
CA THR A 126 5.19 62.27 -28.57
C THR A 126 6.44 62.29 -29.45
N THR A 127 6.44 63.16 -30.46
CA THR A 127 7.53 63.23 -31.43
C THR A 127 8.01 64.67 -31.58
N ASN A 128 9.33 64.85 -31.56
CA ASN A 128 9.97 66.13 -31.79
C ASN A 128 10.84 66.01 -33.03
N SER A 129 10.37 66.57 -34.15
CA SER A 129 11.05 66.46 -35.43
C SER A 129 11.61 67.82 -35.83
N LYS A 130 12.89 67.84 -36.20
CA LYS A 130 13.59 69.05 -36.62
C LYS A 130 14.27 68.80 -37.95
N THR A 131 14.04 69.69 -38.92
CA THR A 131 14.56 69.52 -40.26
C THR A 131 15.21 70.81 -40.73
N GLU A 132 16.39 70.69 -41.34
CA GLU A 132 17.12 71.81 -41.91
C GLU A 132 17.32 71.58 -43.41
N SER A 133 17.04 72.61 -44.19
CA SER A 133 17.19 72.56 -45.65
C SER A 133 18.10 73.69 -46.10
N ASN A 134 19.10 73.36 -46.92
CA ASN A 134 20.03 74.35 -47.46
C ASN A 134 20.06 74.20 -48.98
N THR A 135 19.93 75.33 -49.67
CA THR A 135 19.97 75.34 -51.13
C THR A 135 20.19 76.75 -51.65
N HIS A 158 18.58 78.60 -46.94
CA HIS A 158 18.42 77.98 -45.64
C HIS A 158 16.96 77.94 -45.20
N THR A 159 16.39 76.73 -45.18
CA THR A 159 15.00 76.51 -44.81
C THR A 159 14.94 75.58 -43.61
N THR A 160 14.15 75.96 -42.60
CA THR A 160 14.01 75.18 -41.38
C THR A 160 12.53 74.97 -41.09
N ASP A 161 12.15 73.73 -40.75
CA ASP A 161 10.80 73.41 -40.35
C ASP A 161 10.82 72.59 -39.08
N ASN A 162 9.90 72.89 -38.17
CA ASN A 162 9.78 72.19 -36.89
C ASN A 162 8.37 71.66 -36.75
N SER A 163 8.24 70.41 -36.31
CA SER A 163 6.95 69.77 -36.13
C SER A 163 6.93 68.99 -34.83
N THR A 164 5.80 69.06 -34.12
CA THR A 164 5.58 68.30 -32.90
C THR A 164 4.33 67.46 -33.10
N ALA A 165 4.42 66.17 -32.82
CA ALA A 165 3.32 65.23 -33.06
C ALA A 165 2.97 64.50 -31.76
N VAL A 166 1.68 64.47 -31.45
CA VAL A 166 1.16 63.78 -30.28
C VAL A 166 0.13 62.76 -30.75
N GLN A 167 0.33 61.49 -30.39
CA GLN A 167 -0.54 60.41 -30.82
C GLN A 167 -1.06 59.64 -29.63
N ASP A 168 -2.38 59.42 -29.59
CA ASP A 168 -3.02 58.63 -28.55
C ASP A 168 -3.75 57.47 -29.22
N SER A 169 -3.28 56.25 -28.97
CA SER A 169 -3.86 55.05 -29.57
C SER A 169 -4.24 54.07 -28.48
N ASN A 170 -5.52 53.71 -28.43
CA ASN A 170 -6.01 52.72 -27.49
C ASN A 170 -6.80 51.66 -28.23
N GLY A 171 -6.68 50.41 -27.77
CA GLY A 171 -7.34 49.31 -28.43
C GLY A 171 -7.67 48.21 -27.44
N GLU A 172 -8.41 47.21 -27.92
CA GLU A 172 -8.82 46.08 -27.11
C GLU A 172 -8.95 44.86 -28.00
N SER A 173 -8.92 43.67 -27.38
CA SER A 173 -8.91 42.44 -28.13
C SER A 173 -9.65 41.36 -27.37
N TRP A 174 -10.15 40.37 -28.13
CA TRP A 174 -10.83 39.21 -27.59
C TRP A 174 -10.18 37.95 -28.16
N ASN A 175 -10.10 36.91 -27.33
CA ASN A 175 -9.44 35.68 -27.74
C ASN A 175 -10.25 34.49 -27.24
N THR A 176 -10.28 33.42 -28.05
CA THR A 176 -10.97 32.19 -27.70
C THR A 176 -10.08 31.01 -28.06
N GLY A 177 -10.00 30.03 -27.15
CA GLY A 177 -9.12 28.89 -27.34
C GLY A 177 -9.80 27.59 -26.96
N LEU A 178 -9.32 26.51 -27.59
CA LEU A 178 -9.87 25.18 -27.36
C LEU A 178 -8.76 24.17 -27.57
N SER A 179 -8.36 23.49 -26.49
CA SER A 179 -7.28 22.50 -26.53
C SER A 179 -7.85 21.12 -26.26
N ILE A 180 -7.40 20.14 -27.03
CA ILE A 180 -7.88 18.77 -26.92
C ILE A 180 -6.69 17.82 -26.77
N ASN A 181 -6.95 16.64 -26.25
CA ASN A 181 -5.97 15.58 -26.12
C ASN A 181 -6.43 14.38 -26.92
N LYS A 182 -5.64 13.98 -27.91
CA LYS A 182 -6.01 12.88 -28.79
C LYS A 182 -5.88 11.52 -28.13
N GLY A 183 -5.13 11.40 -27.05
CA GLY A 183 -4.96 10.11 -26.40
C GLY A 183 -6.11 9.75 -25.48
N GLU A 184 -6.59 10.73 -24.72
CA GLU A 184 -7.74 10.56 -23.82
C GLU A 184 -8.71 11.68 -24.14
N SER A 185 -9.55 11.48 -25.14
CA SER A 185 -10.47 12.51 -25.60
C SER A 185 -11.77 12.56 -24.82
N ALA A 186 -12.12 11.49 -24.10
CA ALA A 186 -13.36 11.46 -23.34
C ALA A 186 -13.29 10.35 -22.30
N TYR A 187 -14.14 10.47 -21.29
CA TYR A 187 -14.32 9.45 -20.28
C TYR A 187 -15.73 8.89 -20.40
N ILE A 188 -15.87 7.58 -20.26
CA ILE A 188 -17.15 6.91 -20.43
C ILE A 188 -17.63 6.36 -19.10
N ASN A 189 -18.94 6.41 -18.89
CA ASN A 189 -19.58 5.94 -17.68
C ASN A 189 -20.74 5.04 -18.07
N ALA A 190 -20.82 3.87 -17.45
CA ALA A 190 -21.81 2.86 -17.80
C ALA A 190 -22.68 2.54 -16.59
N ASN A 191 -24.00 2.55 -16.80
CA ASN A 191 -24.95 2.17 -15.77
C ASN A 191 -25.41 0.74 -16.02
N VAL A 192 -25.23 -0.13 -15.03
CA VAL A 192 -25.44 -1.56 -15.19
C VAL A 192 -26.21 -2.13 -14.00
N ARG A 193 -26.73 -3.33 -14.19
CA ARG A 193 -27.39 -4.10 -13.13
C ARG A 193 -26.92 -5.54 -13.18
N TYR A 194 -27.00 -6.21 -12.04
CA TYR A 194 -26.71 -7.64 -11.94
C TYR A 194 -28.00 -8.39 -11.64
N TYR A 195 -28.18 -9.55 -12.27
CA TYR A 195 -29.35 -10.38 -12.00
C TYR A 195 -28.91 -11.83 -11.84
N ASN A 196 -29.68 -12.58 -11.04
CA ASN A 196 -29.38 -13.96 -10.72
C ASN A 196 -30.52 -14.84 -11.20
N THR A 197 -30.18 -15.88 -11.98
CA THR A 197 -31.18 -16.81 -12.50
C THR A 197 -30.89 -18.24 -12.06
N GLY A 198 -30.05 -18.44 -11.04
CA GLY A 198 -29.74 -19.76 -10.54
C GLY A 198 -30.61 -20.14 -9.36
N THR A 199 -30.20 -21.21 -8.68
CA THR A 199 -30.93 -21.72 -7.53
C THR A 199 -30.37 -21.25 -6.20
N ALA A 200 -29.16 -20.70 -6.17
CA ALA A 200 -28.52 -20.33 -4.92
C ALA A 200 -28.08 -18.88 -4.97
N PRO A 201 -28.03 -18.20 -3.83
CA PRO A 201 -27.59 -16.80 -3.81
C PRO A 201 -26.08 -16.69 -3.92
N MET A 202 -25.64 -15.47 -4.21
CA MET A 202 -24.22 -15.14 -4.29
C MET A 202 -23.93 -13.94 -3.39
N TYR A 203 -22.82 -14.01 -2.67
CA TYR A 203 -22.38 -12.93 -1.80
C TYR A 203 -21.10 -12.31 -2.37
N LYS A 204 -20.97 -11.00 -2.21
CA LYS A 204 -19.81 -10.25 -2.67
C LYS A 204 -19.62 -10.40 -4.18
N VAL A 205 -20.66 -10.02 -4.92
CA VAL A 205 -20.68 -10.24 -6.36
C VAL A 205 -19.71 -9.28 -7.04
N THR A 206 -18.72 -9.83 -7.74
CA THR A 206 -17.69 -9.05 -8.41
C THR A 206 -17.57 -9.51 -9.85
N PRO A 207 -18.39 -8.99 -10.75
CA PRO A 207 -18.32 -9.38 -12.16
C PRO A 207 -17.18 -8.67 -12.90
N THR A 208 -16.81 -9.26 -14.03
CA THR A 208 -15.83 -8.69 -14.95
C THR A 208 -16.48 -8.48 -16.30
N THR A 209 -16.26 -7.31 -16.89
CA THR A 209 -16.95 -6.94 -18.11
C THR A 209 -15.96 -6.45 -19.17
N ASN A 210 -16.36 -6.59 -20.43
CA ASN A 210 -15.66 -6.00 -21.56
C ASN A 210 -16.51 -4.88 -22.15
N LEU A 211 -15.84 -3.83 -22.60
CA LEU A 211 -16.49 -2.73 -23.32
C LEU A 211 -16.05 -2.81 -24.78
N VAL A 212 -16.97 -3.24 -25.64
CA VAL A 212 -16.67 -3.45 -27.06
C VAL A 212 -17.44 -2.40 -27.86
N LEU A 213 -16.74 -1.65 -28.69
CA LEU A 213 -17.39 -0.60 -29.46
C LEU A 213 -17.79 -1.09 -30.85
N ASP A 214 -16.81 -1.44 -31.68
CA ASP A 214 -17.09 -1.98 -33.01
C ASP A 214 -16.58 -3.40 -33.16
N GLY A 215 -15.28 -3.61 -32.96
CA GLY A 215 -14.70 -4.94 -32.96
C GLY A 215 -13.54 -4.97 -31.98
N ASP A 216 -13.39 -3.88 -31.24
CA ASP A 216 -12.27 -3.68 -30.33
C ASP A 216 -12.78 -3.66 -28.89
N THR A 217 -12.09 -4.38 -28.02
CA THR A 217 -12.36 -4.32 -26.59
C THR A 217 -11.65 -3.07 -26.04
N LEU A 218 -12.44 -2.04 -25.72
CA LEU A 218 -11.86 -0.81 -25.22
C LEU A 218 -11.15 -1.04 -23.88
N SER A 219 -11.76 -1.79 -22.98
CA SER A 219 -11.17 -2.05 -21.67
C SER A 219 -11.92 -3.19 -21.00
N THR A 220 -11.21 -3.89 -20.13
CA THR A 220 -11.79 -4.94 -19.29
C THR A 220 -11.65 -4.52 -17.84
N ILE A 221 -12.77 -4.44 -17.13
CA ILE A 221 -12.81 -3.93 -15.76
C ILE A 221 -13.36 -5.02 -14.84
N LYS A 222 -12.63 -5.29 -13.77
CA LYS A 222 -13.18 -6.03 -12.64
C LYS A 222 -13.83 -5.05 -11.67
N ALA A 223 -14.98 -5.43 -11.13
CA ALA A 223 -15.72 -4.53 -10.26
C ALA A 223 -14.91 -4.19 -9.01
N GLN A 224 -14.90 -2.91 -8.64
CA GLN A 224 -14.21 -2.44 -7.46
C GLN A 224 -15.19 -2.40 -6.29
N GLU A 225 -14.74 -1.88 -5.14
CA GLU A 225 -15.58 -1.85 -3.95
C GLU A 225 -16.83 -1.00 -4.15
N ASN A 226 -16.76 0.00 -5.02
CA ASN A 226 -17.92 0.82 -5.31
C ASN A 226 -18.99 0.10 -6.11
N GLN A 227 -18.69 -1.08 -6.65
CA GLN A 227 -19.62 -1.81 -7.51
C GLN A 227 -19.83 -3.25 -7.09
N ILE A 228 -19.43 -3.62 -5.87
CA ILE A 228 -19.59 -4.98 -5.38
C ILE A 228 -20.95 -5.10 -4.71
N GLY A 229 -21.75 -6.08 -5.15
CA GLY A 229 -23.04 -6.33 -4.55
C GLY A 229 -22.96 -7.29 -3.40
N ASN A 230 -23.36 -6.85 -2.20
CA ASN A 230 -23.24 -7.69 -1.01
C ASN A 230 -24.14 -8.91 -1.10
N ASN A 231 -25.37 -8.74 -1.55
CA ASN A 231 -26.34 -9.83 -1.62
C ASN A 231 -26.97 -9.87 -3.00
N LEU A 232 -27.27 -11.09 -3.45
CA LEU A 232 -27.98 -11.30 -4.72
C LEU A 232 -28.71 -12.65 -4.61
N SER A 233 -30.00 -12.58 -4.28
CA SER A 233 -30.83 -13.76 -4.17
C SER A 233 -31.28 -14.25 -5.54
N PRO A 234 -31.62 -15.53 -5.66
CA PRO A 234 -32.12 -16.03 -6.94
C PRO A 234 -33.42 -15.34 -7.35
N GLY A 235 -33.43 -14.80 -8.56
CA GLY A 235 -34.56 -14.04 -9.04
C GLY A 235 -34.56 -12.58 -8.66
N ASP A 236 -33.55 -12.12 -7.93
CA ASP A 236 -33.44 -10.73 -7.51
C ASP A 236 -32.56 -9.96 -8.49
N THR A 237 -32.24 -8.71 -8.13
CA THR A 237 -31.44 -7.84 -8.96
C THR A 237 -30.71 -6.86 -8.05
N TYR A 238 -29.47 -6.53 -8.39
CA TYR A 238 -28.72 -5.51 -7.68
C TYR A 238 -28.34 -4.39 -8.64
N PRO A 239 -28.78 -3.14 -8.43
CA PRO A 239 -29.66 -2.72 -7.32
C PRO A 239 -31.08 -3.24 -7.46
N LYS A 240 -31.79 -3.35 -6.33
CA LYS A 240 -33.12 -3.94 -6.30
C LYS A 240 -34.06 -3.19 -7.24
N LYS A 241 -35.13 -3.88 -7.63
CA LYS A 241 -36.14 -3.28 -8.49
C LYS A 241 -36.74 -2.06 -7.81
N GLY A 242 -36.82 -0.96 -8.55
CA GLY A 242 -37.20 0.32 -7.99
C GLY A 242 -36.06 1.28 -7.74
N LEU A 243 -34.82 0.81 -7.85
CA LEU A 243 -33.65 1.64 -7.65
C LEU A 243 -32.90 1.81 -8.97
N SER A 244 -32.16 2.91 -9.07
CA SER A 244 -31.43 3.22 -10.29
C SER A 244 -30.21 2.32 -10.43
N PRO A 245 -29.73 2.10 -11.65
CA PRO A 245 -28.56 1.24 -11.85
C PRO A 245 -27.29 1.87 -11.30
N LEU A 246 -26.35 1.01 -10.92
CA LEU A 246 -25.08 1.47 -10.40
C LEU A 246 -24.15 1.90 -11.53
N ALA A 247 -23.28 2.86 -11.22
CA ALA A 247 -22.37 3.43 -12.20
C ALA A 247 -21.01 2.75 -12.13
N LEU A 248 -20.43 2.51 -13.31
CA LEU A 248 -19.09 1.92 -13.44
C LEU A 248 -18.27 2.87 -14.30
N ASN A 249 -17.38 3.64 -13.66
CA ASN A 249 -16.60 4.63 -14.38
C ASN A 249 -15.14 4.69 -13.94
N THR A 250 -14.61 3.62 -13.33
CA THR A 250 -13.21 3.55 -12.96
C THR A 250 -12.65 2.20 -13.37
N MET A 251 -11.37 2.17 -13.73
CA MET A 251 -10.71 0.94 -14.13
C MET A 251 -9.59 0.50 -13.20
N ASP A 252 -9.09 1.37 -12.33
CA ASP A 252 -8.01 0.99 -11.43
C ASP A 252 -8.56 0.27 -10.20
N GLN A 253 -7.65 -0.29 -9.41
CA GLN A 253 -8.06 -1.11 -8.27
C GLN A 253 -8.67 -0.27 -7.15
N PHE A 254 -8.28 1.00 -7.03
CA PHE A 254 -8.71 1.85 -5.93
C PHE A 254 -9.80 2.84 -6.31
N SER A 255 -10.34 2.73 -7.53
CA SER A 255 -11.41 3.61 -8.01
C SER A 255 -10.96 5.07 -7.99
N SER A 256 -9.88 5.35 -8.71
CA SER A 256 -9.35 6.69 -8.80
C SER A 256 -8.99 7.10 -10.24
N ARG A 257 -9.10 6.19 -11.19
CA ARG A 257 -8.72 6.45 -12.58
C ARG A 257 -9.91 6.18 -13.48
N LEU A 258 -10.31 7.18 -14.26
CA LEU A 258 -11.46 7.05 -15.15
C LEU A 258 -11.08 6.25 -16.39
N ILE A 259 -12.10 5.93 -17.19
CA ILE A 259 -11.96 5.06 -18.36
C ILE A 259 -11.85 5.95 -19.59
N PRO A 260 -10.70 6.02 -20.26
CA PRO A 260 -10.57 6.92 -21.41
C PRO A 260 -10.83 6.26 -22.76
N ILE A 261 -11.06 7.07 -23.79
CA ILE A 261 -11.20 6.61 -25.16
C ILE A 261 -10.37 7.52 -26.06
N ASN A 262 -10.12 7.05 -27.29
CA ASN A 262 -9.27 7.77 -28.23
C ASN A 262 -10.05 8.89 -28.90
N TYR A 263 -9.41 9.54 -29.87
CA TYR A 263 -10.11 10.48 -30.74
C TYR A 263 -10.98 9.75 -31.75
N ASP A 264 -10.45 8.68 -32.36
CA ASP A 264 -11.20 7.95 -33.36
C ASP A 264 -12.39 7.21 -32.75
N GLN A 265 -12.22 6.66 -31.55
CA GLN A 265 -13.34 6.01 -30.86
C GLN A 265 -14.43 7.03 -30.52
N LEU A 266 -14.02 8.23 -30.10
CA LEU A 266 -14.99 9.29 -29.85
C LEU A 266 -15.72 9.69 -31.12
N LYS A 267 -15.00 9.78 -32.25
CA LYS A 267 -15.66 10.09 -33.52
C LYS A 267 -16.64 8.98 -33.91
N LYS A 268 -16.28 7.72 -33.67
CA LYS A 268 -17.22 6.63 -33.93
C LYS A 268 -18.47 6.77 -33.07
N LEU A 269 -18.29 7.15 -31.80
CA LEU A 269 -19.44 7.38 -30.94
C LEU A 269 -20.31 8.52 -31.46
N ASP A 270 -19.67 9.58 -31.99
CA ASP A 270 -20.42 10.69 -32.56
C ASP A 270 -21.19 10.30 -33.81
N ALA A 271 -20.82 9.19 -34.45
CA ALA A 271 -21.51 8.72 -35.65
C ALA A 271 -22.68 7.80 -35.35
N GLY A 272 -23.00 7.58 -34.08
CA GLY A 272 -24.15 6.78 -33.70
C GLY A 272 -23.84 5.35 -33.30
N LYS A 273 -22.58 4.91 -33.42
CA LYS A 273 -22.23 3.56 -33.01
C LYS A 273 -22.36 3.41 -31.50
N GLN A 274 -22.70 2.20 -31.07
CA GLN A 274 -22.98 1.92 -29.67
C GLN A 274 -21.96 0.95 -29.11
N ILE A 275 -21.65 1.13 -27.83
CA ILE A 275 -20.72 0.27 -27.11
C ILE A 275 -21.52 -0.82 -26.42
N LYS A 276 -21.15 -2.07 -26.65
CA LYS A 276 -21.79 -3.18 -25.97
C LYS A 276 -21.01 -3.55 -24.72
N LEU A 277 -21.67 -4.32 -23.84
CA LEU A 277 -21.05 -4.79 -22.61
C LEU A 277 -21.21 -6.30 -22.54
N GLU A 278 -20.11 -7.00 -22.27
CA GLU A 278 -20.07 -8.46 -22.19
C GLU A 278 -19.53 -8.86 -20.84
N THR A 279 -20.30 -9.66 -20.10
CA THR A 279 -19.79 -10.22 -18.85
C THR A 279 -19.04 -11.51 -19.13
N THR A 280 -17.77 -11.57 -18.70
CA THR A 280 -16.94 -12.73 -18.96
C THR A 280 -16.88 -13.69 -17.78
N GLN A 281 -16.87 -13.16 -16.56
CA GLN A 281 -16.82 -14.00 -15.37
C GLN A 281 -17.38 -13.20 -14.20
N VAL A 282 -17.80 -13.92 -13.16
CA VAL A 282 -18.30 -13.32 -11.93
C VAL A 282 -17.66 -14.02 -10.76
N SER A 283 -17.22 -13.24 -9.77
CA SER A 283 -16.63 -13.76 -8.55
C SER A 283 -17.60 -13.55 -7.39
N GLY A 284 -17.79 -14.60 -6.58
CA GLY A 284 -18.73 -14.52 -5.49
C GLY A 284 -18.47 -15.56 -4.44
N ASN A 285 -19.21 -15.46 -3.34
CA ASN A 285 -19.04 -16.31 -2.18
C ASN A 285 -20.32 -17.06 -1.87
N PHE A 286 -20.17 -18.19 -1.17
CA PHE A 286 -21.28 -18.94 -0.62
C PHE A 286 -21.12 -19.06 0.89
N GLY A 287 -22.21 -19.42 1.56
N GLY A 287 -22.21 -19.41 1.55
CA GLY A 287 -22.27 -19.43 3.01
CA GLY A 287 -22.26 -19.45 3.01
C GLY A 287 -22.30 -20.86 3.55
C GLY A 287 -22.30 -20.88 3.52
N THR A 288 -21.62 -21.06 4.67
N THR A 288 -21.58 -21.12 4.61
CA THR A 288 -21.62 -22.34 5.38
CA THR A 288 -21.54 -22.41 5.28
C THR A 288 -21.83 -22.10 6.86
C THR A 288 -22.06 -22.24 6.70
N LYS A 289 -21.67 -23.14 7.68
N LYS A 289 -22.86 -23.20 7.15
CA LYS A 289 -21.77 -23.03 9.13
CA LYS A 289 -23.58 -23.11 8.41
C LYS A 289 -20.43 -23.39 9.76
C LYS A 289 -23.00 -24.09 9.42
N ASN A 290 -19.91 -22.51 10.60
N ASN A 290 -22.76 -23.60 10.64
CA ASN A 290 -18.66 -22.75 11.29
CA ASN A 290 -22.31 -24.45 11.73
C ASN A 290 -18.93 -23.56 12.56
C ASN A 290 -23.51 -24.97 12.51
N SER A 291 -17.89 -23.77 13.38
N SER A 291 -23.24 -25.84 13.50
CA SER A 291 -18.03 -24.58 14.58
CA SER A 291 -24.32 -26.42 14.29
C SER A 291 -18.95 -23.95 15.61
C SER A 291 -25.02 -25.37 15.14
N SER A 292 -19.14 -22.63 15.56
N SER A 292 -24.36 -24.26 15.42
CA SER A 292 -20.02 -21.94 16.49
CA SER A 292 -24.98 -23.17 16.19
C SER A 292 -21.44 -21.82 15.98
C SER A 292 -25.67 -22.14 15.31
N GLY A 293 -21.73 -22.33 14.78
N GLY A 293 -25.55 -22.25 13.99
CA GLY A 293 -23.06 -22.24 14.22
CA GLY A 293 -26.18 -21.31 13.09
C GLY A 293 -23.37 -20.97 13.47
C GLY A 293 -25.31 -20.16 12.63
N GLN A 294 -22.42 -20.04 13.38
N GLN A 294 -24.00 -20.20 12.87
CA GLN A 294 -22.60 -18.83 12.60
CA GLN A 294 -23.12 -19.13 12.43
C GLN A 294 -22.40 -19.12 11.11
C GLN A 294 -22.71 -19.34 10.98
N ILE A 295 -22.74 -18.14 10.28
N ILE A 295 -22.87 -18.30 10.17
CA ILE A 295 -22.63 -18.26 8.83
CA ILE A 295 -22.67 -18.38 8.73
C ILE A 295 -21.48 -17.37 8.36
C ILE A 295 -21.50 -17.49 8.34
N VAL A 296 -20.55 -17.97 7.60
N VAL A 296 -20.57 -18.03 7.57
CA VAL A 296 -19.40 -17.24 7.07
CA VAL A 296 -19.42 -17.28 7.07
C VAL A 296 -19.40 -17.37 5.55
C VAL A 296 -19.40 -17.41 5.55
N THR A 297 -18.88 -16.34 4.89
CA THR A 297 -18.72 -16.36 3.44
C THR A 297 -17.30 -16.08 2.97
N GLU A 298 -16.42 -15.65 3.87
CA GLU A 298 -15.04 -15.36 3.48
C GLU A 298 -14.29 -16.66 3.22
N GLY A 299 -13.56 -16.70 2.10
CA GLY A 299 -12.80 -17.87 1.73
C GLY A 299 -13.58 -18.98 1.04
N ASN A 300 -14.87 -18.77 0.79
CA ASN A 300 -15.73 -19.75 0.13
C ASN A 300 -16.05 -19.20 -1.26
N SER A 301 -15.26 -19.60 -2.26
CA SER A 301 -15.37 -19.07 -3.61
C SER A 301 -16.08 -20.07 -4.53
N TRP A 302 -17.02 -19.56 -5.33
CA TRP A 302 -17.74 -20.39 -6.29
C TRP A 302 -16.84 -20.86 -7.43
N SER A 303 -15.75 -20.13 -7.71
CA SER A 303 -14.85 -20.51 -8.79
C SER A 303 -14.20 -21.87 -8.53
N ASP A 304 -14.13 -22.27 -7.27
CA ASP A 304 -13.57 -23.57 -6.94
C ASP A 304 -14.46 -24.71 -7.40
N TYR A 305 -15.75 -24.44 -7.63
CA TYR A 305 -16.71 -25.46 -7.99
C TYR A 305 -17.32 -25.26 -9.36
N ILE A 306 -17.09 -24.11 -10.01
CA ILE A 306 -17.71 -23.85 -11.31
C ILE A 306 -17.31 -24.91 -12.32
N SER A 307 -16.02 -25.20 -12.43
CA SER A 307 -15.55 -26.18 -13.41
C SER A 307 -16.03 -27.58 -13.08
N GLN A 308 -15.99 -27.96 -11.80
CA GLN A 308 -16.44 -29.29 -11.41
C GLN A 308 -17.91 -29.48 -11.70
N ILE A 309 -18.74 -28.46 -11.44
CA ILE A 309 -20.16 -28.55 -11.74
C ILE A 309 -20.39 -28.63 -13.24
N ASP A 310 -19.70 -27.77 -14.01
CA ASP A 310 -19.90 -27.75 -15.45
C ASP A 310 -19.43 -29.01 -16.14
N SER A 311 -18.47 -29.74 -15.55
CA SER A 311 -17.91 -30.91 -16.21
C SER A 311 -18.83 -32.12 -16.15
N ILE A 312 -19.71 -32.20 -15.16
CA ILE A 312 -20.47 -33.42 -14.90
C ILE A 312 -21.98 -33.19 -15.00
N SER A 313 -22.41 -32.09 -15.60
CA SER A 313 -23.81 -31.73 -15.58
C SER A 313 -24.28 -31.34 -16.98
N ALA A 314 -25.58 -31.44 -17.18
CA ALA A 314 -26.26 -30.94 -18.37
C ALA A 314 -26.91 -29.61 -18.05
N SER A 315 -27.09 -28.78 -19.08
CA SER A 315 -27.64 -27.43 -18.91
C SER A 315 -29.05 -27.37 -19.49
N ILE A 316 -30.00 -26.95 -18.64
CA ILE A 316 -31.39 -26.80 -19.06
C ILE A 316 -31.84 -25.40 -18.67
N ILE A 317 -32.46 -24.69 -19.62
CA ILE A 317 -32.91 -23.32 -19.42
C ILE A 317 -34.38 -23.23 -19.78
N LEU A 318 -35.18 -22.61 -18.91
CA LEU A 318 -36.59 -22.35 -19.15
C LEU A 318 -36.78 -20.85 -19.28
N ASP A 319 -37.41 -20.42 -20.38
CA ASP A 319 -37.43 -19.01 -20.72
C ASP A 319 -38.67 -18.29 -20.17
N THR A 320 -39.86 -18.84 -20.41
CA THR A 320 -41.13 -18.17 -20.10
C THR A 320 -41.11 -16.78 -20.73
N GLU A 321 -41.75 -15.80 -20.10
CA GLU A 321 -41.79 -14.45 -20.65
C GLU A 321 -41.49 -13.40 -19.60
N ASN A 322 -41.70 -13.74 -18.32
CA ASN A 322 -41.50 -12.80 -17.24
C ASN A 322 -40.29 -13.12 -16.36
N GLU A 323 -39.67 -14.27 -16.54
CA GLU A 323 -38.51 -14.67 -15.74
C GLU A 323 -37.87 -15.89 -16.37
N SER A 324 -36.55 -15.93 -16.37
CA SER A 324 -35.78 -17.03 -16.95
C SER A 324 -35.12 -17.84 -15.84
N TYR A 325 -34.92 -19.13 -16.10
CA TYR A 325 -34.40 -20.06 -15.12
C TYR A 325 -33.31 -20.92 -15.75
N GLU A 326 -32.16 -20.99 -15.10
CA GLU A 326 -31.03 -21.79 -15.58
C GLU A 326 -30.67 -22.82 -14.54
N ARG A 327 -30.52 -24.07 -14.97
CA ARG A 327 -30.29 -25.18 -14.04
C ARG A 327 -29.16 -26.06 -14.57
N ARG A 328 -28.53 -26.79 -13.64
CA ARG A 328 -27.58 -27.83 -13.96
C ARG A 328 -27.99 -29.10 -13.24
N VAL A 329 -28.12 -30.20 -13.98
CA VAL A 329 -28.51 -31.50 -13.45
C VAL A 329 -27.41 -32.49 -13.77
N THR A 330 -27.01 -33.27 -12.76
CA THR A 330 -25.90 -34.20 -12.93
C THR A 330 -26.30 -35.36 -13.83
N ALA A 331 -25.46 -35.66 -14.81
CA ALA A 331 -25.71 -36.72 -15.77
C ALA A 331 -24.70 -37.84 -15.58
N LYS A 332 -25.17 -39.08 -15.75
CA LYS A 332 -24.32 -40.25 -15.54
C LYS A 332 -23.40 -40.47 -16.73
N ASN A 333 -22.14 -40.75 -16.43
CA ASN A 333 -21.14 -41.07 -17.43
C ASN A 333 -21.14 -42.57 -17.64
N LEU A 334 -21.74 -43.02 -18.74
CA LEU A 334 -21.94 -44.45 -18.98
C LEU A 334 -20.63 -45.17 -19.29
N GLN A 335 -19.61 -44.47 -19.77
CA GLN A 335 -18.36 -45.12 -20.14
C GLN A 335 -17.53 -45.51 -18.93
N ASP A 336 -17.75 -44.87 -17.78
CA ASP A 336 -16.98 -45.17 -16.58
C ASP A 336 -17.82 -46.07 -15.69
N PRO A 337 -17.47 -47.35 -15.53
CA PRO A 337 -18.30 -48.25 -14.72
C PRO A 337 -18.36 -47.88 -13.24
N GLU A 338 -17.42 -47.11 -12.74
CA GLU A 338 -17.39 -46.75 -11.32
C GLU A 338 -18.22 -45.52 -11.00
N ASP A 339 -18.85 -44.90 -12.00
CA ASP A 339 -19.76 -43.79 -11.77
C ASP A 339 -21.13 -44.35 -11.39
N LYS A 340 -21.57 -44.06 -10.16
CA LYS A 340 -22.81 -44.64 -9.63
C LYS A 340 -23.93 -43.62 -9.51
N THR A 341 -23.78 -42.44 -10.09
CA THR A 341 -24.84 -41.45 -10.02
C THR A 341 -26.08 -41.95 -10.75
N PRO A 342 -27.28 -41.72 -10.21
CA PRO A 342 -28.48 -42.30 -10.80
C PRO A 342 -28.76 -41.79 -12.20
N GLU A 343 -29.31 -42.67 -13.03
CA GLU A 343 -29.64 -42.36 -14.41
C GLU A 343 -30.96 -41.64 -14.50
N LEU A 344 -31.04 -40.65 -15.39
CA LEU A 344 -32.24 -39.85 -15.58
C LEU A 344 -32.54 -39.67 -17.05
N THR A 345 -33.81 -39.48 -17.36
CA THR A 345 -34.23 -39.05 -18.68
C THR A 345 -34.39 -37.54 -18.71
N ILE A 346 -34.69 -37.02 -19.90
CA ILE A 346 -34.83 -35.57 -20.05
C ILE A 346 -36.05 -35.06 -19.28
N GLY A 347 -37.15 -35.82 -19.32
CA GLY A 347 -38.35 -35.38 -18.61
C GLY A 347 -38.16 -35.36 -17.10
N GLU A 348 -37.55 -36.41 -16.55
CA GLU A 348 -37.27 -36.44 -15.12
C GLU A 348 -36.33 -35.32 -14.73
N ALA A 349 -35.32 -35.06 -15.57
CA ALA A 349 -34.38 -33.97 -15.30
C ALA A 349 -35.10 -32.63 -15.27
N ILE A 350 -35.99 -32.38 -16.23
CA ILE A 350 -36.74 -31.12 -16.27
C ILE A 350 -37.61 -31.00 -15.03
N GLU A 351 -38.32 -32.06 -14.68
CA GLU A 351 -39.22 -32.02 -13.53
C GLU A 351 -38.45 -31.76 -12.24
N LYS A 352 -37.31 -32.41 -12.05
CA LYS A 352 -36.54 -32.21 -10.84
C LYS A 352 -35.90 -30.83 -10.80
N ALA A 353 -35.44 -30.34 -11.96
CA ALA A 353 -34.73 -29.07 -11.99
C ALA A 353 -35.66 -27.89 -11.76
N PHE A 354 -36.85 -27.92 -12.34
CA PHE A 354 -37.75 -26.77 -12.26
C PHE A 354 -38.88 -26.96 -11.25
N GLY A 355 -38.90 -28.07 -10.52
CA GLY A 355 -39.96 -28.30 -9.56
C GLY A 355 -41.33 -28.39 -10.17
N ALA A 356 -41.44 -28.91 -11.38
CA ALA A 356 -42.72 -29.01 -12.06
C ALA A 356 -43.60 -30.08 -11.41
N THR A 357 -44.89 -29.95 -11.63
CA THR A 357 -45.88 -30.89 -11.10
C THR A 357 -46.50 -31.69 -12.23
N LYS A 358 -46.94 -32.90 -11.91
CA LYS A 358 -47.54 -33.81 -12.88
C LYS A 358 -49.04 -33.91 -12.62
N LYS A 359 -49.84 -33.67 -13.66
CA LYS A 359 -51.29 -33.80 -13.55
C LYS A 359 -51.80 -35.11 -14.13
N ASP A 360 -51.53 -35.37 -15.41
CA ASP A 360 -52.02 -36.55 -16.11
C ASP A 360 -50.90 -37.12 -16.98
N GLY A 361 -49.71 -37.24 -16.41
CA GLY A 361 -48.54 -37.63 -17.17
C GLY A 361 -47.83 -36.50 -17.86
N LEU A 362 -48.29 -35.26 -17.68
CA LEU A 362 -47.68 -34.08 -18.27
C LEU A 362 -47.23 -33.15 -17.16
N LEU A 363 -46.17 -32.39 -17.44
CA LEU A 363 -45.57 -31.49 -16.47
C LEU A 363 -46.09 -30.07 -16.65
N TYR A 364 -46.44 -29.43 -15.54
CA TYR A 364 -46.78 -28.02 -15.51
C TYR A 364 -45.83 -27.32 -14.55
N PHE A 365 -45.37 -26.12 -14.93
CA PHE A 365 -44.42 -25.41 -14.07
C PHE A 365 -45.14 -24.77 -12.89
N ASN A 366 -46.01 -23.79 -13.17
CA ASN A 366 -46.99 -23.31 -12.22
C ASN A 366 -48.40 -23.46 -12.75
N ASP A 367 -48.67 -22.89 -13.91
CA ASP A 367 -49.89 -23.16 -14.66
C ASP A 367 -49.60 -23.32 -16.15
N ILE A 368 -48.34 -23.15 -16.57
CA ILE A 368 -47.99 -23.17 -17.98
C ILE A 368 -47.63 -24.59 -18.36
N PRO A 369 -48.31 -25.19 -19.35
CA PRO A 369 -47.93 -26.54 -19.80
C PRO A 369 -46.52 -26.53 -20.40
N ILE A 370 -45.65 -27.36 -19.85
CA ILE A 370 -44.27 -27.44 -20.31
C ILE A 370 -43.98 -28.84 -20.83
N ASP A 371 -45.00 -29.50 -21.39
CA ASP A 371 -44.80 -30.76 -22.06
C ASP A 371 -44.04 -30.55 -23.37
N GLU A 372 -43.36 -31.61 -23.83
CA GLU A 372 -42.55 -31.51 -25.02
C GLU A 372 -43.35 -31.10 -26.24
N SER A 373 -44.62 -31.47 -26.30
CA SER A 373 -45.49 -31.12 -27.42
C SER A 373 -46.20 -29.78 -27.21
N CYS A 374 -46.02 -29.13 -26.06
CA CYS A 374 -46.67 -27.87 -25.77
C CYS A 374 -45.69 -26.71 -25.69
N VAL A 375 -44.40 -26.94 -25.96
CA VAL A 375 -43.38 -25.90 -25.93
C VAL A 375 -42.48 -26.09 -27.14
N GLU A 376 -41.55 -25.16 -27.32
CA GLU A 376 -40.53 -25.25 -28.35
C GLU A 376 -39.20 -25.59 -27.70
N LEU A 377 -38.60 -26.70 -28.14
CA LEU A 377 -37.34 -27.17 -27.60
C LEU A 377 -36.21 -26.84 -28.57
N ILE A 378 -35.19 -26.15 -28.07
CA ILE A 378 -34.06 -25.71 -28.88
C ILE A 378 -32.80 -26.36 -28.31
N PHE A 379 -32.07 -27.06 -29.16
CA PHE A 379 -30.83 -27.71 -28.80
C PHE A 379 -29.68 -27.16 -29.63
N ASP A 380 -28.46 -27.45 -29.22
CA ASP A 380 -27.30 -27.19 -30.04
C ASP A 380 -26.94 -28.47 -30.82
N ASP A 381 -25.89 -28.38 -31.64
CA ASP A 381 -25.63 -29.42 -32.63
C ASP A 381 -25.38 -30.77 -31.97
N ASN A 382 -24.54 -30.79 -30.92
CA ASN A 382 -24.23 -32.05 -30.25
C ASN A 382 -25.47 -32.64 -29.58
N THR A 383 -26.26 -31.80 -28.89
CA THR A 383 -27.47 -32.28 -28.24
C THR A 383 -28.47 -32.80 -29.26
N ALA A 384 -28.65 -32.08 -30.38
CA ALA A 384 -29.57 -32.53 -31.41
C ALA A 384 -29.12 -33.86 -32.02
N ASN A 385 -27.82 -33.99 -32.28
CA ASN A 385 -27.31 -35.25 -32.82
C ASN A 385 -27.51 -36.40 -31.85
N LYS A 386 -27.25 -36.16 -30.55
CA LYS A 386 -27.42 -37.22 -29.56
C LYS A 386 -28.88 -37.62 -29.42
N ILE A 387 -29.79 -36.65 -29.43
CA ILE A 387 -31.21 -36.96 -29.33
C ILE A 387 -31.67 -37.74 -30.55
N LYS A 388 -31.23 -37.32 -31.75
CA LYS A 388 -31.61 -38.05 -32.96
C LYS A 388 -31.05 -39.47 -32.94
N ASP A 389 -29.82 -39.64 -32.46
CA ASP A 389 -29.24 -40.97 -32.37
C ASP A 389 -30.00 -41.86 -31.40
N SER A 390 -30.39 -41.32 -30.24
CA SER A 390 -31.10 -42.11 -29.26
C SER A 390 -32.55 -42.34 -29.61
N LEU A 391 -33.12 -41.53 -30.51
CA LEU A 391 -34.54 -41.68 -30.84
C LEU A 391 -34.83 -42.98 -31.57
N LYS A 392 -33.96 -43.36 -32.50
CA LYS A 392 -34.27 -44.48 -33.39
C LYS A 392 -34.41 -45.79 -32.63
N THR A 393 -33.48 -46.08 -31.71
CA THR A 393 -33.54 -47.32 -30.96
C THR A 393 -34.54 -47.26 -29.82
N LEU A 394 -35.01 -46.06 -29.45
CA LEU A 394 -35.99 -45.93 -28.39
C LEU A 394 -37.36 -46.42 -28.87
N SER A 395 -38.20 -46.80 -27.90
CA SER A 395 -39.49 -47.40 -28.20
C SER A 395 -40.62 -46.37 -28.29
N ASP A 396 -40.62 -45.38 -27.41
CA ASP A 396 -41.70 -44.38 -27.39
C ASP A 396 -41.47 -43.22 -28.36
N LYS A 397 -40.27 -43.10 -28.93
CA LYS A 397 -39.97 -42.07 -29.93
C LYS A 397 -40.24 -40.67 -29.39
N LYS A 398 -39.95 -40.47 -28.10
CA LYS A 398 -40.21 -39.20 -27.42
C LYS A 398 -38.89 -38.58 -26.99
N ILE A 399 -38.81 -37.24 -27.09
CA ILE A 399 -37.61 -36.54 -26.65
C ILE A 399 -37.42 -36.66 -25.15
N TYR A 400 -38.52 -36.54 -24.39
CA TYR A 400 -38.43 -36.60 -22.93
C TYR A 400 -38.08 -37.98 -22.42
N ASN A 401 -38.12 -39.00 -23.25
CA ASN A 401 -37.73 -40.35 -22.85
C ASN A 401 -36.28 -40.66 -23.21
N VAL A 402 -35.55 -39.68 -23.72
CA VAL A 402 -34.14 -39.86 -24.07
C VAL A 402 -33.28 -39.64 -22.83
N LYS A 403 -32.27 -40.48 -22.66
CA LYS A 403 -31.39 -40.38 -21.50
C LYS A 403 -30.62 -39.05 -21.51
N LEU A 404 -30.49 -38.47 -20.33
CA LEU A 404 -29.77 -37.21 -20.15
C LEU A 404 -28.29 -37.48 -20.00
N GLU A 405 -27.47 -36.76 -20.76
CA GLU A 405 -26.03 -37.00 -20.81
C GLU A 405 -25.29 -35.69 -20.58
N ARG A 406 -24.00 -35.83 -20.29
CA ARG A 406 -23.16 -34.67 -20.01
C ARG A 406 -22.97 -33.81 -21.26
N GLY A 407 -22.94 -32.50 -21.05
CA GLY A 407 -22.76 -31.56 -22.13
C GLY A 407 -24.02 -31.23 -22.90
N MET A 408 -25.17 -31.78 -22.53
CA MET A 408 -26.40 -31.47 -23.22
C MET A 408 -26.87 -30.06 -22.89
N ASN A 409 -27.31 -29.33 -23.92
CA ASN A 409 -27.82 -27.97 -23.79
C ASN A 409 -29.24 -27.96 -24.30
N ILE A 410 -30.20 -27.75 -23.40
CA ILE A 410 -31.62 -27.77 -23.73
C ILE A 410 -32.23 -26.44 -23.31
N LEU A 411 -32.96 -25.80 -24.23
CA LEU A 411 -33.67 -24.56 -23.96
C LEU A 411 -35.14 -24.78 -24.21
N ILE A 412 -35.97 -24.51 -23.20
CA ILE A 412 -37.41 -24.68 -23.28
C ILE A 412 -38.05 -23.30 -23.45
N LYS A 413 -38.81 -23.13 -24.52
CA LYS A 413 -39.45 -21.86 -24.84
C LYS A 413 -40.95 -22.04 -24.74
N THR A 414 -41.54 -21.47 -23.69
CA THR A 414 -42.98 -21.56 -23.52
C THR A 414 -43.68 -20.60 -24.50
N PRO A 415 -44.78 -21.04 -25.12
CA PRO A 415 -45.46 -20.19 -26.10
C PRO A 415 -46.17 -19.01 -25.47
N THR A 416 -46.35 -17.97 -26.26
CA THR A 416 -47.14 -16.81 -25.81
C THR A 416 -48.62 -17.16 -25.73
N TYR A 417 -49.20 -17.56 -26.86
CA TYR A 417 -50.57 -18.04 -26.91
C TYR A 417 -50.56 -19.50 -27.33
N PHE A 418 -51.31 -20.33 -26.60
CA PHE A 418 -51.33 -21.76 -26.85
C PHE A 418 -52.72 -22.31 -26.57
N THR A 419 -53.15 -23.24 -27.40
CA THR A 419 -54.42 -23.93 -27.19
C THR A 419 -54.27 -25.41 -27.47
N ASN A 420 -54.87 -26.23 -26.61
CA ASN A 420 -54.95 -27.67 -26.82
C ASN A 420 -56.39 -28.15 -26.99
N PHE A 421 -57.36 -27.24 -26.98
CA PHE A 421 -58.79 -27.53 -27.11
C PHE A 421 -59.30 -28.42 -25.99
N ASP A 422 -58.57 -28.53 -24.89
CA ASP A 422 -58.98 -29.32 -23.75
C ASP A 422 -59.25 -28.47 -22.51
N ASP A 423 -58.26 -27.72 -22.05
CA ASP A 423 -58.43 -26.84 -20.91
C ASP A 423 -57.65 -25.54 -21.04
N TYR A 424 -56.86 -25.36 -22.09
CA TYR A 424 -55.97 -24.21 -22.22
C TYR A 424 -56.26 -23.50 -23.52
N ASN A 425 -56.52 -22.18 -23.43
CA ASN A 425 -56.72 -21.37 -24.62
C ASN A 425 -56.35 -19.93 -24.25
N ASN A 426 -55.12 -19.53 -24.59
CA ASN A 426 -54.62 -18.21 -24.23
C ASN A 426 -54.88 -17.16 -25.30
N TYR A 427 -55.43 -17.55 -26.45
CA TYR A 427 -55.61 -16.60 -27.54
C TYR A 427 -56.59 -15.50 -27.12
N PRO A 428 -56.24 -14.23 -27.28
CA PRO A 428 -57.19 -13.16 -26.92
C PRO A 428 -58.47 -13.21 -27.74
N SER A 429 -58.39 -13.61 -29.01
CA SER A 429 -59.56 -13.77 -29.85
C SER A 429 -60.04 -15.21 -29.76
N THR A 430 -60.98 -15.59 -30.63
CA THR A 430 -61.49 -16.95 -30.70
C THR A 430 -61.37 -17.44 -32.13
N TRP A 431 -60.98 -18.71 -32.28
CA TRP A 431 -60.86 -19.30 -33.60
C TRP A 431 -62.21 -19.32 -34.31
N SER A 432 -62.16 -19.31 -35.65
CA SER A 432 -63.38 -19.14 -36.43
C SER A 432 -64.37 -20.27 -36.17
N ASN A 433 -63.90 -21.52 -36.11
CA ASN A 433 -64.76 -22.65 -35.82
C ASN A 433 -63.99 -23.67 -35.00
N VAL A 434 -64.72 -24.46 -34.23
CA VAL A 434 -64.13 -25.44 -33.31
C VAL A 434 -64.82 -26.78 -33.49
N ASN A 435 -64.07 -27.85 -33.19
CA ASN A 435 -64.60 -29.21 -33.27
C ASN A 435 -63.90 -30.02 -32.17
N THR A 436 -64.59 -30.20 -31.05
CA THR A 436 -64.04 -30.91 -29.90
C THR A 436 -65.05 -31.93 -29.37
N THR A 437 -65.60 -32.72 -30.28
CA THR A 437 -66.57 -33.77 -29.93
C THR A 437 -65.99 -35.16 -30.08
N ASN A 438 -64.71 -35.30 -30.42
CA ASN A 438 -64.08 -36.58 -30.63
C ASN A 438 -62.82 -36.70 -29.79
N GLN A 439 -62.41 -37.94 -29.53
CA GLN A 439 -61.20 -38.22 -28.76
C GLN A 439 -60.06 -38.54 -29.70
N ASP A 440 -59.70 -37.53 -30.50
CA ASP A 440 -58.61 -37.63 -31.46
C ASP A 440 -57.60 -36.52 -31.19
N GLY A 441 -56.42 -36.65 -31.79
CA GLY A 441 -55.34 -35.72 -31.51
C GLY A 441 -54.38 -36.26 -30.48
N LEU A 442 -53.42 -35.40 -30.12
CA LEU A 442 -52.46 -35.78 -29.08
C LEU A 442 -53.15 -36.03 -27.75
N GLN A 443 -54.12 -35.18 -27.39
CA GLN A 443 -54.93 -35.40 -26.20
C GLN A 443 -56.35 -34.93 -26.51
N GLY A 444 -57.17 -35.84 -27.04
CA GLY A 444 -58.59 -35.61 -27.27
C GLY A 444 -59.00 -34.25 -27.81
N SER A 445 -58.57 -33.91 -29.02
CA SER A 445 -58.93 -32.63 -29.61
C SER A 445 -58.62 -32.66 -31.10
N ALA A 446 -59.59 -32.26 -31.92
CA ALA A 446 -59.43 -32.28 -33.37
C ALA A 446 -59.49 -30.89 -34.00
N ASN A 447 -60.58 -30.16 -33.80
CA ASN A 447 -60.83 -28.86 -34.42
C ASN A 447 -60.50 -28.87 -35.92
N LYS A 448 -61.23 -29.71 -36.66
CA LYS A 448 -61.12 -29.69 -38.11
C LYS A 448 -62.41 -30.21 -38.71
N LEU A 449 -62.91 -29.52 -39.74
CA LEU A 449 -64.14 -29.88 -40.42
C LEU A 449 -64.04 -29.40 -41.87
N ASN A 450 -65.18 -29.38 -42.57
CA ASN A 450 -65.21 -28.83 -43.92
C ASN A 450 -64.85 -27.34 -43.90
N GLY A 451 -65.32 -26.61 -42.90
CA GLY A 451 -64.98 -25.22 -42.77
C GLY A 451 -63.53 -24.99 -42.44
N GLU A 452 -63.11 -23.72 -42.52
CA GLU A 452 -61.72 -23.35 -42.33
C GLU A 452 -61.56 -22.52 -41.06
N THR A 453 -60.31 -22.46 -40.59
CA THR A 453 -59.98 -21.87 -39.31
C THR A 453 -59.35 -20.49 -39.51
N LYS A 454 -59.78 -19.53 -38.71
CA LYS A 454 -59.28 -18.16 -38.76
C LYS A 454 -58.99 -17.67 -37.34
N ILE A 455 -58.11 -16.69 -37.25
CA ILE A 455 -57.84 -16.02 -35.98
C ILE A 455 -57.34 -14.61 -36.29
N LYS A 456 -57.78 -13.65 -35.49
CA LYS A 456 -57.42 -12.24 -35.67
C LYS A 456 -56.82 -11.72 -34.38
N ILE A 457 -55.51 -11.45 -34.40
CA ILE A 457 -54.81 -10.91 -33.25
C ILE A 457 -54.71 -9.39 -33.43
N PRO A 458 -55.19 -8.60 -32.48
CA PRO A 458 -55.27 -7.14 -32.67
C PRO A 458 -53.95 -6.40 -32.51
N MET A 459 -52.83 -7.10 -32.34
CA MET A 459 -51.49 -6.52 -32.39
C MET A 459 -51.23 -5.58 -31.20
N SER A 460 -52.24 -5.36 -30.36
CA SER A 460 -52.06 -4.50 -29.20
C SER A 460 -51.53 -5.27 -27.99
N GLU A 461 -51.45 -6.59 -28.06
CA GLU A 461 -50.93 -7.42 -26.98
C GLU A 461 -49.66 -8.15 -27.39
N LEU A 462 -49.07 -7.79 -28.52
CA LEU A 462 -47.92 -8.48 -29.09
C LEU A 462 -46.73 -7.54 -29.12
N LYS A 463 -45.53 -8.12 -29.04
CA LYS A 463 -44.32 -7.32 -29.02
C LYS A 463 -44.20 -6.56 -30.34
N PRO A 464 -43.78 -5.29 -30.30
CA PRO A 464 -43.75 -4.49 -31.53
C PRO A 464 -42.79 -5.02 -32.60
N TYR A 465 -41.52 -5.17 -32.25
CA TYR A 465 -40.46 -5.44 -33.22
C TYR A 465 -39.83 -6.79 -32.87
N LYS A 466 -40.44 -7.86 -33.36
CA LYS A 466 -39.99 -9.20 -33.00
C LYS A 466 -40.32 -10.18 -34.11
N ARG A 467 -39.70 -11.36 -34.03
CA ARG A 467 -39.90 -12.44 -34.98
C ARG A 467 -40.58 -13.60 -34.26
N TYR A 468 -41.67 -14.09 -34.83
CA TYR A 468 -42.50 -15.10 -34.19
C TYR A 468 -42.52 -16.38 -35.02
N VAL A 469 -43.19 -17.40 -34.48
CA VAL A 469 -43.39 -18.68 -35.15
C VAL A 469 -44.80 -19.17 -34.84
N PHE A 470 -45.47 -19.72 -35.85
CA PHE A 470 -46.72 -20.43 -35.68
C PHE A 470 -46.45 -21.92 -35.76
N SER A 471 -46.84 -22.67 -34.72
CA SER A 471 -46.55 -24.08 -34.62
C SER A 471 -47.82 -24.87 -34.35
N GLY A 472 -47.78 -26.15 -34.67
CA GLY A 472 -48.91 -27.03 -34.44
C GLY A 472 -48.58 -28.42 -34.91
N TYR A 473 -49.58 -29.30 -34.78
CA TYR A 473 -49.46 -30.69 -35.21
C TYR A 473 -50.60 -31.04 -36.14
N SER A 474 -50.31 -31.86 -37.14
CA SER A 474 -51.30 -32.22 -38.16
C SER A 474 -51.26 -33.72 -38.40
N LYS A 475 -52.38 -34.26 -38.87
CA LYS A 475 -52.50 -35.68 -39.15
C LYS A 475 -53.77 -35.92 -39.96
N ASP A 476 -53.67 -36.82 -40.93
CA ASP A 476 -54.83 -37.31 -41.66
C ASP A 476 -55.04 -38.78 -41.35
N PRO A 477 -56.26 -39.22 -41.02
CA PRO A 477 -56.49 -40.67 -40.86
C PRO A 477 -56.18 -41.45 -42.11
N LEU A 478 -56.47 -40.88 -43.28
CA LEU A 478 -56.05 -41.41 -44.56
C LEU A 478 -55.58 -40.24 -45.43
N THR A 479 -54.67 -40.52 -46.36
CA THR A 479 -54.06 -39.46 -47.14
C THR A 479 -55.12 -38.66 -47.90
N SER A 480 -55.00 -37.34 -47.82
CA SER A 480 -55.99 -36.43 -48.39
C SER A 480 -55.25 -35.27 -49.05
N ASN A 481 -56.00 -34.22 -49.37
CA ASN A 481 -55.44 -33.05 -50.04
C ASN A 481 -54.44 -32.33 -49.14
N SER A 482 -53.75 -31.36 -49.72
CA SER A 482 -52.77 -30.56 -49.00
C SER A 482 -53.46 -29.42 -48.26
N ILE A 483 -52.83 -28.99 -47.16
CA ILE A 483 -53.33 -27.90 -46.35
C ILE A 483 -52.58 -26.63 -46.75
N ILE A 484 -53.33 -25.56 -47.00
CA ILE A 484 -52.76 -24.31 -47.46
C ILE A 484 -52.77 -23.33 -46.28
N VAL A 485 -51.59 -22.81 -45.93
CA VAL A 485 -51.44 -21.93 -44.78
C VAL A 485 -51.04 -20.55 -45.29
N LYS A 486 -51.81 -19.54 -44.93
CA LYS A 486 -51.57 -18.16 -45.32
C LYS A 486 -51.35 -17.32 -44.06
N ILE A 487 -50.22 -16.63 -44.01
CA ILE A 487 -49.86 -15.79 -42.87
C ILE A 487 -49.62 -14.37 -43.37
N LYS A 488 -50.29 -13.39 -42.74
CA LYS A 488 -50.15 -11.98 -43.10
C LYS A 488 -50.08 -11.17 -41.81
N ALA A 489 -48.86 -10.81 -41.41
CA ALA A 489 -48.65 -9.84 -40.33
C ALA A 489 -47.95 -8.59 -40.84
N LYS A 490 -46.78 -8.75 -41.47
CA LYS A 490 -46.12 -7.69 -42.23
C LYS A 490 -46.34 -7.87 -43.73
N GLU A 491 -46.14 -9.09 -44.23
CA GLU A 491 -46.41 -9.43 -45.61
C GLU A 491 -47.13 -10.77 -45.66
N GLU A 492 -47.85 -11.01 -46.74
CA GLU A 492 -48.55 -12.27 -46.93
C GLU A 492 -47.56 -13.32 -47.43
N LYS A 493 -47.39 -14.38 -46.66
CA LYS A 493 -46.47 -15.46 -46.99
C LYS A 493 -47.25 -16.75 -47.15
N THR A 494 -47.08 -17.41 -48.30
CA THR A 494 -47.77 -18.65 -48.61
C THR A 494 -46.86 -19.84 -48.36
N ASP A 495 -47.44 -20.92 -47.84
CA ASP A 495 -46.71 -22.16 -47.60
C ASP A 495 -47.72 -23.29 -47.55
N TYR A 496 -47.28 -24.48 -47.97
CA TYR A 496 -48.16 -25.62 -48.11
C TYR A 496 -47.79 -26.69 -47.07
N LEU A 497 -48.77 -27.52 -46.75
CA LEU A 497 -48.61 -28.57 -45.76
C LEU A 497 -48.98 -29.92 -46.37
N VAL A 498 -48.18 -30.94 -46.05
CA VAL A 498 -48.45 -32.32 -46.47
C VAL A 498 -48.46 -33.23 -45.24
N PRO A 499 -49.64 -33.51 -44.68
CA PRO A 499 -49.69 -34.33 -43.46
C PRO A 499 -49.34 -35.78 -43.76
N GLU A 500 -49.42 -36.60 -42.70
CA GLU A 500 -49.09 -38.03 -42.82
C GLU A 500 -50.07 -38.90 -42.03
N GLN A 501 -49.73 -40.18 -41.89
CA GLN A 501 -50.56 -41.09 -41.12
C GLN A 501 -50.56 -40.72 -39.64
N GLY A 502 -49.43 -40.26 -39.11
CA GLY A 502 -49.31 -39.79 -37.75
C GLY A 502 -49.12 -38.29 -37.68
N TYR A 503 -48.88 -37.82 -36.45
CA TYR A 503 -48.69 -36.39 -36.19
C TYR A 503 -47.22 -35.99 -36.35
N THR A 504 -46.99 -34.92 -37.10
CA THR A 504 -45.70 -34.25 -37.18
C THR A 504 -45.93 -32.75 -37.16
N LYS A 505 -45.01 -32.02 -36.55
CA LYS A 505 -45.16 -30.57 -36.41
C LYS A 505 -44.52 -29.85 -37.60
N PHE A 506 -45.00 -28.64 -37.86
CA PHE A 506 -44.56 -27.85 -39.01
C PHE A 506 -43.85 -26.55 -38.63
N SER A 507 -44.32 -25.84 -37.61
CA SER A 507 -43.61 -24.69 -37.03
C SER A 507 -43.35 -23.60 -38.09
N TYR A 508 -44.44 -23.02 -38.57
CA TYR A 508 -44.35 -21.97 -39.58
C TYR A 508 -43.93 -20.65 -38.94
N GLU A 509 -43.10 -19.90 -39.68
CA GLU A 509 -42.49 -18.67 -39.18
C GLU A 509 -43.10 -17.46 -39.88
N PHE A 510 -43.19 -16.35 -39.14
CA PHE A 510 -43.59 -15.08 -39.75
C PHE A 510 -42.89 -13.94 -39.01
N GLU A 511 -43.22 -12.71 -39.39
CA GLU A 511 -42.54 -11.52 -38.89
C GLU A 511 -43.59 -10.47 -38.56
N THR A 512 -43.27 -9.60 -37.61
CA THR A 512 -44.16 -8.49 -37.26
C THR A 512 -43.35 -7.36 -36.63
N THR A 513 -43.31 -6.23 -37.32
CA THR A 513 -42.53 -5.08 -36.88
C THR A 513 -43.29 -3.78 -37.10
N GLU A 514 -44.57 -3.76 -36.72
CA GLU A 514 -45.41 -2.58 -36.97
C GLU A 514 -45.88 -1.89 -35.70
N LYS A 515 -46.59 -2.61 -34.83
CA LYS A 515 -47.10 -2.13 -33.55
C LYS A 515 -48.26 -1.14 -33.74
N ASP A 516 -48.50 -0.70 -34.98
CA ASP A 516 -49.60 0.22 -35.24
C ASP A 516 -50.29 -0.06 -36.56
N SER A 517 -50.12 -1.25 -37.13
CA SER A 517 -50.74 -1.62 -38.39
C SER A 517 -51.96 -2.52 -38.13
N SER A 518 -52.50 -3.07 -39.21
CA SER A 518 -53.71 -3.88 -39.13
C SER A 518 -53.46 -5.15 -38.31
N ASN A 519 -54.56 -5.81 -37.94
CA ASN A 519 -54.48 -7.02 -37.15
C ASN A 519 -53.79 -8.14 -37.94
N ILE A 520 -53.11 -9.02 -37.21
CA ILE A 520 -52.40 -10.13 -37.82
C ILE A 520 -53.41 -11.22 -38.16
N GLU A 521 -53.39 -11.66 -39.41
CA GLU A 521 -54.30 -12.70 -39.90
C GLU A 521 -53.50 -13.88 -40.39
N ILE A 522 -53.82 -15.07 -39.89
CA ILE A 522 -53.25 -16.32 -40.38
C ILE A 522 -54.39 -17.28 -40.65
N THR A 523 -54.32 -17.95 -41.80
CA THR A 523 -55.41 -18.78 -42.27
C THR A 523 -54.88 -20.17 -42.62
N LEU A 524 -55.68 -21.20 -42.33
CA LEU A 524 -55.30 -22.59 -42.48
C LEU A 524 -56.31 -23.34 -43.33
N ILE A 525 -56.63 -22.81 -44.51
CA ILE A 525 -57.61 -23.44 -45.38
C ILE A 525 -57.17 -24.86 -45.76
N GLY A 526 -58.14 -25.68 -46.12
CA GLY A 526 -57.91 -27.08 -46.41
C GLY A 526 -58.84 -27.98 -45.62
N SER A 527 -59.58 -28.85 -46.30
CA SER A 527 -60.56 -29.70 -45.64
C SER A 527 -60.44 -31.11 -46.22
N GLY A 528 -61.30 -32.01 -45.72
CA GLY A 528 -61.21 -33.41 -46.06
C GLY A 528 -61.00 -34.27 -44.83
N THR A 529 -61.50 -33.79 -43.69
CA THR A 529 -61.38 -34.45 -42.40
C THR A 529 -59.92 -34.74 -42.05
N THR A 530 -59.14 -33.67 -41.97
CA THR A 530 -57.79 -33.73 -41.44
C THR A 530 -57.86 -33.45 -39.93
N TYR A 531 -56.70 -33.22 -39.30
CA TYR A 531 -56.69 -33.00 -37.87
C TYR A 531 -55.59 -32.02 -37.50
N LEU A 532 -55.86 -31.20 -36.48
CA LEU A 532 -54.89 -30.24 -35.97
C LEU A 532 -54.90 -30.31 -34.45
N ASP A 533 -53.76 -29.94 -33.85
CA ASP A 533 -53.63 -29.99 -32.41
C ASP A 533 -52.46 -29.13 -31.95
N ASN A 534 -52.63 -28.49 -30.79
CA ASN A 534 -51.56 -27.75 -30.11
C ASN A 534 -51.01 -26.62 -30.99
N LEU A 535 -51.88 -25.67 -31.30
CA LEU A 535 -51.50 -24.52 -32.11
C LEU A 535 -51.00 -23.40 -31.21
N SER A 536 -49.75 -22.96 -31.44
CA SER A 536 -49.11 -22.01 -30.56
C SER A 536 -48.37 -20.95 -31.38
N ILE A 537 -48.21 -19.78 -30.78
CA ILE A 537 -47.41 -18.69 -31.34
C ILE A 537 -46.32 -18.37 -30.34
N THR A 538 -45.07 -18.46 -30.79
CA THR A 538 -43.91 -18.33 -29.91
C THR A 538 -42.98 -17.23 -30.43
N GLU A 539 -42.00 -16.88 -29.59
CA GLU A 539 -40.96 -15.93 -29.93
C GLU A 539 -39.62 -16.65 -29.98
N LEU A 540 -38.69 -16.09 -30.76
CA LEU A 540 -37.37 -16.67 -30.91
C LEU A 540 -36.30 -15.62 -30.59
N ASN A 541 -35.05 -16.09 -30.60
CA ASN A 541 -33.89 -15.21 -30.44
C ASN A 541 -32.73 -15.86 -31.20
N SER A 542 -32.57 -15.47 -32.46
CA SER A 542 -31.47 -15.94 -33.30
C SER A 542 -30.56 -14.77 -33.63
N THR A 543 -29.27 -14.92 -33.35
CA THR A 543 -28.28 -13.84 -33.50
C THR A 543 -27.10 -14.34 -34.31
N PRO A 544 -27.23 -14.44 -35.64
CA PRO A 544 -26.05 -14.66 -36.48
C PRO A 544 -25.42 -13.33 -36.87
N GLU A 545 -24.19 -13.07 -36.41
CA GLU A 545 -23.55 -11.78 -36.66
C GLU A 545 -22.64 -11.80 -37.88
N ILE A 546 -21.57 -12.59 -37.82
CA ILE A 546 -20.64 -12.69 -38.95
C ILE A 546 -20.37 -14.15 -39.28
N LEU A 547 -19.97 -14.93 -38.26
CA LEU A 547 -19.61 -16.34 -38.38
C LEU A 547 -18.42 -16.58 -39.30
N ASP A 548 -17.67 -15.52 -39.62
CA ASP A 548 -16.50 -15.65 -40.49
C ASP A 548 -15.57 -14.48 -40.24
N GLU A 549 -14.32 -14.64 -40.66
CA GLU A 549 -13.30 -13.60 -40.55
C GLU A 549 -12.53 -13.50 -41.87
N PRO A 550 -12.02 -12.32 -42.19
CA PRO A 550 -11.32 -12.14 -43.47
C PRO A 550 -10.04 -12.96 -43.55
N GLU A 551 -9.70 -13.35 -44.78
CA GLU A 551 -8.47 -14.08 -45.05
C GLU A 551 -7.38 -13.10 -45.49
N VAL A 552 -6.25 -13.63 -45.96
CA VAL A 552 -5.08 -12.79 -46.20
C VAL A 552 -5.19 -12.06 -47.54
N LYS A 553 -5.49 -12.77 -48.62
CA LYS A 553 -5.64 -12.21 -49.96
C LYS A 553 -4.40 -11.40 -50.36
N ILE A 554 -3.30 -12.11 -50.52
CA ILE A 554 -2.02 -11.50 -50.89
C ILE A 554 -2.17 -10.80 -52.24
N PRO A 555 -1.88 -9.51 -52.34
CA PRO A 555 -2.12 -8.78 -53.59
C PRO A 555 -1.21 -9.23 -54.71
N THR A 556 -1.71 -9.11 -55.93
CA THR A 556 -0.95 -9.48 -57.12
C THR A 556 -0.08 -8.32 -57.58
N ASP A 557 0.80 -8.61 -58.54
CA ASP A 557 1.68 -7.57 -59.08
C ASP A 557 0.86 -6.50 -59.80
N GLN A 558 -0.10 -6.91 -60.62
CA GLN A 558 -0.91 -5.95 -61.37
C GLN A 558 -1.65 -5.02 -60.43
N GLU A 559 -2.20 -5.56 -59.34
CA GLU A 559 -2.86 -4.71 -58.35
C GLU A 559 -1.88 -3.73 -57.72
N ILE A 560 -0.66 -4.18 -57.46
CA ILE A 560 0.34 -3.28 -56.86
C ILE A 560 0.65 -2.12 -57.79
N MET A 561 0.90 -2.39 -59.07
CA MET A 561 1.16 -1.29 -59.99
C MET A 561 -0.09 -0.43 -60.22
N ASP A 562 -1.28 -1.03 -60.12
CA ASP A 562 -2.49 -0.25 -60.31
C ASP A 562 -2.77 0.68 -59.13
N ALA A 563 -2.34 0.29 -57.93
CA ALA A 563 -2.55 1.14 -56.75
C ALA A 563 -1.69 2.40 -56.78
N HIS A 564 -0.61 2.41 -57.58
CA HIS A 564 0.28 3.56 -57.66
C HIS A 564 0.06 4.38 -58.92
N LYS A 565 -1.08 4.20 -59.59
CA LYS A 565 -1.35 4.93 -60.81
C LYS A 565 -1.48 6.44 -60.56
N ILE A 566 -2.11 6.81 -59.46
CA ILE A 566 -2.34 8.21 -59.13
C ILE A 566 -1.36 8.64 -58.03
N TYR A 567 -0.69 9.76 -58.25
CA TYR A 567 0.31 10.25 -57.32
C TYR A 567 0.29 11.78 -57.33
N PHE A 568 1.11 12.37 -56.47
CA PHE A 568 1.27 13.82 -56.41
C PHE A 568 2.62 14.14 -55.79
N ALA A 569 3.44 14.89 -56.53
CA ALA A 569 4.76 15.27 -56.07
C ALA A 569 4.65 16.48 -55.15
N ASP A 570 5.20 16.37 -53.94
CA ASP A 570 5.21 17.46 -52.98
C ASP A 570 6.42 18.33 -53.28
N LEU A 571 6.21 19.34 -54.11
CA LEU A 571 7.30 20.17 -54.58
C LEU A 571 7.72 21.19 -53.53
N ASN A 572 8.95 21.67 -53.67
CA ASN A 572 9.49 22.73 -52.84
C ASN A 572 9.77 23.94 -53.71
N PHE A 573 9.20 25.09 -53.33
CA PHE A 573 9.38 26.33 -54.10
C PHE A 573 9.89 27.40 -53.14
N ASN A 574 11.21 27.44 -52.95
CA ASN A 574 11.84 28.54 -52.23
C ASN A 574 12.31 29.59 -53.22
N PRO A 575 11.69 30.77 -53.27
CA PRO A 575 11.97 31.68 -54.39
C PRO A 575 13.34 32.32 -54.31
N SER A 576 14.27 31.80 -55.10
CA SER A 576 15.49 32.52 -55.46
C SER A 576 15.57 32.72 -56.96
N THR A 577 15.59 31.64 -57.74
CA THR A 577 15.35 31.67 -59.19
C THR A 577 14.63 30.37 -59.55
N GLY A 578 13.29 30.39 -59.48
CA GLY A 578 12.44 29.30 -59.91
C GLY A 578 12.96 27.90 -59.62
N ASN A 579 13.20 27.59 -58.34
CA ASN A 579 13.88 26.34 -57.99
C ASN A 579 13.05 25.11 -58.34
N THR A 580 11.88 24.96 -57.72
CA THR A 580 10.96 23.86 -57.99
C THR A 580 11.65 22.50 -57.86
N TYR A 581 12.05 22.18 -56.63
CA TYR A 581 12.62 20.88 -56.31
C TYR A 581 11.57 19.98 -55.67
N ILE A 582 11.86 18.68 -55.65
CA ILE A 582 10.98 17.67 -55.09
C ILE A 582 11.34 17.44 -53.63
N ASN A 583 10.33 17.43 -52.76
CA ASN A 583 10.49 17.03 -51.37
C ASN A 583 10.00 15.62 -51.10
N GLY A 584 8.95 15.18 -51.77
CA GLY A 584 8.41 13.85 -51.56
C GLY A 584 7.26 13.62 -52.50
N MET A 585 6.69 12.42 -52.42
CA MET A 585 5.60 12.04 -53.32
C MET A 585 4.54 11.27 -52.58
N TYR A 586 3.28 11.67 -52.78
CA TYR A 586 2.14 10.96 -52.24
C TYR A 586 1.65 9.92 -53.25
N PHE A 587 0.92 8.94 -52.74
CA PHE A 587 0.19 7.98 -53.57
C PHE A 587 -1.27 8.05 -53.17
N ALA A 588 -2.14 8.38 -54.13
CA ALA A 588 -3.50 8.76 -53.81
C ALA A 588 -4.27 7.58 -53.24
N PRO A 589 -5.05 7.79 -52.17
CA PRO A 589 -5.90 6.72 -51.64
C PRO A 589 -7.25 6.68 -52.35
N THR A 590 -7.61 5.52 -52.88
CA THR A 590 -8.85 5.35 -53.63
C THR A 590 -9.73 4.32 -52.93
N GLN A 591 -10.83 3.97 -53.57
CA GLN A 591 -11.82 3.07 -52.99
C GLN A 591 -11.36 1.61 -52.96
N THR A 592 -10.41 1.23 -53.81
CA THR A 592 -10.05 -0.18 -53.98
C THR A 592 -8.57 -0.48 -53.75
N ASN A 593 -7.73 0.51 -53.51
CA ASN A 593 -6.30 0.29 -53.38
C ASN A 593 -5.83 0.26 -51.92
N LYS A 594 -6.76 0.14 -50.98
CA LYS A 594 -6.39 0.14 -49.56
C LYS A 594 -5.50 -1.04 -49.21
N GLU A 595 -5.91 -2.24 -49.66
CA GLU A 595 -5.16 -3.45 -49.31
C GLU A 595 -3.80 -3.49 -50.01
N ALA A 596 -3.75 -3.03 -51.27
CA ALA A 596 -2.48 -3.03 -51.99
C ALA A 596 -1.49 -2.05 -51.37
N LEU A 597 -1.96 -0.88 -50.95
CA LEU A 597 -1.06 0.09 -50.32
C LEU A 597 -0.64 -0.37 -48.94
N ASP A 598 -1.56 -0.98 -48.19
CA ASP A 598 -1.22 -1.43 -46.84
C ASP A 598 -0.25 -2.61 -46.84
N TYR A 599 -0.08 -3.27 -47.98
CA TYR A 599 0.78 -4.45 -48.09
C TYR A 599 2.23 -4.08 -48.37
N ILE A 600 2.52 -2.82 -48.71
CA ILE A 600 3.82 -2.41 -49.23
C ILE A 600 4.48 -1.46 -48.26
N GLN A 601 5.74 -1.73 -47.93
CA GLN A 601 6.63 -0.77 -47.29
C GLN A 601 7.99 -0.83 -47.99
N LYS A 602 8.93 -0.03 -47.51
CA LYS A 602 10.32 -0.04 -47.96
C LYS A 602 10.42 0.22 -49.46
N TYR A 603 10.02 1.43 -49.85
CA TYR A 603 10.23 1.87 -51.21
C TYR A 603 11.72 2.14 -51.46
N ARG A 604 12.17 1.82 -52.67
CA ARG A 604 13.53 2.08 -53.11
C ARG A 604 13.49 3.07 -54.28
N VAL A 605 14.31 4.11 -54.19
CA VAL A 605 14.26 5.23 -55.12
C VAL A 605 15.61 5.41 -55.78
N GLU A 606 15.60 5.65 -57.09
CA GLU A 606 16.79 6.02 -57.85
C GLU A 606 16.49 7.35 -58.52
N ALA A 607 16.97 8.44 -57.92
CA ALA A 607 16.63 9.80 -58.35
C ALA A 607 17.85 10.46 -58.98
N THR A 608 17.70 11.73 -59.34
CA THR A 608 18.74 12.52 -59.97
C THR A 608 19.02 13.75 -59.11
N LEU A 609 20.19 13.77 -58.47
CA LEU A 609 20.58 14.90 -57.64
C LEU A 609 21.00 16.08 -58.51
N GLN A 610 21.05 17.26 -57.87
CA GLN A 610 21.33 18.49 -58.62
C GLN A 610 22.76 18.51 -59.13
N TYR A 611 23.73 18.23 -58.25
CA TYR A 611 25.13 18.29 -58.64
C TYR A 611 25.66 16.96 -59.13
N SER A 612 25.26 15.86 -58.50
CA SER A 612 25.58 14.52 -59.00
C SER A 612 24.57 14.16 -60.08
N GLY A 613 24.55 12.89 -60.48
CA GLY A 613 23.64 12.47 -61.53
C GLY A 613 22.61 11.46 -61.07
N PHE A 614 22.18 10.58 -61.97
CA PHE A 614 21.21 9.55 -61.65
C PHE A 614 21.90 8.45 -60.86
N LYS A 615 21.52 8.30 -59.58
CA LYS A 615 22.15 7.31 -58.72
C LYS A 615 21.13 6.81 -57.71
N ASP A 616 21.38 5.59 -57.22
CA ASP A 616 20.55 5.02 -56.17
C ASP A 616 20.75 5.78 -54.87
N ILE A 617 19.67 5.93 -54.10
CA ILE A 617 19.75 6.66 -52.84
C ILE A 617 19.17 5.84 -51.70
N GLY A 618 19.13 4.52 -51.86
CA GLY A 618 18.84 3.62 -50.76
C GLY A 618 17.38 3.22 -50.69
N THR A 619 17.07 2.46 -49.64
CA THR A 619 15.74 1.96 -49.36
C THR A 619 15.30 2.41 -47.98
N LYS A 620 14.14 3.05 -47.90
CA LYS A 620 13.62 3.58 -46.65
C LYS A 620 12.16 3.19 -46.49
N ASP A 621 11.71 3.12 -45.24
CA ASP A 621 10.33 2.77 -44.96
C ASP A 621 9.39 3.93 -45.30
N LYS A 622 8.12 3.58 -45.53
CA LYS A 622 7.12 4.58 -45.87
C LYS A 622 6.71 5.39 -44.63
N GLU A 623 6.07 6.53 -44.87
CA GLU A 623 5.81 7.49 -43.82
C GLU A 623 4.34 7.65 -43.45
N MET A 624 3.42 7.46 -44.39
CA MET A 624 1.97 7.50 -44.12
C MET A 624 1.54 8.86 -43.56
N ARG A 625 1.66 9.88 -44.42
CA ARG A 625 1.18 11.22 -44.11
C ARG A 625 -0.22 11.43 -44.66
N ASN A 626 -0.86 12.52 -44.22
CA ASN A 626 -2.16 12.90 -44.75
C ASN A 626 -2.02 13.33 -46.21
N TYR A 627 -3.01 12.95 -47.01
CA TYR A 627 -2.93 13.19 -48.45
C TYR A 627 -3.00 14.68 -48.75
N LEU A 628 -2.06 15.15 -49.57
CA LEU A 628 -1.95 16.56 -50.00
C LEU A 628 -1.76 17.50 -48.83
N GLY A 629 -1.35 16.99 -47.66
CA GLY A 629 -1.27 17.84 -46.48
C GLY A 629 -2.61 18.33 -45.98
N ASP A 630 -3.70 17.78 -46.51
CA ASP A 630 -5.04 18.21 -46.13
C ASP A 630 -5.48 17.48 -44.87
N PRO A 631 -5.83 18.18 -43.79
CA PRO A 631 -6.27 17.48 -42.57
C PRO A 631 -7.50 16.61 -42.78
N ASN A 632 -8.36 16.94 -43.74
CA ASN A 632 -9.57 16.16 -43.96
C ASN A 632 -9.28 14.83 -44.63
N GLN A 633 -8.26 14.77 -45.48
CA GLN A 633 -7.97 13.56 -46.22
C GLN A 633 -7.35 12.50 -45.31
N PRO A 634 -7.51 11.22 -45.64
CA PRO A 634 -6.91 10.16 -44.81
C PRO A 634 -5.40 10.08 -45.03
N LYS A 635 -4.78 9.22 -44.23
CA LYS A 635 -3.34 9.00 -44.33
C LYS A 635 -3.04 7.99 -45.42
N THR A 636 -2.04 8.27 -46.24
CA THR A 636 -1.70 7.44 -47.38
C THR A 636 -0.18 7.36 -47.51
N ASN A 637 0.26 6.39 -48.30
CA ASN A 637 1.69 6.12 -48.45
C ASN A 637 2.42 7.36 -48.94
N TYR A 638 3.48 7.73 -48.22
CA TYR A 638 4.28 8.90 -48.53
C TYR A 638 5.74 8.51 -48.59
N VAL A 639 6.43 8.92 -49.65
CA VAL A 639 7.85 8.62 -49.84
C VAL A 639 8.60 9.91 -49.53
N ASN A 640 9.25 9.95 -48.37
CA ASN A 640 10.00 11.14 -47.93
C ASN A 640 11.37 11.08 -48.57
N LEU A 641 11.52 11.76 -49.71
CA LEU A 641 12.78 11.71 -50.45
C LEU A 641 13.88 12.47 -49.73
N ARG A 642 13.53 13.47 -48.92
CA ARG A 642 14.53 14.25 -48.20
C ARG A 642 15.30 13.43 -47.18
N SER A 643 14.76 12.29 -46.76
CA SER A 643 15.41 11.44 -45.77
C SER A 643 16.24 10.32 -46.39
N TYR A 644 16.31 10.26 -47.72
CA TYR A 644 17.07 9.21 -48.39
C TYR A 644 18.55 9.59 -48.41
N PHE A 645 19.39 8.67 -48.90
CA PHE A 645 20.84 8.83 -48.84
C PHE A 645 21.35 9.77 -49.92
N THR A 646 20.81 10.99 -49.90
CA THR A 646 21.38 12.08 -50.66
C THR A 646 22.43 12.80 -49.82
N GLY A 647 23.24 13.61 -50.48
CA GLY A 647 24.23 14.39 -49.77
C GLY A 647 23.69 15.76 -49.42
N GLY A 648 22.38 15.85 -49.22
CA GLY A 648 21.72 17.13 -49.08
C GLY A 648 21.43 17.81 -50.41
N GLU A 649 21.82 17.21 -51.52
CA GLU A 649 21.55 17.80 -52.83
C GLU A 649 20.07 17.71 -53.16
N ASN A 650 19.58 18.72 -53.87
CA ASN A 650 18.19 18.74 -54.30
C ASN A 650 17.95 17.66 -55.36
N ILE A 651 16.73 17.15 -55.40
CA ILE A 651 16.29 16.18 -56.39
C ILE A 651 15.58 16.94 -57.51
N MET A 652 16.09 16.80 -58.73
CA MET A 652 15.65 17.63 -59.84
C MET A 652 14.29 17.18 -60.38
N THR A 653 13.51 18.16 -60.82
CA THR A 653 12.27 17.91 -61.53
C THR A 653 12.53 17.77 -63.02
N TYR A 654 11.61 17.06 -63.69
CA TYR A 654 11.70 16.84 -65.14
C TYR A 654 13.02 16.17 -65.52
N LYS A 655 13.45 15.24 -64.68
CA LYS A 655 14.63 14.41 -64.94
C LYS A 655 14.28 12.96 -64.65
N LYS A 656 15.25 12.08 -64.83
CA LYS A 656 15.01 10.66 -64.60
C LYS A 656 14.74 10.39 -63.13
N LEU A 657 13.73 9.55 -62.86
CA LEU A 657 13.40 9.15 -61.51
C LEU A 657 12.69 7.81 -61.58
N ARG A 658 13.02 6.92 -60.64
CA ARG A 658 12.39 5.61 -60.55
C ARG A 658 12.11 5.28 -59.09
N ILE A 659 10.91 4.80 -58.82
CA ILE A 659 10.50 4.37 -57.49
C ILE A 659 10.07 2.90 -57.58
N TYR A 660 10.66 2.06 -56.75
CA TYR A 660 10.39 0.63 -56.75
C TYR A 660 9.75 0.24 -55.42
N ALA A 661 8.60 -0.41 -55.50
CA ALA A 661 7.95 -0.95 -54.31
C ALA A 661 8.51 -2.34 -54.02
N ILE A 662 8.85 -2.58 -52.75
CA ILE A 662 9.45 -3.84 -52.32
C ILE A 662 8.44 -4.59 -51.47
N THR A 663 8.09 -5.79 -51.91
CA THR A 663 7.14 -6.64 -51.21
C THR A 663 7.80 -7.30 -50.01
N PRO A 664 6.99 -7.82 -49.06
CA PRO A 664 7.58 -8.60 -47.97
C PRO A 664 8.36 -9.82 -48.44
N ASP A 665 8.04 -10.35 -49.62
CA ASP A 665 8.78 -11.46 -50.20
C ASP A 665 10.06 -11.01 -50.92
N ASP A 666 10.49 -9.77 -50.67
CA ASP A 666 11.75 -9.19 -51.13
C ASP A 666 11.77 -8.89 -52.62
N ARG A 667 10.66 -9.08 -53.33
CA ARG A 667 10.58 -8.75 -54.74
C ARG A 667 10.27 -7.27 -54.92
N GLU A 668 10.74 -6.70 -56.02
CA GLU A 668 10.58 -5.28 -56.28
C GLU A 668 9.80 -5.05 -57.57
N LEU A 669 9.00 -4.00 -57.58
CA LEU A 669 8.18 -3.62 -58.73
C LEU A 669 8.33 -2.14 -58.99
N LEU A 670 8.48 -1.77 -60.26
CA LEU A 670 8.65 -0.36 -60.65
C LEU A 670 7.28 0.29 -60.73
N VAL A 671 6.99 1.20 -59.80
CA VAL A 671 5.66 1.80 -59.70
C VAL A 671 5.58 3.21 -60.27
N LEU A 672 6.71 3.88 -60.47
CA LEU A 672 6.71 5.23 -61.03
C LEU A 672 7.89 5.40 -61.96
N SER A 673 7.65 6.01 -63.12
CA SER A 673 8.69 6.29 -64.10
C SER A 673 8.52 7.70 -64.64
N VAL A 674 9.55 8.52 -64.49
CA VAL A 674 9.57 9.87 -65.04
C VAL A 674 10.89 10.06 -65.76
N ASP A 675 10.83 10.55 -66.99
CA ASP A 675 12.04 10.75 -67.79
C ASP A 675 12.15 12.19 -68.28
N GLU B 16 -40.07 -33.46 28.80
CA GLU B 16 -39.03 -34.39 28.40
C GLU B 16 -37.68 -33.68 28.29
N ASP B 17 -36.63 -34.43 27.96
CA ASP B 17 -35.29 -33.88 27.88
C ASP B 17 -34.66 -34.03 26.49
N LEU B 18 -35.43 -34.43 25.48
CA LEU B 18 -34.89 -34.48 24.13
C LEU B 18 -34.57 -33.07 23.63
N ASP B 19 -33.41 -32.94 22.99
CA ASP B 19 -32.97 -31.67 22.41
C ASP B 19 -32.38 -31.99 21.04
N THR B 20 -33.23 -31.94 20.01
CA THR B 20 -32.80 -32.31 18.67
C THR B 20 -31.82 -31.30 18.09
N ASP B 21 -32.08 -30.01 18.26
CA ASP B 21 -31.23 -28.97 17.69
C ASP B 21 -30.16 -28.46 18.64
N ASN B 22 -30.08 -29.02 19.85
CA ASN B 22 -29.07 -28.66 20.84
C ASN B 22 -29.09 -27.16 21.14
N ASP B 23 -30.29 -26.59 21.26
CA ASP B 23 -30.45 -25.18 21.58
C ASP B 23 -30.83 -24.94 23.03
N ASN B 24 -30.58 -25.92 23.90
CA ASN B 24 -30.79 -25.85 25.34
C ASN B 24 -32.25 -25.86 25.74
N ILE B 25 -33.18 -26.01 24.79
CA ILE B 25 -34.60 -26.06 25.10
C ILE B 25 -35.17 -27.40 24.65
N PRO B 26 -35.90 -28.11 25.51
CA PRO B 26 -36.47 -29.40 25.09
C PRO B 26 -37.51 -29.24 24.00
N ASP B 27 -37.71 -30.30 23.23
CA ASP B 27 -38.61 -30.26 22.08
C ASP B 27 -40.04 -29.96 22.51
N SER B 28 -40.51 -30.60 23.58
CA SER B 28 -41.89 -30.39 24.02
C SER B 28 -42.11 -28.97 24.52
N TYR B 29 -41.10 -28.39 25.16
CA TYR B 29 -41.20 -26.99 25.59
C TYR B 29 -41.36 -26.07 24.39
N GLU B 30 -40.56 -26.30 23.35
CA GLU B 30 -40.66 -25.47 22.14
C GLU B 30 -42.00 -25.65 21.46
N ARG B 31 -42.54 -26.88 21.45
CA ARG B 31 -43.81 -27.12 20.80
C ARG B 31 -44.98 -26.50 21.57
N ASN B 32 -44.96 -26.59 22.90
CA ASN B 32 -46.11 -26.21 23.70
C ASN B 32 -46.02 -24.80 24.28
N GLY B 33 -44.82 -24.27 24.46
CA GLY B 33 -44.66 -22.96 25.08
C GLY B 33 -43.77 -23.00 26.30
N TYR B 34 -42.95 -21.96 26.48
CA TYR B 34 -41.99 -21.95 27.57
C TYR B 34 -41.65 -20.51 27.93
N THR B 35 -40.90 -20.36 29.00
CA THR B 35 -40.33 -19.07 29.39
C THR B 35 -39.03 -19.32 30.13
N ILE B 36 -38.21 -18.28 30.21
CA ILE B 36 -36.88 -18.37 30.80
C ILE B 36 -36.90 -17.69 32.17
N LYS B 37 -36.40 -18.39 33.18
CA LYS B 37 -36.22 -17.81 34.50
C LYS B 37 -34.96 -18.40 35.13
N ASP B 38 -34.11 -17.52 35.68
CA ASP B 38 -32.80 -17.91 36.20
C ASP B 38 -31.97 -18.65 35.13
N LEU B 39 -32.02 -18.13 33.90
CA LEU B 39 -31.27 -18.69 32.78
C LEU B 39 -31.63 -20.14 32.51
N ILE B 40 -32.87 -20.53 32.80
CA ILE B 40 -33.33 -21.90 32.62
C ILE B 40 -34.72 -21.87 32.00
N ALA B 41 -34.93 -22.68 30.96
CA ALA B 41 -36.24 -22.78 30.34
C ALA B 41 -37.18 -23.63 31.19
N VAL B 42 -38.40 -23.12 31.41
CA VAL B 42 -39.41 -23.82 32.18
C VAL B 42 -40.72 -23.80 31.39
N LYS B 43 -41.61 -24.73 31.75
CA LYS B 43 -42.89 -24.84 31.08
C LYS B 43 -43.77 -23.63 31.38
N TRP B 44 -44.48 -23.15 30.36
CA TRP B 44 -45.34 -21.99 30.53
C TRP B 44 -46.54 -22.34 31.40
N GLU B 45 -46.97 -21.38 32.21
CA GLU B 45 -48.16 -21.50 33.03
C GLU B 45 -48.96 -20.22 32.91
N ASP B 46 -50.29 -20.38 32.89
CA ASP B 46 -51.17 -19.22 32.73
C ASP B 46 -51.00 -18.21 33.87
N SER B 47 -50.59 -18.68 35.05
CA SER B 47 -50.39 -17.78 36.18
C SER B 47 -49.16 -16.90 36.00
N PHE B 48 -48.27 -17.22 35.06
CA PHE B 48 -47.07 -16.43 34.87
C PHE B 48 -47.34 -15.11 34.16
N ALA B 49 -48.47 -14.99 33.46
CA ALA B 49 -48.77 -13.75 32.75
C ALA B 49 -48.97 -12.58 33.70
N GLU B 50 -49.40 -12.85 34.93
CA GLU B 50 -49.61 -11.78 35.89
C GLU B 50 -48.30 -11.17 36.36
N GLN B 51 -47.27 -11.98 36.55
CA GLN B 51 -46.00 -11.49 37.06
C GLN B 51 -45.14 -10.80 36.00
N GLY B 52 -45.56 -10.82 34.74
CA GLY B 52 -44.85 -10.13 33.69
C GLY B 52 -44.05 -11.00 32.74
N TYR B 53 -44.18 -12.32 32.82
CA TYR B 53 -43.44 -13.21 31.95
C TYR B 53 -44.14 -13.35 30.60
N LYS B 54 -43.39 -13.76 29.59
CA LYS B 54 -43.91 -14.00 28.26
C LYS B 54 -43.87 -15.48 27.92
N LYS B 55 -44.69 -15.87 26.96
CA LYS B 55 -44.78 -17.26 26.50
C LYS B 55 -44.15 -17.36 25.12
N TYR B 56 -43.25 -18.32 24.95
CA TYR B 56 -42.48 -18.47 23.73
C TYR B 56 -42.73 -19.83 23.09
N VAL B 57 -42.88 -19.84 21.77
CA VAL B 57 -42.89 -21.06 20.98
C VAL B 57 -41.89 -20.87 19.85
N SER B 58 -41.29 -21.97 19.40
CA SER B 58 -40.25 -21.88 18.39
C SER B 58 -40.12 -23.24 17.69
N ASN B 59 -39.31 -23.25 16.63
CA ASN B 59 -39.02 -24.47 15.89
C ASN B 59 -38.08 -25.34 16.70
N TYR B 60 -38.45 -26.60 16.88
CA TYR B 60 -37.63 -27.54 17.65
C TYR B 60 -36.60 -28.28 16.79
N LEU B 61 -36.58 -28.04 15.48
CA LEU B 61 -35.59 -28.62 14.60
C LEU B 61 -34.57 -27.59 14.10
N GLU B 62 -34.73 -26.32 14.46
CA GLU B 62 -33.82 -25.27 14.04
C GLU B 62 -33.24 -24.57 15.27
N SER B 63 -31.92 -24.39 15.28
CA SER B 63 -31.29 -23.64 16.36
C SER B 63 -31.62 -22.15 16.29
N ASN B 64 -31.79 -21.62 15.08
CA ASN B 64 -32.13 -20.22 14.85
C ASN B 64 -33.44 -20.18 14.08
N THR B 65 -34.55 -20.07 14.82
CA THR B 65 -35.87 -20.06 14.18
C THR B 65 -36.01 -18.86 13.24
N ALA B 66 -35.63 -17.67 13.71
CA ALA B 66 -35.74 -16.47 12.92
C ALA B 66 -34.70 -16.37 11.81
N GLY B 67 -33.61 -17.12 11.91
CA GLY B 67 -32.53 -17.03 10.94
C GLY B 67 -31.48 -16.00 11.26
N ASP B 68 -31.65 -15.23 12.33
CA ASP B 68 -30.66 -14.26 12.75
C ASP B 68 -29.51 -14.95 13.48
N PRO B 69 -28.37 -14.26 13.65
CA PRO B 69 -27.20 -14.93 14.23
C PRO B 69 -27.35 -15.37 15.69
N TYR B 70 -28.49 -15.12 16.33
CA TYR B 70 -28.69 -15.47 17.73
C TYR B 70 -29.66 -16.64 17.83
N THR B 71 -29.29 -17.64 18.62
CA THR B 71 -30.10 -18.85 18.76
C THR B 71 -31.36 -18.55 19.57
N ASP B 72 -32.26 -19.54 19.60
CA ASP B 72 -33.53 -19.36 20.30
C ASP B 72 -33.32 -19.13 21.79
N TYR B 73 -32.40 -19.88 22.39
CA TYR B 73 -32.16 -19.71 23.83
C TYR B 73 -31.54 -18.35 24.13
N GLU B 74 -30.58 -17.91 23.32
CA GLU B 74 -29.96 -16.60 23.54
C GLU B 74 -30.99 -15.49 23.43
N LYS B 75 -31.86 -15.56 22.43
CA LYS B 75 -32.88 -14.54 22.26
C LYS B 75 -33.87 -14.55 23.42
N ALA B 76 -34.38 -15.73 23.77
CA ALA B 76 -35.40 -15.82 24.82
C ALA B 76 -34.86 -15.43 26.18
N SER B 77 -33.61 -15.79 26.48
CA SER B 77 -33.01 -15.55 27.78
C SER B 77 -32.39 -14.18 27.92
N GLY B 78 -32.24 -13.44 26.83
CA GLY B 78 -31.58 -12.15 26.90
C GLY B 78 -30.08 -12.22 27.06
N SER B 79 -29.50 -13.36 26.69
CA SER B 79 -28.02 -13.55 26.79
C SER B 79 -27.36 -13.03 25.51
N PHE B 80 -27.75 -11.84 25.05
CA PHE B 80 -27.15 -11.23 23.84
C PHE B 80 -26.90 -9.73 24.06
N ASP B 81 -26.64 -8.98 22.99
CA ASP B 81 -26.34 -7.53 23.11
C ASP B 81 -27.50 -6.82 23.81
N LYS B 82 -27.21 -5.95 24.79
CA LYS B 82 -28.27 -5.31 25.56
C LYS B 82 -28.99 -4.22 24.80
N ALA B 83 -28.38 -3.68 23.74
CA ALA B 83 -29.00 -2.58 23.00
C ALA B 83 -30.08 -3.04 22.03
N ILE B 84 -30.24 -4.34 21.85
CA ILE B 84 -31.28 -4.87 20.97
C ILE B 84 -32.64 -4.68 21.64
N LYS B 85 -33.64 -4.31 20.84
CA LYS B 85 -34.97 -4.05 21.37
C LYS B 85 -35.55 -5.31 22.02
N THR B 86 -36.41 -5.09 23.02
CA THR B 86 -36.92 -6.22 23.80
C THR B 86 -37.89 -7.07 23.01
N GLU B 87 -38.56 -6.50 22.00
CA GLU B 87 -39.50 -7.28 21.21
C GLU B 87 -38.80 -8.33 20.35
N ALA B 88 -37.51 -8.18 20.12
CA ALA B 88 -36.73 -9.15 19.36
C ALA B 88 -36.18 -10.26 20.24
N ARG B 89 -36.79 -10.50 21.40
CA ARG B 89 -36.35 -11.57 22.28
C ARG B 89 -37.11 -12.88 22.09
N ASP B 90 -38.29 -12.84 21.49
CA ASP B 90 -38.90 -14.11 21.16
C ASP B 90 -38.32 -14.65 19.85
N PRO B 91 -38.27 -15.97 19.70
CA PRO B 91 -37.63 -16.55 18.51
C PRO B 91 -38.32 -16.22 17.20
N LEU B 92 -39.56 -15.76 17.22
CA LEU B 92 -40.31 -15.52 16.00
C LEU B 92 -40.09 -14.12 15.42
N VAL B 93 -39.40 -13.24 16.13
CA VAL B 93 -39.09 -11.91 15.63
C VAL B 93 -37.58 -11.79 15.48
N ALA B 94 -37.14 -11.42 14.29
CA ALA B 94 -35.72 -11.38 13.98
C ALA B 94 -35.08 -10.08 14.47
N ALA B 95 -33.90 -10.20 15.07
CA ALA B 95 -33.07 -9.05 15.38
C ALA B 95 -32.37 -8.62 14.10
N TYR B 96 -32.81 -7.51 13.53
CA TYR B 96 -32.40 -7.18 12.17
C TYR B 96 -32.44 -5.67 11.95
N PRO B 97 -31.29 -5.03 11.73
CA PRO B 97 -31.28 -3.57 11.60
C PRO B 97 -31.68 -3.13 10.20
N ILE B 98 -32.47 -2.06 10.14
CA ILE B 98 -32.86 -1.42 8.90
C ILE B 98 -32.18 -0.06 8.88
N VAL B 99 -31.24 0.13 7.97
CA VAL B 99 -30.43 1.34 7.91
C VAL B 99 -30.66 2.02 6.57
N GLY B 100 -30.90 3.34 6.61
CA GLY B 100 -31.06 4.13 5.42
C GLY B 100 -30.21 5.39 5.48
N VAL B 101 -30.19 6.10 4.36
CA VAL B 101 -29.41 7.33 4.21
C VAL B 101 -30.30 8.42 3.65
N GLY B 102 -30.18 9.62 4.20
CA GLY B 102 -30.94 10.76 3.71
C GLY B 102 -30.08 11.98 3.45
N MET B 103 -30.13 12.51 2.23
CA MET B 103 -29.35 13.69 1.88
C MET B 103 -30.10 14.95 2.25
N GLU B 104 -29.39 15.90 2.88
CA GLU B 104 -30.01 17.15 3.32
C GLU B 104 -29.71 18.34 2.43
N LYS B 105 -28.51 18.43 1.87
CA LYS B 105 -28.20 19.50 0.93
C LYS B 105 -26.99 19.11 0.10
N LEU B 106 -26.86 19.78 -1.05
CA LEU B 106 -25.78 19.55 -2.00
C LEU B 106 -25.00 20.84 -2.20
N ILE B 107 -23.68 20.72 -2.27
CA ILE B 107 -22.79 21.86 -2.43
C ILE B 107 -21.96 21.64 -3.69
N ILE B 108 -21.91 22.67 -4.54
CA ILE B 108 -21.24 22.60 -5.83
C ILE B 108 -19.98 23.48 -5.78
N SER B 109 -18.86 22.91 -6.18
CA SER B 109 -17.58 23.62 -6.22
C SER B 109 -17.14 23.72 -7.68
N THR B 110 -17.38 24.87 -8.30
CA THR B 110 -17.01 25.06 -9.68
C THR B 110 -15.49 25.08 -9.82
N ASN B 111 -14.97 24.31 -10.77
CA ASN B 111 -13.54 24.16 -10.97
C ASN B 111 -13.13 25.02 -12.16
N GLU B 112 -12.88 26.30 -11.90
CA GLU B 112 -12.53 27.27 -12.92
C GLU B 112 -11.22 27.94 -12.57
N HIS B 113 -10.50 28.37 -13.61
CA HIS B 113 -9.22 29.05 -13.47
C HIS B 113 -9.39 30.48 -13.98
N ALA B 114 -9.05 31.45 -13.15
CA ALA B 114 -9.14 32.86 -13.50
C ALA B 114 -7.79 33.52 -13.34
N SER B 115 -7.44 34.38 -14.30
CA SER B 115 -6.15 35.05 -14.30
C SER B 115 -6.33 36.54 -14.59
N THR B 116 -5.32 37.31 -14.21
CA THR B 116 -5.32 38.76 -14.40
C THR B 116 -3.91 39.22 -14.70
N ASP B 117 -3.75 40.00 -15.77
CA ASP B 117 -2.44 40.48 -16.20
C ASP B 117 -2.49 41.98 -16.46
N GLN B 118 -1.39 42.64 -16.14
CA GLN B 118 -1.23 44.06 -16.43
C GLN B 118 0.24 44.35 -16.64
N GLY B 119 0.52 45.41 -17.39
CA GLY B 119 1.90 45.74 -17.71
C GLY B 119 2.06 47.18 -18.12
N LYS B 120 3.32 47.57 -18.32
CA LYS B 120 3.69 48.92 -18.72
C LYS B 120 4.65 48.84 -19.90
N THR B 121 4.98 50.00 -20.46
CA THR B 121 5.90 50.08 -21.58
C THR B 121 6.52 51.47 -21.62
N VAL B 122 7.83 51.51 -21.92
CA VAL B 122 8.54 52.75 -22.17
C VAL B 122 9.40 52.55 -23.41
N SER B 123 9.35 53.49 -24.34
CA SER B 123 10.08 53.38 -25.60
C SER B 123 10.70 54.71 -25.98
N ARG B 124 11.71 54.63 -26.84
CA ARG B 124 12.41 55.81 -27.34
C ARG B 124 12.98 55.50 -28.71
N ALA B 125 12.65 56.33 -29.70
CA ALA B 125 13.15 56.16 -31.06
C ALA B 125 13.90 57.41 -31.51
N THR B 126 14.82 57.23 -32.44
CA THR B 126 15.56 58.34 -33.03
C THR B 126 15.86 58.01 -34.49
N THR B 127 15.55 58.94 -35.39
CA THR B 127 15.74 58.75 -36.81
C THR B 127 16.63 59.86 -37.36
N ASN B 128 17.66 59.49 -38.11
CA ASN B 128 18.56 60.43 -38.75
C ASN B 128 18.48 60.22 -40.26
N SER B 129 17.64 61.00 -40.93
CA SER B 129 17.41 60.89 -42.36
C SER B 129 18.21 61.94 -43.11
N LYS B 130 18.33 61.73 -44.42
CA LYS B 130 19.02 62.67 -45.30
C LYS B 130 18.59 62.39 -46.74
N THR B 131 18.02 63.41 -47.39
CA THR B 131 17.57 63.30 -48.76
C THR B 131 18.28 64.33 -49.61
N GLU B 132 18.79 63.88 -50.77
CA GLU B 132 19.48 64.75 -51.72
C GLU B 132 18.70 64.73 -53.03
N SER B 133 18.06 65.84 -53.37
CA SER B 133 17.25 65.97 -54.57
C SER B 133 18.02 66.68 -55.67
N ASN B 134 17.55 66.50 -56.90
CA ASN B 134 18.19 67.13 -58.06
C ASN B 134 17.15 67.24 -59.16
N THR B 135 16.68 68.46 -59.43
CA THR B 135 15.69 68.68 -60.48
C THR B 135 16.38 69.00 -61.81
N HIS B 158 19.60 71.34 -56.65
CA HIS B 158 20.04 70.32 -55.71
C HIS B 158 19.77 70.76 -54.26
N THR B 159 18.86 70.06 -53.60
CA THR B 159 18.43 70.41 -52.25
C THR B 159 18.98 69.40 -51.25
N THR B 160 19.59 69.90 -50.18
CA THR B 160 20.13 69.08 -49.10
C THR B 160 19.28 69.28 -47.87
N ASP B 161 18.67 68.20 -47.38
CA ASP B 161 17.84 68.26 -46.20
C ASP B 161 18.25 67.15 -45.23
N ASN B 162 18.30 67.49 -43.95
CA ASN B 162 18.59 66.54 -42.88
C ASN B 162 17.47 66.61 -41.85
N SER B 163 16.94 65.46 -41.47
CA SER B 163 15.81 65.38 -40.56
C SER B 163 16.17 64.53 -39.34
N THR B 164 15.88 65.05 -38.16
CA THR B 164 16.06 64.31 -36.91
C THR B 164 14.76 64.33 -36.13
N ALA B 165 14.46 63.21 -35.48
CA ALA B 165 13.25 63.08 -34.69
C ALA B 165 13.51 62.13 -33.52
N VAL B 166 13.04 62.52 -32.33
CA VAL B 166 13.16 61.70 -31.13
C VAL B 166 11.74 61.42 -30.65
N GLN B 167 11.26 60.21 -30.90
CA GLN B 167 9.91 59.82 -30.55
C GLN B 167 9.90 59.06 -29.24
N ASP B 168 9.12 59.54 -28.28
CA ASP B 168 8.99 58.92 -26.97
C ASP B 168 7.55 58.46 -26.78
N SER B 169 7.39 57.23 -26.31
CA SER B 169 6.06 56.65 -26.10
C SER B 169 6.04 55.86 -24.80
N ASN B 170 4.86 55.81 -24.19
CA ASN B 170 4.62 54.97 -23.03
C ASN B 170 3.19 54.47 -23.06
N GLY B 171 2.94 53.34 -22.39
CA GLY B 171 1.61 52.77 -22.41
C GLY B 171 1.44 51.73 -21.33
N GLU B 172 0.24 51.18 -21.27
CA GLU B 172 -0.10 50.12 -20.32
C GLU B 172 -1.22 49.27 -20.90
N SER B 173 -1.39 48.08 -20.34
CA SER B 173 -2.39 47.15 -20.82
C SER B 173 -2.91 46.32 -19.66
N TRP B 174 -4.10 45.76 -19.85
CA TRP B 174 -4.75 44.92 -18.86
C TRP B 174 -5.33 43.69 -19.55
N ASN B 175 -5.46 42.60 -18.79
CA ASN B 175 -5.93 41.35 -19.35
C ASN B 175 -6.65 40.55 -18.26
N THR B 176 -7.72 39.86 -18.65
CA THR B 176 -8.45 38.96 -17.78
C THR B 176 -8.73 37.67 -18.53
N GLY B 177 -8.63 36.53 -17.84
CA GLY B 177 -8.79 35.25 -18.47
C GLY B 177 -9.70 34.34 -17.66
N LEU B 178 -10.09 33.23 -18.29
CA LEU B 178 -10.96 32.26 -17.65
C LEU B 178 -10.87 30.95 -18.42
N SER B 179 -10.48 29.88 -17.74
CA SER B 179 -10.32 28.56 -18.36
C SER B 179 -11.19 27.55 -17.63
N ILE B 180 -11.89 26.72 -18.40
CA ILE B 180 -12.79 25.72 -17.85
C ILE B 180 -12.51 24.38 -18.52
N ASN B 181 -12.59 23.31 -17.75
CA ASN B 181 -12.44 21.95 -18.27
C ASN B 181 -13.82 21.33 -18.41
N LYS B 182 -14.11 20.81 -19.60
CA LYS B 182 -15.42 20.23 -19.88
C LYS B 182 -15.56 18.80 -19.39
N GLY B 183 -14.49 18.19 -18.89
CA GLY B 183 -14.57 16.84 -18.38
C GLY B 183 -14.90 16.79 -16.90
N GLU B 184 -14.21 17.60 -16.10
CA GLU B 184 -14.46 17.73 -14.67
C GLU B 184 -14.67 19.22 -14.39
N SER B 185 -15.92 19.67 -14.57
CA SER B 185 -16.23 21.09 -14.49
C SER B 185 -16.64 21.54 -13.10
N ALA B 186 -16.98 20.61 -12.20
CA ALA B 186 -17.39 20.98 -10.85
C ALA B 186 -17.24 19.78 -9.95
N TYR B 187 -17.23 20.04 -8.64
CA TYR B 187 -17.15 19.00 -7.62
C TYR B 187 -18.35 19.15 -6.68
N ILE B 188 -18.95 18.02 -6.33
CA ILE B 188 -20.18 18.00 -5.54
C ILE B 188 -19.87 17.45 -4.16
N ASN B 189 -20.56 18.00 -3.15
CA ASN B 189 -20.44 17.57 -1.77
C ASN B 189 -21.84 17.36 -1.21
N ALA B 190 -22.06 16.21 -0.58
CA ALA B 190 -23.37 15.83 -0.06
C ALA B 190 -23.33 15.73 1.45
N ASN B 191 -24.34 16.30 2.10
CA ASN B 191 -24.50 16.21 3.54
C ASN B 191 -25.61 15.21 3.83
N VAL B 192 -25.27 14.15 4.57
CA VAL B 192 -26.17 13.02 4.75
C VAL B 192 -26.22 12.59 6.22
N ARG B 193 -27.26 11.84 6.56
CA ARG B 193 -27.39 11.20 7.86
C ARG B 193 -27.79 9.74 7.67
N TYR B 194 -27.40 8.90 8.62
CA TYR B 194 -27.83 7.51 8.66
C TYR B 194 -28.86 7.35 9.78
N TYR B 195 -29.87 6.53 9.53
CA TYR B 195 -30.90 6.27 10.53
C TYR B 195 -31.19 4.78 10.58
N ASN B 196 -31.68 4.33 11.73
CA ASN B 196 -31.94 2.92 11.98
C ASN B 196 -33.38 2.76 12.45
N THR B 197 -34.09 1.80 11.86
CA THR B 197 -35.48 1.51 12.23
C THR B 197 -35.72 0.05 12.54
N GLY B 198 -34.68 -0.73 12.84
CA GLY B 198 -34.81 -2.13 13.14
C GLY B 198 -34.86 -2.41 14.62
N THR B 199 -34.59 -3.67 14.98
CA THR B 199 -34.58 -4.09 16.37
C THR B 199 -33.18 -4.30 16.93
N ALA B 200 -32.15 -4.23 16.10
CA ALA B 200 -30.79 -4.46 16.56
C ALA B 200 -29.88 -3.32 16.10
N PRO B 201 -28.83 -3.04 16.85
CA PRO B 201 -27.85 -2.03 16.41
C PRO B 201 -26.94 -2.58 15.33
N MET B 202 -26.29 -1.66 14.63
CA MET B 202 -25.32 -1.99 13.60
C MET B 202 -24.01 -1.27 13.93
N TYR B 203 -22.90 -1.98 13.78
CA TYR B 203 -21.58 -1.44 14.05
C TYR B 203 -20.80 -1.33 12.75
N LYS B 204 -19.99 -0.27 12.64
CA LYS B 204 -19.18 -0.01 11.46
C LYS B 204 -20.07 0.10 10.20
N VAL B 205 -20.93 1.11 10.22
CA VAL B 205 -21.93 1.26 9.17
C VAL B 205 -21.26 1.83 7.92
N THR B 206 -21.36 1.09 6.81
CA THR B 206 -20.73 1.48 5.55
C THR B 206 -21.76 1.35 4.44
N PRO B 207 -22.54 2.40 4.18
CA PRO B 207 -23.55 2.35 3.12
C PRO B 207 -23.00 2.71 1.76
N THR B 208 -23.68 2.20 0.74
CA THR B 208 -23.38 2.51 -0.66
C THR B 208 -24.55 3.29 -1.24
N THR B 209 -24.25 4.42 -1.87
CA THR B 209 -25.28 5.36 -2.30
C THR B 209 -25.14 5.68 -3.78
N ASN B 210 -26.27 5.84 -4.45
CA ASN B 210 -26.31 6.32 -5.82
C ASN B 210 -26.53 7.82 -5.85
N LEU B 211 -26.06 8.45 -6.93
CA LEU B 211 -26.29 9.87 -7.18
C LEU B 211 -26.86 10.01 -8.58
N VAL B 212 -28.12 10.43 -8.68
CA VAL B 212 -28.86 10.44 -9.93
C VAL B 212 -29.30 11.87 -10.22
N LEU B 213 -29.06 12.33 -11.45
CA LEU B 213 -29.42 13.70 -11.82
C LEU B 213 -30.80 13.76 -12.50
N ASP B 214 -30.94 13.13 -13.67
CA ASP B 214 -32.25 12.95 -14.28
C ASP B 214 -32.61 11.48 -14.39
N GLY B 215 -31.78 10.68 -15.05
CA GLY B 215 -31.92 9.24 -15.08
C GLY B 215 -30.54 8.62 -15.13
N ASP B 216 -29.53 9.47 -15.02
CA ASP B 216 -28.14 9.07 -15.11
C ASP B 216 -27.55 8.98 -13.71
N THR B 217 -27.01 7.82 -13.36
CA THR B 217 -26.31 7.66 -12.10
C THR B 217 -24.93 8.27 -12.25
N LEU B 218 -24.73 9.44 -11.65
CA LEU B 218 -23.45 10.15 -11.80
C LEU B 218 -22.31 9.35 -11.21
N SER B 219 -22.51 8.76 -10.03
CA SER B 219 -21.49 7.97 -9.37
C SER B 219 -22.12 7.17 -8.25
N THR B 220 -21.45 6.10 -7.86
CA THR B 220 -21.81 5.30 -6.70
C THR B 220 -20.60 5.21 -5.78
N ILE B 221 -20.77 5.59 -4.52
CA ILE B 221 -19.66 5.68 -3.58
C ILE B 221 -19.95 4.78 -2.39
N LYS B 222 -18.98 3.95 -2.03
CA LYS B 222 -18.98 3.26 -0.76
C LYS B 222 -18.26 4.11 0.28
N ALA B 223 -18.81 4.17 1.49
CA ALA B 223 -18.26 5.04 2.52
C ALA B 223 -16.84 4.62 2.88
N GLN B 224 -15.98 5.62 3.07
CA GLN B 224 -14.59 5.39 3.46
C GLN B 224 -14.47 5.53 4.97
N GLU B 225 -13.23 5.53 5.47
CA GLU B 225 -13.01 5.68 6.91
C GLU B 225 -13.60 6.97 7.44
N ASN B 226 -13.61 8.03 6.62
CA ASN B 226 -14.12 9.32 7.07
C ASN B 226 -15.62 9.28 7.32
N GLN B 227 -16.36 8.45 6.58
CA GLN B 227 -17.82 8.49 6.60
C GLN B 227 -18.44 7.26 7.25
N ILE B 228 -17.67 6.49 8.02
CA ILE B 228 -18.16 5.28 8.64
C ILE B 228 -18.60 5.60 10.07
N GLY B 229 -19.80 5.16 10.43
CA GLY B 229 -20.34 5.37 11.77
C GLY B 229 -20.05 4.16 12.64
N ASN B 230 -19.48 4.41 13.81
CA ASN B 230 -19.08 3.32 14.71
C ASN B 230 -20.29 2.63 15.32
N ASN B 231 -21.28 3.40 15.77
CA ASN B 231 -22.45 2.83 16.42
C ASN B 231 -23.72 3.44 15.82
N LEU B 232 -24.76 2.61 15.71
CA LEU B 232 -26.08 3.08 15.25
C LEU B 232 -27.11 2.21 15.95
N SER B 233 -27.61 2.69 17.09
CA SER B 233 -28.61 1.97 17.86
C SER B 233 -29.98 2.09 17.19
N PRO B 234 -30.89 1.15 17.45
CA PRO B 234 -32.22 1.25 16.86
C PRO B 234 -32.94 2.50 17.32
N GLY B 235 -33.50 3.25 16.36
CA GLY B 235 -34.15 4.51 16.65
C GLY B 235 -33.24 5.69 16.73
N ASP B 236 -31.93 5.51 16.56
CA ASP B 236 -30.96 6.58 16.66
C ASP B 236 -30.58 7.10 15.27
N THR B 237 -29.60 8.00 15.23
CA THR B 237 -29.15 8.61 14.00
C THR B 237 -27.67 8.91 14.11
N TYR B 238 -26.94 8.73 13.01
CA TYR B 238 -25.54 9.13 12.91
C TYR B 238 -25.38 10.11 11.77
N PRO B 239 -24.87 11.33 12.01
CA PRO B 239 -24.51 11.86 13.32
C PRO B 239 -25.72 12.13 14.20
N LYS B 240 -25.52 12.04 15.52
CA LYS B 240 -26.59 12.16 16.51
C LYS B 240 -27.41 13.44 16.33
N LYS B 241 -28.64 13.43 16.85
CA LYS B 241 -29.48 14.61 16.76
C LYS B 241 -28.84 15.78 17.48
N GLY B 242 -28.83 16.94 16.84
CA GLY B 242 -28.14 18.11 17.33
C GLY B 242 -26.81 18.39 16.67
N LEU B 243 -26.27 17.44 15.92
CA LEU B 243 -25.03 17.62 15.18
C LEU B 243 -25.33 17.82 13.71
N SER B 244 -24.36 18.37 12.99
CA SER B 244 -24.51 18.62 11.57
C SER B 244 -24.36 17.29 10.81
N PRO B 245 -24.87 17.23 9.58
CA PRO B 245 -24.66 16.04 8.76
C PRO B 245 -23.20 15.88 8.37
N LEU B 246 -22.83 14.66 8.03
CA LEU B 246 -21.48 14.40 7.56
C LEU B 246 -21.38 14.66 6.06
N ALA B 247 -20.15 14.90 5.61
CA ALA B 247 -19.90 15.27 4.22
C ALA B 247 -19.34 14.08 3.46
N LEU B 248 -19.98 13.74 2.35
CA LEU B 248 -19.51 12.70 1.44
C LEU B 248 -19.02 13.41 0.18
N ASN B 249 -17.70 13.62 0.10
CA ASN B 249 -17.14 14.41 -0.99
C ASN B 249 -15.93 13.75 -1.66
N THR B 250 -15.63 12.49 -1.36
CA THR B 250 -14.56 11.76 -2.02
C THR B 250 -15.08 10.41 -2.46
N MET B 251 -14.56 9.90 -3.58
CA MET B 251 -15.05 8.66 -4.15
C MET B 251 -14.02 7.53 -4.20
N ASP B 252 -12.73 7.83 -4.06
CA ASP B 252 -11.74 6.76 -4.05
C ASP B 252 -11.60 6.20 -2.64
N GLN B 253 -10.88 5.07 -2.54
CA GLN B 253 -10.82 4.34 -1.28
C GLN B 253 -10.03 5.10 -0.22
N PHE B 254 -9.07 5.94 -0.63
CA PHE B 254 -8.18 6.62 0.30
C PHE B 254 -8.60 8.07 0.55
N SER B 255 -9.80 8.46 0.09
CA SER B 255 -10.35 9.80 0.31
C SER B 255 -9.39 10.88 -0.20
N SER B 256 -8.92 10.70 -1.43
CA SER B 256 -8.00 11.66 -2.04
C SER B 256 -8.46 12.17 -3.39
N ARG B 257 -9.72 11.94 -3.77
CA ARG B 257 -10.22 12.35 -5.08
C ARG B 257 -11.66 12.83 -4.94
N LEU B 258 -11.90 14.08 -5.31
CA LEU B 258 -13.23 14.66 -5.22
C LEU B 258 -14.14 14.12 -6.32
N ILE B 259 -15.44 14.17 -6.07
CA ILE B 259 -16.44 13.64 -7.01
C ILE B 259 -16.72 14.69 -8.08
N PRO B 260 -16.40 14.43 -9.33
CA PRO B 260 -16.61 15.41 -10.39
C PRO B 260 -17.94 15.22 -11.11
N ILE B 261 -18.33 16.26 -11.85
CA ILE B 261 -19.50 16.21 -12.72
C ILE B 261 -19.13 16.81 -14.07
N ASN B 262 -19.90 16.41 -15.08
CA ASN B 262 -19.67 16.85 -16.45
C ASN B 262 -20.16 18.29 -16.65
N TYR B 263 -19.77 18.87 -17.78
CA TYR B 263 -20.20 20.23 -18.11
C TYR B 263 -21.71 20.30 -18.32
N ASP B 264 -22.27 19.35 -19.08
CA ASP B 264 -23.71 19.33 -19.31
C ASP B 264 -24.46 19.05 -18.01
N GLN B 265 -23.88 18.24 -17.13
CA GLN B 265 -24.48 18.01 -15.82
C GLN B 265 -24.52 19.30 -15.00
N LEU B 266 -23.49 20.13 -15.13
CA LEU B 266 -23.50 21.43 -14.45
C LEU B 266 -24.54 22.36 -15.05
N LYS B 267 -24.70 22.31 -16.39
CA LYS B 267 -25.75 23.11 -17.02
C LYS B 267 -27.14 22.63 -16.64
N LYS B 268 -27.27 21.35 -16.28
CA LYS B 268 -28.53 20.88 -15.70
C LYS B 268 -28.68 21.37 -14.27
N LEU B 269 -27.60 21.34 -13.49
CA LEU B 269 -27.65 21.69 -12.08
C LEU B 269 -28.02 23.15 -11.89
N ASP B 270 -27.42 24.05 -12.68
CA ASP B 270 -27.72 25.47 -12.49
C ASP B 270 -29.07 25.87 -13.07
N ALA B 271 -29.75 24.98 -13.76
CA ALA B 271 -31.09 25.23 -14.27
C ALA B 271 -32.19 24.88 -13.28
N GLY B 272 -31.84 24.45 -12.07
CA GLY B 272 -32.80 24.13 -11.04
C GLY B 272 -33.04 22.65 -10.82
N LYS B 273 -32.53 21.79 -11.70
CA LYS B 273 -32.68 20.36 -11.48
C LYS B 273 -31.92 19.91 -10.24
N GLN B 274 -32.52 18.99 -9.49
CA GLN B 274 -31.94 18.51 -8.25
C GLN B 274 -31.31 17.14 -8.44
N ILE B 275 -30.40 16.80 -7.54
CA ILE B 275 -29.75 15.50 -7.51
C ILE B 275 -30.35 14.69 -6.37
N LYS B 276 -30.82 13.49 -6.68
CA LYS B 276 -31.41 12.60 -5.69
C LYS B 276 -30.38 11.58 -5.22
N LEU B 277 -30.58 11.07 -4.01
CA LEU B 277 -29.69 10.10 -3.41
C LEU B 277 -30.46 8.83 -3.08
N GLU B 278 -29.96 7.70 -3.56
CA GLU B 278 -30.57 6.40 -3.30
C GLU B 278 -29.53 5.48 -2.67
N THR B 279 -29.91 4.84 -1.57
CA THR B 279 -29.06 3.86 -0.92
C THR B 279 -29.37 2.47 -1.47
N THR B 280 -28.33 1.79 -1.97
CA THR B 280 -28.49 0.48 -2.57
C THR B 280 -28.21 -0.67 -1.60
N GLN B 281 -27.23 -0.51 -0.72
CA GLN B 281 -26.91 -1.52 0.28
C GLN B 281 -26.17 -0.85 1.42
N VAL B 282 -26.21 -1.51 2.58
CA VAL B 282 -25.50 -1.05 3.77
C VAL B 282 -24.80 -2.24 4.41
N SER B 283 -23.49 -2.11 4.62
CA SER B 283 -22.71 -3.11 5.31
C SER B 283 -22.54 -2.70 6.77
N GLY B 284 -22.37 -3.70 7.63
CA GLY B 284 -22.22 -3.43 9.05
C GLY B 284 -21.87 -4.71 9.79
N ASN B 285 -21.76 -4.57 11.10
CA ASN B 285 -21.33 -5.67 11.96
C ASN B 285 -22.31 -5.84 13.12
N PHE B 286 -22.39 -7.06 13.62
CA PHE B 286 -23.07 -7.35 14.87
C PHE B 286 -22.05 -7.89 15.87
N GLY B 287 -22.44 -7.92 17.14
N GLY B 287 -22.44 -7.90 17.14
CA GLY B 287 -21.55 -8.31 18.22
CA GLY B 287 -21.56 -8.33 18.22
C GLY B 287 -21.92 -9.67 18.78
C GLY B 287 -22.02 -9.66 18.80
N THR B 288 -20.90 -10.46 19.09
N THR B 288 -21.05 -10.51 19.15
CA THR B 288 -21.07 -11.75 19.76
CA THR B 288 -21.30 -11.77 19.81
C THR B 288 -20.19 -11.81 21.00
C THR B 288 -20.72 -11.71 21.21
N LYS B 289 -20.08 -12.98 21.61
N LYS B 289 -21.54 -11.99 22.22
CA LYS B 289 -19.26 -13.19 22.79
CA LYS B 289 -21.14 -11.91 23.61
C LYS B 289 -18.25 -14.30 22.52
C LYS B 289 -20.67 -13.28 24.08
N ASN B 290 -16.99 -14.04 22.87
N ASN B 290 -19.42 -13.35 24.53
CA ASN B 290 -15.94 -15.02 22.74
CA ASN B 290 -18.85 -14.60 25.02
C ASN B 290 -15.97 -15.95 23.96
C ASN B 290 -19.29 -14.83 26.46
N SER B 291 -14.90 -16.73 24.16
N SER B 291 -18.68 -15.82 27.13
CA SER B 291 -14.82 -17.62 25.31
CA SER B 291 -19.06 -16.13 28.50
C SER B 291 -14.97 -16.88 26.63
C SER B 291 -18.69 -15.00 29.46
N SER B 292 -14.63 -15.60 26.67
N SER B 292 -17.53 -14.37 29.25
CA SER B 292 -14.80 -14.77 27.85
CA SER B 292 -17.04 -13.32 30.13
C SER B 292 -16.06 -13.91 27.71
C SER B 292 -17.46 -11.93 29.68
N GLY B 293 -16.25 -12.97 28.62
N GLY B 293 -18.43 -11.83 28.78
CA GLY B 293 -17.42 -12.11 28.61
CA GLY B 293 -18.88 -10.54 28.29
C GLY B 293 -17.27 -10.90 27.71
C GLY B 293 -17.86 -9.78 27.47
N GLN B 294 -16.27 -10.94 26.83
N GLN B 294 -17.11 -10.49 26.62
CA GLN B 294 -16.01 -9.83 25.92
CA GLN B 294 -16.11 -9.89 25.75
C GLN B 294 -17.00 -9.82 24.75
C GLN B 294 -16.72 -9.75 24.36
N ILE B 295 -17.06 -8.68 24.08
N ILE B 295 -17.43 -8.64 24.14
CA ILE B 295 -17.90 -8.49 22.90
CA ILE B 295 -18.13 -8.42 22.88
C ILE B 295 -17.00 -8.23 21.70
C ILE B 295 -17.11 -8.22 21.76
N VAL B 296 -17.20 -8.99 20.63
N VAL B 296 -17.29 -8.93 20.66
CA VAL B 296 -16.40 -8.86 19.41
CA VAL B 296 -16.46 -8.80 19.47
C VAL B 296 -17.34 -8.59 18.24
C VAL B 296 -17.37 -8.57 18.27
N THR B 297 -16.94 -7.65 17.38
CA THR B 297 -17.71 -7.32 16.19
C THR B 297 -16.96 -7.57 14.90
N GLU B 298 -15.65 -7.80 14.95
CA GLU B 298 -14.88 -8.05 13.74
C GLU B 298 -15.15 -9.45 13.21
N GLY B 299 -15.43 -9.55 11.92
CA GLY B 299 -15.75 -10.83 11.30
C GLY B 299 -17.20 -11.23 11.36
N ASN B 300 -18.05 -10.43 11.99
CA ASN B 300 -19.48 -10.70 12.08
C ASN B 300 -20.21 -9.75 11.14
N SER B 301 -20.67 -10.26 10.01
CA SER B 301 -21.28 -9.44 8.97
C SER B 301 -22.76 -9.75 8.84
N TRP B 302 -23.59 -8.71 8.73
CA TRP B 302 -25.03 -8.89 8.56
C TRP B 302 -25.38 -9.38 7.16
N SER B 303 -24.52 -9.13 6.17
CA SER B 303 -24.78 -9.58 4.81
C SER B 303 -24.79 -11.09 4.69
N ASP B 304 -24.21 -11.80 5.67
CA ASP B 304 -24.27 -13.25 5.69
C ASP B 304 -25.63 -13.77 6.14
N TYR B 305 -26.50 -12.90 6.67
CA TYR B 305 -27.80 -13.28 7.17
C TYR B 305 -28.96 -12.55 6.51
N ILE B 306 -28.69 -11.50 5.73
CA ILE B 306 -29.76 -10.72 5.14
C ILE B 306 -30.63 -11.58 4.22
N SER B 307 -29.99 -12.35 3.34
CA SER B 307 -30.74 -13.17 2.39
C SER B 307 -31.56 -14.24 3.11
N GLN B 308 -30.95 -14.91 4.09
CA GLN B 308 -31.67 -15.95 4.84
C GLN B 308 -32.85 -15.37 5.58
N ILE B 309 -32.68 -14.19 6.21
CA ILE B 309 -33.78 -13.56 6.92
C ILE B 309 -34.89 -13.17 5.96
N ASP B 310 -34.54 -12.56 4.83
CA ASP B 310 -35.55 -12.12 3.88
C ASP B 310 -36.27 -13.28 3.20
N SER B 311 -35.64 -14.45 3.12
CA SER B 311 -36.26 -15.56 2.41
C SER B 311 -37.43 -16.16 3.20
N ILE B 312 -37.36 -16.17 4.53
CA ILE B 312 -38.31 -16.92 5.34
C ILE B 312 -39.16 -16.00 6.21
N SER B 313 -39.27 -14.73 5.86
CA SER B 313 -39.95 -13.77 6.72
C SER B 313 -40.95 -12.95 5.91
N ALA B 314 -41.84 -12.28 6.66
CA ALA B 314 -42.76 -11.29 6.10
C ALA B 314 -42.42 -9.93 6.68
N SER B 315 -42.47 -8.90 5.85
CA SER B 315 -42.08 -7.55 6.23
C SER B 315 -43.32 -6.77 6.67
N ILE B 316 -43.30 -6.30 7.92
CA ILE B 316 -44.39 -5.52 8.50
C ILE B 316 -43.82 -4.19 8.97
N ILE B 317 -44.48 -3.09 8.59
CA ILE B 317 -44.02 -1.75 8.92
C ILE B 317 -45.16 -0.98 9.59
N LEU B 318 -44.86 -0.36 10.73
CA LEU B 318 -45.78 0.54 11.40
C LEU B 318 -45.22 1.96 11.28
N ASP B 319 -46.01 2.85 10.69
CA ASP B 319 -45.51 4.18 10.36
C ASP B 319 -45.63 5.15 11.52
N THR B 320 -46.77 5.16 12.20
CA THR B 320 -47.03 6.05 13.35
C THR B 320 -46.86 7.50 12.86
N GLU B 321 -46.43 8.41 13.72
CA GLU B 321 -46.33 9.83 13.38
C GLU B 321 -44.90 10.34 13.45
N ASN B 322 -44.20 10.13 14.55
CA ASN B 322 -42.89 10.72 14.76
C ASN B 322 -41.74 9.71 14.62
N GLU B 323 -42.03 8.48 14.25
CA GLU B 323 -40.99 7.48 14.03
C GLU B 323 -41.59 6.26 13.35
N SER B 324 -40.84 5.69 12.42
CA SER B 324 -41.25 4.50 11.68
C SER B 324 -40.56 3.26 12.25
N TYR B 325 -41.25 2.12 12.16
CA TYR B 325 -40.74 0.86 12.66
C TYR B 325 -40.90 -0.20 11.58
N GLU B 326 -39.81 -0.94 11.30
CA GLU B 326 -39.83 -2.01 10.33
C GLU B 326 -39.39 -3.31 11.01
N ARG B 327 -40.09 -4.39 10.69
CA ARG B 327 -39.89 -5.66 11.37
C ARG B 327 -39.91 -6.81 10.38
N ARG B 328 -39.31 -7.93 10.79
CA ARG B 328 -39.36 -9.19 10.06
C ARG B 328 -39.84 -10.29 11.00
N VAL B 329 -40.84 -11.03 10.57
CA VAL B 329 -41.46 -12.08 11.38
C VAL B 329 -41.41 -13.39 10.61
N THR B 330 -40.97 -14.45 11.27
CA THR B 330 -40.83 -15.75 10.62
C THR B 330 -42.20 -16.31 10.25
N ALA B 331 -42.33 -16.78 9.02
CA ALA B 331 -43.58 -17.31 8.51
C ALA B 331 -43.41 -18.78 8.14
N LYS B 332 -44.49 -19.53 8.27
CA LYS B 332 -44.47 -20.97 8.07
C LYS B 332 -44.69 -21.32 6.61
N ASN B 333 -43.95 -22.32 6.13
CA ASN B 333 -44.14 -22.86 4.79
C ASN B 333 -44.94 -24.15 4.90
N LEU B 334 -46.12 -24.17 4.29
CA LEU B 334 -47.00 -25.33 4.41
C LEU B 334 -46.72 -26.42 3.38
N GLN B 335 -45.92 -26.13 2.36
CA GLN B 335 -45.56 -27.16 1.38
C GLN B 335 -44.46 -28.09 1.88
N ASP B 336 -43.77 -27.73 2.96
CA ASP B 336 -42.72 -28.57 3.53
C ASP B 336 -43.23 -29.19 4.82
N PRO B 337 -43.45 -30.52 4.87
CA PRO B 337 -43.87 -31.14 6.13
C PRO B 337 -42.82 -31.03 7.23
N GLU B 338 -41.56 -30.82 6.88
CA GLU B 338 -40.49 -30.73 7.85
C GLU B 338 -40.32 -29.34 8.44
N ASP B 339 -41.09 -28.36 7.98
CA ASP B 339 -41.04 -27.01 8.52
C ASP B 339 -41.87 -26.97 9.79
N LYS B 340 -41.20 -26.99 10.93
CA LYS B 340 -41.84 -27.08 12.24
C LYS B 340 -42.05 -25.73 12.89
N THR B 341 -41.80 -24.64 12.18
CA THR B 341 -41.97 -23.31 12.77
C THR B 341 -43.43 -23.06 13.10
N PRO B 342 -43.72 -22.38 14.21
CA PRO B 342 -45.12 -22.13 14.57
C PRO B 342 -45.81 -21.23 13.57
N GLU B 343 -47.12 -21.45 13.42
CA GLU B 343 -47.94 -20.67 12.52
C GLU B 343 -48.57 -19.49 13.26
N LEU B 344 -48.73 -18.38 12.55
CA LEU B 344 -49.24 -17.15 13.13
C LEU B 344 -50.24 -16.51 12.18
N THR B 345 -51.18 -15.76 12.75
CA THR B 345 -52.04 -14.89 11.98
C THR B 345 -51.42 -13.50 11.92
N ILE B 346 -52.06 -12.60 11.19
CA ILE B 346 -51.52 -11.24 11.05
C ILE B 346 -51.58 -10.51 12.39
N GLY B 347 -52.65 -10.73 13.16
CA GLY B 347 -52.83 -10.07 14.44
C GLY B 347 -51.74 -10.34 15.45
N GLU B 348 -51.51 -11.61 15.81
CA GLU B 348 -50.49 -11.90 16.80
C GLU B 348 -49.09 -11.67 16.24
N ALA B 349 -48.92 -11.76 14.93
CA ALA B 349 -47.63 -11.38 14.33
C ALA B 349 -47.34 -9.91 14.57
N ILE B 350 -48.34 -9.05 14.36
CA ILE B 350 -48.18 -7.62 14.64
C ILE B 350 -47.90 -7.40 16.11
N GLU B 351 -48.66 -8.09 16.98
CA GLU B 351 -48.50 -7.91 18.42
C GLU B 351 -47.10 -8.30 18.89
N LYS B 352 -46.56 -9.39 18.35
CA LYS B 352 -45.21 -9.80 18.70
C LYS B 352 -44.17 -8.86 18.12
N ALA B 353 -44.36 -8.42 16.88
CA ALA B 353 -43.36 -7.58 16.22
C ALA B 353 -43.25 -6.22 16.89
N PHE B 354 -44.35 -5.66 17.37
CA PHE B 354 -44.34 -4.32 17.94
C PHE B 354 -44.60 -4.30 19.44
N GLY B 355 -44.68 -5.46 20.08
CA GLY B 355 -44.89 -5.50 21.51
C GLY B 355 -46.17 -4.86 21.98
N ALA B 356 -47.25 -5.00 21.21
CA ALA B 356 -48.51 -4.37 21.57
C ALA B 356 -49.19 -5.10 22.71
N THR B 357 -50.08 -4.39 23.39
CA THR B 357 -50.87 -4.93 24.49
C THR B 357 -52.35 -4.90 24.13
N LYS B 358 -53.11 -5.78 24.77
CA LYS B 358 -54.54 -5.91 24.52
C LYS B 358 -55.32 -5.50 25.76
N LYS B 359 -56.29 -4.62 25.59
CA LYS B 359 -57.18 -4.22 26.68
C LYS B 359 -58.45 -5.05 26.68
N ASP B 360 -59.22 -5.00 25.59
CA ASP B 360 -60.46 -5.74 25.46
C ASP B 360 -60.56 -6.35 24.07
N GLY B 361 -59.45 -6.93 23.60
CA GLY B 361 -59.40 -7.57 22.30
C GLY B 361 -58.80 -6.73 21.19
N LEU B 362 -58.40 -5.50 21.48
CA LEU B 362 -57.81 -4.62 20.49
C LEU B 362 -56.35 -4.35 20.84
N LEU B 363 -55.53 -4.17 19.81
CA LEU B 363 -54.10 -3.94 19.98
C LEU B 363 -53.81 -2.45 20.15
N TYR B 364 -52.91 -2.14 21.07
CA TYR B 364 -52.46 -0.78 21.31
C TYR B 364 -50.94 -0.76 21.31
N PHE B 365 -50.36 0.18 20.57
CA PHE B 365 -48.90 0.26 20.51
C PHE B 365 -48.34 0.85 21.81
N ASN B 366 -48.63 2.11 22.08
CA ASN B 366 -48.45 2.69 23.40
C ASN B 366 -49.78 3.14 23.99
N ASP B 367 -50.49 4.01 23.28
CA ASP B 367 -51.91 4.28 23.54
C ASP B 367 -52.72 4.37 22.26
N ILE B 368 -52.08 4.51 21.10
CA ILE B 368 -52.81 4.58 19.83
C ILE B 368 -53.38 3.20 19.50
N PRO B 369 -54.66 3.08 19.16
CA PRO B 369 -55.20 1.78 18.77
C PRO B 369 -54.70 1.40 17.38
N ILE B 370 -54.05 0.24 17.29
CA ILE B 370 -53.51 -0.23 16.02
C ILE B 370 -54.31 -1.44 15.54
N ASP B 371 -55.58 -1.50 15.95
CA ASP B 371 -56.47 -2.52 15.42
C ASP B 371 -56.81 -2.20 13.97
N GLU B 372 -57.17 -3.24 13.21
CA GLU B 372 -57.38 -3.10 11.78
C GLU B 372 -58.51 -2.13 11.45
N SER B 373 -59.45 -1.93 12.36
CA SER B 373 -60.55 -0.99 12.12
C SER B 373 -60.18 0.45 12.42
N CYS B 374 -59.03 0.70 13.03
CA CYS B 374 -58.63 2.03 13.43
C CYS B 374 -57.42 2.56 12.68
N VAL B 375 -56.90 1.83 11.69
CA VAL B 375 -55.71 2.22 10.95
C VAL B 375 -55.95 1.96 9.47
N GLU B 376 -54.98 2.37 8.66
CA GLU B 376 -54.96 2.09 7.23
C GLU B 376 -53.99 0.94 6.98
N LEU B 377 -54.45 -0.07 6.24
CA LEU B 377 -53.62 -1.22 5.87
C LEU B 377 -53.33 -1.15 4.39
N ILE B 378 -52.06 -1.15 4.03
CA ILE B 378 -51.61 -1.05 2.65
C ILE B 378 -50.82 -2.31 2.32
N PHE B 379 -51.17 -2.95 1.21
CA PHE B 379 -50.55 -4.18 0.78
C PHE B 379 -50.11 -4.05 -0.67
N ASP B 380 -49.10 -4.82 -1.05
CA ASP B 380 -48.76 -4.95 -2.46
C ASP B 380 -49.71 -5.94 -3.12
N ASP B 381 -49.58 -6.10 -4.44
CA ASP B 381 -50.57 -6.85 -5.21
C ASP B 381 -50.63 -8.31 -4.75
N ASN B 382 -49.48 -8.94 -4.52
CA ASN B 382 -49.46 -10.34 -4.10
C ASN B 382 -50.13 -10.50 -2.73
N THR B 383 -49.80 -9.64 -1.78
CA THR B 383 -50.40 -9.73 -0.45
C THR B 383 -51.89 -9.44 -0.52
N ALA B 384 -52.30 -8.47 -1.34
CA ALA B 384 -53.72 -8.19 -1.49
C ALA B 384 -54.48 -9.40 -2.02
N ASN B 385 -53.92 -10.05 -3.06
CA ASN B 385 -54.56 -11.25 -3.60
C ASN B 385 -54.62 -12.36 -2.56
N LYS B 386 -53.53 -12.56 -1.81
CA LYS B 386 -53.51 -13.62 -0.80
C LYS B 386 -54.54 -13.37 0.28
N ILE B 387 -54.65 -12.13 0.76
CA ILE B 387 -55.61 -11.80 1.79
C ILE B 387 -57.04 -11.95 1.27
N LYS B 388 -57.28 -11.51 0.03
CA LYS B 388 -58.61 -11.67 -0.55
C LYS B 388 -58.99 -13.14 -0.66
N ASP B 389 -58.05 -13.99 -1.09
CA ASP B 389 -58.33 -15.41 -1.20
C ASP B 389 -58.57 -16.03 0.18
N SER B 390 -57.79 -15.63 1.18
CA SER B 390 -57.90 -16.26 2.49
C SER B 390 -59.16 -15.81 3.25
N LEU B 391 -59.65 -14.59 2.99
CA LEU B 391 -60.81 -14.09 3.72
C LEU B 391 -62.07 -14.88 3.39
N LYS B 392 -62.28 -15.23 2.12
CA LYS B 392 -63.54 -15.84 1.72
C LYS B 392 -63.72 -17.23 2.33
N THR B 393 -62.62 -17.95 2.56
CA THR B 393 -62.68 -19.28 3.16
C THR B 393 -62.62 -19.25 4.67
N LEU B 394 -62.75 -18.09 5.29
CA LEU B 394 -62.67 -17.95 6.73
C LEU B 394 -64.06 -17.69 7.32
N SER B 395 -64.19 -17.96 8.61
CA SER B 395 -65.47 -17.80 9.29
C SER B 395 -65.63 -16.41 9.89
N ASP B 396 -64.67 -15.99 10.72
CA ASP B 396 -64.73 -14.66 11.32
C ASP B 396 -64.62 -13.56 10.26
N LYS B 397 -63.78 -13.77 9.24
CA LYS B 397 -63.58 -12.83 8.14
C LYS B 397 -63.09 -11.47 8.64
N LYS B 398 -61.90 -11.49 9.24
CA LYS B 398 -61.17 -10.28 9.59
C LYS B 398 -59.77 -10.38 9.01
N ILE B 399 -59.20 -9.22 8.66
CA ILE B 399 -57.87 -9.20 8.06
C ILE B 399 -56.83 -9.75 9.03
N TYR B 400 -56.95 -9.38 10.32
CA TYR B 400 -55.97 -9.79 11.31
C TYR B 400 -56.00 -11.30 11.57
N ASN B 401 -57.04 -12.00 11.14
CA ASN B 401 -57.14 -13.43 11.37
C ASN B 401 -56.63 -14.26 10.20
N VAL B 402 -56.11 -13.63 9.15
CA VAL B 402 -55.51 -14.34 8.02
C VAL B 402 -54.13 -14.84 8.42
N LYS B 403 -53.80 -16.06 7.99
CA LYS B 403 -52.50 -16.64 8.28
C LYS B 403 -51.39 -15.83 7.62
N LEU B 404 -50.29 -15.65 8.34
CA LEU B 404 -49.14 -14.92 7.84
C LEU B 404 -48.31 -15.80 6.92
N GLU B 405 -47.95 -15.26 5.76
CA GLU B 405 -47.27 -16.02 4.72
C GLU B 405 -46.00 -15.28 4.30
N ARG B 406 -45.00 -16.06 3.86
CA ARG B 406 -43.75 -15.49 3.41
C ARG B 406 -43.97 -14.61 2.17
N GLY B 407 -43.15 -13.56 2.08
CA GLY B 407 -43.25 -12.63 0.98
C GLY B 407 -44.32 -11.57 1.14
N MET B 408 -44.97 -11.49 2.30
CA MET B 408 -46.01 -10.50 2.52
C MET B 408 -45.40 -9.13 2.80
N ASN B 409 -46.16 -8.09 2.44
CA ASN B 409 -45.78 -6.70 2.69
C ASN B 409 -46.97 -5.98 3.30
N ILE B 410 -46.85 -5.60 4.57
CA ILE B 410 -47.93 -4.95 5.30
C ILE B 410 -47.42 -3.61 5.82
N LEU B 411 -48.17 -2.55 5.55
CA LEU B 411 -47.88 -1.21 6.07
C LEU B 411 -49.07 -0.74 6.89
N ILE B 412 -48.80 -0.33 8.13
CA ILE B 412 -49.82 0.15 9.05
C ILE B 412 -49.60 1.65 9.23
N LYS B 413 -50.54 2.45 8.75
CA LYS B 413 -50.46 3.89 8.87
C LYS B 413 -51.49 4.36 9.90
N THR B 414 -51.01 4.83 11.04
CA THR B 414 -51.91 5.32 12.07
C THR B 414 -52.48 6.68 11.66
N PRO B 415 -53.76 6.93 11.93
CA PRO B 415 -54.36 8.20 11.52
C PRO B 415 -53.81 9.39 12.30
N THR B 416 -53.85 10.55 11.66
CA THR B 416 -53.49 11.79 12.34
C THR B 416 -54.57 12.18 13.35
N TYR B 417 -55.84 12.10 12.94
CA TYR B 417 -56.98 12.33 13.82
C TYR B 417 -57.94 11.17 13.70
N PHE B 418 -58.44 10.69 14.83
CA PHE B 418 -59.28 9.51 14.86
C PHE B 418 -60.27 9.62 15.99
N THR B 419 -61.44 9.02 15.80
CA THR B 419 -62.46 8.97 16.84
C THR B 419 -63.26 7.68 16.68
N ASN B 420 -63.69 7.13 17.80
CA ASN B 420 -64.58 5.98 17.83
C ASN B 420 -65.79 6.18 18.71
N PHE B 421 -65.92 7.35 19.35
CA PHE B 421 -67.05 7.73 20.18
C PHE B 421 -67.19 6.86 21.43
N ASP B 422 -66.14 6.13 21.80
CA ASP B 422 -66.15 5.31 23.00
C ASP B 422 -65.14 5.78 24.03
N ASP B 423 -63.85 5.81 23.68
CA ASP B 423 -62.81 6.23 24.60
C ASP B 423 -61.72 7.08 23.96
N TYR B 424 -61.62 7.13 22.64
CA TYR B 424 -60.54 7.82 21.96
C TYR B 424 -61.12 8.98 21.16
N ASN B 425 -60.58 10.18 21.41
CA ASN B 425 -60.93 11.36 20.62
C ASN B 425 -59.69 12.24 20.52
N ASN B 426 -59.16 12.37 19.31
CA ASN B 426 -57.93 13.10 19.08
C ASN B 426 -58.17 14.39 18.29
N TYR B 427 -59.38 14.59 17.78
CA TYR B 427 -59.66 15.75 16.95
C TYR B 427 -59.46 17.04 17.73
N PRO B 428 -58.94 18.10 17.09
CA PRO B 428 -58.82 19.38 17.81
C PRO B 428 -60.15 20.06 18.05
N SER B 429 -61.00 20.13 17.04
CA SER B 429 -62.32 20.74 17.16
C SER B 429 -63.37 19.67 17.45
N THR B 430 -64.65 20.04 17.42
CA THR B 430 -65.73 19.18 17.87
C THR B 430 -66.74 18.98 16.76
N TRP B 431 -67.28 17.76 16.66
CA TRP B 431 -68.31 17.46 15.70
C TRP B 431 -69.62 18.14 16.08
N SER B 432 -70.50 18.30 15.08
CA SER B 432 -71.69 19.11 15.24
C SER B 432 -72.64 18.53 16.30
N ASN B 433 -73.00 17.25 16.15
CA ASN B 433 -73.92 16.61 17.08
C ASN B 433 -73.60 15.12 17.15
N VAL B 434 -73.70 14.56 18.36
CA VAL B 434 -73.31 13.19 18.60
C VAL B 434 -74.41 12.46 19.36
N ASN B 435 -74.40 11.13 19.23
CA ASN B 435 -75.29 10.24 19.99
C ASN B 435 -74.46 9.03 20.42
N THR B 436 -73.88 9.13 21.62
CA THR B 436 -73.09 8.05 22.21
C THR B 436 -73.86 7.30 23.29
N THR B 437 -75.19 7.20 23.14
CA THR B 437 -76.05 6.65 24.17
C THR B 437 -76.67 5.32 23.75
N ASN B 438 -76.01 4.59 22.85
CA ASN B 438 -76.49 3.29 22.41
C ASN B 438 -75.31 2.38 22.15
N GLN B 439 -75.56 1.07 22.21
CA GLN B 439 -74.52 0.06 21.97
C GLN B 439 -74.66 -0.45 20.55
N ASP B 440 -74.22 0.39 19.60
CA ASP B 440 -74.18 0.00 18.20
C ASP B 440 -72.85 0.42 17.59
N GLY B 441 -72.72 0.34 16.27
CA GLY B 441 -71.46 0.60 15.65
C GLY B 441 -70.50 -0.57 15.82
N LEU B 442 -69.22 -0.30 15.54
CA LEU B 442 -68.21 -1.34 15.70
C LEU B 442 -68.13 -1.82 17.14
N GLN B 443 -68.02 -0.89 18.10
CA GLN B 443 -68.04 -1.24 19.53
C GLN B 443 -68.82 -0.16 20.28
N GLY B 444 -70.13 -0.35 20.40
CA GLY B 444 -70.94 0.47 21.28
C GLY B 444 -70.94 1.96 21.02
N SER B 445 -71.07 2.37 19.75
CA SER B 445 -71.12 3.79 19.43
C SER B 445 -71.70 3.97 18.03
N ALA B 446 -72.66 4.87 17.91
CA ALA B 446 -73.34 5.12 16.64
C ALA B 446 -73.08 6.51 16.09
N ASN B 447 -73.41 7.56 16.86
CA ASN B 447 -73.27 8.95 16.44
C ASN B 447 -73.89 9.18 15.05
N LYS B 448 -75.21 8.98 14.99
CA LYS B 448 -75.96 9.33 13.80
C LYS B 448 -77.43 9.44 14.15
N LEU B 449 -78.00 10.61 13.86
CA LEU B 449 -79.44 10.84 13.99
C LEU B 449 -79.94 11.53 12.72
N ASN B 450 -81.18 12.02 12.73
CA ASN B 450 -81.74 12.65 11.55
C ASN B 450 -81.06 13.97 11.19
N GLY B 451 -80.23 14.52 12.07
CA GLY B 451 -79.46 15.70 11.75
C GLY B 451 -78.26 15.38 10.89
N GLU B 452 -77.40 16.39 10.75
CA GLU B 452 -76.19 16.27 9.94
C GLU B 452 -74.96 16.53 10.80
N THR B 453 -73.84 15.96 10.36
CA THR B 453 -72.56 16.08 11.06
C THR B 453 -71.68 17.12 10.38
N LYS B 454 -71.08 18.00 11.18
CA LYS B 454 -70.20 19.04 10.68
C LYS B 454 -68.93 19.07 11.52
N ILE B 455 -67.81 19.39 10.87
CA ILE B 455 -66.53 19.51 11.54
C ILE B 455 -65.67 20.48 10.76
N LYS B 456 -64.93 21.33 11.47
CA LYS B 456 -64.10 22.36 10.87
C LYS B 456 -62.68 22.25 11.43
N ILE B 457 -61.73 21.95 10.56
CA ILE B 457 -60.33 21.84 10.95
C ILE B 457 -59.70 23.23 10.90
N PRO B 458 -59.07 23.71 11.98
CA PRO B 458 -58.55 25.09 12.00
C PRO B 458 -57.46 25.36 10.97
N MET B 459 -57.03 24.34 10.22
CA MET B 459 -56.13 24.48 9.06
C MET B 459 -54.71 24.80 9.53
N SER B 460 -54.54 25.05 10.82
CA SER B 460 -53.22 25.29 11.40
C SER B 460 -52.60 24.04 12.00
N GLU B 461 -53.28 22.90 11.93
CA GLU B 461 -52.81 21.67 12.54
C GLU B 461 -52.57 20.57 11.51
N LEU B 462 -52.48 20.92 10.24
CA LEU B 462 -52.22 19.96 9.17
C LEU B 462 -51.06 20.47 8.33
N LYS B 463 -50.40 19.54 7.64
CA LYS B 463 -49.28 19.90 6.79
C LYS B 463 -49.75 20.73 5.60
N PRO B 464 -48.93 21.68 5.15
CA PRO B 464 -49.38 22.64 4.12
C PRO B 464 -49.78 21.97 2.81
N TYR B 465 -48.88 21.20 2.20
CA TYR B 465 -49.14 20.54 0.92
C TYR B 465 -48.92 19.05 1.09
N LYS B 466 -49.96 18.36 1.57
CA LYS B 466 -49.94 16.91 1.73
C LYS B 466 -51.36 16.39 1.52
N ARG B 467 -51.47 15.35 0.70
CA ARG B 467 -52.77 14.77 0.37
C ARG B 467 -53.20 13.79 1.45
N TYR B 468 -54.41 14.00 1.99
CA TYR B 468 -54.96 13.22 3.09
C TYR B 468 -56.07 12.31 2.58
N VAL B 469 -56.48 11.40 3.46
CA VAL B 469 -57.59 10.49 3.18
C VAL B 469 -58.53 10.51 4.37
N PHE B 470 -59.82 10.72 4.10
CA PHE B 470 -60.86 10.67 5.13
C PHE B 470 -61.65 9.39 4.96
N SER B 471 -61.68 8.57 6.01
CA SER B 471 -62.37 7.30 5.97
C SER B 471 -63.26 7.15 7.21
N GLY B 472 -64.05 6.08 7.20
CA GLY B 472 -64.94 5.77 8.29
C GLY B 472 -65.79 4.58 7.92
N TYR B 473 -66.65 4.18 8.86
CA TYR B 473 -67.54 3.06 8.66
C TYR B 473 -68.99 3.51 8.78
N SER B 474 -69.88 2.86 8.02
CA SER B 474 -71.29 3.17 8.02
C SER B 474 -72.10 1.89 7.85
N LYS B 475 -73.35 1.92 8.33
CA LYS B 475 -74.23 0.77 8.22
C LYS B 475 -75.67 1.21 8.38
N ASP B 476 -76.55 0.61 7.58
CA ASP B 476 -77.99 0.73 7.75
C ASP B 476 -78.59 -0.66 7.90
N PRO B 477 -79.32 -0.93 8.98
CA PRO B 477 -79.94 -2.25 9.13
C PRO B 477 -80.88 -2.61 7.98
N LEU B 478 -81.54 -1.62 7.39
CA LEU B 478 -82.35 -1.82 6.21
C LEU B 478 -82.03 -0.72 5.20
N THR B 479 -82.23 -1.04 3.93
CA THR B 479 -81.84 -0.13 2.85
C THR B 479 -82.57 1.20 2.98
N SER B 480 -81.81 2.29 2.85
CA SER B 480 -82.34 3.64 3.00
C SER B 480 -81.67 4.53 1.96
N ASN B 481 -81.82 5.84 2.13
CA ASN B 481 -81.30 6.80 1.17
C ASN B 481 -79.77 6.87 1.24
N SER B 482 -79.18 7.45 0.20
CA SER B 482 -77.74 7.61 0.13
C SER B 482 -77.30 8.86 0.90
N ILE B 483 -76.00 9.10 0.91
CA ILE B 483 -75.40 10.20 1.65
C ILE B 483 -74.62 11.08 0.69
N ILE B 484 -74.74 12.39 0.86
CA ILE B 484 -73.99 13.37 0.09
C ILE B 484 -72.84 13.87 0.95
N VAL B 485 -71.61 13.57 0.53
CA VAL B 485 -70.41 13.95 1.27
C VAL B 485 -69.78 15.12 0.53
N LYS B 486 -69.79 16.29 1.18
CA LYS B 486 -69.28 17.53 0.59
C LYS B 486 -67.98 17.89 1.29
N ILE B 487 -66.86 17.61 0.65
CA ILE B 487 -65.54 17.83 1.20
C ILE B 487 -64.97 19.10 0.58
N LYS B 488 -64.58 20.05 1.43
CA LYS B 488 -63.97 21.30 0.98
C LYS B 488 -62.71 21.52 1.81
N ALA B 489 -61.56 21.19 1.24
CA ALA B 489 -60.27 21.52 1.84
C ALA B 489 -59.47 22.44 0.93
N LYS B 490 -59.28 22.06 -0.33
CA LYS B 490 -58.70 22.94 -1.33
C LYS B 490 -59.57 23.08 -2.58
N GLU B 491 -60.58 22.24 -2.74
CA GLU B 491 -61.64 22.44 -3.73
C GLU B 491 -62.93 21.82 -3.18
N GLU B 492 -64.05 22.19 -3.79
CA GLU B 492 -65.35 21.67 -3.41
C GLU B 492 -65.63 20.43 -4.25
N LYS B 493 -65.46 19.26 -3.64
CA LYS B 493 -65.73 17.99 -4.29
C LYS B 493 -66.79 17.23 -3.50
N THR B 494 -67.71 16.60 -4.21
CA THR B 494 -68.79 15.85 -3.59
C THR B 494 -68.91 14.46 -4.20
N ASP B 495 -69.26 13.50 -3.35
CA ASP B 495 -69.42 12.11 -3.74
C ASP B 495 -70.67 11.56 -3.07
N TYR B 496 -71.26 10.54 -3.68
CA TYR B 496 -72.49 9.93 -3.18
C TYR B 496 -72.14 8.64 -2.46
N LEU B 497 -72.61 8.51 -1.22
CA LEU B 497 -72.32 7.35 -0.38
C LEU B 497 -73.60 6.53 -0.20
N VAL B 498 -73.56 5.28 -0.63
CA VAL B 498 -74.69 4.37 -0.46
C VAL B 498 -74.29 3.27 0.51
N PRO B 499 -74.72 3.34 1.77
CA PRO B 499 -74.33 2.31 2.75
C PRO B 499 -75.11 1.03 2.53
N GLU B 500 -74.57 -0.05 3.08
CA GLU B 500 -75.10 -1.39 2.87
C GLU B 500 -75.53 -2.00 4.20
N GLN B 501 -75.90 -3.29 4.16
CA GLN B 501 -76.37 -3.98 5.35
C GLN B 501 -75.28 -4.08 6.40
N GLY B 502 -74.04 -4.36 5.98
CA GLY B 502 -72.95 -4.58 6.89
C GLY B 502 -72.12 -3.34 7.13
N TYR B 503 -70.91 -3.55 7.64
CA TYR B 503 -69.96 -2.48 7.90
C TYR B 503 -68.94 -2.44 6.78
N THR B 504 -68.82 -1.27 6.14
CA THR B 504 -67.85 -1.05 5.09
C THR B 504 -67.28 0.35 5.25
N LYS B 505 -66.12 0.57 4.62
CA LYS B 505 -65.46 1.86 4.67
C LYS B 505 -65.41 2.50 3.29
N PHE B 506 -65.63 3.81 3.24
CA PHE B 506 -65.70 4.55 1.99
C PHE B 506 -64.37 5.18 1.58
N SER B 507 -63.66 5.82 2.51
CA SER B 507 -62.30 6.32 2.29
C SER B 507 -62.26 7.32 1.14
N TYR B 508 -62.94 8.44 1.35
CA TYR B 508 -62.89 9.55 0.41
C TYR B 508 -61.63 10.37 0.62
N GLU B 509 -61.03 10.80 -0.49
CA GLU B 509 -59.72 11.45 -0.48
C GLU B 509 -59.86 12.94 -0.75
N PHE B 510 -59.14 13.74 0.04
CA PHE B 510 -59.06 15.17 -0.18
C PHE B 510 -57.60 15.62 -0.14
N GLU B 511 -57.39 16.90 -0.41
CA GLU B 511 -56.06 17.49 -0.51
C GLU B 511 -56.07 18.84 0.21
N THR B 512 -54.92 19.22 0.77
CA THR B 512 -54.74 20.55 1.35
C THR B 512 -53.46 21.15 0.79
N THR B 513 -53.56 22.38 0.26
CA THR B 513 -52.43 23.02 -0.40
C THR B 513 -52.35 24.52 -0.11
N GLU B 514 -52.83 24.97 1.05
CA GLU B 514 -52.97 26.40 1.27
C GLU B 514 -52.13 26.93 2.42
N LYS B 515 -52.29 26.38 3.63
CA LYS B 515 -51.60 26.83 4.84
C LYS B 515 -52.05 28.22 5.29
N ASP B 516 -52.88 28.88 4.49
CA ASP B 516 -53.38 30.21 4.84
C ASP B 516 -54.84 30.44 4.46
N SER B 517 -55.53 29.46 3.90
CA SER B 517 -56.91 29.64 3.46
C SER B 517 -57.85 29.50 4.65
N SER B 518 -59.14 29.39 4.36
CA SER B 518 -60.15 29.19 5.39
C SER B 518 -59.98 27.79 6.00
N ASN B 519 -60.81 27.50 6.99
CA ASN B 519 -60.76 26.22 7.67
C ASN B 519 -61.21 25.11 6.75
N ILE B 520 -60.66 23.91 6.98
CA ILE B 520 -61.08 22.74 6.20
C ILE B 520 -62.49 22.35 6.62
N GLU B 521 -63.37 22.18 5.63
CA GLU B 521 -64.80 22.02 5.87
C GLU B 521 -65.27 20.74 5.16
N ILE B 522 -65.54 19.70 5.95
CA ILE B 522 -66.07 18.44 5.44
C ILE B 522 -67.38 18.14 6.17
N THR B 523 -68.42 17.81 5.41
CA THR B 523 -69.74 17.54 5.95
C THR B 523 -70.33 16.31 5.27
N LEU B 524 -71.35 15.74 5.93
CA LEU B 524 -71.94 14.48 5.49
C LEU B 524 -73.44 14.62 5.30
N ILE B 525 -73.86 15.63 4.55
CA ILE B 525 -75.28 15.91 4.30
C ILE B 525 -76.00 14.64 3.87
N GLY B 526 -77.05 14.29 4.60
CA GLY B 526 -77.79 13.07 4.35
C GLY B 526 -78.17 12.35 5.63
N SER B 527 -79.46 12.03 5.77
CA SER B 527 -79.95 11.38 6.98
C SER B 527 -80.77 10.15 6.61
N GLY B 528 -81.56 9.64 7.55
CA GLY B 528 -82.32 8.42 7.30
C GLY B 528 -82.04 7.32 8.31
N THR B 529 -81.59 7.70 9.51
CA THR B 529 -81.33 6.77 10.60
C THR B 529 -80.33 5.69 10.20
N THR B 530 -79.21 6.16 9.63
CA THR B 530 -78.08 5.29 9.32
C THR B 530 -77.16 5.25 10.53
N TYR B 531 -75.94 4.73 10.35
CA TYR B 531 -75.00 4.62 11.45
C TYR B 531 -73.59 4.94 10.96
N LEU B 532 -72.72 5.30 11.92
CA LEU B 532 -71.34 5.63 11.63
C LEU B 532 -70.47 5.13 12.77
N ASP B 533 -69.17 4.98 12.49
CA ASP B 533 -68.19 4.61 13.50
C ASP B 533 -66.79 4.70 12.91
N ASN B 534 -65.82 5.00 13.78
CA ASN B 534 -64.40 4.98 13.45
C ASN B 534 -64.08 5.90 12.27
N LEU B 535 -64.29 7.19 12.51
CA LEU B 535 -63.94 8.21 11.52
C LEU B 535 -62.51 8.69 11.76
N SER B 536 -61.72 8.75 10.68
CA SER B 536 -60.33 9.13 10.80
C SER B 536 -59.86 9.85 9.54
N ILE B 537 -58.81 10.65 9.69
CA ILE B 537 -58.15 11.32 8.59
C ILE B 537 -56.68 10.90 8.60
N THR B 538 -56.21 10.35 7.48
CA THR B 538 -54.87 9.80 7.39
C THR B 538 -54.12 10.43 6.22
N GLU B 539 -52.81 10.59 6.39
CA GLU B 539 -51.92 10.93 5.30
C GLU B 539 -51.67 9.69 4.45
N LEU B 540 -51.52 9.90 3.14
CA LEU B 540 -51.20 8.83 2.22
C LEU B 540 -50.00 9.25 1.38
N ASN B 541 -49.08 8.31 1.16
CA ASN B 541 -47.84 8.58 0.45
C ASN B 541 -47.72 7.58 -0.70
N SER B 542 -47.54 8.10 -1.92
CA SER B 542 -47.31 7.29 -3.11
C SER B 542 -46.60 8.15 -4.14
N THR B 543 -45.50 7.63 -4.69
CA THR B 543 -44.66 8.36 -5.64
C THR B 543 -44.36 7.51 -6.86
N PRO B 544 -45.35 7.29 -7.75
CA PRO B 544 -45.04 6.75 -9.08
C PRO B 544 -44.80 7.87 -10.07
N GLU B 545 -43.66 7.82 -10.79
CA GLU B 545 -43.30 8.92 -11.67
C GLU B 545 -43.74 8.69 -13.11
N ILE B 546 -43.24 7.63 -13.75
CA ILE B 546 -43.49 7.39 -15.16
C ILE B 546 -44.09 6.00 -15.38
N LEU B 547 -43.50 4.98 -14.76
CA LEU B 547 -43.95 3.59 -14.81
C LEU B 547 -43.91 3.00 -16.22
N ASP B 548 -43.40 3.73 -17.20
CA ASP B 548 -43.32 3.22 -18.57
C ASP B 548 -42.27 4.01 -19.33
N GLU B 549 -41.78 3.42 -20.41
CA GLU B 549 -40.77 4.03 -21.26
C GLU B 549 -41.22 3.97 -22.72
N PRO B 550 -40.82 4.94 -23.53
CA PRO B 550 -41.25 4.96 -24.93
C PRO B 550 -40.61 3.84 -25.74
N GLU B 551 -41.30 3.43 -26.79
CA GLU B 551 -40.78 2.44 -27.71
C GLU B 551 -39.70 3.06 -28.61
N VAL B 552 -39.02 2.19 -29.36
CA VAL B 552 -37.98 2.69 -30.27
C VAL B 552 -38.60 3.50 -31.40
N LYS B 553 -39.68 2.99 -32.00
CA LYS B 553 -40.43 3.71 -33.04
C LYS B 553 -39.51 4.13 -34.20
N ILE B 554 -39.00 3.10 -34.90
CA ILE B 554 -38.10 3.38 -36.03
C ILE B 554 -38.84 4.20 -37.07
N PRO B 555 -38.20 5.21 -37.68
CA PRO B 555 -38.92 6.07 -38.61
C PRO B 555 -39.24 5.37 -39.92
N THR B 556 -40.28 5.85 -40.59
CA THR B 556 -40.58 5.43 -41.94
C THR B 556 -39.69 6.18 -42.92
N ASP B 557 -39.73 5.76 -44.18
CA ASP B 557 -38.89 6.40 -45.21
C ASP B 557 -39.31 7.85 -45.41
N GLN B 558 -40.62 8.13 -45.40
CA GLN B 558 -41.09 9.49 -45.59
C GLN B 558 -40.61 10.41 -44.48
N GLU B 559 -40.64 9.94 -43.24
CA GLU B 559 -40.15 10.75 -42.13
C GLU B 559 -38.66 11.01 -42.27
N ILE B 560 -37.90 9.99 -42.69
CA ILE B 560 -36.46 10.16 -42.90
C ILE B 560 -36.21 11.20 -43.98
N MET B 561 -37.02 11.20 -45.04
CA MET B 561 -36.83 12.16 -46.12
C MET B 561 -37.21 13.57 -45.67
N ASP B 562 -38.26 13.70 -44.87
CA ASP B 562 -38.65 15.03 -44.40
C ASP B 562 -37.70 15.57 -43.34
N ALA B 563 -36.98 14.68 -42.64
CA ALA B 563 -36.00 15.13 -41.67
C ALA B 563 -34.83 15.86 -42.32
N HIS B 564 -34.59 15.63 -43.61
CA HIS B 564 -33.48 16.25 -44.33
C HIS B 564 -33.95 17.37 -45.26
N LYS B 565 -35.16 17.87 -45.06
CA LYS B 565 -35.72 18.85 -46.00
C LYS B 565 -35.03 20.20 -45.88
N ILE B 566 -34.64 20.59 -44.66
CA ILE B 566 -33.96 21.85 -44.41
C ILE B 566 -32.46 21.56 -44.28
N TYR B 567 -31.64 22.34 -44.97
CA TYR B 567 -30.21 22.10 -45.00
C TYR B 567 -29.48 23.40 -45.30
N PHE B 568 -28.19 23.40 -45.00
CA PHE B 568 -27.29 24.49 -45.34
C PHE B 568 -26.00 23.93 -45.92
N ALA B 569 -25.44 24.65 -46.90
CA ALA B 569 -24.22 24.23 -47.58
C ALA B 569 -23.05 25.07 -47.07
N ASP B 570 -22.04 24.40 -46.52
CA ASP B 570 -20.84 25.08 -46.07
C ASP B 570 -19.94 25.35 -47.26
N LEU B 571 -19.64 26.62 -47.51
CA LEU B 571 -18.92 27.03 -48.70
C LEU B 571 -17.52 27.52 -48.35
N ASN B 572 -16.64 27.44 -49.35
CA ASN B 572 -15.29 27.98 -49.25
C ASN B 572 -15.14 29.10 -50.27
N PHE B 573 -14.80 30.30 -49.80
CA PHE B 573 -14.59 31.45 -50.67
C PHE B 573 -13.23 32.06 -50.35
N ASN B 574 -12.18 31.50 -50.94
CA ASN B 574 -10.93 32.25 -50.93
C ASN B 574 -10.86 33.15 -52.15
N PRO B 575 -10.84 34.47 -51.96
CA PRO B 575 -11.12 35.37 -53.09
C PRO B 575 -9.96 35.51 -54.07
N SER B 576 -10.07 34.83 -55.20
CA SER B 576 -9.27 35.16 -56.38
C SER B 576 -10.17 35.59 -57.53
N THR B 577 -11.08 34.71 -57.98
CA THR B 577 -12.14 35.05 -58.92
C THR B 577 -13.34 34.15 -58.59
N GLY B 578 -14.21 34.64 -57.70
CA GLY B 578 -15.44 33.96 -57.33
C GLY B 578 -15.37 32.45 -57.19
N ASN B 579 -14.48 31.96 -56.33
CA ASN B 579 -14.25 30.52 -56.25
C ASN B 579 -15.49 29.78 -55.77
N THR B 580 -15.97 30.11 -54.57
CA THR B 580 -17.24 29.63 -53.99
C THR B 580 -17.43 28.12 -54.22
N TYR B 581 -16.54 27.36 -53.59
CA TYR B 581 -16.59 25.90 -53.63
C TYR B 581 -17.19 25.35 -52.34
N ILE B 582 -17.79 24.17 -52.44
CA ILE B 582 -18.48 23.54 -51.33
C ILE B 582 -17.47 22.91 -50.39
N ASN B 583 -17.67 23.10 -49.09
CA ASN B 583 -16.89 22.42 -48.05
C ASN B 583 -17.65 21.28 -47.38
N GLY B 584 -18.93 21.50 -47.07
CA GLY B 584 -19.71 20.48 -46.37
C GLY B 584 -21.18 20.83 -46.43
N MET B 585 -21.98 19.95 -45.83
CA MET B 585 -23.44 20.08 -45.87
C MET B 585 -24.01 19.86 -44.49
N TYR B 586 -24.78 20.84 -44.01
CA TYR B 586 -25.48 20.73 -42.74
C TYR B 586 -26.89 20.19 -42.95
N PHE B 587 -27.51 19.77 -41.85
CA PHE B 587 -28.91 19.37 -41.85
C PHE B 587 -29.55 19.95 -40.59
N ALA B 588 -30.37 20.98 -40.76
CA ALA B 588 -30.85 21.75 -39.63
C ALA B 588 -31.74 20.90 -38.73
N PRO B 589 -31.61 21.03 -37.41
CA PRO B 589 -32.51 20.32 -36.49
C PRO B 589 -33.80 21.09 -36.26
N THR B 590 -34.90 20.36 -36.22
CA THR B 590 -36.21 20.92 -35.97
C THR B 590 -36.77 20.32 -34.68
N GLN B 591 -38.04 20.61 -34.42
CA GLN B 591 -38.70 20.10 -33.22
C GLN B 591 -39.29 18.72 -33.42
N THR B 592 -39.10 18.10 -34.59
CA THR B 592 -39.72 16.82 -34.90
C THR B 592 -38.74 15.79 -35.48
N ASN B 593 -37.60 16.22 -36.01
CA ASN B 593 -36.74 15.34 -36.79
C ASN B 593 -35.59 14.74 -36.00
N LYS B 594 -35.61 14.83 -34.67
CA LYS B 594 -34.49 14.36 -33.87
C LYS B 594 -34.29 12.85 -34.03
N GLU B 595 -35.35 12.07 -33.83
CA GLU B 595 -35.22 10.62 -33.88
C GLU B 595 -34.92 10.12 -35.28
N ALA B 596 -35.36 10.84 -36.31
CA ALA B 596 -35.04 10.45 -37.67
C ALA B 596 -33.61 10.82 -38.03
N LEU B 597 -33.11 11.94 -37.51
CA LEU B 597 -31.73 12.34 -37.81
C LEU B 597 -30.72 11.47 -37.08
N ASP B 598 -31.03 11.06 -35.85
CA ASP B 598 -30.10 10.18 -35.14
C ASP B 598 -30.22 8.73 -35.60
N TYR B 599 -31.18 8.41 -36.45
CA TYR B 599 -31.32 7.08 -37.01
C TYR B 599 -30.43 6.86 -38.23
N ILE B 600 -29.86 7.92 -38.80
CA ILE B 600 -29.16 7.86 -40.08
C ILE B 600 -27.70 8.21 -39.87
N GLN B 601 -26.82 7.33 -40.35
CA GLN B 601 -25.41 7.64 -40.54
C GLN B 601 -25.01 7.14 -41.93
N LYS B 602 -23.71 7.21 -42.23
CA LYS B 602 -23.15 6.64 -43.45
C LYS B 602 -23.82 7.23 -44.70
N TYR B 603 -23.63 8.54 -44.87
CA TYR B 603 -24.14 9.21 -46.06
C TYR B 603 -23.26 8.90 -47.27
N ARG B 604 -23.90 8.57 -48.39
CA ARG B 604 -23.21 8.32 -49.65
C ARG B 604 -23.43 9.50 -50.57
N VAL B 605 -22.35 10.02 -51.15
CA VAL B 605 -22.38 11.26 -51.92
C VAL B 605 -21.92 10.98 -53.34
N GLU B 606 -22.64 11.54 -54.30
CA GLU B 606 -22.23 11.59 -55.70
C GLU B 606 -22.21 13.06 -56.11
N ALA B 607 -21.03 13.62 -56.28
CA ALA B 607 -20.86 15.03 -56.61
C ALA B 607 -20.04 15.19 -57.88
N THR B 608 -19.89 16.43 -58.32
CA THR B 608 -19.17 16.76 -59.53
C THR B 608 -17.90 17.52 -59.16
N LEU B 609 -16.75 16.95 -59.50
CA LEU B 609 -15.46 17.56 -59.18
C LEU B 609 -15.12 18.64 -60.21
N GLN B 610 -14.10 19.44 -59.86
CA GLN B 610 -13.73 20.56 -60.72
C GLN B 610 -13.22 20.09 -62.07
N TYR B 611 -12.35 19.08 -62.09
CA TYR B 611 -11.79 18.57 -63.33
C TYR B 611 -12.50 17.31 -63.83
N SER B 612 -12.77 16.36 -62.93
CA SER B 612 -13.57 15.21 -63.30
C SER B 612 -15.04 15.61 -63.43
N GLY B 613 -15.86 14.67 -63.88
CA GLY B 613 -17.28 14.88 -64.05
C GLY B 613 -18.08 14.48 -62.83
N PHE B 614 -19.29 14.01 -63.08
CA PHE B 614 -20.16 13.53 -62.01
C PHE B 614 -19.82 12.08 -61.69
N LYS B 615 -19.47 11.82 -60.44
CA LYS B 615 -19.01 10.49 -60.05
C LYS B 615 -19.29 10.26 -58.58
N ASP B 616 -19.33 8.99 -58.20
CA ASP B 616 -19.43 8.61 -56.80
C ASP B 616 -18.11 8.89 -56.08
N ILE B 617 -18.20 9.32 -54.83
CA ILE B 617 -16.99 9.63 -54.06
C ILE B 617 -16.99 8.88 -52.75
N GLY B 618 -17.70 7.77 -52.68
CA GLY B 618 -17.62 6.87 -51.54
C GLY B 618 -18.71 7.10 -50.50
N THR B 619 -18.53 6.42 -49.37
CA THR B 619 -19.45 6.47 -48.25
C THR B 619 -18.65 6.69 -46.97
N LYS B 620 -19.10 7.62 -46.14
CA LYS B 620 -18.43 7.95 -44.88
C LYS B 620 -19.47 8.17 -43.80
N ASP B 621 -19.04 8.04 -42.54
CA ASP B 621 -19.91 8.30 -41.41
C ASP B 621 -20.15 9.81 -41.27
N LYS B 622 -21.19 10.15 -40.51
CA LYS B 622 -21.51 11.55 -40.26
C LYS B 622 -20.57 12.12 -39.20
N GLU B 623 -20.73 13.41 -38.89
CA GLU B 623 -19.77 14.10 -38.04
C GLU B 623 -20.37 14.78 -36.82
N MET B 624 -21.64 15.18 -36.86
CA MET B 624 -22.33 15.76 -35.71
C MET B 624 -21.64 17.04 -35.22
N ARG B 625 -21.67 18.04 -36.08
CA ARG B 625 -21.15 19.37 -35.75
C ARG B 625 -22.29 20.31 -35.35
N ASN B 626 -21.90 21.39 -34.65
CA ASN B 626 -22.87 22.43 -34.30
C ASN B 626 -23.44 23.07 -35.56
N TYR B 627 -24.73 23.36 -35.53
CA TYR B 627 -25.41 23.89 -36.70
C TYR B 627 -24.87 25.27 -37.06
N LEU B 628 -24.52 25.45 -38.33
CA LEU B 628 -23.97 26.68 -38.89
C LEU B 628 -22.69 27.14 -38.20
N GLY B 629 -22.05 26.27 -37.42
CA GLY B 629 -20.87 26.67 -36.69
C GLY B 629 -21.14 27.55 -35.49
N ASP B 630 -22.39 27.72 -35.11
CA ASP B 630 -22.75 28.55 -33.95
C ASP B 630 -22.51 27.78 -32.67
N PRO B 631 -21.75 28.33 -31.71
CA PRO B 631 -21.58 27.63 -30.43
C PRO B 631 -22.89 27.42 -29.68
N ASN B 632 -23.91 28.22 -29.97
CA ASN B 632 -25.18 28.13 -29.25
C ASN B 632 -26.12 27.10 -29.85
N GLN B 633 -26.11 26.93 -31.17
CA GLN B 633 -27.01 25.98 -31.80
C GLN B 633 -26.61 24.55 -31.48
N PRO B 634 -27.56 23.62 -31.48
CA PRO B 634 -27.24 22.24 -31.10
C PRO B 634 -26.41 21.54 -32.17
N LYS B 635 -26.00 20.32 -31.85
CA LYS B 635 -25.24 19.51 -32.78
C LYS B 635 -26.18 18.73 -33.69
N THR B 636 -25.93 18.80 -34.99
CA THR B 636 -26.77 18.16 -35.99
C THR B 636 -25.89 17.44 -36.99
N ASN B 637 -26.52 16.63 -37.84
CA ASN B 637 -25.79 15.84 -38.82
C ASN B 637 -25.01 16.74 -39.77
N TYR B 638 -23.74 16.42 -39.98
CA TYR B 638 -22.87 17.17 -40.86
C TYR B 638 -22.20 16.21 -41.83
N VAL B 639 -22.27 16.53 -43.12
CA VAL B 639 -21.62 15.75 -44.16
C VAL B 639 -20.36 16.50 -44.58
N ASN B 640 -19.20 15.96 -44.21
CA ASN B 640 -17.92 16.58 -44.51
C ASN B 640 -17.47 16.12 -45.89
N LEU B 641 -17.77 16.93 -46.90
CA LEU B 641 -17.47 16.57 -48.28
C LEU B 641 -15.98 16.64 -48.60
N ARG B 642 -15.16 17.22 -47.72
CA ARG B 642 -13.73 17.26 -47.96
C ARG B 642 -13.03 15.97 -47.57
N SER B 643 -13.69 15.09 -46.82
CA SER B 643 -13.10 13.84 -46.38
C SER B 643 -13.46 12.66 -47.30
N TYR B 644 -14.23 12.89 -48.34
CA TYR B 644 -14.66 11.81 -49.23
C TYR B 644 -13.56 11.49 -50.23
N PHE B 645 -13.84 10.52 -51.10
CA PHE B 645 -12.82 10.01 -52.01
C PHE B 645 -12.65 10.91 -53.23
N THR B 646 -12.44 12.21 -53.00
CA THR B 646 -12.02 13.09 -54.08
C THR B 646 -10.50 13.02 -54.23
N GLY B 647 -10.02 13.45 -55.40
CA GLY B 647 -8.60 13.50 -55.63
C GLY B 647 -8.01 14.81 -55.16
N GLY B 648 -8.56 15.35 -54.08
CA GLY B 648 -8.19 16.66 -53.60
C GLY B 648 -8.85 17.81 -54.33
N GLU B 649 -9.69 17.53 -55.31
CA GLU B 649 -10.34 18.57 -56.09
C GLU B 649 -11.55 19.12 -55.34
N ASN B 650 -11.83 20.40 -55.56
CA ASN B 650 -12.99 21.02 -54.96
C ASN B 650 -14.27 20.49 -55.61
N ILE B 651 -15.39 20.69 -54.92
CA ILE B 651 -16.70 20.26 -55.41
C ILE B 651 -17.47 21.49 -55.86
N MET B 652 -17.85 21.52 -57.13
CA MET B 652 -18.43 22.70 -57.73
C MET B 652 -19.81 23.00 -57.16
N THR B 653 -20.17 24.28 -57.20
CA THR B 653 -21.50 24.73 -56.82
C THR B 653 -22.40 24.83 -58.04
N TYR B 654 -23.70 24.69 -57.80
CA TYR B 654 -24.72 24.76 -58.84
C TYR B 654 -24.49 23.72 -59.93
N LYS B 655 -24.05 22.53 -59.54
CA LYS B 655 -23.90 21.41 -60.45
C LYS B 655 -24.66 20.21 -59.90
N LYS B 656 -24.50 19.04 -60.52
CA LYS B 656 -25.18 17.85 -60.01
C LYS B 656 -24.57 17.42 -58.68
N LEU B 657 -25.45 17.01 -57.76
CA LEU B 657 -25.02 16.65 -56.41
C LEU B 657 -26.10 15.77 -55.80
N ARG B 658 -25.75 14.54 -55.44
CA ARG B 658 -26.69 13.60 -54.86
C ARG B 658 -26.14 13.07 -53.55
N ILE B 659 -26.98 13.06 -52.51
CA ILE B 659 -26.63 12.53 -51.20
C ILE B 659 -27.67 11.51 -50.81
N TYR B 660 -27.24 10.30 -50.47
CA TYR B 660 -28.13 9.19 -50.14
C TYR B 660 -27.93 8.81 -48.68
N ALA B 661 -29.00 8.95 -47.90
CA ALA B 661 -28.98 8.51 -46.51
C ALA B 661 -29.08 6.98 -46.46
N ILE B 662 -28.19 6.36 -45.70
CA ILE B 662 -28.14 4.91 -45.60
C ILE B 662 -28.59 4.52 -44.18
N THR B 663 -29.68 3.76 -44.12
CA THR B 663 -30.23 3.29 -42.86
C THR B 663 -29.44 2.09 -42.34
N PRO B 664 -29.62 1.75 -41.05
CA PRO B 664 -29.07 0.47 -40.57
C PRO B 664 -29.65 -0.74 -41.27
N ASP B 665 -30.78 -0.60 -41.95
CA ASP B 665 -31.36 -1.66 -42.76
C ASP B 665 -30.75 -1.75 -44.16
N ASP B 666 -29.61 -1.10 -44.39
CA ASP B 666 -28.82 -1.23 -45.61
C ASP B 666 -29.56 -0.72 -46.84
N ARG B 667 -30.58 0.11 -46.67
CA ARG B 667 -31.32 0.71 -47.77
C ARG B 667 -31.01 2.19 -47.84
N GLU B 668 -30.68 2.67 -49.04
CA GLU B 668 -30.31 4.06 -49.25
C GLU B 668 -31.50 4.85 -49.77
N LEU B 669 -31.66 6.08 -49.28
CA LEU B 669 -32.74 6.97 -49.69
C LEU B 669 -32.12 8.29 -50.13
N LEU B 670 -32.54 8.77 -51.29
CA LEU B 670 -32.07 10.06 -51.81
C LEU B 670 -32.74 11.16 -51.00
N VAL B 671 -31.94 11.92 -50.25
CA VAL B 671 -32.46 12.94 -49.35
C VAL B 671 -32.10 14.34 -49.78
N LEU B 672 -31.34 14.51 -50.86
CA LEU B 672 -30.98 15.84 -51.35
C LEU B 672 -30.60 15.73 -52.81
N SER B 673 -31.20 16.58 -53.65
CA SER B 673 -30.92 16.59 -55.08
C SER B 673 -30.67 18.02 -55.53
N VAL B 674 -29.48 18.25 -56.09
CA VAL B 674 -29.12 19.55 -56.66
C VAL B 674 -28.70 19.31 -58.10
N ASP B 675 -29.30 20.06 -59.04
CA ASP B 675 -29.01 19.89 -60.45
C ASP B 675 -28.66 21.21 -61.10
N GLU C 16 -25.84 -20.15 50.20
CA GLU C 16 -24.96 -21.29 50.03
C GLU C 16 -23.73 -20.91 49.22
N ASP C 17 -23.32 -21.80 48.32
CA ASP C 17 -22.18 -21.58 47.44
C ASP C 17 -22.59 -21.52 45.97
N LEU C 18 -23.82 -21.14 45.68
CA LEU C 18 -24.28 -21.05 44.30
C LEU C 18 -23.67 -19.84 43.60
N ASP C 19 -23.34 -20.03 42.33
CA ASP C 19 -22.74 -18.96 41.52
C ASP C 19 -23.21 -19.16 40.09
N THR C 20 -24.31 -18.51 39.73
CA THR C 20 -24.95 -18.74 38.44
C THR C 20 -24.22 -18.07 37.27
N ASP C 21 -23.71 -16.87 37.46
CA ASP C 21 -23.02 -16.15 36.39
C ASP C 21 -21.53 -16.46 36.32
N ASN C 22 -21.01 -17.25 37.26
CA ASN C 22 -19.61 -17.67 37.27
C ASN C 22 -18.65 -16.49 37.26
N ASP C 23 -18.96 -15.46 38.05
CA ASP C 23 -18.04 -14.35 38.28
C ASP C 23 -17.34 -14.46 39.62
N ASN C 24 -17.36 -15.64 40.25
CA ASN C 24 -16.61 -15.94 41.47
C ASN C 24 -17.13 -15.15 42.67
N ILE C 25 -18.38 -14.69 42.61
CA ILE C 25 -19.05 -14.08 43.74
C ILE C 25 -20.35 -14.83 43.98
N PRO C 26 -20.61 -15.33 45.19
CA PRO C 26 -21.82 -16.11 45.42
C PRO C 26 -23.08 -15.27 45.21
N ASP C 27 -24.17 -15.95 44.85
CA ASP C 27 -25.42 -15.27 44.54
C ASP C 27 -25.96 -14.51 45.75
N SER C 28 -25.93 -15.14 46.93
CA SER C 28 -26.40 -14.46 48.13
C SER C 28 -25.52 -13.26 48.47
N TYR C 29 -24.21 -13.38 48.26
CA TYR C 29 -23.31 -12.26 48.50
C TYR C 29 -23.66 -11.07 47.61
N GLU C 30 -23.87 -11.32 46.31
CA GLU C 30 -24.24 -10.25 45.40
C GLU C 30 -25.60 -9.66 45.76
N ARG C 31 -26.54 -10.52 46.15
CA ARG C 31 -27.88 -10.05 46.48
C ARG C 31 -27.90 -9.18 47.72
N ASN C 32 -27.14 -9.55 48.75
CA ASN C 32 -27.26 -8.92 50.05
C ASN C 32 -26.13 -7.95 50.39
N GLY C 33 -25.00 -8.01 49.66
CA GLY C 33 -23.90 -7.13 49.96
C GLY C 33 -22.61 -7.86 50.27
N TYR C 34 -21.48 -7.34 49.81
CA TYR C 34 -20.20 -8.00 49.97
C TYR C 34 -19.08 -6.97 49.84
N THR C 35 -17.88 -7.40 50.20
CA THR C 35 -16.68 -6.60 50.03
C THR C 35 -15.51 -7.52 49.71
N ILE C 36 -14.44 -6.94 49.17
CA ILE C 36 -13.30 -7.71 48.68
C ILE C 36 -12.12 -7.47 49.62
N LYS C 37 -11.54 -8.56 50.12
CA LYS C 37 -10.30 -8.49 50.90
C LYS C 37 -9.47 -9.72 50.60
N ASP C 38 -8.17 -9.51 50.34
CA ASP C 38 -7.23 -10.56 49.97
C ASP C 38 -7.72 -11.32 48.73
N LEU C 39 -8.27 -10.58 47.77
CA LEU C 39 -8.71 -11.11 46.48
C LEU C 39 -9.80 -12.16 46.62
N ILE C 40 -10.53 -12.12 47.73
CA ILE C 40 -11.59 -13.09 48.02
C ILE C 40 -12.84 -12.33 48.43
N ALA C 41 -13.99 -12.73 47.87
CA ALA C 41 -15.26 -12.11 48.22
C ALA C 41 -15.75 -12.65 49.55
N VAL C 42 -16.13 -11.73 50.45
CA VAL C 42 -16.62 -12.08 51.77
C VAL C 42 -17.89 -11.30 52.06
N LYS C 43 -18.66 -11.79 53.03
CA LYS C 43 -19.89 -11.14 53.41
C LYS C 43 -19.62 -9.75 53.99
N TRP C 44 -20.61 -8.88 53.87
CA TRP C 44 -20.48 -7.52 54.39
C TRP C 44 -20.91 -7.46 55.84
N GLU C 45 -20.17 -6.68 56.64
CA GLU C 45 -20.50 -6.42 58.03
C GLU C 45 -20.44 -4.92 58.28
N ASP C 46 -21.24 -4.46 59.25
CA ASP C 46 -21.33 -3.03 59.52
C ASP C 46 -20.01 -2.46 60.02
N SER C 47 -19.21 -3.26 60.73
CA SER C 47 -17.94 -2.77 61.25
C SER C 47 -16.89 -2.57 60.17
N PHE C 48 -17.15 -3.01 58.94
CA PHE C 48 -16.17 -2.86 57.87
C PHE C 48 -16.11 -1.41 57.36
N ALA C 49 -17.22 -0.69 57.45
CA ALA C 49 -17.28 0.66 56.87
C ALA C 49 -16.39 1.66 57.57
N GLU C 50 -16.02 1.41 58.83
CA GLU C 50 -15.17 2.35 59.55
C GLU C 50 -13.71 2.23 59.12
N GLN C 51 -13.34 1.12 58.48
CA GLN C 51 -11.96 0.87 58.08
C GLN C 51 -11.70 1.23 56.62
N GLY C 52 -12.62 1.91 55.96
CA GLY C 52 -12.45 2.31 54.58
C GLY C 52 -12.99 1.34 53.55
N TYR C 53 -13.62 0.25 53.98
CA TYR C 53 -14.20 -0.69 53.03
C TYR C 53 -15.52 -0.16 52.48
N LYS C 54 -15.97 -0.76 51.39
CA LYS C 54 -17.21 -0.37 50.74
C LYS C 54 -18.10 -1.58 50.56
N LYS C 55 -19.41 -1.33 50.57
CA LYS C 55 -20.41 -2.38 50.39
C LYS C 55 -20.88 -2.40 48.95
N TYR C 56 -20.85 -3.58 48.33
CA TYR C 56 -21.17 -3.74 46.92
C TYR C 56 -22.36 -4.68 46.77
N VAL C 57 -23.28 -4.31 45.88
CA VAL C 57 -24.37 -5.17 45.44
C VAL C 57 -24.37 -5.16 43.92
N SER C 58 -24.67 -6.32 43.34
CA SER C 58 -24.58 -6.47 41.89
C SER C 58 -25.57 -7.52 41.41
N ASN C 59 -25.78 -7.54 40.10
CA ASN C 59 -26.67 -8.51 39.47
C ASN C 59 -26.07 -9.91 39.60
N TYR C 60 -26.84 -10.84 40.16
CA TYR C 60 -26.37 -12.20 40.35
C TYR C 60 -26.67 -13.10 39.15
N LEU C 61 -27.32 -12.57 38.11
CA LEU C 61 -27.57 -13.31 36.88
C LEU C 61 -26.77 -12.78 35.71
N GLU C 62 -25.93 -11.77 35.93
CA GLU C 62 -25.06 -11.21 34.89
C GLU C 62 -23.64 -11.13 35.41
N SER C 63 -22.69 -11.56 34.58
CA SER C 63 -21.28 -11.47 34.96
C SER C 63 -20.77 -10.04 34.85
N ASN C 64 -21.29 -9.26 33.92
CA ASN C 64 -20.92 -7.85 33.72
C ASN C 64 -22.17 -7.03 33.97
N THR C 65 -22.35 -6.57 35.21
CA THR C 65 -23.57 -5.86 35.58
C THR C 65 -23.71 -4.54 34.83
N ALA C 66 -22.63 -3.75 34.77
CA ALA C 66 -22.70 -2.43 34.18
C ALA C 66 -22.54 -2.43 32.67
N GLY C 67 -22.22 -3.58 32.06
CA GLY C 67 -22.06 -3.66 30.64
C GLY C 67 -20.70 -3.26 30.11
N ASP C 68 -19.78 -2.86 30.98
CA ASP C 68 -18.44 -2.51 30.56
C ASP C 68 -17.59 -3.77 30.41
N PRO C 69 -16.44 -3.69 29.73
CA PRO C 69 -15.64 -4.89 29.47
C PRO C 69 -15.06 -5.55 30.70
N TYR C 70 -15.34 -5.08 31.91
CA TYR C 70 -14.80 -5.65 33.13
C TYR C 70 -15.93 -6.27 33.94
N THR C 71 -15.69 -7.48 34.44
CA THR C 71 -16.71 -8.18 35.20
C THR C 71 -16.89 -7.56 36.58
N ASP C 72 -17.91 -8.03 37.30
CA ASP C 72 -18.20 -7.48 38.62
C ASP C 72 -17.06 -7.73 39.59
N TYR C 73 -16.49 -8.94 39.57
CA TYR C 73 -15.35 -9.22 40.43
C TYR C 73 -14.14 -8.37 40.05
N GLU C 74 -13.88 -8.24 38.75
CA GLU C 74 -12.74 -7.44 38.30
C GLU C 74 -12.88 -5.99 38.74
N LYS C 75 -14.08 -5.42 38.62
CA LYS C 75 -14.30 -4.05 39.06
C LYS C 75 -14.17 -3.93 40.57
N ALA C 76 -14.82 -4.84 41.32
CA ALA C 76 -14.81 -4.74 42.78
C ALA C 76 -13.42 -4.91 43.35
N SER C 77 -12.64 -5.85 42.82
CA SER C 77 -11.31 -6.13 43.31
C SER C 77 -10.26 -5.15 42.85
N GLY C 78 -10.53 -4.36 41.81
CA GLY C 78 -9.54 -3.46 41.27
C GLY C 78 -8.44 -4.14 40.48
N SER C 79 -8.75 -5.30 39.93
CA SER C 79 -7.76 -6.07 39.13
C SER C 79 -7.72 -5.56 37.69
N PHE C 80 -8.21 -4.34 37.45
CA PHE C 80 -8.15 -3.75 36.08
C PHE C 80 -7.01 -2.75 35.97
N ASP C 81 -7.05 -1.90 34.94
CA ASP C 81 -6.00 -0.85 34.74
C ASP C 81 -6.00 0.08 35.96
N LYS C 82 -4.83 0.31 36.55
CA LYS C 82 -4.73 1.19 37.71
C LYS C 82 -5.10 2.63 37.41
N ALA C 83 -5.18 3.02 36.14
CA ALA C 83 -5.49 4.40 35.78
C ALA C 83 -7.00 4.68 35.75
N ILE C 84 -7.83 3.68 35.98
CA ILE C 84 -9.27 3.88 36.03
C ILE C 84 -9.65 4.44 37.39
N LYS C 85 -10.59 5.39 37.41
CA LYS C 85 -10.97 6.07 38.63
C LYS C 85 -11.52 5.08 39.66
N THR C 86 -11.40 5.46 40.94
CA THR C 86 -11.82 4.56 42.02
C THR C 86 -13.33 4.44 42.13
N GLU C 87 -14.09 5.42 41.67
CA GLU C 87 -15.54 5.33 41.74
C GLU C 87 -16.09 4.30 40.76
N ALA C 88 -15.33 3.93 39.73
CA ALA C 88 -15.72 2.90 38.79
C ALA C 88 -15.35 1.50 39.28
N ARG C 89 -15.02 1.36 40.56
CA ARG C 89 -14.77 0.06 41.16
C ARG C 89 -16.02 -0.61 41.69
N ASP C 90 -17.13 0.11 41.77
CA ASP C 90 -18.30 -0.64 42.16
C ASP C 90 -19.05 -1.14 40.93
N PRO C 91 -19.72 -2.30 41.02
CA PRO C 91 -20.29 -2.91 39.81
C PRO C 91 -21.40 -2.10 39.15
N LEU C 92 -21.92 -1.07 39.81
CA LEU C 92 -23.05 -0.33 39.27
C LEU C 92 -22.64 0.93 38.50
N VAL C 93 -21.40 1.38 38.63
CA VAL C 93 -20.90 2.54 37.89
C VAL C 93 -19.95 2.04 36.83
N ALA C 94 -20.20 2.43 35.58
CA ALA C 94 -19.46 1.88 34.45
C ALA C 94 -18.16 2.65 34.24
N ALA C 95 -17.10 1.92 33.96
CA ALA C 95 -15.83 2.51 33.51
C ALA C 95 -16.03 2.92 32.06
N TYR C 96 -16.05 4.23 31.81
CA TYR C 96 -16.48 4.73 30.53
C TYR C 96 -15.80 6.06 30.21
N PRO C 97 -15.03 6.13 29.12
CA PRO C 97 -14.39 7.41 28.76
C PRO C 97 -15.33 8.30 27.97
N ILE C 98 -15.22 9.61 28.22
CA ILE C 98 -16.00 10.61 27.52
C ILE C 98 -14.99 11.57 26.89
N VAL C 99 -14.77 11.46 25.59
CA VAL C 99 -13.72 12.17 24.88
C VAL C 99 -14.35 13.18 23.94
N GLY C 100 -13.87 14.43 24.01
CA GLY C 100 -14.33 15.46 23.12
C GLY C 100 -13.16 16.22 22.51
N VAL C 101 -13.45 16.97 21.45
CA VAL C 101 -12.45 17.72 20.71
C VAL C 101 -12.84 19.20 20.74
N GLY C 102 -11.87 20.04 21.09
CA GLY C 102 -12.10 21.48 21.11
C GLY C 102 -11.09 22.24 20.28
N MET C 103 -11.57 22.99 19.28
CA MET C 103 -10.68 23.74 18.42
C MET C 103 -10.27 25.05 19.08
N GLU C 104 -9.00 25.41 18.94
CA GLU C 104 -8.46 26.61 19.53
C GLU C 104 -8.32 27.76 18.53
N LYS C 105 -7.83 27.49 17.32
CA LYS C 105 -7.79 28.50 16.28
C LYS C 105 -7.65 27.81 14.92
N LEU C 106 -8.06 28.52 13.88
CA LEU C 106 -8.04 28.02 12.51
C LEU C 106 -7.16 28.91 11.66
N ILE C 107 -6.35 28.27 10.80
CA ILE C 107 -5.38 28.95 9.95
C ILE C 107 -5.77 28.74 8.50
N ILE C 108 -5.80 29.82 7.73
CA ILE C 108 -6.17 29.78 6.32
C ILE C 108 -4.91 30.02 5.49
N SER C 109 -4.71 29.18 4.48
CA SER C 109 -3.58 29.29 3.56
C SER C 109 -4.12 29.53 2.16
N THR C 110 -4.15 30.79 1.74
CA THR C 110 -4.68 31.15 0.43
C THR C 110 -3.79 30.57 -0.67
N ASN C 111 -4.41 30.01 -1.69
CA ASN C 111 -3.70 29.27 -2.74
C ASN C 111 -3.85 30.02 -4.05
N GLU C 112 -2.94 30.97 -4.28
CA GLU C 112 -2.95 31.78 -5.49
C GLU C 112 -1.53 31.91 -6.03
N HIS C 113 -1.44 32.09 -7.34
CA HIS C 113 -0.18 32.11 -8.05
C HIS C 113 0.11 33.53 -8.55
N ALA C 114 1.26 34.07 -8.17
CA ALA C 114 1.66 35.42 -8.53
C ALA C 114 2.97 35.37 -9.31
N SER C 115 3.03 36.09 -10.43
CA SER C 115 4.20 36.11 -11.28
C SER C 115 4.58 37.55 -11.62
N THR C 116 5.87 37.76 -11.85
CA THR C 116 6.39 39.07 -12.21
C THR C 116 7.36 38.92 -13.37
N ASP C 117 7.16 39.70 -14.42
CA ASP C 117 7.98 39.65 -15.62
C ASP C 117 8.46 41.04 -15.98
N GLN C 118 9.68 41.12 -16.51
CA GLN C 118 10.22 42.38 -17.01
C GLN C 118 11.32 42.07 -18.01
N GLY C 119 11.51 43.00 -18.95
CA GLY C 119 12.54 42.81 -19.96
C GLY C 119 12.81 44.11 -20.68
N LYS C 120 13.71 44.03 -21.65
CA LYS C 120 14.10 45.18 -22.47
C LYS C 120 14.43 44.70 -23.88
N THR C 121 14.33 45.62 -24.83
CA THR C 121 14.53 45.32 -26.23
C THR C 121 15.40 46.40 -26.87
N VAL C 122 16.26 45.99 -27.80
CA VAL C 122 17.10 46.90 -28.57
C VAL C 122 16.88 46.60 -30.04
N SER C 123 16.56 47.62 -30.82
CA SER C 123 16.24 47.44 -32.24
C SER C 123 17.00 48.49 -33.06
N ARG C 124 16.97 48.30 -34.38
CA ARG C 124 17.64 49.21 -35.32
C ARG C 124 17.12 48.97 -36.74
N ALA C 125 16.75 50.04 -37.44
CA ALA C 125 16.21 49.92 -38.78
C ALA C 125 16.90 50.90 -39.72
N THR C 126 16.97 50.52 -41.00
CA THR C 126 17.57 51.35 -42.04
C THR C 126 16.65 51.35 -43.25
N THR C 127 16.39 52.53 -43.78
CA THR C 127 15.50 52.70 -44.93
C THR C 127 16.26 53.35 -46.07
N ASN C 128 16.18 52.76 -47.27
CA ASN C 128 16.80 53.30 -48.47
C ASN C 128 15.73 53.48 -49.53
N SER C 129 15.68 54.67 -50.14
CA SER C 129 14.63 55.01 -51.09
C SER C 129 15.22 55.67 -52.32
N LYS C 130 14.37 55.92 -53.31
CA LYS C 130 14.71 56.59 -54.55
C LYS C 130 13.42 56.99 -55.25
N THR C 131 13.38 58.23 -55.73
CA THR C 131 12.15 58.81 -56.29
C THR C 131 12.43 59.41 -57.66
N GLU C 132 11.60 59.04 -58.64
CA GLU C 132 11.66 59.61 -59.99
C GLU C 132 10.36 60.38 -60.22
N SER C 133 10.49 61.69 -60.43
CA SER C 133 9.34 62.56 -60.67
C SER C 133 9.51 63.30 -61.99
N ASN C 134 8.43 63.35 -62.77
CA ASN C 134 8.45 64.02 -64.07
C ASN C 134 7.14 64.77 -64.26
N THR C 135 7.18 65.78 -65.11
CA THR C 135 5.99 66.58 -65.43
C THR C 135 5.99 67.01 -66.90
N HIS C 158 12.52 66.98 -64.36
CA HIS C 158 13.01 65.67 -63.94
C HIS C 158 13.76 65.78 -62.61
N THR C 159 13.10 65.38 -61.52
CA THR C 159 13.66 65.46 -60.19
C THR C 159 14.01 64.07 -59.69
N THR C 160 15.21 63.91 -59.16
CA THR C 160 15.69 62.64 -58.64
C THR C 160 16.24 62.85 -57.23
N ASP C 161 15.64 62.18 -56.25
CA ASP C 161 16.07 62.29 -54.87
C ASP C 161 16.20 60.90 -54.26
N ASN C 162 17.19 60.75 -53.38
CA ASN C 162 17.42 59.52 -52.64
C ASN C 162 17.29 59.81 -51.15
N SER C 163 16.38 59.09 -50.49
CA SER C 163 16.09 59.28 -49.07
C SER C 163 16.60 58.09 -48.29
N THR C 164 17.60 58.31 -47.44
CA THR C 164 18.15 57.28 -46.57
C THR C 164 17.96 57.70 -45.12
N ALA C 165 17.32 56.83 -44.34
CA ALA C 165 17.04 57.12 -42.93
C ALA C 165 17.54 55.97 -42.07
N VAL C 166 18.16 56.32 -40.94
CA VAL C 166 18.66 55.35 -39.97
C VAL C 166 17.87 55.55 -38.68
N GLN C 167 17.17 54.50 -38.25
CA GLN C 167 16.33 54.56 -37.06
C GLN C 167 16.90 53.64 -35.99
N ASP C 168 17.12 54.19 -34.81
CA ASP C 168 17.61 53.45 -33.66
C ASP C 168 16.59 53.58 -32.53
N SER C 169 16.19 52.44 -31.96
CA SER C 169 15.15 52.44 -30.95
C SER C 169 15.45 51.37 -29.91
N ASN C 170 14.88 51.55 -28.71
CA ASN C 170 14.94 50.56 -27.66
C ASN C 170 13.79 50.80 -26.69
N GLY C 171 13.54 49.81 -25.84
CA GLY C 171 12.44 49.92 -24.90
C GLY C 171 12.56 48.92 -23.77
N GLU C 172 11.55 48.91 -22.92
CA GLU C 172 11.48 47.98 -21.79
C GLU C 172 10.04 47.85 -21.35
N SER C 173 9.75 46.78 -20.60
CA SER C 173 8.39 46.50 -20.19
C SER C 173 8.38 45.84 -18.83
N TRP C 174 7.23 45.93 -18.16
CA TRP C 174 6.98 45.26 -16.89
C TRP C 174 5.67 44.49 -17.00
N ASN C 175 5.50 43.51 -16.13
CA ASN C 175 4.26 42.73 -16.11
C ASN C 175 4.01 42.21 -14.70
N THR C 176 2.73 42.06 -14.37
CA THR C 176 2.31 41.51 -13.08
C THR C 176 1.09 40.64 -13.31
N GLY C 177 1.08 39.45 -12.70
CA GLY C 177 0.01 38.51 -12.90
C GLY C 177 -0.47 37.93 -11.57
N LEU C 178 -1.66 37.32 -11.63
CA LEU C 178 -2.25 36.68 -10.46
C LEU C 178 -3.32 35.70 -10.93
N SER C 179 -3.12 34.42 -10.63
CA SER C 179 -4.05 33.37 -11.01
C SER C 179 -4.63 32.71 -9.76
N ILE C 180 -5.87 32.25 -9.87
CA ILE C 180 -6.57 31.64 -8.75
C ILE C 180 -7.45 30.51 -9.27
N ASN C 181 -7.56 29.44 -8.48
CA ASN C 181 -8.42 28.31 -8.81
C ASN C 181 -9.70 28.42 -7.98
N LYS C 182 -10.84 28.40 -8.67
CA LYS C 182 -12.11 28.56 -7.97
C LYS C 182 -12.52 27.31 -7.20
N GLY C 183 -12.12 26.13 -7.66
CA GLY C 183 -12.43 24.90 -6.95
C GLY C 183 -11.72 24.79 -5.61
N GLU C 184 -10.44 25.15 -5.59
CA GLU C 184 -9.62 25.11 -4.38
C GLU C 184 -8.93 26.47 -4.25
N SER C 185 -9.63 27.41 -3.61
CA SER C 185 -9.09 28.77 -3.47
C SER C 185 -8.24 28.96 -2.22
N ALA C 186 -8.32 28.03 -1.25
CA ALA C 186 -7.54 28.15 -0.03
C ALA C 186 -7.55 26.81 0.69
N TYR C 187 -6.58 26.65 1.59
CA TYR C 187 -6.49 25.49 2.46
C TYR C 187 -6.63 25.94 3.91
N ILE C 188 -7.26 25.10 4.73
CA ILE C 188 -7.51 25.43 6.11
C ILE C 188 -6.83 24.42 7.02
N ASN C 189 -6.51 24.87 8.24
CA ASN C 189 -5.84 24.04 9.23
C ASN C 189 -6.45 24.34 10.59
N ALA C 190 -6.77 23.30 11.34
CA ALA C 190 -7.45 23.43 12.63
C ALA C 190 -6.52 23.00 13.76
N ASN C 191 -6.40 23.86 14.77
CA ASN C 191 -5.63 23.55 15.97
C ASN C 191 -6.60 23.08 17.05
N VAL C 192 -6.56 21.79 17.36
CA VAL C 192 -7.56 21.16 18.22
C VAL C 192 -6.87 20.56 19.44
N ARG C 193 -7.69 20.01 20.34
CA ARG C 193 -7.21 19.43 21.58
C ARG C 193 -8.24 18.43 22.08
N TYR C 194 -7.77 17.29 22.58
CA TYR C 194 -8.63 16.24 23.11
C TYR C 194 -8.68 16.33 24.63
N TYR C 195 -9.84 15.99 25.19
CA TYR C 195 -9.98 15.97 26.64
C TYR C 195 -10.89 14.81 27.02
N ASN C 196 -10.73 14.35 28.27
CA ASN C 196 -11.48 13.21 28.79
C ASN C 196 -12.14 13.62 30.11
N THR C 197 -13.41 13.25 30.27
CA THR C 197 -14.15 13.54 31.50
C THR C 197 -14.81 12.28 32.06
N GLY C 198 -14.35 11.10 31.68
CA GLY C 198 -14.93 9.85 32.11
C GLY C 198 -14.20 9.26 33.30
N THR C 199 -14.35 7.94 33.46
CA THR C 199 -13.70 7.22 34.53
C THR C 199 -12.61 6.27 34.06
N ALA C 200 -12.47 6.07 32.76
CA ALA C 200 -11.49 5.13 32.23
C ALA C 200 -10.65 5.81 31.15
N PRO C 201 -9.39 5.42 31.04
CA PRO C 201 -8.54 5.98 29.97
C PRO C 201 -8.90 5.41 28.61
N MET C 202 -8.54 6.15 27.58
CA MET C 202 -8.70 5.70 26.21
C MET C 202 -7.33 5.69 25.53
N TYR C 203 -7.00 4.57 24.89
CA TYR C 203 -5.75 4.41 24.16
C TYR C 203 -6.02 4.50 22.67
N LYS C 204 -5.10 5.15 21.95
CA LYS C 204 -5.22 5.35 20.51
C LYS C 204 -6.50 6.13 20.17
N VAL C 205 -6.55 7.36 20.67
CA VAL C 205 -7.74 8.20 20.50
C VAL C 205 -7.81 8.68 19.06
N THR C 206 -8.86 8.26 18.34
CA THR C 206 -9.05 8.59 16.93
C THR C 206 -10.43 9.20 16.75
N PRO C 207 -10.58 10.50 16.97
CA PRO C 207 -11.88 11.15 16.80
C PRO C 207 -12.16 11.59 15.37
N THR C 208 -13.45 11.62 15.04
CA THR C 208 -13.93 12.13 13.77
C THR C 208 -14.69 13.43 14.01
N THR C 209 -14.35 14.46 13.25
CA THR C 209 -14.85 15.81 13.49
C THR C 209 -15.50 16.37 12.23
N ASN C 210 -16.41 17.31 12.45
CA ASN C 210 -17.06 18.07 11.39
C ASN C 210 -16.53 19.50 11.36
N LEU C 211 -16.61 20.12 10.18
CA LEU C 211 -16.24 21.52 9.99
C LEU C 211 -17.41 22.23 9.33
N VAL C 212 -18.05 23.14 10.06
CA VAL C 212 -19.29 23.78 9.63
C VAL C 212 -19.06 25.28 9.53
N LEU C 213 -19.42 25.86 8.38
CA LEU C 213 -19.25 27.30 8.18
C LEU C 213 -20.52 28.09 8.49
N ASP C 214 -21.59 27.89 7.72
CA ASP C 214 -22.89 28.46 8.05
C ASP C 214 -23.96 27.39 8.21
N GLY C 215 -24.15 26.54 7.21
CA GLY C 215 -25.07 25.42 7.29
C GLY C 215 -24.51 24.26 6.49
N ASP C 216 -23.27 24.43 6.05
CA ASP C 216 -22.57 23.42 5.27
C ASP C 216 -21.58 22.67 6.15
N THR C 217 -21.50 21.36 5.94
CA THR C 217 -20.41 20.57 6.52
C THR C 217 -19.29 20.52 5.48
N LEU C 218 -18.24 21.32 5.70
CA LEU C 218 -17.19 21.43 4.71
C LEU C 218 -16.48 20.10 4.50
N SER C 219 -16.20 19.38 5.58
CA SER C 219 -15.52 18.09 5.49
C SER C 219 -15.65 17.37 6.82
N THR C 220 -15.53 16.05 6.78
CA THR C 220 -15.43 15.22 7.96
C THR C 220 -14.16 14.38 7.84
N ILE C 221 -13.18 14.66 8.70
CA ILE C 221 -11.88 14.00 8.67
C ILE C 221 -11.77 13.08 9.87
N LYS C 222 -11.41 11.83 9.62
CA LYS C 222 -10.99 10.92 10.67
C LYS C 222 -9.50 11.08 10.91
N ALA C 223 -9.11 11.16 12.17
CA ALA C 223 -7.71 11.43 12.52
C ALA C 223 -6.79 10.35 11.97
N GLN C 224 -5.70 10.77 11.35
CA GLN C 224 -4.68 9.87 10.84
C GLN C 224 -3.61 9.65 11.92
N GLU C 225 -2.50 9.03 11.53
CA GLU C 225 -1.46 8.72 12.51
C GLU C 225 -0.86 9.98 13.12
N ASN C 226 -0.87 11.09 12.39
CA ASN C 226 -0.31 12.33 12.92
C ASN C 226 -1.16 12.90 14.05
N GLN C 227 -2.45 12.58 14.08
CA GLN C 227 -3.38 13.19 15.02
C GLN C 227 -3.99 12.18 16.00
N ILE C 228 -3.31 11.07 16.27
CA ILE C 228 -3.77 10.07 17.21
C ILE C 228 -3.06 10.25 18.54
N GLY C 229 -3.82 10.29 19.63
CA GLY C 229 -3.27 10.38 20.96
C GLY C 229 -3.12 9.00 21.58
N ASN C 230 -1.91 8.69 22.02
CA ASN C 230 -1.63 7.35 22.53
C ASN C 230 -2.32 7.12 23.87
N ASN C 231 -2.21 8.07 24.79
CA ASN C 231 -2.77 7.94 26.13
C ASN C 231 -3.64 9.14 26.46
N LEU C 232 -4.78 8.88 27.10
CA LEU C 232 -5.67 9.94 27.56
C LEU C 232 -6.32 9.46 28.86
N SER C 233 -5.75 9.87 29.99
CA SER C 233 -6.28 9.51 31.29
C SER C 233 -7.48 10.37 31.64
N PRO C 234 -8.35 9.89 32.53
CA PRO C 234 -9.51 10.70 32.92
C PRO C 234 -9.08 11.99 33.61
N GLY C 235 -9.63 13.10 33.13
CA GLY C 235 -9.25 14.41 33.62
C GLY C 235 -8.04 15.02 32.95
N ASP C 236 -7.36 14.27 32.08
CA ASP C 236 -6.19 14.75 31.38
C ASP C 236 -6.58 15.37 30.04
N THR C 237 -5.59 15.63 29.20
CA THR C 237 -5.76 16.33 27.93
C THR C 237 -4.60 15.99 27.02
N TYR C 238 -4.89 15.69 25.76
CA TYR C 238 -3.85 15.49 24.76
C TYR C 238 -3.93 16.58 23.70
N PRO C 239 -2.86 17.35 23.48
CA PRO C 239 -1.58 17.27 24.18
C PRO C 239 -1.68 17.76 25.63
N LYS C 240 -0.74 17.30 26.47
CA LYS C 240 -0.78 17.62 27.89
C LYS C 240 -0.76 19.12 28.11
N LYS C 241 -1.26 19.54 29.27
CA LYS C 241 -1.31 20.94 29.62
C LYS C 241 0.10 21.52 29.63
N GLY C 242 0.26 22.67 28.98
CA GLY C 242 1.57 23.26 28.76
C GLY C 242 2.17 22.98 27.41
N LEU C 243 1.40 22.40 26.48
CA LEU C 243 1.86 22.13 25.14
C LEU C 243 0.87 22.72 24.14
N SER C 244 1.38 23.09 22.97
CA SER C 244 0.55 23.71 21.94
C SER C 244 -0.45 22.70 21.38
N PRO C 245 -1.56 23.18 20.83
CA PRO C 245 -2.52 22.26 20.20
C PRO C 245 -1.92 21.59 18.97
N LEU C 246 -2.44 20.41 18.66
CA LEU C 246 -2.00 19.73 17.46
C LEU C 246 -2.66 20.36 16.23
N ALA C 247 -2.10 20.05 15.06
CA ALA C 247 -2.58 20.57 13.80
C ALA C 247 -3.31 19.48 13.04
N LEU C 248 -4.50 19.82 12.52
CA LEU C 248 -5.30 18.92 11.70
C LEU C 248 -5.49 19.60 10.35
N ASN C 249 -4.66 19.21 9.37
CA ASN C 249 -4.67 19.89 8.08
C ASN C 249 -4.66 18.93 6.90
N THR C 250 -4.95 17.65 7.12
CA THR C 250 -5.00 16.67 6.05
C THR C 250 -6.29 15.88 6.16
N MET C 251 -6.84 15.49 5.02
CA MET C 251 -8.13 14.82 4.97
C MET C 251 -8.08 13.39 4.40
N ASP C 252 -7.03 13.01 3.69
CA ASP C 252 -6.95 11.69 3.12
C ASP C 252 -6.42 10.69 4.15
N GLN C 253 -6.30 9.42 3.74
CA GLN C 253 -5.93 8.37 4.67
C GLN C 253 -4.44 8.41 5.02
N PHE C 254 -3.59 8.85 4.08
CA PHE C 254 -2.15 8.82 4.27
C PHE C 254 -1.56 10.21 4.51
N SER C 255 -2.39 11.18 4.89
CA SER C 255 -1.95 12.52 5.28
C SER C 255 -1.11 13.18 4.18
N SER C 256 -1.61 13.08 2.95
CA SER C 256 -0.94 13.68 1.80
C SER C 256 -1.82 14.66 1.03
N ARG C 257 -3.03 14.94 1.51
CA ARG C 257 -3.94 15.85 0.81
C ARG C 257 -4.46 16.90 1.80
N LEU C 258 -4.37 18.16 1.41
CA LEU C 258 -4.83 19.25 2.25
C LEU C 258 -6.34 19.47 2.07
N ILE C 259 -6.91 20.26 2.98
CA ILE C 259 -8.35 20.45 3.04
C ILE C 259 -8.69 21.70 2.22
N PRO C 260 -9.40 21.57 1.10
CA PRO C 260 -9.69 22.75 0.27
C PRO C 260 -11.05 23.36 0.57
N ILE C 261 -11.25 24.62 0.13
CA ILE C 261 -12.53 25.29 0.22
C ILE C 261 -12.77 26.04 -1.09
N ASN C 262 -14.01 26.46 -1.30
CA ASN C 262 -14.39 27.12 -2.54
C ASN C 262 -14.13 28.62 -2.46
N TYR C 263 -14.44 29.31 -3.57
CA TYR C 263 -14.35 30.77 -3.60
C TYR C 263 -15.39 31.40 -2.70
N ASP C 264 -16.63 30.90 -2.74
CA ASP C 264 -17.69 31.44 -1.89
C ASP C 264 -17.37 31.25 -0.42
N GLN C 265 -16.84 30.08 -0.06
CA GLN C 265 -16.50 29.82 1.33
C GLN C 265 -15.35 30.71 1.79
N LEU C 266 -14.39 30.97 0.90
CA LEU C 266 -13.31 31.89 1.24
C LEU C 266 -13.85 33.30 1.46
N LYS C 267 -14.79 33.74 0.61
CA LYS C 267 -15.42 35.04 0.80
C LYS C 267 -16.16 35.10 2.12
N LYS C 268 -16.88 34.03 2.47
CA LYS C 268 -17.55 33.97 3.76
C LYS C 268 -16.56 34.06 4.90
N LEU C 269 -15.44 33.36 4.79
CA LEU C 269 -14.44 33.35 5.85
C LEU C 269 -13.82 34.73 6.05
N ASP C 270 -13.50 35.42 4.95
CA ASP C 270 -12.88 36.74 5.11
C ASP C 270 -13.90 37.82 5.41
N ALA C 271 -15.19 37.55 5.21
CA ALA C 271 -16.25 38.47 5.61
C ALA C 271 -16.44 38.52 7.12
N GLY C 272 -15.78 37.64 7.87
CA GLY C 272 -15.90 37.60 9.31
C GLY C 272 -16.65 36.40 9.84
N LYS C 273 -17.12 35.50 8.99
CA LYS C 273 -17.79 34.30 9.45
C LYS C 273 -16.78 33.26 9.90
N GLN C 274 -17.15 32.49 10.92
CA GLN C 274 -16.27 31.53 11.55
C GLN C 274 -16.65 30.11 11.19
N ILE C 275 -15.67 29.21 11.32
CA ILE C 275 -15.86 27.79 11.08
C ILE C 275 -16.00 27.11 12.43
N LYS C 276 -17.08 26.35 12.61
CA LYS C 276 -17.31 25.63 13.86
C LYS C 276 -16.86 24.18 13.72
N LEU C 277 -16.51 23.58 14.85
CA LEU C 277 -16.07 22.19 14.90
C LEU C 277 -17.00 21.40 15.81
N GLU C 278 -17.39 20.22 15.33
CA GLU C 278 -18.23 19.30 16.09
C GLU C 278 -17.58 17.93 16.07
N THR C 279 -17.65 17.22 17.19
CA THR C 279 -17.18 15.83 17.25
C THR C 279 -18.37 14.90 17.19
N THR C 280 -18.32 13.94 16.27
CA THR C 280 -19.42 13.00 16.07
C THR C 280 -19.16 11.65 16.72
N GLN C 281 -17.92 11.19 16.73
CA GLN C 281 -17.58 9.90 17.34
C GLN C 281 -16.10 9.91 17.66
N VAL C 282 -15.71 9.04 18.59
CA VAL C 282 -14.32 8.85 18.98
C VAL C 282 -14.03 7.37 19.05
N SER C 283 -12.99 6.93 18.35
CA SER C 283 -12.53 5.55 18.40
C SER C 283 -11.35 5.42 19.35
N GLY C 284 -11.35 4.34 20.12
CA GLY C 284 -10.30 4.13 21.09
C GLY C 284 -10.29 2.71 21.59
N ASN C 285 -9.28 2.40 22.39
CA ASN C 285 -9.05 1.07 22.91
C ASN C 285 -9.00 1.07 24.43
N PHE C 286 -9.32 -0.08 25.02
CA PHE C 286 -9.14 -0.31 26.44
C PHE C 286 -8.13 -1.44 26.64
N GLY C 287 -7.55 -1.49 27.83
CA GLY C 287 -6.53 -2.46 28.16
C GLY C 287 -7.05 -3.52 29.10
N THR C 288 -6.87 -4.78 28.70
CA THR C 288 -7.20 -5.93 29.54
C THR C 288 -5.93 -6.40 30.24
N LYS C 289 -6.02 -6.60 31.54
CA LYS C 289 -4.86 -6.96 32.36
C LYS C 289 -4.78 -8.49 32.45
N ASN C 290 -3.61 -9.02 32.12
CA ASN C 290 -3.36 -10.45 32.26
C ASN C 290 -3.06 -10.78 33.72
N SER C 291 -3.06 -12.09 34.03
CA SER C 291 -2.76 -12.52 35.39
C SER C 291 -1.36 -12.14 35.84
N SER C 292 -0.44 -11.96 34.89
CA SER C 292 0.91 -11.48 35.19
C SER C 292 1.03 -9.97 35.04
N GLY C 293 -0.06 -9.28 34.76
CA GLY C 293 -0.03 -7.84 34.56
C GLY C 293 0.48 -7.39 33.21
N GLN C 294 0.17 -8.15 32.15
CA GLN C 294 0.59 -7.82 30.79
C GLN C 294 -0.56 -7.12 30.09
N ILE C 295 -0.51 -5.79 30.05
CA ILE C 295 -1.60 -5.00 29.48
C ILE C 295 -1.57 -5.13 27.96
N VAL C 296 -2.75 -5.40 27.38
CA VAL C 296 -2.91 -5.49 25.94
C VAL C 296 -4.11 -4.64 25.55
N THR C 297 -3.91 -3.74 24.57
CA THR C 297 -4.97 -2.86 24.11
C THR C 297 -5.39 -3.07 22.67
N GLU C 298 -4.58 -3.75 21.86
CA GLU C 298 -4.94 -3.97 20.46
C GLU C 298 -6.09 -4.95 20.35
N GLY C 299 -7.09 -4.60 19.53
CA GLY C 299 -8.24 -5.44 19.35
C GLY C 299 -9.30 -5.31 20.41
N ASN C 300 -9.22 -4.31 21.29
CA ASN C 300 -10.18 -4.08 22.35
C ASN C 300 -10.84 -2.73 22.11
N SER C 301 -11.92 -2.73 21.35
CA SER C 301 -12.56 -1.49 20.93
C SER C 301 -13.67 -1.08 21.91
N TRP C 302 -13.74 0.22 22.18
CA TRP C 302 -14.81 0.76 23.03
C TRP C 302 -16.14 0.80 22.29
N SER C 303 -16.11 0.91 20.96
CA SER C 303 -17.34 0.98 20.18
C SER C 303 -18.17 -0.28 20.29
N ASP C 304 -17.56 -1.40 20.69
CA ASP C 304 -18.32 -2.61 20.92
C ASP C 304 -19.15 -2.56 22.19
N TYR C 305 -18.84 -1.63 23.10
CA TYR C 305 -19.55 -1.52 24.36
C TYR C 305 -20.31 -0.20 24.50
N ILE C 306 -20.08 0.77 23.63
CA ILE C 306 -20.70 2.09 23.80
C ILE C 306 -22.22 1.98 23.74
N SER C 307 -22.74 1.31 22.72
CA SER C 307 -24.19 1.22 22.54
C SER C 307 -24.84 0.45 23.68
N GLN C 308 -24.23 -0.67 24.09
CA GLN C 308 -24.79 -1.48 25.16
C GLN C 308 -24.79 -0.72 26.48
N ILE C 309 -23.72 0.02 26.76
CA ILE C 309 -23.67 0.82 27.99
C ILE C 309 -24.73 1.91 27.95
N ASP C 310 -24.86 2.61 26.82
CA ASP C 310 -25.82 3.70 26.74
C ASP C 310 -27.26 3.18 26.85
N SER C 311 -27.52 1.96 26.37
CA SER C 311 -28.88 1.45 26.39
C SER C 311 -29.42 1.25 27.79
N ILE C 312 -28.60 0.80 28.74
CA ILE C 312 -29.06 0.36 30.04
C ILE C 312 -28.63 1.31 31.17
N SER C 313 -28.16 2.50 30.83
CA SER C 313 -27.61 3.41 31.84
C SER C 313 -28.29 4.77 31.77
N ALA C 314 -28.08 5.54 32.83
CA ALA C 314 -28.51 6.94 32.91
C ALA C 314 -27.28 7.82 33.01
N SER C 315 -27.30 8.94 32.31
CA SER C 315 -26.15 9.85 32.29
C SER C 315 -26.33 10.94 33.33
N ILE C 316 -25.32 11.10 34.19
CA ILE C 316 -25.30 12.13 35.22
C ILE C 316 -24.05 12.97 35.02
N ILE C 317 -24.21 14.29 34.96
CA ILE C 317 -23.12 15.22 34.74
C ILE C 317 -23.06 16.19 35.91
N LEU C 318 -21.86 16.38 36.46
CA LEU C 318 -21.62 17.37 37.51
C LEU C 318 -20.74 18.46 36.92
N ASP C 319 -21.23 19.69 36.93
CA ASP C 319 -20.58 20.81 36.25
C ASP C 319 -20.13 21.81 37.31
N THR C 320 -18.93 21.58 37.85
CA THR C 320 -18.35 22.48 38.82
C THR C 320 -17.53 23.54 38.11
N GLU C 321 -16.77 24.33 38.87
CA GLU C 321 -15.89 25.33 38.28
C GLU C 321 -14.65 24.67 37.72
N ASN C 322 -14.29 25.05 36.49
CA ASN C 322 -13.05 24.69 35.81
C ASN C 322 -12.86 23.18 35.65
N GLU C 323 -13.87 22.36 35.93
CA GLU C 323 -13.74 20.93 35.78
C GLU C 323 -15.12 20.28 35.80
N SER C 324 -15.31 19.28 34.93
CA SER C 324 -16.58 18.61 34.76
C SER C 324 -16.40 17.11 34.76
N TYR C 325 -17.45 16.39 35.15
CA TYR C 325 -17.43 14.93 35.25
C TYR C 325 -18.71 14.36 34.66
N GLU C 326 -18.57 13.25 33.95
CA GLU C 326 -19.71 12.56 33.35
C GLU C 326 -19.66 11.08 33.71
N ARG C 327 -20.79 10.53 34.13
CA ARG C 327 -20.86 9.16 34.61
C ARG C 327 -22.07 8.47 34.01
N ARG C 328 -22.03 7.13 34.02
CA ARG C 328 -23.16 6.29 33.63
C ARG C 328 -23.45 5.32 34.77
N VAL C 329 -24.68 5.33 35.26
CA VAL C 329 -25.10 4.45 36.35
C VAL C 329 -26.19 3.53 35.82
N THR C 330 -26.01 2.23 36.05
CA THR C 330 -26.98 1.24 35.61
C THR C 330 -28.30 1.41 36.34
N ALA C 331 -29.40 1.26 35.61
CA ALA C 331 -30.74 1.40 36.16
C ALA C 331 -31.56 0.14 35.88
N LYS C 332 -32.55 -0.10 36.73
CA LYS C 332 -33.38 -1.29 36.61
C LYS C 332 -34.56 -1.06 35.67
N ASN C 333 -34.95 -2.11 34.97
CA ASN C 333 -36.09 -2.10 34.08
C ASN C 333 -37.25 -2.84 34.74
N LEU C 334 -38.32 -2.11 35.08
CA LEU C 334 -39.43 -2.70 35.80
C LEU C 334 -40.28 -3.59 34.91
N GLN C 335 -40.34 -3.31 33.61
CA GLN C 335 -41.14 -4.12 32.70
C GLN C 335 -40.64 -5.55 32.58
N ASP C 336 -39.35 -5.79 32.87
CA ASP C 336 -38.78 -7.12 32.75
C ASP C 336 -38.62 -7.71 34.14
N PRO C 337 -39.35 -8.77 34.49
CA PRO C 337 -39.18 -9.37 35.82
C PRO C 337 -37.87 -10.10 35.99
N GLU C 338 -37.15 -10.41 34.90
CA GLU C 338 -35.91 -11.18 34.97
C GLU C 338 -34.67 -10.30 35.02
N ASP C 339 -34.84 -8.99 35.21
CA ASP C 339 -33.70 -8.10 35.37
C ASP C 339 -33.45 -7.93 36.87
N LYS C 340 -32.27 -8.35 37.32
CA LYS C 340 -31.96 -8.39 38.75
C LYS C 340 -30.91 -7.36 39.15
N THR C 341 -30.74 -6.29 38.39
CA THR C 341 -29.81 -5.25 38.79
C THR C 341 -30.39 -4.47 39.98
N PRO C 342 -29.56 -4.09 40.95
CA PRO C 342 -30.10 -3.46 42.16
C PRO C 342 -30.73 -2.09 41.87
N GLU C 343 -31.72 -1.74 42.69
CA GLU C 343 -32.40 -0.47 42.57
C GLU C 343 -31.64 0.63 43.30
N LEU C 344 -31.58 1.80 42.68
CA LEU C 344 -30.93 2.96 43.27
C LEU C 344 -31.79 4.19 43.04
N THR C 345 -31.84 5.06 44.04
CA THR C 345 -32.46 6.36 43.88
C THR C 345 -31.46 7.33 43.27
N ILE C 346 -31.89 8.57 43.05
CA ILE C 346 -31.00 9.56 42.46
C ILE C 346 -29.89 9.93 43.44
N GLY C 347 -30.20 10.01 44.72
CA GLY C 347 -29.18 10.34 45.71
C GLY C 347 -28.09 9.30 45.79
N GLU C 348 -28.50 8.02 45.86
CA GLU C 348 -27.51 6.95 45.91
C GLU C 348 -26.73 6.86 44.61
N ALA C 349 -27.40 7.08 43.48
CA ALA C 349 -26.70 7.07 42.19
C ALA C 349 -25.63 8.16 42.14
N ILE C 350 -25.96 9.37 42.60
CA ILE C 350 -24.97 10.45 42.61
C ILE C 350 -23.83 10.12 43.56
N GLU C 351 -24.16 9.59 44.74
CA GLU C 351 -23.13 9.25 45.72
C GLU C 351 -22.16 8.20 45.18
N LYS C 352 -22.68 7.20 44.47
CA LYS C 352 -21.80 6.17 43.92
C LYS C 352 -21.04 6.67 42.69
N ALA C 353 -21.67 7.52 41.88
CA ALA C 353 -21.07 7.95 40.63
C ALA C 353 -19.95 8.95 40.83
N PHE C 354 -20.11 9.89 41.76
CA PHE C 354 -19.13 10.96 41.93
C PHE C 354 -18.29 10.78 43.19
N GLY C 355 -18.41 9.65 43.87
CA GLY C 355 -17.66 9.45 45.11
C GLY C 355 -18.01 10.45 46.18
N ALA C 356 -19.27 10.82 46.27
CA ALA C 356 -19.70 11.82 47.24
C ALA C 356 -19.58 11.28 48.66
N THR C 357 -19.47 12.21 49.60
CA THR C 357 -19.35 11.90 51.02
C THR C 357 -20.58 12.41 51.76
N LYS C 358 -21.12 11.59 52.64
CA LYS C 358 -22.29 11.94 53.44
C LYS C 358 -21.84 12.39 54.82
N LYS C 359 -22.15 13.64 55.16
CA LYS C 359 -21.80 14.18 56.47
C LYS C 359 -22.95 14.04 57.46
N ASP C 360 -24.10 14.64 57.14
CA ASP C 360 -25.30 14.57 57.96
C ASP C 360 -26.51 14.28 57.08
N GLY C 361 -26.41 13.31 56.19
CA GLY C 361 -27.44 13.02 55.22
C GLY C 361 -27.33 13.82 53.94
N LEU C 362 -26.41 14.78 53.86
CA LEU C 362 -26.20 15.57 52.67
C LEU C 362 -24.88 15.17 52.01
N LEU C 363 -24.85 15.27 50.68
CA LEU C 363 -23.71 14.83 49.89
C LEU C 363 -22.73 15.96 49.69
N TYR C 364 -21.44 15.66 49.80
CA TYR C 364 -20.35 16.58 49.50
C TYR C 364 -19.43 15.92 48.49
N PHE C 365 -19.01 16.69 47.48
CA PHE C 365 -18.13 16.11 46.47
C PHE C 365 -16.71 16.01 47.00
N ASN C 366 -16.08 17.15 47.24
CA ASN C 366 -14.83 17.21 47.99
C ASN C 366 -14.99 18.04 49.25
N ASP C 367 -15.37 19.31 49.11
CA ASP C 367 -15.82 20.14 50.21
C ASP C 367 -16.99 21.02 49.80
N ILE C 368 -17.68 20.68 48.73
CA ILE C 368 -18.77 21.48 48.18
C ILE C 368 -20.07 20.71 48.39
N PRO C 369 -21.11 21.32 48.95
CA PRO C 369 -22.40 20.61 49.08
C PRO C 369 -23.02 20.39 47.72
N ILE C 370 -23.49 19.16 47.49
CA ILE C 370 -24.17 18.84 46.23
C ILE C 370 -25.52 18.22 46.51
N ASP C 371 -26.11 18.59 47.65
CA ASP C 371 -27.48 18.18 47.92
C ASP C 371 -28.43 18.95 47.01
N GLU C 372 -29.61 18.38 46.78
CA GLU C 372 -30.53 18.91 45.78
C GLU C 372 -30.96 20.34 46.07
N SER C 373 -30.92 20.77 47.33
CA SER C 373 -31.29 22.14 47.69
C SER C 373 -30.11 23.10 47.60
N CYS C 374 -28.89 22.60 47.40
CA CYS C 374 -27.69 23.43 47.36
C CYS C 374 -27.10 23.54 45.97
N VAL C 375 -27.77 22.99 44.95
CA VAL C 375 -27.29 23.02 43.57
C VAL C 375 -28.47 23.31 42.66
N GLU C 376 -28.19 23.37 41.36
CA GLU C 376 -29.20 23.53 40.33
C GLU C 376 -29.31 22.23 39.55
N LEU C 377 -30.51 21.64 39.53
CA LEU C 377 -30.75 20.39 38.83
C LEU C 377 -31.41 20.70 37.49
N ILE C 378 -30.76 20.29 36.41
CA ILE C 378 -31.24 20.56 35.06
C ILE C 378 -31.55 19.23 34.38
N PHE C 379 -32.80 19.05 33.97
CA PHE C 379 -33.24 17.85 33.29
C PHE C 379 -33.73 18.20 31.88
N ASP C 380 -33.87 17.17 31.05
CA ASP C 380 -34.58 17.33 29.79
C ASP C 380 -36.07 17.08 30.02
N ASP C 381 -36.85 17.16 28.95
CA ASP C 381 -38.30 17.09 29.10
C ASP C 381 -38.76 15.74 29.61
N ASN C 382 -38.17 14.65 29.11
CA ASN C 382 -38.56 13.32 29.54
C ASN C 382 -38.25 13.10 31.02
N THR C 383 -37.04 13.47 31.44
CA THR C 383 -36.68 13.33 32.85
C THR C 383 -37.53 14.23 33.73
N ALA C 384 -37.83 15.44 33.26
CA ALA C 384 -38.71 16.32 34.02
C ALA C 384 -40.09 15.69 34.21
N ASN C 385 -40.64 15.11 33.14
CA ASN C 385 -41.93 14.43 33.25
C ASN C 385 -41.88 13.28 34.23
N LYS C 386 -40.82 12.47 34.15
CA LYS C 386 -40.70 11.33 35.07
C LYS C 386 -40.57 11.80 36.51
N ILE C 387 -39.77 12.84 36.76
CA ILE C 387 -39.59 13.36 38.11
C ILE C 387 -40.91 13.89 38.64
N LYS C 388 -41.66 14.63 37.83
CA LYS C 388 -42.93 15.18 38.30
C LYS C 388 -43.95 14.08 38.55
N ASP C 389 -43.98 13.05 37.69
CA ASP C 389 -44.94 11.96 37.88
C ASP C 389 -44.56 11.04 39.01
N SER C 390 -43.29 11.03 39.42
CA SER C 390 -42.88 10.24 40.57
C SER C 390 -42.94 11.00 41.88
N LEU C 391 -42.79 12.32 41.85
CA LEU C 391 -42.85 13.11 43.08
C LEU C 391 -44.27 13.13 43.66
N LYS C 392 -45.28 13.21 42.78
CA LYS C 392 -46.65 13.20 43.26
C LYS C 392 -47.01 11.86 43.90
N THR C 393 -46.44 10.76 43.39
CA THR C 393 -46.62 9.47 44.02
C THR C 393 -45.76 9.33 45.27
N LEU C 394 -44.62 10.00 45.31
CA LEU C 394 -43.69 9.89 46.42
C LEU C 394 -44.27 10.50 47.68
N SER C 395 -43.73 10.10 48.82
CA SER C 395 -44.18 10.55 50.13
C SER C 395 -43.32 11.69 50.69
N ASP C 396 -42.01 11.50 50.77
CA ASP C 396 -41.14 12.52 51.34
C ASP C 396 -40.98 13.73 50.45
N LYS C 397 -41.27 13.60 49.16
CA LYS C 397 -41.25 14.72 48.21
C LYS C 397 -39.88 15.37 48.11
N LYS C 398 -38.89 14.57 47.72
CA LYS C 398 -37.55 15.07 47.43
C LYS C 398 -37.03 14.39 46.18
N ILE C 399 -36.35 15.17 45.32
CA ILE C 399 -35.89 14.65 44.04
C ILE C 399 -34.90 13.52 44.23
N TYR C 400 -33.99 13.67 45.20
CA TYR C 400 -32.95 12.66 45.43
C TYR C 400 -33.53 11.32 45.88
N ASN C 401 -34.78 11.27 46.32
CA ASN C 401 -35.42 10.03 46.72
C ASN C 401 -36.20 9.36 45.59
N VAL C 402 -36.19 9.94 44.40
CA VAL C 402 -36.86 9.35 43.25
C VAL C 402 -35.98 8.24 42.68
N LYS C 403 -36.61 7.12 42.33
CA LYS C 403 -35.86 5.98 41.80
C LYS C 403 -35.26 6.30 40.44
N LEU C 404 -34.01 5.90 40.25
CA LEU C 404 -33.32 6.13 39.00
C LEU C 404 -33.86 5.21 37.91
N GLU C 405 -34.05 5.77 36.70
CA GLU C 405 -34.60 5.03 35.58
C GLU C 405 -33.77 5.25 34.33
N ARG C 406 -33.87 4.31 33.40
CA ARG C 406 -33.06 4.34 32.19
C ARG C 406 -33.43 5.52 31.31
N GLY C 407 -32.42 6.09 30.66
CA GLY C 407 -32.62 7.22 29.78
C GLY C 407 -32.66 8.56 30.46
N MET C 408 -32.58 8.59 31.79
CA MET C 408 -32.61 9.86 32.51
C MET C 408 -31.36 10.69 32.20
N ASN C 409 -31.56 11.99 32.04
CA ASN C 409 -30.48 12.92 31.76
C ASN C 409 -30.50 13.99 32.85
N ILE C 410 -29.58 13.89 33.80
CA ILE C 410 -29.51 14.79 34.94
C ILE C 410 -28.21 15.56 34.87
N LEU C 411 -28.30 16.88 34.98
CA LEU C 411 -27.14 17.77 34.98
C LEU C 411 -27.16 18.56 36.28
N ILE C 412 -26.07 18.47 37.05
CA ILE C 412 -25.93 19.14 38.33
C ILE C 412 -24.88 20.23 38.18
N LYS C 413 -25.22 21.45 38.60
CA LYS C 413 -24.33 22.60 38.51
C LYS C 413 -24.12 23.17 39.90
N THR C 414 -22.87 23.22 40.34
CA THR C 414 -22.56 23.84 41.62
C THR C 414 -22.62 25.36 41.50
N PRO C 415 -23.05 26.04 42.57
CA PRO C 415 -23.14 27.51 42.50
C PRO C 415 -21.78 28.17 42.56
N THR C 416 -21.71 29.38 42.00
CA THR C 416 -20.50 30.19 42.15
C THR C 416 -20.37 30.72 43.56
N TYR C 417 -21.46 31.24 44.13
CA TYR C 417 -21.51 31.69 45.51
C TYR C 417 -22.71 31.06 46.18
N PHE C 418 -22.54 30.64 47.43
CA PHE C 418 -23.61 29.96 48.14
C PHE C 418 -23.51 30.27 49.63
N THR C 419 -24.67 30.41 50.27
CA THR C 419 -24.72 30.61 51.71
C THR C 419 -25.88 29.79 52.28
N ASN C 420 -25.59 29.05 53.36
CA ASN C 420 -26.63 28.37 54.11
C ASN C 420 -26.76 28.91 55.52
N PHE C 421 -25.93 29.88 55.90
CA PHE C 421 -25.92 30.50 57.22
C PHE C 421 -25.66 29.49 58.32
N ASP C 422 -25.11 28.31 57.98
CA ASP C 422 -24.84 27.27 58.96
C ASP C 422 -23.35 27.00 59.12
N ASP C 423 -22.68 26.57 58.06
CA ASP C 423 -21.25 26.32 58.09
C ASP C 423 -20.53 26.69 56.80
N TYR C 424 -21.23 27.17 55.79
CA TYR C 424 -20.65 27.41 54.47
C TYR C 424 -20.99 28.81 54.01
N ASN C 425 -19.96 29.60 53.70
CA ASN C 425 -20.16 30.93 53.14
C ASN C 425 -19.13 31.14 52.05
N ASN C 426 -19.60 31.26 50.81
CA ASN C 426 -18.72 31.45 49.66
C ASN C 426 -18.76 32.86 49.10
N TYR C 427 -19.69 33.70 49.55
CA TYR C 427 -19.82 35.03 49.00
C TYR C 427 -18.57 35.85 49.32
N PRO C 428 -18.09 36.66 48.37
CA PRO C 428 -16.92 37.50 48.68
C PRO C 428 -17.26 38.68 49.57
N SER C 429 -18.43 39.28 49.38
CA SER C 429 -18.86 40.41 50.19
C SER C 429 -19.66 39.89 51.39
N THR C 430 -20.29 40.81 52.11
CA THR C 430 -21.06 40.47 53.30
C THR C 430 -22.48 41.01 53.17
N TRP C 431 -23.46 40.19 53.55
CA TRP C 431 -24.85 40.61 53.54
C TRP C 431 -25.06 41.72 54.56
N SER C 432 -25.99 42.63 54.24
CA SER C 432 -26.20 43.81 55.07
C SER C 432 -26.66 43.44 56.47
N ASN C 433 -27.59 42.49 56.57
CA ASN C 433 -28.15 42.11 57.86
C ASN C 433 -28.61 40.67 57.82
N VAL C 434 -28.12 39.86 58.76
CA VAL C 434 -28.39 38.43 58.80
C VAL C 434 -29.02 38.08 60.14
N ASN C 435 -29.64 36.90 60.19
CA ASN C 435 -30.26 36.39 61.40
C ASN C 435 -30.09 34.89 61.43
N THR C 436 -29.37 34.39 62.43
CA THR C 436 -29.06 32.96 62.55
C THR C 436 -29.23 32.48 63.98
N THR C 437 -30.30 32.92 64.64
CA THR C 437 -30.53 32.62 66.04
C THR C 437 -31.66 31.63 66.26
N ASN C 438 -31.89 30.72 65.31
CA ASN C 438 -33.00 29.79 65.41
C ASN C 438 -32.75 28.60 64.50
N GLN C 439 -33.49 27.51 64.76
CA GLN C 439 -33.44 26.31 63.92
C GLN C 439 -34.63 26.34 62.97
N ASP C 440 -34.47 27.08 61.88
CA ASP C 440 -35.52 27.23 60.89
C ASP C 440 -34.91 27.09 59.51
N GLY C 441 -35.67 27.43 58.47
CA GLY C 441 -35.19 27.24 57.12
C GLY C 441 -35.11 25.77 56.78
N LEU C 442 -34.44 25.49 55.66
CA LEU C 442 -34.13 24.09 55.34
C LEU C 442 -33.20 23.50 56.39
N GLN C 443 -32.20 24.26 56.84
CA GLN C 443 -31.33 23.85 57.94
C GLN C 443 -31.01 25.09 58.76
N GLY C 444 -31.59 25.17 59.96
CA GLY C 444 -31.19 26.10 61.00
C GLY C 444 -30.77 27.50 60.60
N SER C 445 -31.60 28.19 59.82
CA SER C 445 -31.24 29.52 59.36
C SER C 445 -32.50 30.26 58.92
N ALA C 446 -32.64 31.51 59.35
CA ALA C 446 -33.80 32.32 59.01
C ALA C 446 -33.42 33.54 58.18
N ASN C 447 -32.51 34.38 58.67
CA ASN C 447 -32.08 35.62 58.02
C ASN C 447 -33.28 36.44 57.53
N LYS C 448 -34.07 36.89 58.51
CA LYS C 448 -35.15 37.81 58.21
C LYS C 448 -35.49 38.63 59.45
N LEU C 449 -35.68 39.93 59.26
CA LEU C 449 -36.06 40.83 60.33
C LEU C 449 -36.88 41.95 59.70
N ASN C 450 -37.07 43.05 60.43
CA ASN C 450 -37.77 44.21 59.87
C ASN C 450 -37.00 44.77 58.67
N GLY C 451 -35.67 44.84 58.78
CA GLY C 451 -34.87 45.41 57.72
C GLY C 451 -34.79 44.53 56.50
N GLU C 452 -34.16 45.06 55.46
CA GLU C 452 -34.05 44.40 54.17
C GLU C 452 -32.58 44.12 53.85
N THR C 453 -32.35 43.02 53.13
CA THR C 453 -31.01 42.51 52.88
C THR C 453 -30.39 43.18 51.65
N LYS C 454 -29.11 43.53 51.75
CA LYS C 454 -28.37 44.16 50.67
C LYS C 454 -27.06 43.39 50.45
N ILE C 455 -26.71 43.22 49.17
CA ILE C 455 -25.43 42.63 48.80
C ILE C 455 -24.91 43.38 47.57
N LYS C 456 -23.59 43.59 47.54
CA LYS C 456 -22.94 44.30 46.44
C LYS C 456 -21.73 43.49 45.99
N ILE C 457 -21.90 42.72 44.92
CA ILE C 457 -20.81 41.95 44.34
C ILE C 457 -19.92 42.89 43.53
N PRO C 458 -18.62 42.97 43.83
CA PRO C 458 -17.78 44.02 43.23
C PRO C 458 -17.60 43.90 41.72
N MET C 459 -18.11 42.83 41.10
CA MET C 459 -18.05 42.56 39.66
C MET C 459 -16.63 42.24 39.19
N SER C 460 -15.63 42.36 40.06
CA SER C 460 -14.28 41.92 39.72
C SER C 460 -14.13 40.41 39.82
N GLU C 461 -15.10 39.72 40.43
CA GLU C 461 -15.05 38.28 40.63
C GLU C 461 -16.22 37.60 39.91
N LEU C 462 -16.65 38.17 38.80
CA LEU C 462 -17.71 37.61 37.97
C LEU C 462 -17.27 37.62 36.52
N LYS C 463 -17.95 36.80 35.72
CA LYS C 463 -17.58 36.67 34.31
C LYS C 463 -17.95 37.94 33.54
N PRO C 464 -17.19 38.27 32.49
CA PRO C 464 -17.42 39.52 31.76
C PRO C 464 -18.79 39.59 31.08
N TYR C 465 -19.07 38.64 30.19
CA TYR C 465 -20.34 38.61 29.45
C TYR C 465 -20.94 37.21 29.64
N LYS C 466 -21.65 37.03 30.74
CA LYS C 466 -22.29 35.75 31.04
C LYS C 466 -23.61 36.00 31.75
N ARG C 467 -24.51 35.03 31.63
CA ARG C 467 -25.87 35.15 32.12
C ARG C 467 -26.07 34.29 33.36
N TYR C 468 -26.60 34.90 34.42
CA TYR C 468 -26.63 34.27 35.74
C TYR C 468 -28.07 34.09 36.25
N VAL C 469 -28.16 33.39 37.37
CA VAL C 469 -29.41 33.12 38.06
C VAL C 469 -29.18 33.27 39.56
N PHE C 470 -30.13 33.93 40.24
CA PHE C 470 -30.07 34.08 41.70
C PHE C 470 -31.26 33.33 42.30
N SER C 471 -30.97 32.25 43.02
CA SER C 471 -32.00 31.39 43.57
C SER C 471 -32.01 31.46 45.09
N GLY C 472 -33.00 30.76 45.68
CA GLY C 472 -33.13 30.73 47.12
C GLY C 472 -34.43 30.04 47.52
N TYR C 473 -34.67 30.02 48.82
CA TYR C 473 -35.90 29.47 49.39
C TYR C 473 -36.53 30.51 50.31
N SER C 474 -37.83 30.74 50.14
CA SER C 474 -38.55 31.73 50.93
C SER C 474 -39.78 31.10 51.55
N LYS C 475 -39.96 31.30 52.86
CA LYS C 475 -41.06 30.72 53.60
C LYS C 475 -41.69 31.76 54.51
N ASP C 476 -43.02 31.67 54.68
CA ASP C 476 -43.74 32.44 55.68
C ASP C 476 -44.61 31.49 56.50
N PRO C 477 -44.50 31.48 57.82
CA PRO C 477 -45.38 30.60 58.62
C PRO C 477 -46.85 30.89 58.42
N LEU C 478 -47.23 32.15 58.25
CA LEU C 478 -48.61 32.55 58.04
C LEU C 478 -48.69 33.46 56.83
N THR C 479 -49.84 33.44 56.16
CA THR C 479 -50.02 34.25 54.96
C THR C 479 -49.75 35.72 55.26
N SER C 480 -48.96 36.36 54.39
CA SER C 480 -48.46 37.69 54.65
C SER C 480 -48.34 38.42 53.32
N ASN C 481 -47.59 39.53 53.31
CA ASN C 481 -47.41 40.33 52.11
C ASN C 481 -46.43 39.67 51.15
N SER C 482 -46.05 40.39 50.11
CA SER C 482 -45.17 39.88 49.08
C SER C 482 -43.73 40.31 49.34
N ILE C 483 -42.83 39.94 48.44
CA ILE C 483 -41.42 40.26 48.56
C ILE C 483 -41.00 41.07 47.33
N ILE C 484 -40.34 42.19 47.56
CA ILE C 484 -39.84 43.05 46.48
C ILE C 484 -38.39 42.69 46.23
N VAL C 485 -38.14 41.95 45.17
CA VAL C 485 -36.79 41.52 44.80
C VAL C 485 -36.30 42.42 43.67
N LYS C 486 -35.21 43.13 43.93
CA LYS C 486 -34.61 44.04 42.97
C LYS C 486 -33.25 43.50 42.57
N ILE C 487 -32.99 43.46 41.26
CA ILE C 487 -31.69 43.07 40.72
C ILE C 487 -31.21 44.17 39.80
N LYS C 488 -29.94 44.52 39.90
CA LYS C 488 -29.34 45.58 39.07
C LYS C 488 -27.96 45.11 38.61
N ALA C 489 -27.92 44.48 37.43
CA ALA C 489 -26.65 44.06 36.84
C ALA C 489 -26.38 44.79 35.53
N LYS C 490 -27.27 44.72 34.56
CA LYS C 490 -27.21 45.52 33.34
C LYS C 490 -28.37 46.48 33.22
N GLU C 491 -29.59 45.99 33.36
CA GLU C 491 -30.76 46.83 33.54
C GLU C 491 -31.50 46.33 34.77
N GLU C 492 -31.98 47.26 35.59
CA GLU C 492 -32.60 46.90 36.86
C GLU C 492 -33.97 46.28 36.59
N LYS C 493 -34.13 45.02 36.99
CA LYS C 493 -35.35 44.27 36.77
C LYS C 493 -36.09 44.08 38.09
N THR C 494 -37.39 44.34 38.07
CA THR C 494 -38.23 44.23 39.24
C THR C 494 -39.20 43.06 39.11
N ASP C 495 -39.31 42.26 40.17
CA ASP C 495 -40.21 41.12 40.17
C ASP C 495 -40.80 40.99 41.58
N TYR C 496 -42.03 40.50 41.65
CA TYR C 496 -42.77 40.41 42.89
C TYR C 496 -42.87 38.94 43.30
N LEU C 497 -42.51 38.67 44.56
CA LEU C 497 -42.46 37.30 45.07
C LEU C 497 -43.49 37.13 46.17
N VAL C 498 -44.33 36.10 46.04
CA VAL C 498 -45.34 35.75 47.02
C VAL C 498 -45.02 34.36 47.57
N PRO C 499 -44.45 34.27 48.77
CA PRO C 499 -44.07 32.96 49.32
C PRO C 499 -45.28 32.16 49.80
N GLU C 500 -45.03 31.01 50.41
CA GLU C 500 -46.11 30.14 50.89
C GLU C 500 -45.81 29.59 52.28
N GLN C 501 -46.64 28.66 52.73
CA GLN C 501 -46.43 28.07 54.05
C GLN C 501 -45.12 27.31 54.13
N GLY C 502 -44.75 26.61 53.06
CA GLY C 502 -43.50 25.88 52.97
C GLY C 502 -42.41 26.68 52.31
N TYR C 503 -41.48 25.98 51.68
CA TYR C 503 -40.37 26.60 50.99
C TYR C 503 -40.52 26.39 49.48
N THR C 504 -40.20 27.43 48.71
CA THR C 504 -40.23 27.38 47.27
C THR C 504 -39.01 28.10 46.72
N LYS C 505 -38.64 27.77 45.49
CA LYS C 505 -37.53 28.41 44.80
C LYS C 505 -38.07 29.41 43.79
N PHE C 506 -37.47 30.60 43.77
CA PHE C 506 -37.84 31.66 42.84
C PHE C 506 -36.87 31.78 41.67
N SER C 507 -35.57 31.73 41.93
CA SER C 507 -34.54 31.73 40.90
C SER C 507 -34.70 32.91 39.94
N TYR C 508 -34.55 34.11 40.50
CA TYR C 508 -34.62 35.32 39.69
C TYR C 508 -33.31 35.54 38.94
N GLU C 509 -33.44 36.00 37.71
CA GLU C 509 -32.45 35.84 36.66
C GLU C 509 -31.93 37.18 36.18
N PHE C 510 -30.61 37.30 35.99
CA PHE C 510 -30.02 38.56 35.58
C PHE C 510 -28.88 38.35 34.59
N GLU C 511 -28.32 39.48 34.13
CA GLU C 511 -27.37 39.54 33.02
C GLU C 511 -26.27 40.56 33.31
N THR C 512 -25.02 40.15 33.12
CA THR C 512 -23.86 41.03 33.28
C THR C 512 -23.08 41.08 31.97
N THR C 513 -22.82 42.28 31.48
CA THR C 513 -22.09 42.48 30.23
C THR C 513 -21.11 43.64 30.35
N GLU C 514 -20.49 43.81 31.50
CA GLU C 514 -19.65 44.98 31.73
C GLU C 514 -18.18 44.64 31.94
N LYS C 515 -17.85 43.80 32.93
CA LYS C 515 -16.48 43.43 33.31
C LYS C 515 -15.70 44.62 33.87
N ASP C 516 -16.28 45.83 33.81
CA ASP C 516 -15.62 47.01 34.34
C ASP C 516 -16.53 47.93 35.14
N SER C 517 -17.84 47.71 35.16
CA SER C 517 -18.78 48.65 35.77
C SER C 517 -18.73 48.54 37.29
N SER C 518 -19.66 49.21 37.95
CA SER C 518 -19.73 49.22 39.41
C SER C 518 -20.25 47.88 39.91
N ASN C 519 -20.54 47.80 41.21
CA ASN C 519 -20.92 46.53 41.82
C ASN C 519 -22.29 46.08 41.32
N ILE C 520 -22.62 44.83 41.65
CA ILE C 520 -23.90 44.23 41.28
C ILE C 520 -24.81 44.30 42.49
N GLU C 521 -25.99 44.91 42.31
CA GLU C 521 -26.90 45.19 43.41
C GLU C 521 -28.12 44.27 43.32
N ILE C 522 -28.31 43.45 44.35
CA ILE C 522 -29.51 42.63 44.50
C ILE C 522 -30.09 42.90 45.88
N THR C 523 -31.40 43.17 45.94
CA THR C 523 -32.09 43.41 47.19
C THR C 523 -33.41 42.64 47.21
N LEU C 524 -33.87 42.32 48.42
CA LEU C 524 -35.04 41.50 48.65
C LEU C 524 -36.02 42.23 49.57
N ILE C 525 -36.32 43.48 49.21
CA ILE C 525 -37.18 44.33 50.03
C ILE C 525 -38.50 43.62 50.34
N GLY C 526 -38.99 43.84 51.55
CA GLY C 526 -40.23 43.22 51.99
C GLY C 526 -40.07 42.54 53.33
N SER C 527 -40.93 42.88 54.29
CA SER C 527 -40.83 42.32 55.63
C SER C 527 -42.15 41.68 56.04
N GLY C 528 -42.25 41.27 57.31
CA GLY C 528 -43.43 40.57 57.77
C GLY C 528 -43.10 39.22 58.39
N THR C 529 -41.86 39.06 58.84
CA THR C 529 -41.39 37.86 59.54
C THR C 529 -41.52 36.61 58.67
N THR C 530 -40.91 36.68 57.49
CA THR C 530 -40.81 35.52 56.61
C THR C 530 -39.48 34.80 56.89
N TYR C 531 -39.11 33.87 56.02
CA TYR C 531 -37.90 33.08 56.21
C TYR C 531 -37.16 32.92 54.89
N LEU C 532 -35.84 32.98 54.95
CA LEU C 532 -34.98 32.90 53.78
C LEU C 532 -33.89 31.87 54.01
N ASP C 533 -33.51 31.17 52.94
CA ASP C 533 -32.51 30.12 53.06
C ASP C 533 -31.90 29.81 51.70
N ASN C 534 -30.63 29.42 51.72
CA ASN C 534 -29.93 28.89 50.55
C ASN C 534 -29.92 29.88 49.38
N LEU C 535 -29.27 31.00 49.60
CA LEU C 535 -29.12 32.03 48.56
C LEU C 535 -27.90 31.71 47.72
N SER C 536 -28.08 31.71 46.39
CA SER C 536 -27.00 31.29 45.49
C SER C 536 -27.04 32.13 44.22
N ILE C 537 -25.86 32.25 43.60
CA ILE C 537 -25.71 32.86 42.28
C ILE C 537 -24.93 31.89 41.41
N THR C 538 -25.56 31.41 40.34
CA THR C 538 -24.96 30.39 39.48
C THR C 538 -24.94 30.88 38.04
N GLU C 539 -24.04 30.28 37.25
CA GLU C 539 -23.94 30.60 35.84
C GLU C 539 -25.00 29.83 35.04
N LEU C 540 -25.11 30.17 33.76
CA LEU C 540 -26.03 29.50 32.85
C LEU C 540 -25.28 29.06 31.59
N ASN C 541 -25.80 28.00 30.97
CA ASN C 541 -25.24 27.49 29.72
C ASN C 541 -26.38 26.81 28.95
N SER C 542 -26.98 27.53 28.01
CA SER C 542 -28.01 26.99 27.13
C SER C 542 -27.66 27.36 25.70
N THR C 543 -27.76 26.39 24.79
CA THR C 543 -27.42 26.59 23.39
C THR C 543 -28.55 26.12 22.49
N PRO C 544 -29.67 26.86 22.45
CA PRO C 544 -30.65 26.65 21.36
C PRO C 544 -30.27 27.46 20.13
N GLU C 545 -30.00 26.79 19.01
CA GLU C 545 -29.37 27.47 17.88
C GLU C 545 -30.41 28.11 16.95
N ILE C 546 -31.26 27.30 16.32
CA ILE C 546 -32.27 27.83 15.41
C ILE C 546 -33.66 27.30 15.80
N LEU C 547 -33.78 25.99 15.97
CA LEU C 547 -35.03 25.34 16.37
C LEU C 547 -36.16 25.59 15.37
N ASP C 548 -35.82 25.76 14.10
CA ASP C 548 -36.82 25.95 13.07
C ASP C 548 -36.20 25.68 11.70
N GLU C 549 -37.04 25.27 10.75
CA GLU C 549 -36.64 25.06 9.38
C GLU C 549 -37.57 25.85 8.46
N PRO C 550 -37.08 26.25 7.29
CA PRO C 550 -37.93 27.02 6.37
C PRO C 550 -39.13 26.21 5.88
N GLU C 551 -40.22 26.92 5.62
CA GLU C 551 -41.42 26.31 5.06
C GLU C 551 -41.28 26.24 3.55
N VAL C 552 -42.35 25.85 2.86
CA VAL C 552 -42.26 25.66 1.41
C VAL C 552 -42.55 26.96 0.66
N LYS C 553 -43.73 27.53 0.87
CA LYS C 553 -44.14 28.81 0.25
C LYS C 553 -43.98 28.75 -1.27
N ILE C 554 -44.80 27.90 -1.88
CA ILE C 554 -44.80 27.83 -3.35
C ILE C 554 -45.26 29.16 -3.92
N PRO C 555 -44.59 29.70 -4.94
CA PRO C 555 -45.00 30.99 -5.48
C PRO C 555 -46.37 30.89 -6.14
N THR C 556 -47.13 31.97 -6.04
CA THR C 556 -48.41 32.07 -6.72
C THR C 556 -48.22 32.78 -8.06
N ASP C 557 -49.30 32.82 -8.84
CA ASP C 557 -49.21 33.34 -10.21
C ASP C 557 -48.83 34.81 -10.21
N GLN C 558 -49.38 35.59 -9.28
CA GLN C 558 -49.06 37.01 -9.24
C GLN C 558 -47.61 37.24 -8.85
N GLU C 559 -47.08 36.44 -7.92
CA GLU C 559 -45.68 36.57 -7.56
C GLU C 559 -44.76 36.25 -8.74
N ILE C 560 -45.10 35.21 -9.50
CA ILE C 560 -44.31 34.88 -10.69
C ILE C 560 -44.39 36.00 -11.70
N MET C 561 -45.58 36.57 -11.90
CA MET C 561 -45.72 37.68 -12.83
C MET C 561 -44.90 38.89 -12.39
N ASP C 562 -44.87 39.16 -11.09
CA ASP C 562 -44.09 40.28 -10.57
C ASP C 562 -42.60 40.02 -10.66
N ALA C 563 -42.18 38.75 -10.57
CA ALA C 563 -40.75 38.44 -10.59
C ALA C 563 -40.11 38.79 -11.93
N HIS C 564 -40.88 38.70 -13.02
CA HIS C 564 -40.38 38.97 -14.36
C HIS C 564 -40.78 40.35 -14.86
N LYS C 565 -41.03 41.30 -13.96
CA LYS C 565 -41.44 42.64 -14.37
C LYS C 565 -40.26 43.47 -14.89
N ILE C 566 -39.08 43.31 -14.30
CA ILE C 566 -37.89 44.05 -14.71
C ILE C 566 -37.04 43.15 -15.58
N TYR C 567 -36.72 43.62 -16.79
CA TYR C 567 -35.99 42.80 -17.75
C TYR C 567 -35.15 43.70 -18.64
N PHE C 568 -33.97 43.20 -19.00
CA PHE C 568 -33.06 43.87 -19.92
C PHE C 568 -32.73 42.91 -21.06
N ALA C 569 -32.72 43.43 -22.28
CA ALA C 569 -32.49 42.62 -23.47
C ALA C 569 -31.05 42.75 -23.90
N ASP C 570 -30.40 41.60 -24.12
CA ASP C 570 -29.01 41.55 -24.58
C ASP C 570 -29.01 41.79 -26.08
N LEU C 571 -28.74 43.03 -26.47
CA LEU C 571 -28.92 43.46 -27.85
C LEU C 571 -27.59 43.36 -28.61
N ASN C 572 -27.57 42.53 -29.64
CA ASN C 572 -26.40 42.37 -30.49
C ASN C 572 -26.41 43.45 -31.56
N PHE C 573 -25.28 44.14 -31.72
CA PHE C 573 -25.20 45.26 -32.66
C PHE C 573 -23.77 45.32 -33.21
N ASN C 574 -23.54 44.68 -34.35
CA ASN C 574 -22.36 44.93 -35.15
C ASN C 574 -22.69 45.90 -36.28
N PRO C 575 -22.14 47.11 -36.28
CA PRO C 575 -22.72 48.16 -37.14
C PRO C 575 -22.43 47.97 -38.61
N SER C 576 -23.43 47.50 -39.35
CA SER C 576 -23.44 47.58 -40.80
C SER C 576 -24.62 48.42 -41.28
N THR C 577 -25.85 48.03 -40.95
CA THR C 577 -27.04 48.86 -41.11
C THR C 577 -27.96 48.54 -39.92
N GLY C 578 -27.77 49.26 -38.82
CA GLY C 578 -28.64 49.19 -37.67
C GLY C 578 -29.09 47.80 -37.26
N ASN C 579 -28.15 46.95 -36.85
CA ASN C 579 -28.48 45.55 -36.57
C ASN C 579 -29.49 45.42 -35.44
N THR C 580 -29.09 45.79 -34.22
CA THR C 580 -29.96 45.82 -33.04
C THR C 580 -30.82 44.55 -32.97
N TYR C 581 -30.14 43.42 -32.80
CA TYR C 581 -30.80 42.13 -32.67
C TYR C 581 -30.63 41.60 -31.25
N ILE C 582 -31.64 40.87 -30.80
CA ILE C 582 -31.68 40.35 -29.44
C ILE C 582 -30.88 39.05 -29.37
N ASN C 583 -29.87 39.02 -28.51
CA ASN C 583 -29.20 37.77 -28.17
C ASN C 583 -29.95 37.00 -27.10
N GLY C 584 -30.48 37.69 -26.10
CA GLY C 584 -31.21 37.04 -25.03
C GLY C 584 -31.86 38.06 -24.12
N MET C 585 -32.65 37.55 -23.18
CA MET C 585 -33.41 38.37 -22.26
C MET C 585 -32.93 38.11 -20.84
N TYR C 586 -32.53 39.17 -20.14
CA TYR C 586 -32.25 39.09 -18.72
C TYR C 586 -33.53 39.29 -17.91
N PHE C 587 -33.49 38.84 -16.66
CA PHE C 587 -34.55 39.12 -15.69
C PHE C 587 -33.89 39.60 -14.41
N ALA C 588 -34.09 40.87 -14.08
CA ALA C 588 -33.34 41.51 -13.02
C ALA C 588 -33.66 40.88 -11.66
N PRO C 589 -32.69 40.74 -10.78
CA PRO C 589 -32.95 40.24 -9.44
C PRO C 589 -33.23 41.37 -8.45
N THR C 590 -34.19 41.14 -7.57
CA THR C 590 -34.54 42.11 -6.54
C THR C 590 -34.52 41.46 -5.17
N GLN C 591 -35.00 42.17 -4.15
CA GLN C 591 -35.07 41.64 -2.80
C GLN C 591 -36.34 40.85 -2.53
N THR C 592 -37.23 40.72 -3.52
CA THR C 592 -38.51 40.06 -3.31
C THR C 592 -38.81 38.94 -4.30
N ASN C 593 -37.98 38.73 -5.33
CA ASN C 593 -38.29 37.77 -6.38
C ASN C 593 -37.28 36.61 -6.43
N LYS C 594 -36.47 36.44 -5.39
CA LYS C 594 -35.47 35.37 -5.41
C LYS C 594 -36.13 34.00 -5.48
N GLU C 595 -37.07 33.74 -4.57
CA GLU C 595 -37.72 32.44 -4.53
C GLU C 595 -38.62 32.22 -5.73
N ALA C 596 -39.29 33.28 -6.20
CA ALA C 596 -40.15 33.16 -7.37
C ALA C 596 -39.35 32.85 -8.63
N LEU C 597 -38.24 33.57 -8.83
CA LEU C 597 -37.40 33.32 -10.00
C LEU C 597 -36.74 31.95 -9.93
N ASP C 598 -36.28 31.55 -8.75
CA ASP C 598 -35.64 30.24 -8.61
C ASP C 598 -36.63 29.09 -8.82
N TYR C 599 -37.93 29.36 -8.70
CA TYR C 599 -38.94 28.34 -8.88
C TYR C 599 -39.17 27.98 -10.34
N ILE C 600 -38.77 28.84 -11.27
CA ILE C 600 -39.16 28.75 -12.67
C ILE C 600 -37.96 28.41 -13.53
N GLN C 601 -38.10 27.39 -14.36
CA GLN C 601 -37.22 27.14 -15.49
C GLN C 601 -38.07 26.78 -16.71
N LYS C 602 -37.40 26.43 -17.80
CA LYS C 602 -38.06 26.02 -19.05
C LYS C 602 -38.96 27.14 -19.59
N TYR C 603 -38.32 28.24 -19.98
CA TYR C 603 -39.04 29.31 -20.65
C TYR C 603 -39.40 28.91 -22.08
N ARG C 604 -40.65 29.14 -22.45
CA ARG C 604 -41.14 28.90 -23.80
C ARG C 604 -41.31 30.25 -24.50
N VAL C 605 -40.77 30.37 -25.70
CA VAL C 605 -40.65 31.65 -26.38
C VAL C 605 -41.30 31.55 -27.76
N GLU C 606 -42.08 32.58 -28.12
CA GLU C 606 -42.55 32.78 -29.48
C GLU C 606 -42.08 34.16 -29.92
N ALA C 607 -41.34 34.21 -31.04
CA ALA C 607 -40.71 35.44 -31.49
C ALA C 607 -40.92 35.62 -32.98
N THR C 608 -40.44 36.75 -33.49
CA THR C 608 -40.54 37.10 -34.90
C THR C 608 -39.13 37.06 -35.51
N LEU C 609 -38.97 36.24 -36.54
CA LEU C 609 -37.69 36.12 -37.23
C LEU C 609 -37.67 37.00 -38.47
N GLN C 610 -36.45 37.30 -38.94
CA GLN C 610 -36.29 38.25 -40.03
C GLN C 610 -36.93 37.74 -41.32
N TYR C 611 -36.63 36.50 -41.70
CA TYR C 611 -37.16 35.94 -42.93
C TYR C 611 -38.38 35.05 -42.71
N SER C 612 -38.47 34.38 -41.57
CA SER C 612 -39.63 33.56 -41.28
C SER C 612 -40.67 34.37 -40.51
N GLY C 613 -41.82 33.76 -40.28
CA GLY C 613 -42.93 34.42 -39.62
C GLY C 613 -42.83 34.33 -38.10
N PHE C 614 -43.87 34.83 -37.45
CA PHE C 614 -43.99 34.74 -36.00
C PHE C 614 -44.34 33.30 -35.63
N LYS C 615 -43.36 32.55 -35.14
CA LYS C 615 -43.52 31.13 -34.90
C LYS C 615 -42.88 30.73 -33.58
N ASP C 616 -43.32 29.60 -33.05
CA ASP C 616 -42.73 29.06 -31.83
C ASP C 616 -41.31 28.55 -32.12
N ILE C 617 -40.41 28.75 -31.15
CA ILE C 617 -39.02 28.38 -31.35
C ILE C 617 -38.55 27.40 -30.27
N GLY C 618 -39.50 26.75 -29.61
CA GLY C 618 -39.17 25.67 -28.68
C GLY C 618 -39.10 26.12 -27.24
N THR C 619 -38.80 25.16 -26.38
CA THR C 619 -38.71 25.35 -24.94
C THR C 619 -37.35 24.89 -24.45
N LYS C 620 -36.63 25.76 -23.74
CA LYS C 620 -35.32 25.45 -23.20
C LYS C 620 -35.23 25.95 -21.77
N ASP C 621 -34.31 25.34 -21.00
CA ASP C 621 -34.11 25.73 -19.61
C ASP C 621 -33.42 27.09 -19.54
N LYS C 622 -33.40 27.65 -18.33
CA LYS C 622 -32.72 28.91 -18.08
C LYS C 622 -31.20 28.69 -18.02
N GLU C 623 -30.46 29.80 -18.09
CA GLU C 623 -29.00 29.73 -18.19
C GLU C 623 -28.26 30.30 -16.99
N MET C 624 -28.88 31.19 -16.20
CA MET C 624 -28.32 31.70 -14.96
C MET C 624 -26.96 32.38 -15.18
N ARG C 625 -27.02 33.50 -15.89
CA ARG C 625 -25.85 34.34 -16.11
C ARG C 625 -25.84 35.53 -15.15
N ASN C 626 -24.66 36.13 -14.99
CA ASN C 626 -24.53 37.34 -14.20
C ASN C 626 -25.32 38.47 -14.85
N TYR C 627 -25.99 39.27 -14.01
CA TYR C 627 -26.91 40.28 -14.52
C TYR C 627 -26.16 41.39 -15.24
N LEU C 628 -26.57 41.68 -16.48
CA LEU C 628 -26.03 42.72 -17.34
C LEU C 628 -24.57 42.50 -17.71
N GLY C 629 -24.04 41.29 -17.50
CA GLY C 629 -22.64 41.04 -17.78
C GLY C 629 -21.68 41.59 -16.76
N ASP C 630 -22.18 42.12 -15.65
CA ASP C 630 -21.32 42.65 -14.61
C ASP C 630 -20.79 41.52 -13.74
N PRO C 631 -19.48 41.38 -13.58
CA PRO C 631 -18.96 40.36 -12.64
C PRO C 631 -19.41 40.57 -11.21
N ASN C 632 -19.68 41.81 -10.81
CA ASN C 632 -20.13 42.09 -9.45
C ASN C 632 -21.58 41.71 -9.22
N GLN C 633 -22.43 41.84 -10.23
CA GLN C 633 -23.85 41.56 -10.08
C GLN C 633 -24.07 40.06 -9.88
N PRO C 634 -25.14 39.69 -9.17
CA PRO C 634 -25.43 38.26 -8.96
C PRO C 634 -25.98 37.61 -10.22
N LYS C 635 -25.94 36.28 -10.21
CA LYS C 635 -26.47 35.49 -11.32
C LYS C 635 -27.99 35.47 -11.25
N THR C 636 -28.64 35.65 -12.40
CA THR C 636 -30.09 35.73 -12.49
C THR C 636 -30.56 34.95 -13.71
N ASN C 637 -31.87 34.75 -13.80
CA ASN C 637 -32.45 34.01 -14.91
C ASN C 637 -32.14 34.70 -16.24
N TYR C 638 -31.69 33.91 -17.21
CA TYR C 638 -31.34 34.39 -18.54
C TYR C 638 -31.91 33.45 -19.57
N VAL C 639 -32.49 34.01 -20.64
CA VAL C 639 -33.05 33.24 -21.74
C VAL C 639 -32.13 33.42 -22.93
N ASN C 640 -31.50 32.32 -23.38
CA ASN C 640 -30.59 32.37 -24.51
C ASN C 640 -31.38 32.15 -25.79
N LEU C 641 -31.81 33.24 -26.41
CA LEU C 641 -32.63 33.14 -27.62
C LEU C 641 -31.83 32.65 -28.82
N ARG C 642 -30.50 32.73 -28.78
CA ARG C 642 -29.68 32.21 -29.86
C ARG C 642 -29.67 30.68 -29.89
N SER C 643 -30.05 30.01 -28.81
CA SER C 643 -30.04 28.56 -28.74
C SER C 643 -31.38 27.92 -29.02
N TYR C 644 -32.40 28.71 -29.36
CA TYR C 644 -33.72 28.16 -29.59
C TYR C 644 -33.83 27.61 -31.01
N PHE C 645 -34.98 27.02 -31.32
CA PHE C 645 -35.17 26.32 -32.59
C PHE C 645 -35.45 27.32 -33.73
N THR C 646 -34.46 28.15 -33.98
CA THR C 646 -34.41 28.99 -35.17
C THR C 646 -33.43 28.39 -36.17
N GLY C 647 -33.57 28.78 -37.44
CA GLY C 647 -32.67 28.30 -38.46
C GLY C 647 -31.44 29.17 -38.61
N GLY C 648 -30.94 29.68 -37.49
CA GLY C 648 -29.85 30.64 -37.52
C GLY C 648 -30.28 32.05 -37.86
N GLU C 649 -31.57 32.30 -38.01
CA GLU C 649 -32.06 33.62 -38.36
C GLU C 649 -31.99 34.57 -37.17
N ASN C 650 -31.90 35.85 -37.46
CA ASN C 650 -31.94 36.88 -36.43
C ASN C 650 -33.35 37.05 -35.89
N ILE C 651 -33.45 37.56 -34.67
CA ILE C 651 -34.73 37.88 -34.06
C ILE C 651 -34.89 39.39 -34.07
N MET C 652 -35.98 39.86 -34.67
CA MET C 652 -36.21 41.28 -34.85
C MET C 652 -36.67 41.94 -33.55
N THR C 653 -36.23 43.16 -33.34
CA THR C 653 -36.68 44.01 -32.23
C THR C 653 -37.88 44.84 -32.66
N TYR C 654 -38.63 45.30 -31.66
CA TYR C 654 -39.84 46.11 -31.86
C TYR C 654 -40.86 45.38 -32.72
N LYS C 655 -40.82 44.06 -32.69
CA LYS C 655 -41.83 43.19 -33.29
C LYS C 655 -42.44 42.32 -32.20
N LYS C 656 -43.37 41.46 -32.59
CA LYS C 656 -44.04 40.60 -31.63
C LYS C 656 -43.06 39.65 -30.96
N LEU C 657 -43.20 39.48 -29.66
CA LEU C 657 -42.29 38.63 -28.88
C LEU C 657 -42.99 38.26 -27.58
N ARG C 658 -43.19 36.96 -27.36
CA ARG C 658 -43.84 36.47 -26.15
C ARG C 658 -42.96 35.43 -25.49
N ILE C 659 -42.88 35.49 -24.16
CA ILE C 659 -42.07 34.56 -23.37
C ILE C 659 -42.98 33.98 -22.29
N TYR C 660 -43.04 32.65 -22.21
CA TYR C 660 -43.88 31.95 -21.25
C TYR C 660 -43.00 31.26 -20.21
N ALA C 661 -43.34 31.44 -18.95
CA ALA C 661 -42.66 30.77 -17.85
C ALA C 661 -43.44 29.52 -17.48
N ILE C 662 -42.79 28.36 -17.57
CA ILE C 662 -43.44 27.08 -17.35
C ILE C 662 -43.09 26.59 -15.95
N THR C 663 -44.10 26.45 -15.11
CA THR C 663 -43.91 25.97 -13.76
C THR C 663 -43.62 24.46 -13.77
N PRO C 664 -43.06 23.93 -12.68
CA PRO C 664 -42.89 22.47 -12.60
C PRO C 664 -44.20 21.71 -12.71
N ASP C 665 -45.34 22.34 -12.44
CA ASP C 665 -46.65 21.72 -12.56
C ASP C 665 -47.20 21.78 -13.99
N ASP C 666 -46.33 21.97 -14.98
CA ASP C 666 -46.72 22.04 -16.39
C ASP C 666 -47.71 23.17 -16.65
N ARG C 667 -47.61 24.24 -15.87
CA ARG C 667 -48.45 25.43 -16.05
C ARG C 667 -47.58 26.55 -16.58
N GLU C 668 -48.06 27.25 -17.61
CA GLU C 668 -47.31 28.32 -18.23
C GLU C 668 -48.02 29.65 -18.04
N LEU C 669 -47.22 30.72 -17.94
CA LEU C 669 -47.72 32.05 -17.67
C LEU C 669 -47.05 33.04 -18.62
N LEU C 670 -47.84 33.99 -19.13
CA LEU C 670 -47.32 35.02 -20.04
C LEU C 670 -46.65 36.09 -19.20
N VAL C 671 -45.34 35.93 -18.98
CA VAL C 671 -44.60 36.86 -18.13
C VAL C 671 -43.94 37.99 -18.92
N LEU C 672 -43.97 37.95 -20.25
CA LEU C 672 -43.39 39.03 -21.03
C LEU C 672 -44.13 39.15 -22.36
N SER C 673 -44.45 40.39 -22.72
CA SER C 673 -45.10 40.68 -24.00
C SER C 673 -44.50 41.96 -24.56
N VAL C 674 -44.09 41.90 -25.84
CA VAL C 674 -43.53 43.05 -26.54
C VAL C 674 -44.18 43.14 -27.90
N ASP C 675 -44.75 44.30 -28.22
CA ASP C 675 -45.42 44.49 -29.50
C ASP C 675 -44.84 45.69 -30.25
N TRP D 13 -3.14 -18.15 55.71
CA TRP D 13 -2.94 -19.01 56.88
C TRP D 13 -1.50 -19.04 57.35
N GLU D 14 -1.32 -19.45 58.60
CA GLU D 14 -0.07 -19.25 59.35
C GLU D 14 0.99 -20.23 58.88
N ASP D 15 1.73 -19.83 57.85
CA ASP D 15 2.92 -20.54 57.38
C ASP D 15 3.59 -19.65 56.34
N GLU D 16 4.79 -20.04 55.92
CA GLU D 16 5.62 -19.23 55.03
C GLU D 16 5.62 -19.75 53.60
N ASP D 17 4.49 -20.26 53.12
CA ASP D 17 4.36 -20.78 51.76
C ASP D 17 3.05 -20.32 51.14
N LEU D 18 2.77 -19.02 51.25
CA LEU D 18 1.61 -18.40 50.62
C LEU D 18 2.09 -17.49 49.50
N ASP D 19 1.46 -17.60 48.33
CA ASP D 19 1.86 -16.89 47.12
C ASP D 19 0.63 -16.27 46.46
N THR D 20 -0.13 -15.49 47.25
CA THR D 20 -1.45 -15.03 46.83
C THR D 20 -1.45 -14.41 45.44
N ASP D 21 -0.43 -13.60 45.13
CA ASP D 21 -0.34 -12.99 43.81
C ASP D 21 0.35 -13.87 42.79
N ASN D 22 0.92 -15.00 43.21
CA ASN D 22 1.51 -16.00 42.32
C ASN D 22 2.65 -15.40 41.49
N ASP D 23 3.69 -14.95 42.20
CA ASP D 23 4.88 -14.40 41.56
C ASP D 23 6.16 -14.99 42.13
N ASN D 24 6.09 -16.18 42.72
CA ASN D 24 7.22 -16.96 43.21
C ASN D 24 7.94 -16.33 44.39
N ILE D 25 7.30 -15.40 45.11
CA ILE D 25 7.84 -14.84 46.33
C ILE D 25 6.77 -14.99 47.42
N PRO D 26 7.08 -15.63 48.54
CA PRO D 26 6.08 -15.78 49.60
C PRO D 26 5.64 -14.43 50.17
N ASP D 27 4.44 -14.43 50.76
CA ASP D 27 3.87 -13.21 51.30
C ASP D 27 4.72 -12.64 52.43
N SER D 28 5.21 -13.49 53.32
CA SER D 28 5.99 -13.02 54.46
C SER D 28 7.27 -12.34 54.02
N TYR D 29 7.94 -12.90 53.00
CA TYR D 29 9.16 -12.28 52.51
C TYR D 29 8.87 -10.90 51.92
N GLU D 30 7.79 -10.78 51.16
CA GLU D 30 7.44 -9.50 50.57
C GLU D 30 7.05 -8.47 51.63
N ARG D 31 6.38 -8.89 52.69
CA ARG D 31 5.99 -7.95 53.73
C ARG D 31 7.18 -7.50 54.56
N ASN D 32 8.06 -8.44 54.91
CA ASN D 32 9.15 -8.12 55.83
C ASN D 32 10.44 -7.74 55.13
N GLY D 33 10.79 -8.44 54.06
CA GLY D 33 12.04 -8.18 53.37
C GLY D 33 12.69 -9.46 52.89
N TYR D 34 13.29 -9.41 51.69
CA TYR D 34 13.87 -10.59 51.08
C TYR D 34 15.00 -10.16 50.15
N THR D 35 15.65 -11.14 49.56
CA THR D 35 16.69 -10.91 48.56
C THR D 35 16.81 -12.15 47.70
N ILE D 36 17.50 -12.01 46.57
CA ILE D 36 17.62 -13.08 45.59
C ILE D 36 19.06 -13.58 45.59
N LYS D 37 19.23 -14.88 45.80
CA LYS D 37 20.51 -15.54 45.60
C LYS D 37 20.26 -16.89 44.94
N ASP D 38 21.03 -17.18 43.88
CA ASP D 38 20.84 -18.38 43.06
C ASP D 38 19.41 -18.46 42.53
N LEU D 39 18.85 -17.30 42.18
CA LEU D 39 17.51 -17.21 41.58
C LEU D 39 16.43 -17.82 42.47
N ILE D 40 16.59 -17.68 43.78
CA ILE D 40 15.59 -18.13 44.75
C ILE D 40 15.44 -17.07 45.82
N ALA D 41 14.19 -16.72 46.13
CA ALA D 41 13.94 -15.72 47.18
C ALA D 41 14.20 -16.33 48.55
N VAL D 42 14.95 -15.60 49.38
CA VAL D 42 15.30 -16.05 50.72
C VAL D 42 14.99 -14.92 51.69
N LYS D 43 14.90 -15.27 52.97
CA LYS D 43 14.66 -14.28 54.01
C LYS D 43 15.85 -13.33 54.09
N TRP D 44 15.57 -12.09 54.50
CA TRP D 44 16.61 -11.08 54.60
C TRP D 44 17.24 -11.14 55.99
N GLU D 45 18.53 -11.46 56.04
CA GLU D 45 19.33 -11.35 57.25
C GLU D 45 20.23 -10.13 57.12
N ASP D 46 20.37 -9.39 58.22
CA ASP D 46 21.09 -8.12 58.18
C ASP D 46 22.55 -8.29 57.83
N SER D 47 23.11 -9.49 58.00
CA SER D 47 24.50 -9.73 57.62
C SER D 47 24.71 -9.71 56.11
N PHE D 48 23.63 -9.82 55.33
CA PHE D 48 23.77 -9.82 53.87
C PHE D 48 24.19 -8.47 53.33
N ALA D 49 23.98 -7.39 54.09
CA ALA D 49 24.27 -6.06 53.58
C ALA D 49 25.74 -5.86 53.30
N GLU D 50 26.62 -6.37 54.18
CA GLU D 50 28.05 -6.17 53.98
C GLU D 50 28.57 -6.93 52.77
N GLN D 51 27.84 -7.97 52.34
CA GLN D 51 28.21 -8.69 51.12
C GLN D 51 27.73 -7.99 49.86
N GLY D 52 26.94 -6.93 49.98
CA GLY D 52 26.46 -6.18 48.84
C GLY D 52 25.04 -6.47 48.41
N TYR D 53 24.31 -7.29 49.17
CA TYR D 53 22.93 -7.60 48.81
C TYR D 53 22.00 -6.46 49.23
N LYS D 54 20.98 -6.24 48.40
CA LYS D 54 20.00 -5.19 48.63
C LYS D 54 18.70 -5.79 49.16
N LYS D 55 18.10 -5.13 50.13
CA LYS D 55 16.87 -5.59 50.76
C LYS D 55 15.67 -5.04 50.00
N TYR D 56 14.79 -5.94 49.58
CA TYR D 56 13.62 -5.58 48.79
C TYR D 56 12.34 -5.86 49.56
N VAL D 57 11.35 -4.99 49.36
CA VAL D 57 9.98 -5.19 49.82
C VAL D 57 9.05 -4.82 48.69
N SER D 58 7.90 -5.49 48.65
CA SER D 58 6.96 -5.28 47.54
C SER D 58 5.56 -5.67 47.98
N ASN D 59 4.59 -5.26 47.17
CA ASN D 59 3.19 -5.60 47.41
C ASN D 59 2.98 -7.10 47.23
N TYR D 60 2.35 -7.73 48.21
CA TYR D 60 2.12 -9.17 48.17
C TYR D 60 0.78 -9.54 47.55
N LEU D 61 -0.04 -8.55 47.18
CA LEU D 61 -1.30 -8.80 46.49
C LEU D 61 -1.24 -8.37 45.02
N GLU D 62 -0.11 -7.90 44.54
CA GLU D 62 0.05 -7.46 43.17
C GLU D 62 1.33 -8.08 42.60
N SER D 63 1.22 -8.68 41.42
CA SER D 63 2.39 -9.28 40.79
C SER D 63 3.31 -8.25 40.15
N ASN D 64 2.83 -7.03 39.93
CA ASN D 64 3.64 -5.94 39.37
C ASN D 64 3.41 -4.71 40.25
N THR D 65 4.23 -4.57 41.28
CA THR D 65 4.04 -3.51 42.26
C THR D 65 4.14 -2.12 41.61
N ALA D 66 5.12 -1.93 40.73
CA ALA D 66 5.37 -0.62 40.15
C ALA D 66 4.52 -0.32 38.92
N GLY D 67 3.84 -1.32 38.36
CA GLY D 67 3.04 -1.13 37.18
C GLY D 67 3.74 -1.34 35.86
N ASP D 68 5.05 -1.58 35.87
CA ASP D 68 5.79 -1.84 34.65
C ASP D 68 5.61 -3.29 34.21
N PRO D 69 5.92 -3.61 32.95
CA PRO D 69 5.61 -4.96 32.42
C PRO D 69 6.36 -6.11 33.07
N TYR D 70 7.27 -5.82 34.00
CA TYR D 70 8.08 -6.85 34.64
C TYR D 70 7.59 -7.09 36.06
N THR D 71 7.50 -8.35 36.45
CA THR D 71 6.99 -8.71 37.76
C THR D 71 8.02 -8.41 38.84
N ASP D 72 7.60 -8.54 40.10
CA ASP D 72 8.48 -8.26 41.22
C ASP D 72 9.67 -9.22 41.22
N TYR D 73 9.43 -10.51 40.96
CA TYR D 73 10.52 -11.47 40.91
C TYR D 73 11.47 -11.19 39.75
N GLU D 74 10.92 -10.87 38.57
CA GLU D 74 11.77 -10.58 37.42
C GLU D 74 12.66 -9.38 37.70
N LYS D 75 12.11 -8.34 38.31
CA LYS D 75 12.90 -7.15 38.62
C LYS D 75 13.94 -7.43 39.69
N ALA D 76 13.53 -8.10 40.78
CA ALA D 76 14.46 -8.33 41.89
C ALA D 76 15.60 -9.24 41.48
N SER D 77 15.30 -10.33 40.77
CA SER D 77 16.32 -11.31 40.42
C SER D 77 17.17 -10.88 39.23
N GLY D 78 16.77 -9.82 38.52
CA GLY D 78 17.49 -9.42 37.33
C GLY D 78 17.37 -10.40 36.18
N SER D 79 16.19 -11.02 36.05
CA SER D 79 15.94 -11.94 34.91
C SER D 79 15.24 -11.18 33.78
N PHE D 80 15.75 -9.99 33.44
CA PHE D 80 15.13 -9.16 32.36
C PHE D 80 16.23 -8.59 31.46
N ASP D 81 15.86 -7.62 30.60
CA ASP D 81 16.83 -7.00 29.67
C ASP D 81 18.03 -6.46 30.45
N LYS D 82 19.25 -6.85 30.06
CA LYS D 82 20.44 -6.42 30.78
C LYS D 82 20.74 -4.93 30.60
N ALA D 83 20.06 -4.25 29.68
CA ALA D 83 20.33 -2.85 29.41
C ALA D 83 19.58 -1.91 30.33
N ILE D 84 18.80 -2.44 31.26
CA ILE D 84 18.02 -1.63 32.19
C ILE D 84 18.87 -1.30 33.40
N LYS D 85 18.71 -0.07 33.92
CA LYS D 85 19.52 0.40 35.03
C LYS D 85 19.26 -0.44 36.28
N THR D 86 20.31 -0.58 37.10
CA THR D 86 20.20 -1.39 38.31
C THR D 86 19.26 -0.75 39.33
N GLU D 87 19.04 0.56 39.23
CA GLU D 87 18.08 1.20 40.12
C GLU D 87 16.67 0.65 39.97
N ALA D 88 16.30 0.24 38.76
CA ALA D 88 14.97 -0.29 38.49
C ALA D 88 14.85 -1.77 38.85
N ARG D 89 15.84 -2.35 39.50
CA ARG D 89 15.75 -3.74 39.92
C ARG D 89 15.04 -3.91 41.25
N ASP D 90 14.79 -2.83 41.99
CA ASP D 90 13.92 -3.10 43.12
C ASP D 90 12.48 -2.80 42.76
N PRO D 91 11.53 -3.55 43.32
CA PRO D 91 10.15 -3.50 42.82
C PRO D 91 9.47 -2.15 42.94
N LEU D 92 9.93 -1.27 43.81
CA LEU D 92 9.25 0.00 44.03
C LEU D 92 9.65 1.08 43.03
N VAL D 93 10.69 0.87 42.24
CA VAL D 93 11.12 1.83 41.22
C VAL D 93 10.79 1.25 39.85
N ALA D 94 10.07 2.02 39.04
CA ALA D 94 9.59 1.53 37.76
C ALA D 94 10.68 1.61 36.69
N ALA D 95 10.77 0.55 35.89
CA ALA D 95 11.59 0.57 34.69
C ALA D 95 10.81 1.34 33.63
N TYR D 96 11.27 2.55 33.30
CA TYR D 96 10.45 3.47 32.55
C TYR D 96 11.32 4.45 31.76
N PRO D 97 11.25 4.42 30.43
CA PRO D 97 12.04 5.36 29.63
C PRO D 97 11.37 6.72 29.51
N ILE D 98 12.20 7.76 29.45
CA ILE D 98 11.76 9.13 29.21
C ILE D 98 12.52 9.63 27.99
N VAL D 99 11.78 9.96 26.92
CA VAL D 99 12.36 10.28 25.63
C VAL D 99 11.91 11.67 25.22
N GLY D 100 12.85 12.51 24.78
CA GLY D 100 12.54 13.83 24.29
C GLY D 100 13.22 14.09 22.96
N VAL D 101 12.74 15.12 22.27
CA VAL D 101 13.25 15.51 20.96
C VAL D 101 13.72 16.95 21.03
N GLY D 102 14.92 17.20 20.51
CA GLY D 102 15.46 18.55 20.49
C GLY D 102 15.88 19.01 19.12
N MET D 103 15.41 20.18 18.70
CA MET D 103 15.81 20.76 17.43
C MET D 103 17.16 21.45 17.57
N GLU D 104 18.02 21.25 16.57
CA GLU D 104 19.33 21.89 16.55
C GLU D 104 19.44 23.01 15.53
N LYS D 105 18.78 22.88 14.38
CA LYS D 105 18.75 23.95 13.39
C LYS D 105 17.67 23.63 12.37
N LEU D 106 17.17 24.68 11.70
CA LEU D 106 16.08 24.56 10.76
C LEU D 106 16.48 25.18 9.42
N ILE D 107 16.12 24.51 8.33
CA ILE D 107 16.50 24.90 6.98
C ILE D 107 15.25 25.20 6.18
N ILE D 108 15.26 26.31 5.45
CA ILE D 108 14.13 26.78 4.66
C ILE D 108 14.50 26.70 3.19
N SER D 109 13.64 26.09 2.39
CA SER D 109 13.83 25.96 0.94
C SER D 109 12.71 26.72 0.23
N THR D 110 13.00 27.95 -0.17
CA THR D 110 11.98 28.78 -0.79
C THR D 110 11.60 28.23 -2.16
N ASN D 111 10.30 28.09 -2.41
CA ASN D 111 9.78 27.41 -3.59
C ASN D 111 9.40 28.45 -4.64
N GLU D 112 10.37 28.84 -5.45
CA GLU D 112 10.19 29.84 -6.49
C GLU D 112 10.55 29.24 -7.85
N HIS D 113 10.00 29.85 -8.90
CA HIS D 113 10.31 29.47 -10.28
C HIS D 113 10.89 30.69 -10.98
N ALA D 114 12.16 30.61 -11.36
CA ALA D 114 12.84 31.69 -12.07
C ALA D 114 13.09 31.29 -13.51
N SER D 115 12.80 32.21 -14.43
CA SER D 115 12.96 31.95 -15.86
C SER D 115 13.73 33.08 -16.50
N THR D 116 14.50 32.73 -17.53
CA THR D 116 15.27 33.71 -18.30
C THR D 116 15.09 33.41 -19.78
N ASP D 117 14.76 34.43 -20.56
CA ASP D 117 14.55 34.29 -21.99
C ASP D 117 15.32 35.36 -22.74
N GLN D 118 15.74 35.03 -23.96
CA GLN D 118 16.33 36.00 -24.87
C GLN D 118 16.05 35.58 -26.29
N GLY D 119 16.07 36.56 -27.19
CA GLY D 119 15.73 36.28 -28.57
C GLY D 119 16.41 37.25 -29.50
N LYS D 120 16.16 37.06 -30.80
CA LYS D 120 16.70 37.92 -31.85
C LYS D 120 15.79 37.84 -33.06
N THR D 121 15.68 38.97 -33.76
CA THR D 121 14.78 39.10 -34.90
C THR D 121 15.51 39.76 -36.06
N VAL D 122 15.23 39.28 -37.27
CA VAL D 122 15.77 39.86 -38.50
C VAL D 122 14.62 40.03 -39.48
N SER D 123 14.43 41.25 -39.98
CA SER D 123 13.32 41.55 -40.88
C SER D 123 13.81 42.34 -42.09
N ARG D 124 13.14 42.13 -43.21
CA ARG D 124 13.39 42.87 -44.44
C ARG D 124 12.07 43.18 -45.12
N ALA D 125 11.92 44.42 -45.58
CA ALA D 125 10.69 44.86 -46.24
C ALA D 125 11.04 45.64 -47.49
N THR D 126 10.15 45.56 -48.49
CA THR D 126 10.30 46.28 -49.74
C THR D 126 8.94 46.82 -50.16
N THR D 127 8.92 48.07 -50.62
CA THR D 127 7.68 48.69 -51.10
C THR D 127 7.91 49.34 -52.46
N ASN D 128 6.88 49.29 -53.30
CA ASN D 128 6.89 49.91 -54.63
C ASN D 128 5.68 50.85 -54.72
N SER D 129 5.88 52.12 -54.39
CA SER D 129 4.80 53.09 -54.40
C SER D 129 4.74 53.83 -55.73
N LYS D 130 3.55 54.36 -56.03
CA LYS D 130 3.32 55.12 -57.25
C LYS D 130 2.13 56.04 -57.03
N THR D 131 2.23 57.27 -57.56
CA THR D 131 1.20 58.28 -57.36
C THR D 131 0.86 58.93 -58.69
N GLU D 132 -0.40 59.35 -58.82
CA GLU D 132 -0.89 60.09 -59.98
C GLU D 132 -1.57 61.36 -59.48
N SER D 133 -0.90 62.50 -59.63
CA SER D 133 -1.39 63.78 -59.15
C SER D 133 -1.69 64.70 -60.31
N ASN D 134 -2.83 65.38 -60.26
CA ASN D 134 -3.26 66.29 -61.31
C ASN D 134 -3.68 67.62 -60.71
N THR D 135 -3.48 68.69 -61.47
CA THR D 135 -3.85 70.03 -61.02
C THR D 135 -3.96 71.00 -62.20
N HIS D 158 -0.08 67.51 -63.87
CA HIS D 158 -0.16 66.07 -64.08
C HIS D 158 1.19 65.43 -63.78
N THR D 159 1.46 65.22 -62.49
CA THR D 159 2.75 64.74 -62.02
C THR D 159 2.65 63.26 -61.65
N THR D 160 3.64 62.49 -62.09
CA THR D 160 3.75 61.08 -61.77
C THR D 160 5.09 60.82 -61.10
N ASP D 161 5.05 60.26 -59.89
CA ASP D 161 6.27 59.98 -59.15
C ASP D 161 6.29 58.51 -58.73
N ASN D 162 7.47 57.91 -58.83
CA ASN D 162 7.69 56.50 -58.49
C ASN D 162 8.74 56.43 -57.39
N SER D 163 8.33 55.97 -56.21
CA SER D 163 9.22 55.86 -55.06
C SER D 163 9.20 54.42 -54.54
N THR D 164 10.38 53.82 -54.42
CA THR D 164 10.54 52.47 -53.89
C THR D 164 11.51 52.50 -52.72
N ALA D 165 11.10 51.93 -51.61
CA ALA D 165 11.91 51.89 -50.40
C ALA D 165 12.11 50.46 -49.94
N VAL D 166 13.34 50.16 -49.50
CA VAL D 166 13.67 48.87 -48.89
C VAL D 166 14.15 49.13 -47.47
N GLN D 167 13.63 48.34 -46.54
CA GLN D 167 13.97 48.48 -45.12
C GLN D 167 14.55 47.17 -44.60
N ASP D 168 15.68 47.27 -43.92
CA ASP D 168 16.34 46.12 -43.31
C ASP D 168 16.55 46.44 -41.83
N SER D 169 16.16 45.51 -40.96
CA SER D 169 16.16 45.77 -39.53
C SER D 169 16.49 44.50 -38.76
N ASN D 170 16.95 44.69 -37.53
CA ASN D 170 17.23 43.58 -36.63
C ASN D 170 17.02 44.05 -35.20
N GLY D 171 16.84 43.08 -34.29
CA GLY D 171 16.62 43.40 -32.89
C GLY D 171 16.85 42.19 -32.02
N GLU D 172 16.90 42.45 -30.72
CA GLU D 172 17.07 41.40 -29.73
C GLU D 172 16.44 41.83 -28.42
N SER D 173 16.08 40.85 -27.59
CA SER D 173 15.36 41.14 -26.36
C SER D 173 15.87 40.24 -25.24
N TRP D 174 15.51 40.61 -24.01
CA TRP D 174 15.79 39.80 -22.84
C TRP D 174 14.54 39.77 -21.97
N ASN D 175 14.44 38.74 -21.14
CA ASN D 175 13.31 38.60 -20.22
C ASN D 175 13.78 38.00 -18.90
N THR D 176 13.12 38.40 -17.82
CA THR D 176 13.38 37.87 -16.49
C THR D 176 12.05 37.69 -15.78
N GLY D 177 11.85 36.51 -15.16
CA GLY D 177 10.58 36.19 -14.56
C GLY D 177 10.75 35.50 -13.22
N LEU D 178 9.67 35.49 -12.45
CA LEU D 178 9.66 34.85 -11.13
C LEU D 178 8.22 34.47 -10.79
N SER D 179 8.00 33.19 -10.51
CA SER D 179 6.68 32.69 -10.13
C SER D 179 6.73 32.20 -8.69
N ILE D 180 5.69 32.54 -7.93
CA ILE D 180 5.57 32.12 -6.53
C ILE D 180 4.18 31.57 -6.29
N ASN D 181 4.07 30.68 -5.31
CA ASN D 181 2.79 30.16 -4.84
C ASN D 181 2.57 30.65 -3.42
N LYS D 182 1.43 31.26 -3.16
CA LYS D 182 1.14 31.78 -1.83
C LYS D 182 0.66 30.71 -0.86
N GLY D 183 0.26 29.54 -1.36
CA GLY D 183 -0.19 28.47 -0.49
C GLY D 183 0.95 27.60 0.01
N GLU D 184 1.95 27.39 -0.83
CA GLU D 184 3.16 26.64 -0.49
C GLU D 184 4.34 27.46 -0.99
N SER D 185 4.84 28.36 -0.14
CA SER D 185 5.94 29.23 -0.54
C SER D 185 7.30 28.64 -0.26
N ALA D 186 7.43 27.75 0.73
CA ALA D 186 8.72 27.18 1.08
C ALA D 186 8.50 25.85 1.77
N TYR D 187 9.58 25.05 1.82
CA TYR D 187 9.59 23.78 2.51
C TYR D 187 10.63 23.83 3.62
N ILE D 188 10.26 23.39 4.81
CA ILE D 188 11.14 23.46 5.98
C ILE D 188 11.73 22.08 6.24
N ASN D 189 12.91 22.10 6.86
CA ASN D 189 13.64 20.88 7.18
C ASN D 189 14.24 21.05 8.57
N ALA D 190 13.92 20.14 9.47
CA ALA D 190 14.37 20.20 10.86
C ALA D 190 15.37 19.09 11.16
N ASN D 191 16.45 19.45 11.85
CA ASN D 191 17.46 18.50 12.30
C ASN D 191 17.28 18.30 13.80
N VAL D 192 17.03 17.05 14.20
CA VAL D 192 16.62 16.76 15.57
C VAL D 192 17.43 15.59 16.13
N ARG D 193 17.41 15.49 17.46
CA ARG D 193 17.99 14.37 18.19
C ARG D 193 16.99 13.85 19.20
N TYR D 194 17.09 12.56 19.51
CA TYR D 194 16.34 11.95 20.59
C TYR D 194 17.28 11.62 21.74
N TYR D 195 16.79 11.77 22.97
CA TYR D 195 17.58 11.43 24.14
C TYR D 195 16.71 10.68 25.13
N ASN D 196 17.37 9.84 25.95
CA ASN D 196 16.70 9.03 26.95
C ASN D 196 17.25 9.40 28.33
N THR D 197 16.35 9.57 29.30
CA THR D 197 16.72 9.89 30.66
C THR D 197 16.11 8.98 31.70
N GLY D 198 15.41 7.92 31.29
CA GLY D 198 14.76 7.02 32.22
C GLY D 198 15.67 5.87 32.65
N THR D 199 15.03 4.79 33.11
CA THR D 199 15.74 3.61 33.57
C THR D 199 15.73 2.45 32.59
N ALA D 200 14.95 2.53 31.52
CA ALA D 200 14.79 1.43 30.60
C ALA D 200 15.03 1.89 29.16
N PRO D 201 15.51 1.00 28.30
CA PRO D 201 15.68 1.36 26.89
C PRO D 201 14.36 1.36 26.15
N MET D 202 14.37 2.03 25.00
CA MET D 202 13.23 2.07 24.10
C MET D 202 13.66 1.54 22.73
N TYR D 203 12.81 0.71 22.13
CA TYR D 203 13.05 0.15 20.81
C TYR D 203 12.03 0.72 19.83
N LYS D 204 12.48 0.98 18.60
CA LYS D 204 11.62 1.51 17.55
C LYS D 204 10.99 2.85 17.97
N VAL D 205 11.86 3.77 18.39
CA VAL D 205 11.41 5.04 18.94
C VAL D 205 10.73 5.85 17.85
N THR D 206 9.44 6.15 18.05
CA THR D 206 8.65 6.90 17.08
C THR D 206 7.97 8.06 17.80
N PRO D 207 8.64 9.20 17.91
CA PRO D 207 8.04 10.36 18.58
C PRO D 207 7.13 11.17 17.65
N THR D 208 6.31 12.01 18.27
CA THR D 208 5.45 12.95 17.57
C THR D 208 5.78 14.36 18.04
N THR D 209 5.90 15.29 17.10
CA THR D 209 6.37 16.64 17.41
C THR D 209 5.45 17.68 16.80
N ASN D 210 5.49 18.88 17.37
CA ASN D 210 4.77 20.04 16.87
C ASN D 210 5.76 21.08 16.36
N LEU D 211 5.34 21.87 15.38
CA LEU D 211 6.12 22.99 14.87
C LEU D 211 5.27 24.25 15.04
N VAL D 212 5.74 25.17 15.88
CA VAL D 212 4.98 26.36 16.26
C VAL D 212 5.80 27.59 15.91
N LEU D 213 5.19 28.53 15.19
CA LEU D 213 5.89 29.76 14.80
C LEU D 213 5.66 30.90 15.78
N ASP D 214 4.43 31.38 15.88
CA ASP D 214 4.07 32.35 16.90
C ASP D 214 3.02 31.81 17.86
N GLY D 215 1.87 31.39 17.35
CA GLY D 215 0.84 30.76 18.14
C GLY D 215 0.12 29.73 17.29
N ASP D 216 0.68 29.49 16.10
CA ASP D 216 0.12 28.57 15.13
C ASP D 216 0.92 27.27 15.15
N THR D 217 0.23 26.15 15.30
CA THR D 217 0.85 24.84 15.12
C THR D 217 0.86 24.54 13.63
N LEU D 218 2.03 24.70 13.01
CA LEU D 218 2.14 24.53 11.56
C LEU D 218 1.82 23.10 11.16
N SER D 219 2.33 22.12 11.89
CA SER D 219 2.11 20.71 11.55
C SER D 219 2.56 19.84 12.71
N THR D 220 1.93 18.67 12.83
CA THR D 220 2.37 17.62 13.72
C THR D 220 2.70 16.40 12.88
N ILE D 221 3.91 15.88 13.06
CA ILE D 221 4.43 14.79 12.23
C ILE D 221 4.83 13.63 13.13
N LYS D 222 4.29 12.46 12.86
CA LYS D 222 4.77 11.23 13.46
C LYS D 222 5.95 10.72 12.66
N ALA D 223 6.98 10.26 13.37
CA ALA D 223 8.20 9.81 12.71
C ALA D 223 7.90 8.66 11.75
N GLN D 224 8.41 8.76 10.52
CA GLN D 224 8.24 7.73 9.52
C GLN D 224 9.42 6.77 9.61
N GLU D 225 9.55 5.89 8.62
CA GLU D 225 10.62 4.89 8.64
C GLU D 225 12.00 5.54 8.64
N ASN D 226 12.14 6.69 7.98
CA ASN D 226 13.43 7.35 7.88
C ASN D 226 13.88 7.98 9.19
N GLN D 227 12.97 8.20 10.14
CA GLN D 227 13.28 8.91 11.38
C GLN D 227 12.99 8.06 12.62
N ILE D 228 13.15 6.74 12.53
CA ILE D 228 12.89 5.84 13.65
C ILE D 228 14.23 5.35 14.20
N GLY D 229 14.41 5.47 15.51
CA GLY D 229 15.62 4.97 16.16
C GLY D 229 15.46 3.55 16.63
N ASN D 230 16.29 2.65 16.12
CA ASN D 230 16.17 1.24 16.47
C ASN D 230 16.45 1.01 17.95
N ASN D 231 17.47 1.67 18.50
CA ASN D 231 17.85 1.48 19.88
C ASN D 231 18.06 2.84 20.55
N LEU D 232 17.73 2.90 21.84
CA LEU D 232 17.94 4.11 22.63
C LEU D 232 18.10 3.68 24.08
N SER D 233 19.35 3.58 24.53
CA SER D 233 19.64 3.17 25.89
C SER D 233 19.48 4.34 26.86
N PRO D 234 19.24 4.05 28.14
CA PRO D 234 19.17 5.14 29.13
C PRO D 234 20.51 5.87 29.21
N GLY D 235 20.45 7.19 29.07
CA GLY D 235 21.65 8.01 29.03
C GLY D 235 22.28 8.15 27.68
N ASP D 236 21.76 7.48 26.65
CA ASP D 236 22.29 7.56 25.31
C ASP D 236 21.53 8.60 24.51
N THR D 237 21.78 8.64 23.20
CA THR D 237 21.20 9.63 22.31
C THR D 237 21.17 9.06 20.90
N TYR D 238 20.06 9.24 20.19
CA TYR D 238 19.97 8.83 18.80
C TYR D 238 19.83 10.06 17.92
N PRO D 239 20.75 10.31 16.98
CA PRO D 239 21.96 9.52 16.71
C PRO D 239 23.00 9.61 17.82
N LYS D 240 23.93 8.65 17.86
CA LYS D 240 24.94 8.59 18.89
C LYS D 240 25.77 9.87 18.92
N LYS D 241 26.42 10.10 20.06
CA LYS D 241 27.29 11.26 20.19
C LYS D 241 28.43 11.19 19.20
N GLY D 242 28.69 12.29 18.51
CA GLY D 242 29.67 12.36 17.46
C GLY D 242 29.10 12.33 16.06
N LEU D 243 27.83 11.98 15.91
CA LEU D 243 27.15 11.96 14.62
C LEU D 243 26.24 13.17 14.47
N SER D 244 25.91 13.49 13.22
CA SER D 244 25.08 14.64 12.91
C SER D 244 23.61 14.32 13.20
N PRO D 245 22.79 15.36 13.41
CA PRO D 245 21.36 15.12 13.63
C PRO D 245 20.66 14.62 12.38
N LEU D 246 19.53 13.95 12.60
CA LEU D 246 18.71 13.45 11.50
C LEU D 246 17.78 14.54 11.00
N ALA D 247 17.42 14.45 9.72
CA ALA D 247 16.60 15.43 9.05
C ALA D 247 15.15 14.97 9.03
N LEU D 248 14.24 15.87 9.44
CA LEU D 248 12.80 15.63 9.43
C LEU D 248 12.18 16.58 8.42
N ASN D 249 11.93 16.08 7.21
CA ASN D 249 11.47 16.93 6.11
C ASN D 249 10.29 16.34 5.36
N THR D 250 9.69 15.26 5.84
CA THR D 250 8.52 14.67 5.20
C THR D 250 7.40 14.53 6.21
N MET D 251 6.17 14.72 5.73
CA MET D 251 5.00 14.75 6.59
C MET D 251 4.01 13.61 6.34
N ASP D 252 4.03 12.98 5.17
CA ASP D 252 3.08 11.92 4.88
C ASP D 252 3.59 10.57 5.38
N GLN D 253 2.77 9.54 5.19
CA GLN D 253 3.10 8.23 5.77
C GLN D 253 4.29 7.59 5.07
N PHE D 254 4.42 7.78 3.76
CA PHE D 254 5.43 7.10 2.96
C PHE D 254 6.65 7.95 2.68
N SER D 255 6.81 9.09 3.38
CA SER D 255 7.97 9.97 3.23
C SER D 255 8.11 10.45 1.78
N SER D 256 7.03 11.04 1.26
CA SER D 256 7.03 11.53 -0.11
C SER D 256 6.43 12.92 -0.23
N ARG D 257 6.05 13.56 0.88
CA ARG D 257 5.42 14.88 0.86
C ARG D 257 6.21 15.79 1.79
N LEU D 258 6.77 16.87 1.25
CA LEU D 258 7.52 17.82 2.05
C LEU D 258 6.58 18.65 2.90
N ILE D 259 7.16 19.37 3.86
CA ILE D 259 6.39 20.17 4.82
C ILE D 259 6.28 21.59 4.27
N PRO D 260 5.10 22.04 3.87
CA PRO D 260 4.94 23.38 3.33
C PRO D 260 4.59 24.40 4.40
N ILE D 261 4.82 25.68 4.06
CA ILE D 261 4.47 26.79 4.92
C ILE D 261 3.80 27.87 4.09
N ASN D 262 3.07 28.76 4.79
CA ASN D 262 2.35 29.84 4.15
C ASN D 262 3.30 30.93 3.66
N TYR D 263 2.80 31.79 2.79
CA TYR D 263 3.55 32.97 2.40
C TYR D 263 3.75 33.91 3.59
N ASP D 264 2.69 34.12 4.37
CA ASP D 264 2.80 34.97 5.56
C ASP D 264 3.73 34.36 6.60
N GLN D 265 3.68 33.04 6.76
CA GLN D 265 4.59 32.38 7.69
C GLN D 265 6.04 32.50 7.21
N LEU D 266 6.25 32.45 5.89
CA LEU D 266 7.59 32.68 5.35
C LEU D 266 8.06 34.10 5.61
N LYS D 267 7.16 35.08 5.49
CA LYS D 267 7.53 36.45 5.82
C LYS D 267 7.87 36.59 7.29
N LYS D 268 7.13 35.90 8.16
CA LYS D 268 7.44 35.90 9.58
C LYS D 268 8.81 35.30 9.84
N LEU D 269 9.14 34.19 9.16
CA LEU D 269 10.45 33.58 9.32
C LEU D 269 11.56 34.50 8.84
N ASP D 270 11.33 35.21 7.73
CA ASP D 270 12.36 36.08 7.18
C ASP D 270 12.55 37.34 7.99
N ALA D 271 11.63 37.64 8.91
CA ALA D 271 11.80 38.78 9.82
C ALA D 271 12.62 38.43 11.05
N GLY D 272 12.90 37.16 11.29
CA GLY D 272 13.73 36.72 12.40
C GLY D 272 13.04 35.85 13.41
N LYS D 273 11.73 35.63 13.29
CA LYS D 273 11.02 34.78 14.24
C LYS D 273 11.44 33.33 14.06
N GLN D 274 11.48 32.59 15.17
CA GLN D 274 11.95 31.22 15.19
C GLN D 274 10.78 30.24 15.22
N ILE D 275 11.08 28.99 14.89
CA ILE D 275 10.14 27.88 14.96
C ILE D 275 10.56 26.98 16.12
N LYS D 276 9.64 26.72 17.03
CA LYS D 276 9.90 25.87 18.18
C LYS D 276 9.36 24.46 17.93
N LEU D 277 10.01 23.48 18.54
CA LEU D 277 9.62 22.08 18.43
C LEU D 277 9.17 21.59 19.79
N GLU D 278 8.01 20.94 19.82
CA GLU D 278 7.41 20.41 21.04
C GLU D 278 7.10 18.93 20.81
N THR D 279 7.68 18.06 21.63
CA THR D 279 7.37 16.64 21.55
C THR D 279 6.12 16.34 22.37
N THR D 280 5.07 15.84 21.71
CA THR D 280 3.80 15.59 22.37
C THR D 280 3.70 14.17 22.92
N GLN D 281 4.27 13.19 22.22
CA GLN D 281 4.21 11.80 22.64
C GLN D 281 5.31 11.03 21.92
N VAL D 282 5.68 9.90 22.51
CA VAL D 282 6.70 9.01 21.94
C VAL D 282 6.21 7.58 22.03
N SER D 283 6.33 6.85 20.93
CA SER D 283 6.00 5.42 20.87
C SER D 283 7.27 4.59 20.93
N GLY D 284 7.15 3.40 21.50
CA GLY D 284 8.31 2.53 21.64
C GLY D 284 7.89 1.18 22.18
N ASN D 285 8.87 0.28 22.20
CA ASN D 285 8.65 -1.11 22.58
C ASN D 285 9.62 -1.51 23.68
N PHE D 286 9.27 -2.57 24.40
CA PHE D 286 10.16 -3.21 25.36
C PHE D 286 10.33 -4.68 24.98
N GLY D 287 11.35 -5.31 25.55
N GLY D 287 11.35 -5.31 25.55
CA GLY D 287 11.73 -6.66 25.19
CA GLY D 287 11.71 -6.68 25.21
C GLY D 287 11.43 -7.66 26.29
C GLY D 287 11.39 -7.62 26.37
N THR D 288 10.75 -8.74 25.92
N THR D 288 10.72 -8.72 26.03
CA THR D 288 10.51 -9.86 26.82
CA THR D 288 10.40 -9.78 26.98
C THR D 288 11.12 -11.13 26.22
C THR D 288 11.25 -11.00 26.67
N LYS D 289 10.88 -12.28 26.83
N LYS D 289 11.93 -11.51 27.68
CA LYS D 289 11.39 -13.55 26.35
CA LYS D 289 12.90 -12.59 27.51
C LYS D 289 10.23 -14.43 25.92
C LYS D 289 12.32 -13.89 28.06
N ASN D 290 10.34 -15.02 24.73
N ASN D 290 12.34 -14.94 27.23
CA ASN D 290 9.31 -15.91 24.21
CA ASN D 290 11.93 -16.26 27.68
C ASN D 290 9.47 -17.30 24.85
C ASN D 290 13.05 -16.90 28.50
N SER D 291 8.75 -18.28 24.31
N SER D 291 12.85 -18.17 28.88
CA SER D 291 8.81 -19.63 24.87
CA SER D 291 13.84 -18.87 29.69
C SER D 291 10.19 -20.25 24.73
C SER D 291 15.10 -19.18 28.91
N SER D 292 10.90 -19.94 23.65
N SER D 292 15.05 -19.20 27.59
CA SER D 292 12.24 -20.48 23.44
CA SER D 292 16.21 -19.51 26.77
C SER D 292 13.33 -19.67 24.15
C SER D 292 16.95 -18.27 26.26
N GLY D 293 13.01 -18.49 24.67
N GLY D 293 16.40 -17.08 26.48
CA GLY D 293 13.98 -17.68 25.39
CA GLY D 293 17.06 -15.86 26.07
C GLY D 293 14.62 -16.58 24.58
C GLY D 293 16.63 -15.29 24.74
N GLN D 294 14.15 -16.31 23.37
N GLN D 294 15.44 -15.64 24.26
CA GLN D 294 14.66 -15.20 22.59
CA GLN D 294 14.92 -15.10 23.00
C GLN D 294 13.98 -13.90 23.00
C GLN D 294 14.17 -13.81 23.29
N ILE D 295 14.69 -12.79 22.77
N ILE D 295 14.75 -12.68 22.92
CA ILE D 295 14.18 -11.47 23.11
CA ILE D 295 14.18 -11.37 23.19
C ILE D 295 13.33 -10.96 21.96
C ILE D 295 13.31 -10.95 22.02
N VAL D 296 12.07 -10.62 22.26
N VAL D 296 12.06 -10.58 22.31
CA VAL D 296 11.14 -10.11 21.26
CA VAL D 296 11.12 -10.10 21.30
C VAL D 296 10.63 -8.75 21.71
C VAL D 296 10.60 -8.75 21.72
N THR D 297 10.49 -7.83 20.76
CA THR D 297 9.95 -6.51 21.03
C THR D 297 8.65 -6.22 20.28
N GLU D 298 8.30 -7.02 19.28
CA GLU D 298 7.07 -6.79 18.53
C GLU D 298 5.86 -7.20 19.35
N GLY D 299 4.88 -6.30 19.44
CA GLY D 299 3.71 -6.53 20.24
C GLY D 299 3.75 -5.95 21.63
N ASN D 300 4.95 -5.60 22.12
CA ASN D 300 5.10 -4.99 23.43
C ASN D 300 5.16 -3.47 23.25
N SER D 301 4.30 -2.75 23.97
CA SER D 301 4.18 -1.31 23.82
C SER D 301 4.22 -0.64 25.19
N TRP D 302 4.97 0.47 25.27
CA TRP D 302 5.03 1.24 26.51
C TRP D 302 3.76 2.03 26.77
N SER D 303 3.03 2.41 25.72
CA SER D 303 1.81 3.19 25.88
C SER D 303 0.74 2.44 26.68
N ASP D 304 0.80 1.11 26.70
CA ASP D 304 -0.13 0.35 27.53
C ASP D 304 0.12 0.59 29.02
N TYR D 305 1.37 0.82 29.40
CA TYR D 305 1.74 0.94 30.81
C TYR D 305 1.98 2.37 31.26
N ILE D 306 2.01 3.32 30.32
CA ILE D 306 2.32 4.70 30.68
C ILE D 306 1.29 5.25 31.66
N SER D 307 0.00 5.07 31.36
CA SER D 307 -1.05 5.60 32.22
C SER D 307 -1.03 4.95 33.60
N GLN D 308 -0.89 3.63 33.62
CA GLN D 308 -0.88 2.89 34.89
C GLN D 308 0.31 3.32 35.75
N ILE D 309 1.48 3.51 35.13
CA ILE D 309 2.65 3.92 35.90
C ILE D 309 2.48 5.34 36.42
N ASP D 310 2.00 6.25 35.56
CA ASP D 310 1.84 7.64 35.98
C ASP D 310 0.75 7.82 37.02
N SER D 311 -0.22 6.92 37.09
CA SER D 311 -1.32 7.10 38.04
C SER D 311 -0.93 6.75 39.47
N ILE D 312 -0.05 5.78 39.68
CA ILE D 312 0.22 5.25 41.01
C ILE D 312 1.63 5.61 41.49
N SER D 313 2.29 6.58 40.87
CA SER D 313 3.69 6.86 41.17
C SER D 313 3.87 8.34 41.46
N ALA D 314 5.02 8.65 42.06
CA ALA D 314 5.49 10.01 42.25
C ALA D 314 6.68 10.26 41.34
N SER D 315 6.76 11.48 40.81
CA SER D 315 7.80 11.84 39.85
C SER D 315 8.90 12.62 40.56
N ILE D 316 10.13 12.14 40.44
CA ILE D 316 11.30 12.81 40.99
C ILE D 316 12.31 13.01 39.87
N ILE D 317 12.85 14.22 39.78
CA ILE D 317 13.87 14.55 38.79
C ILE D 317 15.10 15.08 39.52
N LEU D 318 16.26 14.50 39.22
CA LEU D 318 17.54 14.99 39.71
C LEU D 318 18.26 15.70 38.56
N ASP D 319 18.67 16.94 38.79
CA ASP D 319 19.26 17.79 37.76
C ASP D 319 20.71 18.08 38.13
N THR D 320 21.65 17.44 37.44
CA THR D 320 23.06 17.74 37.57
C THR D 320 23.55 18.50 36.35
N GLU D 321 24.80 18.95 36.42
CA GLU D 321 25.37 19.73 35.32
C GLU D 321 25.49 18.91 34.05
N ASN D 322 25.90 17.65 34.16
CA ASN D 322 26.15 16.83 32.98
C ASN D 322 24.86 16.26 32.40
N GLU D 323 24.02 15.67 33.25
CA GLU D 323 22.76 15.13 32.78
C GLU D 323 21.76 15.07 33.92
N SER D 324 20.49 14.90 33.55
CA SER D 324 19.39 14.81 34.49
C SER D 324 18.74 13.44 34.40
N TYR D 325 18.17 13.00 35.52
CA TYR D 325 17.57 11.68 35.64
C TYR D 325 16.13 11.81 36.09
N GLU D 326 15.23 11.10 35.43
CA GLU D 326 13.81 11.09 35.78
C GLU D 326 13.43 9.70 36.29
N ARG D 327 12.68 9.65 37.38
CA ARG D 327 12.34 8.39 38.02
C ARG D 327 10.86 8.40 38.43
N ARG D 328 10.31 7.20 38.55
CA ARG D 328 8.95 6.99 39.04
C ARG D 328 9.01 5.98 40.19
N VAL D 329 8.51 6.39 41.36
CA VAL D 329 8.53 5.55 42.55
C VAL D 329 7.09 5.34 43.01
N THR D 330 6.73 4.08 43.26
CA THR D 330 5.36 3.75 43.60
C THR D 330 4.99 4.29 44.98
N ALA D 331 3.85 4.96 45.06
CA ALA D 331 3.35 5.53 46.29
C ALA D 331 2.07 4.83 46.72
N LYS D 332 1.84 4.80 48.03
CA LYS D 332 0.70 4.10 48.60
C LYS D 332 -0.51 5.03 48.74
N ASN D 333 -1.67 4.52 48.36
CA ASN D 333 -2.94 5.23 48.54
C ASN D 333 -3.48 4.91 49.93
N LEU D 334 -3.47 5.91 50.83
CA LEU D 334 -3.87 5.68 52.20
C LEU D 334 -5.38 5.50 52.37
N GLN D 335 -6.18 5.79 51.34
CA GLN D 335 -7.62 5.64 51.43
C GLN D 335 -8.10 4.24 51.12
N ASP D 336 -7.22 3.35 50.66
CA ASP D 336 -7.61 1.99 50.28
C ASP D 336 -7.06 1.00 51.30
N PRO D 337 -7.90 0.34 52.09
CA PRO D 337 -7.38 -0.66 53.05
C PRO D 337 -6.78 -1.88 52.38
N GLU D 338 -7.09 -2.13 51.11
CA GLU D 338 -6.56 -3.29 50.39
C GLU D 338 -5.34 -2.95 49.56
N ASP D 339 -4.78 -1.75 49.71
CA ASP D 339 -3.52 -1.39 49.09
C ASP D 339 -2.40 -1.79 50.03
N LYS D 340 -1.53 -2.70 49.57
CA LYS D 340 -0.50 -3.29 50.42
C LYS D 340 0.91 -2.90 50.00
N THR D 341 1.07 -1.88 49.17
CA THR D 341 2.41 -1.44 48.80
C THR D 341 3.06 -0.72 49.98
N PRO D 342 4.37 -0.92 50.19
CA PRO D 342 5.02 -0.35 51.37
C PRO D 342 5.10 1.16 51.31
N GLU D 343 5.11 1.78 52.49
CA GLU D 343 5.24 3.22 52.62
C GLU D 343 6.69 3.64 52.39
N LEU D 344 6.87 4.86 51.90
CA LEU D 344 8.19 5.44 51.68
C LEU D 344 8.15 6.92 52.04
N THR D 345 9.26 7.42 52.55
CA THR D 345 9.43 8.85 52.70
C THR D 345 10.14 9.41 51.46
N ILE D 346 10.28 10.74 51.44
CA ILE D 346 10.92 11.39 50.30
C ILE D 346 12.39 10.97 50.20
N GLY D 347 13.09 10.93 51.34
CA GLY D 347 14.49 10.56 51.32
C GLY D 347 14.72 9.13 50.91
N GLU D 348 13.93 8.20 51.43
CA GLU D 348 14.07 6.80 51.05
C GLU D 348 13.75 6.60 49.57
N ALA D 349 12.72 7.30 49.07
CA ALA D 349 12.39 7.22 47.65
C ALA D 349 13.52 7.75 46.79
N ILE D 350 14.14 8.86 47.20
CA ILE D 350 15.26 9.41 46.44
C ILE D 350 16.42 8.44 46.42
N GLU D 351 16.73 7.86 47.59
CA GLU D 351 17.84 6.92 47.67
C GLU D 351 17.59 5.68 46.80
N LYS D 352 16.37 5.16 46.82
CA LYS D 352 16.07 3.97 46.01
C LYS D 352 16.07 4.30 44.53
N ALA D 353 15.55 5.47 44.14
CA ALA D 353 15.41 5.78 42.73
C ALA D 353 16.75 6.12 42.09
N PHE D 354 17.59 6.89 42.78
CA PHE D 354 18.83 7.37 42.19
C PHE D 354 20.06 6.59 42.63
N GLY D 355 19.89 5.52 43.40
CA GLY D 355 21.03 4.73 43.84
C GLY D 355 22.02 5.53 44.66
N ALA D 356 21.54 6.30 45.62
CA ALA D 356 22.41 7.15 46.42
C ALA D 356 22.90 6.41 47.66
N THR D 357 24.21 6.48 47.89
CA THR D 357 24.82 5.88 49.07
C THR D 357 24.73 6.83 50.25
N LYS D 358 24.94 6.30 51.45
CA LYS D 358 24.88 7.07 52.68
C LYS D 358 26.23 7.06 53.37
N LYS D 359 26.69 8.23 53.79
CA LYS D 359 28.00 8.37 54.43
C LYS D 359 27.88 8.62 55.93
N ASP D 360 27.16 9.66 56.33
CA ASP D 360 26.91 9.97 57.73
C ASP D 360 25.44 10.24 57.97
N GLY D 361 24.58 9.41 57.37
CA GLY D 361 23.16 9.65 57.40
C GLY D 361 22.63 10.54 56.29
N LEU D 362 23.52 11.06 55.44
CA LEU D 362 23.14 11.92 54.33
C LEU D 362 23.48 11.23 53.01
N LEU D 363 22.61 11.43 52.03
CA LEU D 363 22.70 10.73 50.76
C LEU D 363 23.73 11.38 49.84
N TYR D 364 24.49 10.54 49.13
CA TYR D 364 25.44 10.98 48.12
C TYR D 364 25.15 10.21 46.83
N PHE D 365 25.06 10.94 45.71
CA PHE D 365 24.74 10.29 44.44
C PHE D 365 25.95 9.53 43.91
N ASN D 366 27.00 10.25 43.52
CA ASN D 366 28.30 9.65 43.28
C ASN D 366 29.35 10.22 44.23
N ASP D 367 29.55 11.54 44.19
CA ASP D 367 30.30 12.25 45.22
C ASP D 367 29.63 13.57 45.59
N ILE D 368 28.63 14.02 44.83
CA ILE D 368 27.93 15.26 45.15
C ILE D 368 26.91 14.99 46.26
N PRO D 369 26.95 15.72 47.36
CA PRO D 369 25.88 15.58 48.35
C PRO D 369 24.54 15.97 47.76
N ILE D 370 23.50 15.20 48.08
CA ILE D 370 22.17 15.48 47.58
C ILE D 370 21.20 15.55 48.76
N ASP D 371 21.70 15.92 49.93
CA ASP D 371 20.84 16.09 51.09
C ASP D 371 20.03 17.38 50.95
N GLU D 372 18.90 17.43 51.66
CA GLU D 372 17.96 18.55 51.52
C GLU D 372 18.61 19.88 51.86
N SER D 373 19.63 19.88 52.72
CA SER D 373 20.34 21.11 53.06
C SER D 373 21.47 21.42 52.11
N CYS D 374 21.76 20.56 51.13
CA CYS D 374 22.87 20.76 50.21
C CYS D 374 22.42 20.96 48.77
N VAL D 375 21.13 20.87 48.48
CA VAL D 375 20.61 21.03 47.13
C VAL D 375 19.40 21.97 47.18
N GLU D 376 18.79 22.17 46.02
CA GLU D 376 17.60 22.99 45.86
C GLU D 376 16.41 22.10 45.54
N LEU D 377 15.35 22.21 46.32
CA LEU D 377 14.13 21.43 46.13
C LEU D 377 13.04 22.32 45.58
N ILE D 378 12.39 21.87 44.50
CA ILE D 378 11.36 22.63 43.81
C ILE D 378 10.13 21.74 43.66
N PHE D 379 8.97 22.26 44.06
CA PHE D 379 7.71 21.54 43.98
C PHE D 379 6.68 22.39 43.28
N ASP D 380 5.65 21.73 42.75
CA ASP D 380 4.49 22.44 42.24
C ASP D 380 3.57 22.80 43.42
N ASP D 381 2.38 23.32 43.13
CA ASP D 381 1.50 23.83 44.17
C ASP D 381 1.04 22.72 45.10
N ASN D 382 0.54 21.61 44.53
CA ASN D 382 -0.02 20.54 45.36
C ASN D 382 1.04 19.88 46.22
N THR D 383 2.22 19.62 45.65
CA THR D 383 3.29 18.99 46.44
C THR D 383 3.76 19.91 47.55
N ALA D 384 3.90 21.20 47.26
CA ALA D 384 4.29 22.15 48.29
C ALA D 384 3.25 22.19 49.41
N ASN D 385 1.96 22.20 49.06
CA ASN D 385 0.92 22.20 50.07
C ASN D 385 0.97 20.95 50.93
N LYS D 386 1.13 19.78 50.30
CA LYS D 386 1.17 18.53 51.04
C LYS D 386 2.36 18.49 51.98
N ILE D 387 3.53 18.91 51.51
CA ILE D 387 4.72 18.91 52.35
C ILE D 387 4.58 19.88 53.51
N LYS D 388 4.04 21.08 53.23
CA LYS D 388 3.85 22.06 54.30
C LYS D 388 2.87 21.55 55.35
N ASP D 389 1.80 20.88 54.92
CA ASP D 389 0.83 20.34 55.88
C ASP D 389 1.41 19.16 56.65
N SER D 390 2.28 18.38 56.02
CA SER D 390 2.88 17.24 56.72
C SER D 390 3.98 17.66 57.69
N LEU D 391 4.67 18.77 57.40
CA LEU D 391 5.81 19.17 58.24
C LEU D 391 5.39 19.49 59.66
N LYS D 392 4.25 20.18 59.84
CA LYS D 392 3.89 20.68 61.16
C LYS D 392 3.68 19.55 62.16
N THR D 393 2.99 18.48 61.74
CA THR D 393 2.79 17.35 62.64
C THR D 393 4.07 16.55 62.83
N LEU D 394 4.92 16.49 61.82
CA LEU D 394 6.10 15.65 61.87
C LEU D 394 7.09 16.18 62.90
N SER D 395 7.68 15.26 63.67
CA SER D 395 8.51 15.64 64.80
C SER D 395 9.87 16.17 64.36
N ASP D 396 10.51 15.51 63.40
CA ASP D 396 11.87 15.90 63.00
C ASP D 396 11.90 17.13 62.11
N LYS D 397 10.75 17.54 61.56
CA LYS D 397 10.63 18.77 60.77
C LYS D 397 11.60 18.79 59.60
N LYS D 398 11.66 17.68 58.87
CA LYS D 398 12.51 17.55 57.69
C LYS D 398 11.67 17.21 56.47
N ILE D 399 12.11 17.71 55.32
CA ILE D 399 11.40 17.41 54.07
C ILE D 399 11.54 15.93 53.72
N TYR D 400 12.72 15.35 53.97
CA TYR D 400 12.98 13.97 53.62
C TYR D 400 12.25 12.98 54.50
N ASN D 401 11.63 13.42 55.58
CA ASN D 401 10.82 12.55 56.44
C ASN D 401 9.34 12.56 56.06
N VAL D 402 8.93 13.42 55.14
CA VAL D 402 7.55 13.46 54.68
C VAL D 402 7.24 12.19 53.90
N LYS D 403 6.10 11.56 54.22
CA LYS D 403 5.71 10.35 53.52
C LYS D 403 5.39 10.64 52.06
N LEU D 404 5.90 9.80 51.17
CA LEU D 404 5.69 9.98 49.74
C LEU D 404 4.23 9.69 49.38
N GLU D 405 3.72 10.45 48.41
CA GLU D 405 2.32 10.35 48.01
C GLU D 405 2.22 10.43 46.49
N ARG D 406 1.10 9.95 45.97
CA ARG D 406 0.88 9.95 44.53
C ARG D 406 0.70 11.36 44.00
N GLY D 407 1.19 11.57 42.78
CA GLY D 407 1.09 12.87 42.13
C GLY D 407 2.15 13.87 42.55
N MET D 408 3.07 13.48 43.43
CA MET D 408 4.12 14.41 43.86
C MET D 408 5.09 14.69 42.73
N ASN D 409 5.56 15.93 42.65
CA ASN D 409 6.49 16.36 41.61
C ASN D 409 7.65 17.06 42.30
N ILE D 410 8.76 16.34 42.46
CA ILE D 410 9.93 16.83 43.18
C ILE D 410 11.07 16.99 42.19
N LEU D 411 11.77 18.12 42.27
CA LEU D 411 12.93 18.40 41.44
C LEU D 411 14.12 18.73 42.34
N ILE D 412 15.25 18.09 42.08
CA ILE D 412 16.47 18.27 42.85
C ILE D 412 17.51 18.89 41.94
N LYS D 413 18.00 20.07 42.30
CA LYS D 413 18.98 20.80 41.50
C LYS D 413 20.27 20.96 42.29
N THR D 414 21.28 20.18 41.93
CA THR D 414 22.54 20.23 42.66
C THR D 414 23.28 21.53 42.37
N PRO D 415 23.88 22.16 43.37
CA PRO D 415 24.53 23.45 43.17
C PRO D 415 25.80 23.33 42.35
N THR D 416 26.14 24.41 41.65
CA THR D 416 27.42 24.48 40.95
C THR D 416 28.57 24.57 41.95
N TYR D 417 28.44 25.45 42.94
CA TYR D 417 29.46 25.63 43.97
C TYR D 417 28.81 25.50 45.33
N PHE D 418 29.50 24.83 46.25
CA PHE D 418 28.93 24.54 47.56
C PHE D 418 30.07 24.33 48.55
N THR D 419 29.76 24.50 49.83
CA THR D 419 30.70 24.20 50.89
C THR D 419 29.93 23.94 52.18
N ASN D 420 30.36 22.92 52.92
CA ASN D 420 29.84 22.65 54.25
C ASN D 420 30.89 22.84 55.32
N PHE D 421 32.10 23.23 54.95
CA PHE D 421 33.24 23.45 55.86
C PHE D 421 33.63 22.21 56.63
N ASP D 422 33.19 21.03 56.21
CA ASP D 422 33.56 19.77 56.85
C ASP D 422 34.41 18.89 55.95
N ASP D 423 33.88 18.53 54.77
CA ASP D 423 34.65 17.75 53.81
C ASP D 423 34.47 18.18 52.37
N TYR D 424 33.52 19.06 52.05
CA TYR D 424 33.21 19.42 50.68
C TYR D 424 33.48 20.90 50.44
N ASN D 425 34.20 21.20 49.37
CA ASN D 425 34.45 22.59 48.96
C ASN D 425 34.93 22.57 47.52
N ASN D 426 34.25 23.31 46.64
CA ASN D 426 34.65 23.39 45.25
C ASN D 426 34.68 24.80 44.69
N TYR D 427 34.63 25.82 45.54
CA TYR D 427 34.70 27.19 45.06
C TYR D 427 36.06 27.43 44.39
N PRO D 428 36.08 28.04 43.21
CA PRO D 428 37.39 28.35 42.59
C PRO D 428 38.20 29.36 43.40
N SER D 429 37.54 30.26 44.10
CA SER D 429 38.19 31.24 44.95
C SER D 429 38.07 30.81 46.41
N THR D 430 38.52 31.66 47.32
CA THR D 430 38.46 31.40 48.75
C THR D 430 37.87 32.60 49.46
N TRP D 431 37.01 32.34 50.44
CA TRP D 431 36.41 33.41 51.22
C TRP D 431 37.48 34.14 52.03
N SER D 432 37.12 35.35 52.50
CA SER D 432 38.09 36.22 53.13
C SER D 432 38.64 35.60 54.42
N ASN D 433 37.78 35.06 55.26
CA ASN D 433 38.18 34.45 56.51
C ASN D 433 37.49 33.11 56.70
N VAL D 434 38.13 32.24 57.48
CA VAL D 434 37.63 30.90 57.77
C VAL D 434 37.90 30.58 59.23
N ASN D 435 36.86 30.22 59.98
CA ASN D 435 36.99 29.68 61.33
C ASN D 435 36.03 28.52 61.46
N THR D 436 36.53 27.31 61.19
CA THR D 436 35.75 26.07 61.28
C THR D 436 36.15 25.25 62.50
N THR D 437 36.51 25.91 63.59
CA THR D 437 37.05 25.24 64.78
C THR D 437 36.02 25.11 65.89
N ASN D 438 34.74 25.18 65.57
CA ASN D 438 33.67 24.98 66.53
C ASN D 438 32.58 24.09 65.93
N GLN D 439 31.86 23.38 66.78
CA GLN D 439 30.84 22.45 66.34
C GLN D 439 29.48 23.14 66.37
N ASP D 440 29.31 24.06 65.41
CA ASP D 440 28.03 24.72 65.19
C ASP D 440 27.58 24.50 63.76
N GLY D 441 26.49 25.12 63.35
CA GLY D 441 25.94 24.89 62.02
C GLY D 441 25.20 23.57 61.95
N LEU D 442 24.64 23.31 60.76
CA LEU D 442 23.91 22.07 60.56
C LEU D 442 24.83 20.85 60.64
N GLN D 443 26.02 20.96 60.05
CA GLN D 443 27.02 19.88 60.11
C GLN D 443 28.34 20.52 60.57
N GLY D 444 28.50 20.67 61.89
CA GLY D 444 29.74 21.08 62.52
C GLY D 444 30.58 22.13 61.83
N SER D 445 30.01 23.32 61.60
CA SER D 445 30.73 24.36 60.86
C SER D 445 30.07 25.71 61.09
N ALA D 446 30.90 26.73 61.30
CA ALA D 446 30.41 28.08 61.54
C ALA D 446 30.88 29.07 60.48
N ASN D 447 32.19 29.18 60.24
CA ASN D 447 32.78 30.16 59.33
C ASN D 447 32.17 31.54 59.53
N LYS D 448 32.38 32.09 60.73
CA LYS D 448 31.94 33.46 61.00
C LYS D 448 32.72 34.01 62.19
N LEU D 449 33.45 35.10 61.97
CA LEU D 449 34.12 35.86 63.01
C LEU D 449 33.45 37.23 63.16
N ASN D 450 34.04 38.08 63.99
CA ASN D 450 33.55 39.45 64.11
C ASN D 450 33.72 40.22 62.81
N GLY D 451 34.59 39.76 61.91
CA GLY D 451 34.83 40.43 60.65
C GLY D 451 33.79 40.05 59.61
N GLU D 452 34.23 40.13 58.35
CA GLU D 452 33.38 39.88 57.20
C GLU D 452 34.03 38.91 56.24
N THR D 453 33.20 38.29 55.41
CA THR D 453 33.66 37.31 54.43
C THR D 453 33.45 37.85 53.02
N LYS D 454 34.26 37.37 52.08
CA LYS D 454 34.23 37.85 50.70
C LYS D 454 34.79 36.79 49.77
N ILE D 455 34.02 36.44 48.74
CA ILE D 455 34.46 35.51 47.70
C ILE D 455 34.69 36.32 46.44
N LYS D 456 35.59 35.85 45.58
CA LYS D 456 35.96 36.59 44.37
C LYS D 456 35.88 35.63 43.18
N ILE D 457 34.70 35.52 42.59
CA ILE D 457 34.48 34.57 41.49
C ILE D 457 35.06 35.16 40.21
N PRO D 458 35.90 34.42 39.49
CA PRO D 458 36.59 35.00 38.31
C PRO D 458 35.67 35.36 37.16
N MET D 459 34.42 34.88 37.15
CA MET D 459 33.42 35.17 36.12
C MET D 459 33.76 34.40 34.83
N SER D 460 34.92 33.76 34.78
CA SER D 460 35.28 32.90 33.66
C SER D 460 34.77 31.48 33.83
N GLU D 461 34.28 31.11 35.02
CA GLU D 461 33.71 29.80 35.28
C GLU D 461 32.20 29.85 35.46
N LEU D 462 31.57 30.98 35.18
CA LEU D 462 30.14 31.16 35.32
C LEU D 462 29.52 31.44 33.96
N LYS D 463 28.29 30.98 33.77
CA LYS D 463 27.65 31.07 32.47
C LYS D 463 27.38 32.53 32.10
N PRO D 464 27.45 32.86 30.81
CA PRO D 464 27.27 34.25 30.38
C PRO D 464 25.91 34.85 30.74
N TYR D 465 24.83 34.25 30.25
CA TYR D 465 23.48 34.79 30.42
C TYR D 465 22.60 33.75 31.09
N LYS D 466 22.66 33.69 32.42
CA LYS D 466 21.76 32.83 33.19
C LYS D 466 21.51 33.45 34.55
N ARG D 467 20.38 33.07 35.15
CA ARG D 467 19.97 33.56 36.45
C ARG D 467 20.49 32.62 37.54
N TYR D 468 21.09 33.19 38.58
CA TYR D 468 21.73 32.43 39.63
C TYR D 468 21.14 32.77 40.99
N VAL D 469 21.35 31.88 41.95
CA VAL D 469 20.84 32.03 43.31
C VAL D 469 21.96 31.67 44.28
N PHE D 470 22.12 32.47 45.33
CA PHE D 470 23.05 32.18 46.42
C PHE D 470 22.25 31.89 47.69
N SER D 471 22.60 30.82 48.38
CA SER D 471 21.80 30.34 49.50
C SER D 471 22.72 29.82 50.61
N GLY D 472 22.16 29.73 51.81
CA GLY D 472 22.91 29.22 52.95
C GLY D 472 22.04 29.20 54.18
N TYR D 473 22.61 28.66 55.26
CA TYR D 473 21.95 28.58 56.55
C TYR D 473 22.69 29.48 57.54
N SER D 474 21.93 30.36 58.21
CA SER D 474 22.48 31.26 59.20
C SER D 474 21.64 31.20 60.46
N LYS D 475 22.29 30.97 61.60
CA LYS D 475 21.61 30.92 62.88
C LYS D 475 22.33 31.81 63.89
N ASP D 476 21.54 32.55 64.66
CA ASP D 476 22.07 33.31 65.78
C ASP D 476 21.67 32.61 67.06
N PRO D 477 22.63 32.18 67.90
CA PRO D 477 22.24 31.51 69.16
C PRO D 477 21.37 32.37 70.04
N LEU D 478 21.59 33.69 70.05
CA LEU D 478 20.73 34.62 70.76
C LEU D 478 20.48 35.82 69.85
N THR D 479 19.37 36.51 70.11
CA THR D 479 18.99 37.63 69.25
C THR D 479 20.06 38.70 69.24
N SER D 480 20.44 39.14 68.05
CA SER D 480 21.47 40.16 67.87
C SER D 480 21.15 40.91 66.58
N ASN D 481 22.15 41.64 66.06
CA ASN D 481 21.96 42.44 64.87
C ASN D 481 21.81 41.55 63.63
N SER D 482 21.49 42.19 62.51
CA SER D 482 21.21 41.50 61.26
C SER D 482 22.51 41.28 60.49
N ILE D 483 22.39 40.84 59.23
CA ILE D 483 23.53 40.58 58.36
C ILE D 483 23.31 41.34 57.05
N ILE D 484 24.38 41.95 56.54
CA ILE D 484 24.31 42.78 55.34
C ILE D 484 24.90 41.98 54.19
N VAL D 485 24.17 41.92 53.06
CA VAL D 485 24.58 41.13 51.90
C VAL D 485 24.49 42.00 50.66
N LYS D 486 25.55 42.01 49.85
CA LYS D 486 25.53 42.64 48.53
C LYS D 486 26.01 41.66 47.49
N ILE D 487 25.41 41.71 46.31
CA ILE D 487 25.93 41.04 45.11
C ILE D 487 25.77 41.99 43.94
N LYS D 488 26.83 42.17 43.15
CA LYS D 488 26.75 42.93 41.91
C LYS D 488 27.28 42.07 40.76
N ALA D 489 26.37 41.58 39.94
CA ALA D 489 26.69 40.93 38.68
C ALA D 489 26.17 41.73 37.49
N LYS D 490 24.89 42.09 37.50
CA LYS D 490 24.33 43.06 36.59
C LYS D 490 23.92 44.34 37.31
N GLU D 491 23.33 44.21 38.49
CA GLU D 491 22.90 45.34 39.29
C GLU D 491 23.37 45.14 40.73
N GLU D 492 23.69 46.25 41.40
CA GLU D 492 23.97 46.17 42.82
C GLU D 492 22.69 45.88 43.58
N LYS D 493 22.73 44.87 44.44
CA LYS D 493 21.59 44.48 45.26
C LYS D 493 21.97 44.61 46.73
N THR D 494 21.16 45.35 47.47
CA THR D 494 21.33 45.47 48.91
C THR D 494 20.10 44.89 49.60
N ASP D 495 20.33 44.20 50.71
CA ASP D 495 19.26 43.50 51.41
C ASP D 495 19.76 43.06 52.79
N TYR D 496 18.82 42.84 53.69
CA TYR D 496 19.11 42.53 55.08
C TYR D 496 18.24 41.37 55.53
N LEU D 497 18.79 40.53 56.42
CA LEU D 497 18.05 39.42 57.00
C LEU D 497 18.46 39.29 58.46
N VAL D 498 17.53 38.77 59.27
CA VAL D 498 17.75 38.62 60.71
C VAL D 498 17.91 37.14 61.02
N PRO D 499 19.07 36.69 61.49
CA PRO D 499 19.20 35.32 61.96
C PRO D 499 18.28 35.04 63.14
N GLU D 500 17.70 33.85 63.17
CA GLU D 500 16.73 33.45 64.17
C GLU D 500 17.35 32.46 65.15
N GLN D 501 16.51 31.91 66.04
CA GLN D 501 16.97 30.92 67.00
C GLN D 501 17.56 29.70 66.32
N GLY D 502 16.99 29.29 65.18
CA GLY D 502 17.49 28.22 64.39
C GLY D 502 18.06 28.68 63.07
N TYR D 503 18.22 27.73 62.15
CA TYR D 503 18.74 28.00 60.82
C TYR D 503 17.58 28.11 59.82
N THR D 504 17.79 28.90 58.78
CA THR D 504 16.83 29.06 57.71
C THR D 504 17.56 29.55 56.47
N LYS D 505 17.04 29.18 55.30
CA LYS D 505 17.64 29.55 54.03
C LYS D 505 17.11 30.90 53.56
N PHE D 506 18.02 31.72 53.03
CA PHE D 506 17.70 33.06 52.54
C PHE D 506 17.60 33.14 51.02
N SER D 507 18.52 32.52 50.28
CA SER D 507 18.35 32.24 48.85
C SER D 507 18.10 33.51 48.04
N TYR D 508 19.12 34.37 48.00
CA TYR D 508 19.03 35.59 47.22
C TYR D 508 19.48 35.36 45.77
N GLU D 509 19.18 36.32 44.91
CA GLU D 509 19.21 36.14 43.47
C GLU D 509 20.11 37.17 42.79
N PHE D 510 20.77 36.73 41.71
CA PHE D 510 21.56 37.60 40.85
C PHE D 510 21.64 36.94 39.48
N GLU D 511 22.36 37.59 38.55
CA GLU D 511 22.45 37.08 37.18
C GLU D 511 23.69 37.65 36.50
N THR D 512 24.52 36.76 35.95
CA THR D 512 25.72 37.15 35.22
C THR D 512 25.35 37.84 33.91
N THR D 513 26.32 38.55 33.32
CA THR D 513 26.02 39.43 32.19
C THR D 513 26.66 39.00 30.88
N GLU D 514 27.99 38.99 30.76
CA GLU D 514 28.55 38.83 29.42
C GLU D 514 29.84 38.02 29.31
N LYS D 515 30.30 37.34 30.37
CA LYS D 515 31.52 36.54 30.36
C LYS D 515 32.78 37.40 30.21
N ASP D 516 32.64 38.71 30.04
CA ASP D 516 33.78 39.59 29.77
C ASP D 516 33.79 40.83 30.65
N SER D 517 32.83 40.97 31.56
CA SER D 517 32.75 42.12 32.45
C SER D 517 33.51 41.81 33.74
N SER D 518 33.33 42.66 34.76
CA SER D 518 34.08 42.52 36.00
C SER D 518 33.74 41.23 36.73
N ASN D 519 34.70 40.76 37.52
CA ASN D 519 34.54 39.51 38.24
C ASN D 519 33.48 39.63 39.33
N ILE D 520 32.95 38.48 39.74
CA ILE D 520 31.82 38.44 40.67
C ILE D 520 32.36 38.30 42.09
N GLU D 521 31.82 39.10 43.00
CA GLU D 521 32.13 38.95 44.41
C GLU D 521 30.87 39.08 45.26
N ILE D 522 30.89 38.45 46.42
CA ILE D 522 29.76 38.40 47.33
C ILE D 522 30.23 38.87 48.70
N THR D 523 29.48 39.77 49.31
CA THR D 523 29.83 40.37 50.60
C THR D 523 28.75 40.06 51.63
N LEU D 524 29.18 39.64 52.82
CA LEU D 524 28.30 39.30 53.93
C LEU D 524 28.71 40.08 55.18
N ILE D 525 28.84 41.40 55.03
CA ILE D 525 29.14 42.27 56.17
C ILE D 525 28.15 42.02 57.29
N GLY D 526 28.64 42.05 58.53
CA GLY D 526 27.76 41.89 59.67
C GLY D 526 28.56 41.79 60.95
N SER D 527 27.84 41.57 62.04
CA SER D 527 28.43 41.39 63.36
C SER D 527 27.44 40.63 64.23
N GLY D 528 27.87 40.34 65.46
CA GLY D 528 27.03 39.66 66.42
C GLY D 528 27.30 38.18 66.59
N THR D 529 28.54 37.74 66.38
CA THR D 529 28.98 36.33 66.51
C THR D 529 27.91 35.36 66.01
N THR D 530 27.40 35.65 64.81
CA THR D 530 26.39 34.79 64.17
C THR D 530 27.09 33.58 63.55
N TYR D 531 26.35 32.81 62.77
CA TYR D 531 26.89 31.57 62.22
C TYR D 531 26.42 31.39 60.78
N LEU D 532 27.19 30.64 60.01
CA LEU D 532 26.89 30.34 58.62
C LEU D 532 27.14 28.86 58.36
N ASP D 533 26.44 28.31 57.38
CA ASP D 533 26.64 26.92 57.02
C ASP D 533 25.98 26.64 55.69
N ASN D 534 26.59 25.73 54.91
CA ASN D 534 26.04 25.24 53.65
C ASN D 534 25.76 26.37 52.66
N LEU D 535 26.84 27.05 52.26
CA LEU D 535 26.73 28.14 51.30
C LEU D 535 26.81 27.60 49.87
N SER D 536 25.80 27.93 49.06
CA SER D 536 25.66 27.34 47.73
C SER D 536 25.35 28.42 46.70
N ILE D 537 25.70 28.14 45.45
CA ILE D 537 25.33 28.97 44.30
C ILE D 537 24.72 28.05 43.25
N THR D 538 23.46 28.29 42.90
CA THR D 538 22.73 27.44 41.96
C THR D 538 22.22 28.26 40.79
N GLU D 539 22.04 27.58 39.66
CA GLU D 539 21.43 28.18 38.47
C GLU D 539 20.02 27.64 38.31
N LEU D 540 19.12 28.49 37.82
CA LEU D 540 17.71 28.15 37.67
C LEU D 540 17.29 28.28 36.22
N ASN D 541 16.01 28.00 35.96
CA ASN D 541 15.42 28.11 34.64
C ASN D 541 14.61 29.39 34.48
N SER D 542 13.59 29.57 35.32
CA SER D 542 12.80 30.82 35.38
C SER D 542 12.19 31.15 34.01
N THR D 543 11.29 30.27 33.58
CA THR D 543 10.66 30.36 32.27
C THR D 543 9.14 30.32 32.37
N PRO D 544 8.50 31.44 32.70
CA PRO D 544 7.06 31.60 32.42
C PRO D 544 6.83 32.28 31.09
N GLU D 545 5.84 31.79 30.34
CA GLU D 545 5.61 32.32 29.00
C GLU D 545 4.53 33.41 28.98
N ILE D 546 3.30 33.06 29.33
CA ILE D 546 2.20 34.03 29.28
C ILE D 546 1.42 34.03 30.60
N LEU D 547 0.89 32.86 30.99
CA LEU D 547 0.08 32.69 32.19
C LEU D 547 -1.15 33.58 32.21
N ASP D 548 -1.54 34.15 31.07
CA ASP D 548 -2.73 35.00 30.98
C ASP D 548 -3.07 35.20 29.51
N GLU D 549 -4.22 35.83 29.27
CA GLU D 549 -4.72 36.05 27.92
C GLU D 549 -5.69 37.22 27.91
N PRO D 550 -5.59 38.14 26.93
CA PRO D 550 -6.47 39.31 26.91
C PRO D 550 -7.93 38.91 26.71
N GLU D 551 -8.83 39.74 27.26
CA GLU D 551 -10.25 39.41 27.32
C GLU D 551 -10.94 39.77 26.00
N VAL D 552 -12.27 39.69 26.00
CA VAL D 552 -13.03 39.84 24.75
C VAL D 552 -12.99 41.28 24.25
N LYS D 553 -13.24 42.25 25.14
CA LYS D 553 -13.24 43.67 24.80
C LYS D 553 -14.20 43.94 23.64
N ILE D 554 -15.49 43.74 23.92
CA ILE D 554 -16.54 44.02 22.95
C ILE D 554 -16.60 45.52 22.67
N PRO D 555 -16.54 45.93 21.40
CA PRO D 555 -16.57 47.37 21.10
C PRO D 555 -17.90 48.01 21.45
N THR D 556 -17.84 49.30 21.75
CA THR D 556 -19.03 50.09 22.02
C THR D 556 -19.44 50.89 20.78
N ASP D 557 -20.58 51.57 20.89
CA ASP D 557 -21.10 52.32 19.74
C ASP D 557 -20.14 53.42 19.32
N GLN D 558 -19.60 54.16 20.29
CA GLN D 558 -18.69 55.26 19.94
C GLN D 558 -17.42 54.76 19.28
N GLU D 559 -16.88 53.64 19.76
CA GLU D 559 -15.68 53.08 19.13
C GLU D 559 -15.96 52.71 17.68
N ILE D 560 -17.13 52.12 17.42
CA ILE D 560 -17.51 51.79 16.05
C ILE D 560 -17.67 53.07 15.23
N MET D 561 -18.14 54.14 15.85
CA MET D 561 -18.28 55.40 15.13
C MET D 561 -16.90 55.96 14.72
N ASP D 562 -15.96 56.04 15.66
CA ASP D 562 -14.62 56.51 15.29
C ASP D 562 -13.92 55.56 14.33
N ALA D 563 -14.28 54.27 14.33
CA ALA D 563 -13.63 53.34 13.41
C ALA D 563 -13.91 53.67 11.95
N HIS D 564 -15.00 54.38 11.65
CA HIS D 564 -15.39 54.67 10.28
C HIS D 564 -15.30 56.16 9.93
N LYS D 565 -14.54 56.93 10.70
CA LYS D 565 -14.45 58.36 10.41
C LYS D 565 -13.59 58.64 9.19
N ILE D 566 -12.48 57.93 9.03
CA ILE D 566 -11.61 58.08 7.87
C ILE D 566 -12.03 57.07 6.81
N TYR D 567 -12.29 57.56 5.60
CA TYR D 567 -12.76 56.71 4.52
C TYR D 567 -12.23 57.23 3.20
N PHE D 568 -12.36 56.41 2.17
CA PHE D 568 -11.92 56.76 0.83
C PHE D 568 -12.93 56.24 -0.18
N ALA D 569 -13.33 57.10 -1.11
CA ALA D 569 -14.29 56.74 -2.14
C ALA D 569 -13.55 56.14 -3.33
N ASP D 570 -13.95 54.93 -3.71
CA ASP D 570 -13.39 54.25 -4.88
C ASP D 570 -14.20 54.72 -6.09
N LEU D 571 -13.74 55.78 -6.71
CA LEU D 571 -14.49 56.43 -7.78
C LEU D 571 -14.17 55.79 -9.13
N ASN D 572 -15.14 55.88 -10.04
CA ASN D 572 -15.02 55.35 -11.39
C ASN D 572 -15.16 56.51 -12.37
N PHE D 573 -14.13 56.72 -13.19
CA PHE D 573 -14.13 57.81 -14.17
C PHE D 573 -13.52 57.29 -15.47
N ASN D 574 -14.36 56.78 -16.36
CA ASN D 574 -14.00 56.60 -17.75
C ASN D 574 -14.56 57.77 -18.55
N PRO D 575 -13.73 58.54 -19.26
CA PRO D 575 -14.22 59.83 -19.77
C PRO D 575 -15.19 59.68 -20.93
N SER D 576 -16.48 59.85 -20.62
CA SER D 576 -17.50 60.07 -21.65
C SER D 576 -18.14 61.43 -21.49
N THR D 577 -18.78 61.69 -20.34
CA THR D 577 -19.24 63.02 -19.96
C THR D 577 -19.06 63.13 -18.45
N GLY D 578 -17.87 63.56 -18.01
CA GLY D 578 -17.57 63.79 -16.60
C GLY D 578 -18.20 62.82 -15.64
N ASN D 579 -17.97 61.51 -15.85
CA ASN D 579 -18.75 60.49 -15.16
C ASN D 579 -18.59 60.54 -13.64
N THR D 580 -17.41 60.24 -13.14
CA THR D 580 -17.08 60.29 -11.72
C THR D 580 -18.18 59.62 -10.88
N TYR D 581 -18.29 58.30 -11.05
CA TYR D 581 -19.23 57.51 -10.28
C TYR D 581 -18.49 56.67 -9.22
N ILE D 582 -19.25 56.14 -8.28
CA ILE D 582 -18.69 55.44 -7.12
C ILE D 582 -18.78 53.94 -7.36
N ASN D 583 -17.66 53.24 -7.13
CA ASN D 583 -17.65 51.78 -7.10
C ASN D 583 -17.84 51.23 -5.69
N GLY D 584 -17.12 51.80 -4.72
CA GLY D 584 -17.15 51.29 -3.37
C GLY D 584 -16.53 52.29 -2.42
N MET D 585 -16.51 51.91 -1.15
CA MET D 585 -16.05 52.81 -0.08
C MET D 585 -15.08 52.06 0.82
N TYR D 586 -13.83 52.52 0.87
CA TYR D 586 -12.86 52.01 1.82
C TYR D 586 -13.04 52.64 3.19
N PHE D 587 -12.65 51.91 4.22
CA PHE D 587 -12.59 52.42 5.59
C PHE D 587 -11.16 52.24 6.07
N ALA D 588 -10.47 53.35 6.27
CA ALA D 588 -9.02 53.31 6.49
C ALA D 588 -8.70 52.56 7.78
N PRO D 589 -7.71 51.67 7.77
CA PRO D 589 -7.29 51.00 9.00
C PRO D 589 -6.26 51.83 9.77
N THR D 590 -6.51 52.06 11.05
CA THR D 590 -5.61 52.81 11.90
C THR D 590 -5.03 51.90 12.97
N GLN D 591 -4.25 52.50 13.87
CA GLN D 591 -3.62 51.75 14.94
C GLN D 591 -4.57 51.46 16.11
N THR D 592 -5.75 52.08 16.12
CA THR D 592 -6.67 51.96 17.24
C THR D 592 -8.08 51.56 16.81
N ASN D 593 -8.24 50.90 15.66
CA ASN D 593 -9.59 50.57 15.20
C ASN D 593 -9.71 49.19 14.59
N LYS D 594 -8.74 48.30 14.81
CA LYS D 594 -8.79 46.98 14.19
C LYS D 594 -9.90 46.12 14.78
N GLU D 595 -10.00 46.09 16.11
CA GLU D 595 -11.00 45.24 16.77
C GLU D 595 -12.41 45.69 16.43
N ALA D 596 -12.65 47.01 16.41
CA ALA D 596 -13.97 47.51 16.05
C ALA D 596 -14.31 47.18 14.60
N LEU D 597 -13.33 47.35 13.69
CA LEU D 597 -13.59 47.08 12.28
C LEU D 597 -13.86 45.60 12.04
N ASP D 598 -13.11 44.71 12.69
CA ASP D 598 -13.35 43.28 12.54
C ASP D 598 -14.68 42.86 13.14
N TYR D 599 -15.26 43.68 14.02
CA TYR D 599 -16.53 43.36 14.66
C TYR D 599 -17.73 43.57 13.75
N ILE D 600 -17.55 44.30 12.65
CA ILE D 600 -18.67 44.77 11.83
C ILE D 600 -18.62 44.09 10.47
N GLN D 601 -19.76 43.57 10.03
CA GLN D 601 -19.98 43.19 8.65
C GLN D 601 -21.43 43.52 8.29
N LYS D 602 -21.83 43.14 7.08
CA LYS D 602 -23.21 43.31 6.60
C LYS D 602 -23.63 44.78 6.65
N TYR D 603 -22.95 45.57 5.85
CA TYR D 603 -23.32 46.98 5.71
C TYR D 603 -24.62 47.12 4.93
N ARG D 604 -25.47 48.04 5.39
CA ARG D 604 -26.70 48.40 4.70
C ARG D 604 -26.52 49.78 4.09
N VAL D 605 -26.83 49.91 2.80
CA VAL D 605 -26.55 51.11 2.04
C VAL D 605 -27.85 51.67 1.47
N GLU D 606 -28.03 52.98 1.60
CA GLU D 606 -29.09 53.72 0.92
C GLU D 606 -28.40 54.83 0.11
N ALA D 607 -28.51 54.75 -1.21
CA ALA D 607 -27.75 55.62 -2.10
C ALA D 607 -28.71 56.32 -3.07
N THR D 608 -28.14 57.20 -3.89
CA THR D 608 -28.87 57.97 -4.89
C THR D 608 -28.45 57.47 -6.27
N LEU D 609 -29.31 56.68 -6.90
CA LEU D 609 -29.01 56.10 -8.20
C LEU D 609 -29.10 57.15 -9.29
N GLN D 610 -28.64 56.78 -10.49
CA GLN D 610 -28.63 57.71 -11.61
C GLN D 610 -30.05 58.11 -12.00
N TYR D 611 -30.94 57.13 -12.18
CA TYR D 611 -32.32 57.40 -12.56
C TYR D 611 -33.28 57.27 -11.39
N SER D 612 -33.24 56.15 -10.69
CA SER D 612 -34.03 56.01 -9.46
C SER D 612 -33.48 56.95 -8.39
N GLY D 613 -34.38 57.40 -7.52
CA GLY D 613 -34.03 58.35 -6.47
C GLY D 613 -33.30 57.71 -5.32
N PHE D 614 -33.48 58.28 -4.13
CA PHE D 614 -32.85 57.78 -2.93
C PHE D 614 -33.64 56.57 -2.42
N LYS D 615 -32.99 55.41 -2.37
CA LYS D 615 -33.68 54.18 -2.01
C LYS D 615 -32.69 53.19 -1.42
N ASP D 616 -33.20 52.32 -0.55
CA ASP D 616 -32.39 51.26 0.03
C ASP D 616 -32.03 50.23 -1.05
N ILE D 617 -30.81 49.70 -0.97
CA ILE D 617 -30.33 48.76 -1.97
C ILE D 617 -29.84 47.49 -1.30
N GLY D 618 -30.32 47.21 -0.09
CA GLY D 618 -30.10 45.93 0.55
C GLY D 618 -28.93 45.93 1.51
N THR D 619 -28.66 44.74 2.04
CA THR D 619 -27.57 44.51 2.98
C THR D 619 -26.67 43.41 2.42
N LYS D 620 -25.37 43.67 2.40
CA LYS D 620 -24.40 42.72 1.87
C LYS D 620 -23.19 42.66 2.79
N ASP D 621 -22.49 41.53 2.73
CA ASP D 621 -21.27 41.36 3.50
C ASP D 621 -20.17 42.31 3.01
N LYS D 622 -19.11 42.42 3.81
CA LYS D 622 -17.97 43.23 3.42
C LYS D 622 -17.02 42.44 2.52
N GLU D 623 -16.00 43.13 2.01
CA GLU D 623 -15.10 42.56 1.02
C GLU D 623 -13.70 42.29 1.51
N MET D 624 -13.16 43.11 2.42
CA MET D 624 -11.80 42.96 2.95
C MET D 624 -10.77 42.99 1.83
N ARG D 625 -10.68 44.16 1.20
CA ARG D 625 -9.70 44.43 0.16
C ARG D 625 -8.53 45.23 0.71
N ASN D 626 -7.44 45.22 -0.04
CA ASN D 626 -6.27 46.00 0.33
C ASN D 626 -6.58 47.49 0.26
N TYR D 627 -6.11 48.23 1.25
CA TYR D 627 -6.45 49.65 1.34
C TYR D 627 -5.89 50.41 0.15
N LEU D 628 -6.76 51.19 -0.50
CA LEU D 628 -6.43 52.09 -1.61
C LEU D 628 -5.94 51.36 -2.84
N GLY D 629 -6.02 50.03 -2.87
CA GLY D 629 -5.46 49.26 -3.97
C GLY D 629 -3.95 49.11 -3.92
N ASP D 630 -3.30 49.58 -2.85
CA ASP D 630 -1.86 49.47 -2.73
C ASP D 630 -1.50 48.11 -2.15
N PRO D 631 -0.65 47.33 -2.81
CA PRO D 631 -0.32 46.00 -2.28
C PRO D 631 0.31 46.03 -0.89
N ASN D 632 1.07 47.07 -0.56
CA ASN D 632 1.72 47.14 0.73
C ASN D 632 0.75 47.45 1.86
N GLN D 633 -0.37 48.10 1.56
CA GLN D 633 -1.32 48.46 2.60
C GLN D 633 -2.05 47.23 3.11
N PRO D 634 -2.40 47.21 4.39
CA PRO D 634 -3.14 46.05 4.93
C PRO D 634 -4.56 46.01 4.43
N LYS D 635 -5.14 44.81 4.46
CA LYS D 635 -6.53 44.63 4.08
C LYS D 635 -7.46 45.29 5.09
N THR D 636 -8.49 45.95 4.58
CA THR D 636 -9.41 46.72 5.40
C THR D 636 -10.84 46.47 4.92
N ASN D 637 -11.80 46.89 5.74
CA ASN D 637 -13.20 46.74 5.39
C ASN D 637 -13.53 47.50 4.11
N TYR D 638 -14.23 46.84 3.19
CA TYR D 638 -14.56 47.41 1.90
C TYR D 638 -16.02 47.11 1.59
N VAL D 639 -16.71 48.10 1.02
CA VAL D 639 -18.13 48.00 0.72
C VAL D 639 -18.27 48.05 -0.80
N ASN D 640 -18.51 46.89 -1.42
CA ASN D 640 -18.64 46.81 -2.87
C ASN D 640 -20.04 47.23 -3.26
N LEU D 641 -20.19 48.52 -3.54
CA LEU D 641 -21.50 49.06 -3.90
C LEU D 641 -22.00 48.52 -5.23
N ARG D 642 -21.09 48.14 -6.12
CA ARG D 642 -21.49 47.62 -7.43
C ARG D 642 -22.22 46.29 -7.31
N SER D 643 -21.98 45.53 -6.24
CA SER D 643 -22.62 44.24 -6.05
C SER D 643 -23.97 44.33 -5.34
N TYR D 644 -24.35 45.51 -4.87
CA TYR D 644 -25.60 45.68 -4.16
C TYR D 644 -26.78 45.63 -5.14
N PHE D 645 -27.99 45.84 -4.63
CA PHE D 645 -29.21 45.69 -5.43
C PHE D 645 -29.51 46.97 -6.21
N THR D 646 -28.59 47.30 -7.11
CA THR D 646 -28.84 48.31 -8.12
C THR D 646 -29.26 47.63 -9.43
N GLY D 647 -29.83 48.42 -10.33
CA GLY D 647 -30.24 47.89 -11.61
C GLY D 647 -29.21 48.14 -12.68
N GLY D 648 -27.94 48.07 -12.31
CA GLY D 648 -26.86 48.46 -13.20
C GLY D 648 -26.64 49.94 -13.30
N GLU D 649 -27.44 50.75 -12.60
CA GLU D 649 -27.29 52.19 -12.61
C GLU D 649 -26.12 52.62 -11.74
N ASN D 650 -25.45 53.69 -12.14
CA ASN D 650 -24.35 54.23 -11.38
C ASN D 650 -24.87 55.00 -10.16
N ILE D 651 -24.00 55.15 -9.17
CA ILE D 651 -24.32 55.86 -7.93
C ILE D 651 -23.68 57.25 -8.02
N MET D 652 -24.52 58.28 -7.93
CA MET D 652 -24.05 59.64 -8.12
C MET D 652 -23.16 60.11 -6.99
N THR D 653 -22.19 60.95 -7.34
CA THR D 653 -21.39 61.66 -6.35
C THR D 653 -22.09 62.94 -5.94
N TYR D 654 -21.68 63.48 -4.79
CA TYR D 654 -22.21 64.74 -4.25
C TYR D 654 -23.73 64.68 -4.10
N LYS D 655 -24.23 63.52 -3.67
CA LYS D 655 -25.65 63.32 -3.45
C LYS D 655 -25.84 62.55 -2.14
N LYS D 656 -27.09 62.34 -1.76
CA LYS D 656 -27.40 61.64 -0.52
C LYS D 656 -26.89 60.21 -0.58
N LEU D 657 -26.28 59.77 0.52
CA LEU D 657 -25.75 58.41 0.63
C LEU D 657 -25.56 58.08 2.10
N ARG D 658 -26.14 56.97 2.55
CA ARG D 658 -26.04 56.55 3.94
C ARG D 658 -25.58 55.10 4.00
N ILE D 659 -24.71 54.80 4.95
CA ILE D 659 -24.18 53.46 5.16
C ILE D 659 -24.37 53.09 6.62
N TYR D 660 -24.92 51.90 6.86
CA TYR D 660 -25.21 51.43 8.21
C TYR D 660 -24.34 50.21 8.52
N ALA D 661 -23.60 50.29 9.62
CA ALA D 661 -22.85 49.13 10.09
C ALA D 661 -23.71 48.30 11.03
N ILE D 662 -23.85 47.01 10.72
CA ILE D 662 -24.76 46.12 11.43
C ILE D 662 -23.93 45.24 12.37
N THR D 663 -24.21 45.32 13.66
CA THR D 663 -23.57 44.49 14.65
C THR D 663 -24.20 43.10 14.67
N PRO D 664 -23.51 42.11 15.22
CA PRO D 664 -24.12 40.78 15.35
C PRO D 664 -25.40 40.77 16.18
N ASP D 665 -25.64 41.80 16.99
CA ASP D 665 -26.89 41.94 17.73
C ASP D 665 -28.02 42.52 16.88
N ASP D 666 -27.80 42.68 15.58
CA ASP D 666 -28.79 43.22 14.65
C ASP D 666 -29.19 44.65 15.04
N ARG D 667 -28.16 45.50 15.16
CA ARG D 667 -28.35 46.92 15.39
C ARG D 667 -27.68 47.68 14.26
N GLU D 668 -28.42 48.59 13.62
CA GLU D 668 -27.87 49.38 12.52
C GLU D 668 -27.39 50.72 13.06
N LEU D 669 -26.16 51.09 12.69
CA LEU D 669 -25.53 52.31 13.15
C LEU D 669 -25.05 53.09 11.94
N LEU D 670 -25.49 54.35 11.83
CA LEU D 670 -25.01 55.20 10.76
C LEU D 670 -23.53 55.52 10.97
N VAL D 671 -22.70 55.14 10.01
CA VAL D 671 -21.25 55.32 10.13
C VAL D 671 -20.74 56.19 9.00
N LEU D 672 -21.62 56.54 8.06
CA LEU D 672 -21.26 57.41 6.96
C LEU D 672 -22.49 58.16 6.50
N SER D 673 -22.31 59.45 6.18
CA SER D 673 -23.40 60.29 5.70
C SER D 673 -22.84 61.33 4.77
N VAL D 674 -23.46 61.48 3.59
CA VAL D 674 -23.03 62.43 2.58
C VAL D 674 -24.26 63.16 2.05
N ASP D 675 -24.18 64.48 1.95
CA ASP D 675 -25.24 65.28 1.35
C ASP D 675 -24.69 66.23 0.29
N GLU E 16 28.27 -32.03 40.19
CA GLU E 16 27.31 -33.12 40.18
C GLU E 16 26.46 -33.13 38.91
N ASP E 17 25.14 -33.18 39.09
CA ASP E 17 24.18 -33.21 38.00
C ASP E 17 23.14 -32.11 38.17
N LEU E 18 23.62 -30.91 38.47
CA LEU E 18 22.77 -29.75 38.70
C LEU E 18 22.89 -28.78 37.55
N ASP E 19 21.75 -28.35 37.00
CA ASP E 19 21.70 -27.43 35.86
C ASP E 19 20.69 -26.34 36.20
N THR E 20 21.17 -25.26 36.81
CA THR E 20 20.27 -24.21 37.29
C THR E 20 19.65 -23.41 36.14
N ASP E 21 20.46 -23.00 35.17
CA ASP E 21 19.97 -22.18 34.07
C ASP E 21 19.38 -22.99 32.94
N ASN E 22 19.42 -24.32 33.02
CA ASN E 22 18.84 -25.21 32.02
C ASN E 22 19.41 -24.94 30.63
N ASP E 23 20.73 -25.02 30.52
CA ASP E 23 21.42 -24.88 29.22
C ASP E 23 22.22 -26.13 28.88
N ASN E 24 21.89 -27.28 29.47
CA ASN E 24 22.49 -28.58 29.20
C ASN E 24 23.95 -28.66 29.61
N ILE E 25 24.43 -27.77 30.47
CA ILE E 25 25.77 -27.83 31.03
C ILE E 25 25.64 -27.76 32.54
N PRO E 26 26.17 -28.72 33.30
CA PRO E 26 26.09 -28.66 34.76
C PRO E 26 26.88 -27.49 35.33
N ASP E 27 26.45 -27.06 36.52
CA ASP E 27 27.00 -25.86 37.14
C ASP E 27 28.49 -26.01 37.44
N SER E 28 28.89 -27.17 37.95
CA SER E 28 30.30 -27.37 38.29
C SER E 28 31.18 -27.32 37.04
N TYR E 29 30.69 -27.86 35.92
CA TYR E 29 31.46 -27.78 34.69
C TYR E 29 31.65 -26.34 34.26
N GLU E 30 30.58 -25.54 34.33
CA GLU E 30 30.67 -24.13 33.94
C GLU E 30 31.63 -23.37 34.84
N ARG E 31 31.61 -23.64 36.15
CA ARG E 31 32.51 -22.96 37.06
C ARG E 31 33.96 -23.35 36.79
N ASN E 32 34.25 -24.64 36.71
CA ASN E 32 35.63 -25.11 36.66
C ASN E 32 36.19 -25.22 35.25
N GLY E 33 35.35 -25.34 34.24
CA GLY E 33 35.82 -25.48 32.88
C GLY E 33 35.36 -26.76 32.22
N TYR E 34 35.03 -26.70 30.93
CA TYR E 34 34.48 -27.85 30.23
C TYR E 34 34.87 -27.79 28.76
N THR E 35 34.52 -28.84 28.04
CA THR E 35 34.73 -28.91 26.60
C THR E 35 33.65 -29.80 26.01
N ILE E 36 33.47 -29.70 24.70
CA ILE E 36 32.40 -30.39 23.98
C ILE E 36 33.01 -31.50 23.14
N LYS E 37 32.59 -32.74 23.42
CA LYS E 37 32.93 -33.88 22.58
C LYS E 37 31.65 -34.65 22.28
N ASP E 38 31.44 -34.96 21.00
CA ASP E 38 30.25 -35.69 20.55
C ASP E 38 28.97 -35.01 21.02
N LEU E 39 28.96 -33.68 20.99
CA LEU E 39 27.81 -32.85 21.35
C LEU E 39 27.35 -33.07 22.78
N ILE E 40 28.23 -33.52 23.66
CA ILE E 40 27.93 -33.64 25.09
C ILE E 40 29.10 -33.06 25.88
N ALA E 41 28.79 -32.25 26.89
CA ALA E 41 29.83 -31.57 27.64
C ALA E 41 30.53 -32.52 28.60
N VAL E 42 31.86 -32.39 28.68
CA VAL E 42 32.68 -33.21 29.55
C VAL E 42 33.67 -32.33 30.29
N LYS E 43 34.25 -32.89 31.36
CA LYS E 43 35.20 -32.15 32.17
C LYS E 43 36.44 -31.81 31.36
N TRP E 44 37.05 -30.66 31.67
CA TRP E 44 38.30 -30.29 31.02
C TRP E 44 39.46 -31.05 31.63
N GLU E 45 40.35 -31.53 30.77
CA GLU E 45 41.59 -32.15 31.18
C GLU E 45 42.72 -31.54 30.35
N ASP E 46 43.87 -31.31 31.00
CA ASP E 46 44.96 -30.62 30.33
C ASP E 46 45.46 -31.37 29.10
N SER E 47 45.21 -32.68 29.01
CA SER E 47 45.60 -33.43 27.83
C SER E 47 44.80 -33.02 26.60
N PHE E 48 43.60 -32.47 26.78
CA PHE E 48 42.75 -32.15 25.65
C PHE E 48 43.29 -30.99 24.81
N ALA E 49 44.15 -30.16 25.38
CA ALA E 49 44.67 -29.01 24.64
C ALA E 49 45.60 -29.46 23.51
N GLU E 50 46.37 -30.54 23.74
CA GLU E 50 47.29 -31.02 22.72
C GLU E 50 46.56 -31.64 21.54
N GLN E 51 45.27 -31.95 21.67
CA GLN E 51 44.48 -32.52 20.59
C GLN E 51 43.60 -31.50 19.88
N GLY E 52 43.75 -30.21 20.20
CA GLY E 52 43.01 -29.17 19.51
C GLY E 52 41.80 -28.64 20.23
N TYR E 53 41.45 -29.18 21.39
CA TYR E 53 40.29 -28.72 22.13
C TYR E 53 40.61 -27.44 22.89
N LYS E 54 39.57 -26.64 23.15
CA LYS E 54 39.69 -25.42 23.93
C LYS E 54 38.85 -25.53 25.19
N LYS E 55 39.29 -24.81 26.23
CA LYS E 55 38.64 -24.82 27.53
C LYS E 55 37.71 -23.63 27.63
N TYR E 56 36.47 -23.87 28.07
CA TYR E 56 35.44 -22.85 28.12
C TYR E 56 34.93 -22.69 29.55
N VAL E 57 34.68 -21.45 29.93
CA VAL E 57 34.00 -21.13 31.18
C VAL E 57 32.89 -20.13 30.87
N SER E 58 31.84 -20.14 31.68
CA SER E 58 30.68 -19.31 31.42
C SER E 58 29.90 -19.13 32.72
N ASN E 59 28.85 -18.32 32.64
CA ASN E 59 27.99 -18.03 33.79
C ASN E 59 27.07 -19.22 34.03
N TYR E 60 27.15 -19.80 35.22
CA TYR E 60 26.31 -20.95 35.55
C TYR E 60 24.92 -20.56 36.01
N LEU E 61 24.63 -19.28 36.16
CA LEU E 61 23.29 -18.79 36.47
C LEU E 61 22.64 -18.11 35.27
N GLU E 62 23.28 -18.13 34.11
CA GLU E 62 22.77 -17.46 32.92
C GLU E 62 22.88 -18.39 31.73
N SER E 63 21.79 -18.52 30.97
CA SER E 63 21.81 -19.37 29.79
C SER E 63 22.58 -18.73 28.64
N ASN E 64 22.54 -17.41 28.54
CA ASN E 64 23.21 -16.66 27.48
C ASN E 64 24.20 -15.71 28.15
N THR E 65 25.43 -16.20 28.37
CA THR E 65 26.42 -15.42 29.11
C THR E 65 26.78 -14.13 28.38
N ALA E 66 26.95 -14.19 27.06
CA ALA E 66 27.39 -13.03 26.30
C ALA E 66 26.25 -12.08 25.95
N GLY E 67 25.00 -12.47 26.16
CA GLY E 67 23.88 -11.63 25.80
C GLY E 67 23.43 -11.72 24.36
N ASP E 68 23.90 -12.70 23.61
CA ASP E 68 23.57 -12.91 22.21
C ASP E 68 22.47 -13.96 22.08
N PRO E 69 21.80 -14.04 20.92
CA PRO E 69 20.70 -15.00 20.76
C PRO E 69 21.10 -16.46 20.81
N TYR E 70 22.36 -16.80 21.06
CA TYR E 70 22.82 -18.19 21.10
C TYR E 70 23.27 -18.53 22.51
N THR E 71 22.80 -19.68 23.01
CA THR E 71 23.09 -20.06 24.38
C THR E 71 24.53 -20.54 24.53
N ASP E 72 24.90 -20.84 25.78
CA ASP E 72 26.25 -21.30 26.07
C ASP E 72 26.54 -22.63 25.39
N TYR E 73 25.61 -23.58 25.48
CA TYR E 73 25.82 -24.88 24.85
C TYR E 73 25.87 -24.77 23.33
N GLU E 74 24.97 -23.97 22.75
CA GLU E 74 24.95 -23.83 21.30
C GLU E 74 26.22 -23.18 20.78
N LYS E 75 26.71 -22.16 21.49
CA LYS E 75 27.97 -21.52 21.09
C LYS E 75 29.14 -22.48 21.24
N ALA E 76 29.25 -23.14 22.41
CA ALA E 76 30.41 -23.98 22.67
C ALA E 76 30.41 -25.23 21.80
N SER E 77 29.25 -25.66 21.31
CA SER E 77 29.14 -26.87 20.50
C SER E 77 29.18 -26.60 19.01
N GLY E 78 28.96 -25.37 18.57
CA GLY E 78 28.90 -25.08 17.16
C GLY E 78 27.60 -25.46 16.50
N SER E 79 26.55 -25.63 17.30
CA SER E 79 25.20 -25.98 16.77
C SER E 79 24.48 -24.71 16.33
N PHE E 80 25.20 -23.79 15.69
CA PHE E 80 24.57 -22.54 15.17
C PHE E 80 24.97 -22.32 13.71
N ASP E 81 24.77 -21.09 13.20
CA ASP E 81 25.14 -20.77 11.79
C ASP E 81 26.62 -21.07 11.57
N LYS E 82 26.93 -21.90 10.57
CA LYS E 82 28.33 -22.26 10.30
C LYS E 82 29.13 -21.10 9.74
N ALA E 83 28.48 -20.01 9.35
CA ALA E 83 29.18 -18.86 8.79
C ALA E 83 29.74 -17.93 9.86
N ILE E 84 29.49 -18.21 11.13
CA ILE E 84 30.00 -17.39 12.23
C ILE E 84 31.45 -17.77 12.49
N LYS E 85 32.26 -16.76 12.83
CA LYS E 85 33.68 -16.99 13.09
C LYS E 85 33.88 -17.98 14.23
N THR E 86 35.02 -18.68 14.18
CA THR E 86 35.27 -19.75 15.14
C THR E 86 35.53 -19.21 16.55
N GLU E 87 36.07 -18.00 16.66
CA GLU E 87 36.35 -17.46 17.99
C GLU E 87 35.12 -16.98 18.71
N ALA E 88 33.98 -16.89 18.02
CA ALA E 88 32.70 -16.57 18.66
C ALA E 88 32.01 -17.79 19.23
N ARG E 89 32.75 -18.89 19.44
CA ARG E 89 32.18 -20.10 20.00
C ARG E 89 32.35 -20.20 21.51
N ASP E 90 33.32 -19.50 22.08
CA ASP E 90 33.36 -19.49 23.53
C ASP E 90 32.27 -18.57 24.07
N PRO E 91 31.68 -18.93 25.22
CA PRO E 91 30.54 -18.16 25.73
C PRO E 91 30.88 -16.72 26.09
N LEU E 92 32.15 -16.39 26.28
CA LEU E 92 32.53 -15.06 26.73
C LEU E 92 32.78 -14.09 25.59
N VAL E 93 32.69 -14.52 24.34
CA VAL E 93 32.83 -13.66 23.17
C VAL E 93 31.51 -13.68 22.41
N ALA E 94 30.94 -12.50 22.19
CA ALA E 94 29.63 -12.39 21.56
C ALA E 94 29.73 -12.57 20.05
N ALA E 95 28.72 -13.23 19.49
CA ALA E 95 28.54 -13.30 18.03
C ALA E 95 27.73 -12.08 17.62
N TYR E 96 28.40 -11.08 17.06
CA TYR E 96 27.78 -9.78 16.89
C TYR E 96 28.34 -9.07 15.66
N PRO E 97 27.51 -8.74 14.67
CA PRO E 97 28.02 -8.11 13.45
C PRO E 97 28.20 -6.60 13.60
N ILE E 98 29.28 -6.11 13.02
CA ILE E 98 29.56 -4.68 12.94
C ILE E 98 29.49 -4.29 11.48
N VAL E 99 28.48 -3.51 11.12
CA VAL E 99 28.19 -3.17 9.73
C VAL E 99 28.30 -1.66 9.55
N GLY E 100 29.07 -1.24 8.54
CA GLY E 100 29.18 0.16 8.22
C GLY E 100 28.96 0.38 6.73
N VAL E 101 28.77 1.65 6.38
CA VAL E 101 28.52 2.07 5.00
C VAL E 101 29.58 3.07 4.59
N GLY E 102 30.19 2.85 3.44
CA GLY E 102 31.18 3.76 2.90
C GLY E 102 30.74 4.30 1.55
N MET E 103 30.88 5.60 1.38
CA MET E 103 30.44 6.29 0.16
C MET E 103 31.62 6.49 -0.78
N GLU E 104 31.42 6.16 -2.05
CA GLU E 104 32.49 6.19 -3.04
C GLU E 104 32.46 7.43 -3.93
N LYS E 105 31.29 7.83 -4.41
CA LYS E 105 31.20 9.05 -5.21
C LYS E 105 29.77 9.54 -5.24
N LEU E 106 29.62 10.83 -5.57
CA LEU E 106 28.33 11.50 -5.62
C LEU E 106 28.09 12.03 -7.02
N ILE E 107 26.87 11.87 -7.51
CA ILE E 107 26.47 12.31 -8.85
C ILE E 107 25.32 13.31 -8.70
N ILE E 108 25.38 14.40 -9.44
CA ILE E 108 24.43 15.50 -9.33
C ILE E 108 23.63 15.59 -10.62
N SER E 109 22.32 15.62 -10.51
CA SER E 109 21.40 15.74 -11.64
C SER E 109 20.69 17.09 -11.54
N THR E 110 21.13 18.04 -12.36
CA THR E 110 20.61 19.40 -12.28
C THR E 110 19.24 19.47 -12.91
N ASN E 111 18.21 19.67 -12.09
CA ASN E 111 16.83 19.72 -12.56
C ASN E 111 16.61 21.05 -13.27
N GLU E 112 16.86 21.07 -14.56
CA GLU E 112 16.83 22.30 -15.34
C GLU E 112 16.04 22.07 -16.61
N HIS E 113 15.37 23.13 -17.08
CA HIS E 113 14.51 23.05 -18.26
C HIS E 113 14.97 24.09 -19.28
N ALA E 114 15.23 23.64 -20.50
CA ALA E 114 15.71 24.50 -21.56
C ALA E 114 14.83 24.35 -22.79
N SER E 115 14.52 25.47 -23.44
CA SER E 115 13.64 25.47 -24.59
C SER E 115 14.28 26.27 -25.73
N THR E 116 13.88 25.92 -26.95
CA THR E 116 14.34 26.61 -28.15
C THR E 116 13.15 26.83 -29.07
N ASP E 117 13.00 28.05 -29.59
CA ASP E 117 11.92 28.39 -30.49
C ASP E 117 12.49 29.13 -31.70
N GLN E 118 11.81 28.97 -32.84
CA GLN E 118 12.13 29.74 -34.03
C GLN E 118 10.87 29.91 -34.85
N GLY E 119 10.83 30.97 -35.65
CA GLY E 119 9.63 31.27 -36.42
C GLY E 119 9.94 32.03 -37.69
N LYS E 120 8.93 32.06 -38.56
CA LYS E 120 8.98 32.81 -39.81
C LYS E 120 7.67 33.57 -39.99
N THR E 121 7.75 34.68 -40.70
CA THR E 121 6.59 35.54 -40.92
C THR E 121 6.59 36.04 -42.35
N VAL E 122 5.40 36.14 -42.95
CA VAL E 122 5.22 36.71 -44.28
C VAL E 122 4.01 37.62 -44.24
N SER E 123 4.14 38.80 -44.85
CA SER E 123 3.05 39.78 -44.82
C SER E 123 3.05 40.56 -46.12
N ARG E 124 1.95 41.30 -46.33
CA ARG E 124 1.77 42.10 -47.54
C ARG E 124 0.69 43.14 -47.29
N ALA E 125 1.03 44.42 -47.51
CA ALA E 125 0.14 45.53 -47.25
C ALA E 125 -0.18 46.27 -48.55
N THR E 126 -1.41 46.75 -48.66
CA THR E 126 -1.87 47.50 -49.82
C THR E 126 -2.61 48.74 -49.35
N THR E 127 -2.20 49.91 -49.88
CA THR E 127 -2.80 51.19 -49.52
C THR E 127 -3.14 51.97 -50.78
N ASN E 128 -4.32 52.59 -50.79
CA ASN E 128 -4.79 53.40 -51.92
C ASN E 128 -5.24 54.75 -51.38
N SER E 129 -4.31 55.68 -51.26
CA SER E 129 -4.59 56.98 -50.67
C SER E 129 -5.22 57.92 -51.69
N LYS E 130 -5.99 58.88 -51.17
CA LYS E 130 -6.64 59.91 -51.97
C LYS E 130 -6.52 61.24 -51.25
N THR E 131 -6.25 62.30 -52.01
CA THR E 131 -6.08 63.63 -51.44
C THR E 131 -6.71 64.66 -52.38
N GLU E 132 -7.46 65.59 -51.79
CA GLU E 132 -8.14 66.65 -52.53
C GLU E 132 -7.66 67.99 -51.97
N SER E 133 -6.62 68.55 -52.59
CA SER E 133 -6.02 69.79 -52.11
C SER E 133 -6.75 70.99 -52.73
N ASN E 134 -7.15 71.92 -51.87
CA ASN E 134 -7.81 73.15 -52.30
C ASN E 134 -6.96 74.34 -51.87
N THR E 135 -6.75 75.27 -52.78
CA THR E 135 -5.95 76.46 -52.49
C THR E 135 -6.54 77.69 -53.17
N HIS E 158 -6.37 73.77 -57.10
CA HIS E 158 -7.19 72.56 -57.11
C HIS E 158 -6.33 71.35 -57.48
N THR E 159 -5.73 70.71 -56.47
CA THR E 159 -4.87 69.57 -56.68
C THR E 159 -5.56 68.30 -56.20
N THR E 160 -5.44 67.24 -56.99
CA THR E 160 -6.02 65.94 -56.67
C THR E 160 -5.04 64.86 -57.07
N ASP E 161 -4.83 63.88 -56.18
CA ASP E 161 -3.86 62.82 -56.41
C ASP E 161 -4.42 61.49 -55.97
N ASN E 162 -3.67 60.42 -56.28
CA ASN E 162 -4.03 59.06 -55.89
C ASN E 162 -2.72 58.33 -55.54
N SER E 163 -2.44 58.20 -54.25
CA SER E 163 -1.23 57.54 -53.78
C SER E 163 -1.51 56.06 -53.55
N THR E 164 -0.75 55.20 -54.21
CA THR E 164 -0.91 53.76 -54.10
C THR E 164 0.44 53.12 -53.82
N ALA E 165 0.50 52.28 -52.78
CA ALA E 165 1.72 51.60 -52.41
C ALA E 165 1.41 50.15 -52.09
N VAL E 166 2.39 49.28 -52.35
CA VAL E 166 2.30 47.86 -52.05
C VAL E 166 3.58 47.44 -51.35
N GLN E 167 3.44 46.80 -50.18
CA GLN E 167 4.57 46.44 -49.34
C GLN E 167 4.67 44.93 -49.22
N ASP E 168 5.89 44.41 -49.28
CA ASP E 168 6.17 43.00 -49.07
C ASP E 168 7.29 42.86 -48.04
N SER E 169 7.16 41.89 -47.15
CA SER E 169 8.14 41.71 -46.09
C SER E 169 8.12 40.28 -45.60
N ASN E 170 9.19 39.90 -44.91
CA ASN E 170 9.23 38.66 -44.15
C ASN E 170 9.95 38.93 -42.83
N GLY E 171 9.93 37.94 -41.96
CA GLY E 171 10.58 38.07 -40.67
C GLY E 171 11.21 36.75 -40.25
N GLU E 172 12.17 36.86 -39.34
CA GLU E 172 12.81 35.71 -38.73
C GLU E 172 12.87 35.94 -37.23
N SER E 173 12.90 34.84 -36.48
CA SER E 173 12.94 34.95 -35.02
C SER E 173 13.57 33.70 -34.44
N TRP E 174 14.31 33.89 -33.36
CA TRP E 174 14.86 32.80 -32.57
C TRP E 174 14.64 33.11 -31.10
N ASN E 175 14.53 32.07 -30.29
CA ASN E 175 14.32 32.22 -28.86
C ASN E 175 15.01 31.09 -28.12
N THR E 176 15.54 31.40 -26.94
CA THR E 176 16.14 30.40 -26.08
C THR E 176 15.64 30.63 -24.66
N GLY E 177 15.15 29.57 -24.03
CA GLY E 177 14.59 29.65 -22.70
C GLY E 177 15.38 28.83 -21.69
N LEU E 178 15.19 29.16 -20.42
CA LEU E 178 15.85 28.45 -19.34
C LEU E 178 15.11 28.74 -18.05
N SER E 179 14.60 27.69 -17.40
CA SER E 179 13.82 27.84 -16.18
C SER E 179 14.34 26.86 -15.12
N ILE E 180 14.25 27.29 -13.86
CA ILE E 180 14.70 26.47 -12.74
C ILE E 180 13.66 26.53 -11.63
N ASN E 181 13.78 25.58 -10.70
CA ASN E 181 12.99 25.55 -9.48
C ASN E 181 13.95 25.68 -8.30
N LYS E 182 13.74 26.68 -7.46
CA LYS E 182 14.65 26.91 -6.35
C LYS E 182 14.47 25.91 -5.23
N GLY E 183 13.26 25.35 -5.06
CA GLY E 183 13.03 24.34 -4.05
C GLY E 183 13.76 23.05 -4.33
N GLU E 184 13.73 22.60 -5.58
CA GLU E 184 14.40 21.38 -6.01
C GLU E 184 15.22 21.73 -7.26
N SER E 185 16.44 22.21 -7.05
CA SER E 185 17.30 22.62 -8.15
C SER E 185 18.11 21.47 -8.73
N ALA E 186 18.28 20.38 -8.00
CA ALA E 186 19.06 19.25 -8.49
C ALA E 186 18.72 18.01 -7.70
N TYR E 187 19.05 16.85 -8.27
CA TYR E 187 18.91 15.56 -7.62
C TYR E 187 20.29 14.95 -7.42
N ILE E 188 20.48 14.26 -6.30
CA ILE E 188 21.76 13.68 -5.97
C ILE E 188 21.65 12.16 -5.99
N ASN E 189 22.80 11.51 -6.08
CA ASN E 189 22.88 10.06 -6.19
C ASN E 189 24.21 9.61 -5.61
N ALA E 190 24.16 8.72 -4.60
CA ALA E 190 25.33 8.30 -3.86
C ALA E 190 25.61 6.83 -4.10
N ASN E 191 26.86 6.51 -4.46
CA ASN E 191 27.31 5.13 -4.63
C ASN E 191 27.98 4.68 -3.35
N VAL E 192 27.47 3.61 -2.75
CA VAL E 192 27.86 3.20 -1.41
C VAL E 192 28.16 1.70 -1.40
N ARG E 193 28.83 1.26 -0.33
CA ARG E 193 29.10 -0.14 -0.08
C ARG E 193 28.84 -0.45 1.39
N TYR E 194 28.50 -1.70 1.66
CA TYR E 194 28.33 -2.19 3.03
C TYR E 194 29.48 -3.13 3.37
N TYR E 195 30.06 -2.95 4.55
CA TYR E 195 31.14 -3.81 5.02
C TYR E 195 30.79 -4.36 6.40
N ASN E 196 31.33 -5.53 6.69
CA ASN E 196 31.12 -6.21 7.97
C ASN E 196 32.48 -6.50 8.59
N THR E 197 32.62 -6.18 9.87
CA THR E 197 33.87 -6.44 10.59
C THR E 197 33.66 -7.23 11.87
N GLY E 198 32.48 -7.80 12.10
CA GLY E 198 32.18 -8.54 13.30
C GLY E 198 32.45 -10.02 13.16
N THR E 199 31.84 -10.79 14.06
CA THR E 199 32.00 -12.25 14.06
C THR E 199 30.81 -13.00 13.50
N ALA E 200 29.71 -12.33 13.18
CA ALA E 200 28.52 -13.03 12.74
C ALA E 200 27.98 -12.38 11.47
N PRO E 201 27.33 -13.17 10.61
CA PRO E 201 26.71 -12.60 9.42
C PRO E 201 25.43 -11.86 9.75
N MET E 202 25.03 -10.98 8.84
CA MET E 202 23.78 -10.25 8.94
C MET E 202 22.97 -10.47 7.67
N TYR E 203 21.71 -10.82 7.84
CA TYR E 203 20.80 -11.06 6.73
C TYR E 203 19.84 -9.90 6.58
N LYS E 204 19.53 -9.54 5.33
CA LYS E 204 18.61 -8.45 5.01
C LYS E 204 19.10 -7.14 5.64
N VAL E 205 20.27 -6.70 5.17
CA VAL E 205 20.93 -5.53 5.74
C VAL E 205 20.21 -4.26 5.27
N THR E 206 19.65 -3.52 6.21
CA THR E 206 18.89 -2.31 5.92
C THR E 206 19.42 -1.16 6.78
N PRO E 207 20.47 -0.48 6.32
CA PRO E 207 21.03 0.62 7.11
C PRO E 207 20.29 1.94 6.88
N THR E 208 20.59 2.90 7.76
CA THR E 208 20.11 4.27 7.66
C THR E 208 21.32 5.20 7.62
N THR E 209 21.26 6.19 6.72
CA THR E 209 22.42 7.02 6.43
C THR E 209 22.06 8.50 6.47
N ASN E 210 23.03 9.31 6.90
CA ASN E 210 22.95 10.75 6.89
C ASN E 210 23.65 11.30 5.65
N LEU E 211 23.22 12.48 5.21
CA LEU E 211 23.89 13.24 4.16
C LEU E 211 24.06 14.66 4.66
N VAL E 212 25.30 15.04 4.97
CA VAL E 212 25.62 16.33 5.58
C VAL E 212 26.50 17.12 4.62
N LEU E 213 26.15 18.37 4.37
CA LEU E 213 26.94 19.19 3.46
C LEU E 213 27.99 20.02 4.21
N ASP E 214 27.55 20.96 5.04
CA ASP E 214 28.46 21.69 5.92
C ASP E 214 28.12 21.48 7.39
N GLY E 215 26.90 21.81 7.80
CA GLY E 215 26.43 21.57 9.15
C GLY E 215 24.96 21.27 9.11
N ASP E 216 24.44 21.13 7.89
CA ASP E 216 23.05 20.84 7.63
C ASP E 216 22.91 19.40 7.13
N THR E 217 22.00 18.65 7.73
CA THR E 217 21.68 17.31 7.26
C THR E 217 20.65 17.43 6.16
N LEU E 218 21.05 17.06 4.93
CA LEU E 218 20.14 17.20 3.79
C LEU E 218 18.96 16.26 3.91
N SER E 219 19.20 15.00 4.25
CA SER E 219 18.16 14.01 4.40
C SER E 219 18.74 12.75 5.03
N THR E 220 17.86 11.93 5.60
CA THR E 220 18.21 10.62 6.12
C THR E 220 17.34 9.59 5.42
N ILE E 221 17.97 8.61 4.78
CA ILE E 221 17.28 7.62 3.98
C ILE E 221 17.49 6.25 4.60
N LYS E 222 16.39 5.53 4.85
CA LYS E 222 16.46 4.11 5.13
C LYS E 222 16.46 3.34 3.81
N ALA E 223 17.28 2.30 3.74
CA ALA E 223 17.41 1.53 2.51
C ALA E 223 16.07 0.90 2.15
N GLN E 224 15.72 1.00 0.87
CA GLN E 224 14.50 0.37 0.36
C GLN E 224 14.85 -0.99 -0.23
N GLU E 225 13.88 -1.64 -0.88
CA GLU E 225 14.10 -2.98 -1.42
C GLU E 225 15.24 -2.99 -2.43
N ASN E 226 15.46 -1.89 -3.15
CA ASN E 226 16.52 -1.84 -4.14
C ASN E 226 17.90 -1.90 -3.48
N GLN E 227 18.04 -1.32 -2.29
CA GLN E 227 19.33 -1.14 -1.66
C GLN E 227 19.56 -2.08 -0.47
N ILE E 228 18.75 -3.12 -0.32
CA ILE E 228 18.89 -4.04 0.80
C ILE E 228 19.81 -5.19 0.39
N GLY E 229 20.81 -5.45 1.23
CA GLY E 229 21.74 -6.54 0.98
C GLY E 229 21.27 -7.85 1.61
N ASN E 230 21.15 -8.89 0.79
CA ASN E 230 20.62 -10.15 1.29
C ASN E 230 21.57 -10.80 2.28
N ASN E 231 22.85 -10.93 1.91
CA ASN E 231 23.83 -11.61 2.74
C ASN E 231 25.06 -10.74 2.92
N LEU E 232 25.61 -10.76 4.13
CA LEU E 232 26.83 -9.99 4.45
C LEU E 232 27.61 -10.80 5.48
N SER E 233 28.59 -11.55 5.00
CA SER E 233 29.42 -12.38 5.86
C SER E 233 30.51 -11.55 6.53
N PRO E 234 30.99 -11.97 7.69
CA PRO E 234 32.07 -11.24 8.35
C PRO E 234 33.30 -11.15 7.45
N GLY E 235 33.83 -9.94 7.32
CA GLY E 235 34.95 -9.69 6.44
C GLY E 235 34.60 -9.53 4.98
N ASP E 236 33.32 -9.62 4.62
CA ASP E 236 32.88 -9.52 3.25
C ASP E 236 32.30 -8.12 3.00
N THR E 237 31.82 -7.90 1.77
CA THR E 237 31.32 -6.61 1.35
C THR E 237 30.10 -6.81 0.47
N TYR E 238 29.13 -5.91 0.58
CA TYR E 238 28.01 -5.89 -0.36
C TYR E 238 27.97 -4.53 -1.06
N PRO E 239 28.10 -4.47 -2.39
CA PRO E 239 28.31 -5.62 -3.29
C PRO E 239 29.69 -6.25 -3.12
N LYS E 240 29.82 -7.51 -3.49
CA LYS E 240 31.07 -8.24 -3.27
C LYS E 240 32.23 -7.55 -3.99
N LYS E 241 33.44 -7.84 -3.51
CA LYS E 241 34.64 -7.27 -4.10
C LYS E 241 34.74 -7.67 -5.56
N GLY E 242 34.98 -6.69 -6.43
CA GLY E 242 34.98 -6.89 -7.86
C GLY E 242 33.75 -6.38 -8.58
N LEU E 243 32.69 -6.07 -7.86
CA LEU E 243 31.46 -5.52 -8.43
C LEU E 243 31.38 -4.03 -8.11
N SER E 244 30.63 -3.30 -8.94
CA SER E 244 30.47 -1.87 -8.76
C SER E 244 29.58 -1.58 -7.55
N PRO E 245 29.75 -0.42 -6.92
CA PRO E 245 28.92 -0.08 -5.76
C PRO E 245 27.48 0.22 -6.18
N LEU E 246 26.57 0.01 -5.24
CA LEU E 246 25.16 0.25 -5.50
C LEU E 246 24.84 1.73 -5.39
N ALA E 247 23.70 2.12 -5.97
CA ALA E 247 23.28 3.50 -6.03
C ALA E 247 22.09 3.72 -5.12
N LEU E 248 22.16 4.77 -4.29
CA LEU E 248 21.08 5.16 -3.40
C LEU E 248 20.59 6.54 -3.87
N ASN E 249 19.49 6.54 -4.63
CA ASN E 249 19.02 7.79 -5.23
C ASN E 249 17.53 8.04 -4.98
N THR E 250 16.91 7.31 -4.07
CA THR E 250 15.51 7.53 -3.71
C THR E 250 15.37 7.59 -2.21
N MET E 251 14.31 8.24 -1.75
CA MET E 251 14.10 8.46 -0.32
C MET E 251 12.73 8.04 0.19
N ASP E 252 11.77 7.73 -0.68
CA ASP E 252 10.47 7.30 -0.21
C ASP E 252 10.44 5.79 -0.02
N GLN E 253 9.38 5.30 0.62
CA GLN E 253 9.28 3.89 0.97
C GLN E 253 9.21 2.98 -0.25
N PHE E 254 8.82 3.50 -1.42
CA PHE E 254 8.57 2.69 -2.60
C PHE E 254 9.53 2.98 -3.74
N SER E 255 10.64 3.67 -3.46
CA SER E 255 11.66 3.97 -4.46
C SER E 255 11.08 4.69 -5.68
N SER E 256 10.21 5.67 -5.43
CA SER E 256 9.58 6.43 -6.49
C SER E 256 9.88 7.91 -6.43
N ARG E 257 10.59 8.38 -5.41
CA ARG E 257 10.85 9.79 -5.19
C ARG E 257 12.35 10.02 -5.08
N LEU E 258 12.88 10.91 -5.92
CA LEU E 258 14.30 11.21 -5.92
C LEU E 258 14.66 12.11 -4.74
N ILE E 259 15.96 12.33 -4.55
CA ILE E 259 16.48 13.11 -3.42
C ILE E 259 16.79 14.51 -3.93
N PRO E 260 16.03 15.53 -3.54
CA PRO E 260 16.28 16.88 -4.02
C PRO E 260 17.18 17.68 -3.09
N ILE E 261 17.76 18.74 -3.64
CA ILE E 261 18.58 19.68 -2.87
C ILE E 261 18.11 21.09 -3.19
N ASN E 262 18.49 22.02 -2.33
CA ASN E 262 18.11 23.41 -2.44
C ASN E 262 18.90 24.07 -3.57
N TYR E 263 18.69 25.38 -3.74
CA TYR E 263 19.51 26.17 -4.67
C TYR E 263 20.82 26.62 -4.04
N ASP E 264 20.77 27.07 -2.78
CA ASP E 264 21.99 27.43 -2.08
C ASP E 264 22.88 26.22 -1.87
N GLN E 265 22.27 25.06 -1.58
CA GLN E 265 23.05 23.83 -1.45
C GLN E 265 23.71 23.46 -2.77
N LEU E 266 23.01 23.64 -3.89
CA LEU E 266 23.61 23.40 -5.19
C LEU E 266 24.78 24.34 -5.45
N LYS E 267 24.61 25.63 -5.09
CA LYS E 267 25.71 26.57 -5.27
C LYS E 267 26.91 26.20 -4.42
N LYS E 268 26.66 25.73 -3.19
CA LYS E 268 27.74 25.27 -2.34
C LYS E 268 28.44 24.05 -2.94
N LEU E 269 27.67 23.13 -3.53
CA LEU E 269 28.26 21.96 -4.17
C LEU E 269 29.12 22.37 -5.36
N ASP E 270 28.68 23.37 -6.12
CA ASP E 270 29.47 23.86 -7.25
C ASP E 270 30.79 24.47 -6.82
N ALA E 271 30.90 24.92 -5.58
CA ALA E 271 32.11 25.57 -5.09
C ALA E 271 33.12 24.60 -4.49
N GLY E 272 32.95 23.30 -4.72
CA GLY E 272 33.91 22.31 -4.27
C GLY E 272 33.61 21.66 -2.93
N LYS E 273 32.57 22.11 -2.23
CA LYS E 273 32.21 21.47 -0.97
C LYS E 273 31.67 20.07 -1.23
N GLN E 274 31.93 19.17 -0.30
CA GLN E 274 31.63 17.76 -0.47
C GLN E 274 30.55 17.31 0.52
N ILE E 275 29.80 16.29 0.12
CA ILE E 275 28.74 15.72 0.94
C ILE E 275 29.28 14.48 1.62
N LYS E 276 29.18 14.44 2.94
CA LYS E 276 29.60 13.29 3.72
C LYS E 276 28.44 12.34 3.97
N LEU E 277 28.76 11.10 4.30
CA LEU E 277 27.77 10.09 4.63
C LEU E 277 28.10 9.48 5.98
N GLU E 278 27.10 9.42 6.85
CA GLU E 278 27.24 8.83 8.18
C GLU E 278 26.18 7.76 8.37
N THR E 279 26.59 6.60 8.87
CA THR E 279 25.65 5.53 9.21
C THR E 279 25.24 5.67 10.66
N THR E 280 23.94 5.71 10.91
CA THR E 280 23.41 5.89 12.26
C THR E 280 22.90 4.60 12.87
N GLN E 281 22.41 3.67 12.05
CA GLN E 281 21.93 2.39 12.52
C GLN E 281 21.87 1.43 11.34
N VAL E 282 21.89 0.14 11.65
CA VAL E 282 21.79 -0.91 10.64
C VAL E 282 20.78 -1.95 11.14
N SER E 283 19.77 -2.22 10.32
CA SER E 283 18.78 -3.24 10.62
C SER E 283 19.14 -4.52 9.88
N GLY E 284 19.03 -5.65 10.59
CA GLY E 284 19.40 -6.92 9.99
C GLY E 284 18.85 -8.07 10.79
N ASN E 285 19.08 -9.27 10.28
CA ASN E 285 18.55 -10.49 10.86
C ASN E 285 19.67 -11.46 11.18
N PHE E 286 19.35 -12.43 12.03
CA PHE E 286 20.18 -13.60 12.27
C PHE E 286 19.35 -14.85 12.03
N GLY E 287 20.04 -15.96 11.76
N GLY E 287 20.04 -15.95 11.75
CA GLY E 287 19.39 -17.22 11.47
CA GLY E 287 19.40 -17.22 11.45
C GLY E 287 19.44 -18.15 12.68
C GLY E 287 19.41 -18.15 12.65
N THR E 288 18.36 -18.90 12.87
N THR E 288 18.25 -18.71 12.95
CA THR E 288 18.24 -19.85 13.97
CA THR E 288 18.09 -19.71 13.99
C THR E 288 17.96 -21.23 13.40
C THR E 288 17.90 -21.08 13.35
N LYS E 289 18.63 -22.25 13.95
N LYS E 289 18.67 -22.06 13.82
CA LYS E 289 18.45 -23.63 13.50
CA LYS E 289 18.71 -23.39 13.22
C LYS E 289 17.16 -24.16 14.10
C LYS E 289 18.02 -24.38 14.14
N ASN E 290 16.12 -24.27 13.28
N ASN E 290 17.12 -25.17 13.59
CA ASN E 290 14.78 -24.57 13.76
CA ASN E 290 16.45 -26.22 14.34
C ASN E 290 14.65 -26.08 14.04
C ASN E 290 17.27 -27.52 14.26
N SER E 291 13.41 -26.51 14.33
N SER E 291 16.79 -28.55 14.97
CA SER E 291 13.19 -27.87 14.82
CA SER E 291 17.49 -29.83 14.99
C SER E 291 13.55 -28.93 13.79
C SER E 291 17.45 -30.55 13.66
N SER E 292 13.35 -28.65 12.52
N SER E 292 16.56 -30.16 12.76
CA SER E 292 13.59 -29.63 11.46
CA SER E 292 16.49 -30.75 11.42
C SER E 292 15.00 -29.57 10.90
C SER E 292 17.36 -30.01 10.41
N GLY E 293 15.86 -28.72 11.46
N GLY E 293 18.01 -28.93 10.82
CA GLY E 293 17.15 -28.45 10.87
CA GLY E 293 18.84 -28.14 9.95
C GLY E 293 17.15 -27.32 9.86
C GLY E 293 18.15 -27.02 9.20
N GLN E 294 16.01 -26.68 9.65
N GLN E 294 16.87 -26.80 9.45
CA GLN E 294 15.90 -25.53 8.77
CA GLN E 294 16.16 -25.68 8.83
C GLN E 294 16.48 -24.29 9.44
C GLN E 294 16.57 -24.38 9.49
N ILE E 295 16.65 -23.24 8.65
N ILE E 295 16.68 -23.32 8.69
CA ILE E 295 17.13 -21.94 9.13
CA ILE E 295 17.12 -22.01 9.14
C ILE E 295 16.10 -20.89 8.79
C ILE E 295 16.06 -20.98 8.80
N VAL E 296 15.72 -20.09 9.79
N VAL E 296 15.72 -20.14 9.76
CA VAL E 296 14.73 -19.03 9.61
CA VAL E 296 14.76 -19.06 9.55
C VAL E 296 15.38 -17.71 10.02
C VAL E 296 15.39 -17.75 9.98
N THR E 297 15.16 -16.68 9.19
CA THR E 297 15.70 -15.35 9.49
C THR E 297 14.62 -14.30 9.65
N GLU E 298 13.36 -14.60 9.32
CA GLU E 298 12.29 -13.64 9.49
C GLU E 298 11.86 -13.58 10.94
N GLY E 299 11.74 -12.37 11.48
CA GLY E 299 11.37 -12.17 12.86
C GLY E 299 12.51 -12.22 13.86
N ASN E 300 13.74 -12.38 13.39
CA ASN E 300 14.93 -12.40 14.25
C ASN E 300 15.70 -11.11 14.00
N SER E 301 15.54 -10.15 14.90
CA SER E 301 16.13 -8.83 14.74
C SER E 301 17.32 -8.65 15.67
N TRP E 302 18.39 -8.05 15.15
CA TRP E 302 19.58 -7.77 15.95
C TRP E 302 19.39 -6.61 16.91
N SER E 303 18.46 -5.69 16.59
CA SER E 303 18.22 -4.55 17.46
C SER E 303 17.69 -4.96 18.83
N ASP E 304 17.08 -6.14 18.94
CA ASP E 304 16.65 -6.63 20.24
C ASP E 304 17.82 -6.99 21.14
N TYR E 305 19.00 -7.24 20.55
CA TYR E 305 20.17 -7.65 21.31
C TYR E 305 21.29 -6.63 21.33
N ILE E 306 21.21 -5.58 20.50
CA ILE E 306 22.30 -4.61 20.43
C ILE E 306 22.54 -3.95 21.78
N SER E 307 21.48 -3.43 22.40
CA SER E 307 21.64 -2.72 23.67
C SER E 307 22.11 -3.65 24.78
N GLN E 308 21.54 -4.85 24.84
CA GLN E 308 21.94 -5.80 25.87
C GLN E 308 23.40 -6.21 25.72
N ILE E 309 23.86 -6.41 24.48
CA ILE E 309 25.25 -6.76 24.25
C ILE E 309 26.16 -5.59 24.63
N ASP E 310 25.79 -4.37 24.23
CA ASP E 310 26.63 -3.22 24.53
C ASP E 310 26.66 -2.87 26.00
N SER E 311 25.65 -3.27 26.77
CA SER E 311 25.58 -2.90 28.18
C SER E 311 26.52 -3.73 29.06
N ILE E 312 26.76 -5.00 28.71
CA ILE E 312 27.47 -5.92 29.58
C ILE E 312 28.84 -6.28 29.04
N SER E 313 29.29 -5.63 27.97
CA SER E 313 30.52 -6.03 27.29
C SER E 313 31.48 -4.86 27.17
N ALA E 314 32.70 -5.18 26.77
CA ALA E 314 33.74 -4.21 26.46
C ALA E 314 34.08 -4.30 24.98
N SER E 315 34.49 -3.18 24.41
CA SER E 315 34.78 -3.09 22.98
C SER E 315 36.29 -3.08 22.75
N ILE E 316 36.74 -4.00 21.90
CA ILE E 316 38.16 -4.12 21.55
C ILE E 316 38.27 -4.15 20.04
N ILE E 317 39.12 -3.30 19.48
CA ILE E 317 39.31 -3.19 18.04
C ILE E 317 40.77 -3.45 17.71
N LEU E 318 41.00 -4.33 16.73
CA LEU E 318 42.33 -4.60 16.22
C LEU E 318 42.41 -4.10 14.78
N ASP E 319 43.38 -3.24 14.51
CA ASP E 319 43.50 -2.55 13.22
C ASP E 319 44.85 -2.92 12.60
N THR E 320 44.84 -3.94 11.75
CA THR E 320 46.02 -4.35 11.01
C THR E 320 45.98 -3.72 9.61
N GLU E 321 46.90 -4.14 8.74
CA GLU E 321 46.93 -3.64 7.38
C GLU E 321 45.80 -4.26 6.56
N ASN E 322 45.00 -3.42 5.93
CA ASN E 322 43.96 -3.81 4.98
C ASN E 322 42.85 -4.63 5.63
N GLU E 323 42.72 -4.61 6.96
CA GLU E 323 41.67 -5.37 7.61
C GLU E 323 41.52 -4.88 9.04
N SER E 324 40.27 -4.77 9.50
CA SER E 324 39.95 -4.33 10.85
C SER E 324 39.00 -5.32 11.50
N TYR E 325 39.18 -5.54 12.81
CA TYR E 325 38.37 -6.47 13.57
C TYR E 325 37.79 -5.76 14.77
N GLU E 326 36.48 -5.92 14.99
CA GLU E 326 35.81 -5.35 16.15
C GLU E 326 35.13 -6.48 16.93
N ARG E 327 35.37 -6.52 18.23
CA ARG E 327 34.86 -7.59 19.08
C ARG E 327 34.24 -7.02 20.35
N ARG E 328 33.29 -7.76 20.90
CA ARG E 328 32.71 -7.47 22.21
C ARG E 328 32.94 -8.67 23.12
N VAL E 329 33.53 -8.41 24.28
CA VAL E 329 33.83 -9.45 25.28
C VAL E 329 33.11 -9.09 26.57
N THR E 330 32.40 -10.06 27.14
CA THR E 330 31.62 -9.82 28.34
C THR E 330 32.54 -9.52 29.53
N ALA E 331 32.20 -8.48 30.29
CA ALA E 331 32.97 -8.07 31.45
C ALA E 331 32.10 -8.17 32.70
N LYS E 332 32.69 -8.70 33.77
CA LYS E 332 31.97 -8.90 35.02
C LYS E 332 31.68 -7.57 35.71
N ASN E 333 30.53 -7.52 36.39
CA ASN E 333 30.18 -6.42 37.28
C ASN E 333 30.56 -6.81 38.70
N LEU E 334 31.46 -6.02 39.31
CA LEU E 334 31.96 -6.35 40.64
C LEU E 334 30.97 -6.04 41.74
N GLN E 335 30.14 -5.01 41.56
CA GLN E 335 29.22 -4.58 42.62
C GLN E 335 28.03 -5.52 42.79
N ASP E 336 27.84 -6.48 41.87
CA ASP E 336 26.71 -7.39 41.96
C ASP E 336 27.20 -8.76 42.42
N PRO E 337 26.88 -9.19 43.65
CA PRO E 337 27.35 -10.50 44.11
C PRO E 337 26.72 -11.67 43.36
N GLU E 338 25.64 -11.46 42.62
CA GLU E 338 24.99 -12.52 41.85
C GLU E 338 25.44 -12.55 40.40
N ASP E 339 26.40 -11.72 40.02
CA ASP E 339 26.98 -11.76 38.68
C ASP E 339 28.10 -12.80 38.71
N LYS E 340 27.84 -13.96 38.12
CA LYS E 340 28.75 -15.10 38.22
C LYS E 340 29.59 -15.30 36.96
N THR E 341 29.59 -14.33 36.04
CA THR E 341 30.40 -14.47 34.85
C THR E 341 31.89 -14.41 35.21
N PRO E 342 32.72 -15.23 34.57
CA PRO E 342 34.14 -15.28 34.94
C PRO E 342 34.86 -13.97 34.67
N GLU E 343 35.86 -13.70 35.50
CA GLU E 343 36.71 -12.53 35.32
C GLU E 343 37.77 -12.80 34.25
N LEU E 344 38.16 -11.75 33.55
CA LEU E 344 39.21 -11.82 32.54
C LEU E 344 40.09 -10.58 32.65
N THR E 345 41.36 -10.74 32.30
CA THR E 345 42.26 -9.63 32.13
C THR E 345 42.19 -9.15 30.68
N ILE E 346 42.89 -8.06 30.38
CA ILE E 346 42.88 -7.54 29.02
C ILE E 346 43.59 -8.51 28.08
N GLY E 347 44.66 -9.17 28.56
CA GLY E 347 45.35 -10.13 27.72
C GLY E 347 44.50 -11.33 27.37
N GLU E 348 43.82 -11.90 28.37
CA GLU E 348 42.94 -13.04 28.11
C GLU E 348 41.78 -12.63 27.21
N ALA E 349 41.22 -11.44 27.43
CA ALA E 349 40.14 -10.96 26.58
C ALA E 349 40.60 -10.82 25.13
N ILE E 350 41.79 -10.26 24.92
CA ILE E 350 42.30 -10.09 23.56
C ILE E 350 42.53 -11.46 22.91
N GLU E 351 43.14 -12.38 23.64
CA GLU E 351 43.42 -13.70 23.09
C GLU E 351 42.14 -14.44 22.73
N LYS E 352 41.10 -14.33 23.58
CA LYS E 352 39.84 -14.98 23.28
C LYS E 352 39.12 -14.31 22.12
N ALA E 353 39.16 -12.98 22.06
CA ALA E 353 38.40 -12.26 21.05
C ALA E 353 38.98 -12.44 19.66
N PHE E 354 40.30 -12.38 19.52
CA PHE E 354 40.92 -12.42 18.21
C PHE E 354 41.52 -13.78 17.85
N GLY E 355 41.31 -14.80 18.68
CA GLY E 355 41.88 -16.11 18.40
C GLY E 355 43.39 -16.11 18.34
N ALA E 356 44.04 -15.31 19.17
CA ALA E 356 45.49 -15.22 19.14
C ALA E 356 46.13 -16.48 19.73
N THR E 357 47.37 -16.72 19.34
CA THR E 357 48.13 -17.88 19.80
C THR E 357 49.31 -17.42 20.62
N LYS E 358 49.67 -18.23 21.62
CA LYS E 358 50.84 -17.99 22.46
C LYS E 358 51.98 -18.87 22.00
N LYS E 359 53.19 -18.31 22.00
CA LYS E 359 54.40 -19.08 21.72
C LYS E 359 55.30 -19.21 22.93
N ASP E 360 55.67 -18.10 23.56
CA ASP E 360 56.47 -18.09 24.78
C ASP E 360 55.89 -17.09 25.78
N GLY E 361 54.57 -17.13 25.94
CA GLY E 361 53.87 -16.16 26.75
C GLY E 361 53.47 -14.90 26.03
N LEU E 362 53.81 -14.76 24.75
CA LEU E 362 53.48 -13.59 23.95
C LEU E 362 52.45 -13.97 22.89
N LEU E 363 51.45 -13.11 22.71
CA LEU E 363 50.35 -13.37 21.81
C LEU E 363 50.72 -13.00 20.38
N TYR E 364 50.38 -13.88 19.44
CA TYR E 364 50.57 -13.64 18.01
C TYR E 364 49.24 -13.84 17.31
N PHE E 365 48.87 -12.90 16.44
CA PHE E 365 47.57 -12.99 15.78
C PHE E 365 47.57 -14.09 14.73
N ASN E 366 48.36 -13.90 13.68
CA ASN E 366 48.76 -14.99 12.79
C ASN E 366 50.27 -15.11 12.72
N ASP E 367 50.95 -14.04 12.34
CA ASP E 367 52.40 -13.94 12.45
C ASP E 367 52.84 -12.57 12.95
N ILE E 368 51.91 -11.64 13.18
CA ILE E 368 52.23 -10.30 13.69
C ILE E 368 52.14 -10.34 15.21
N PRO E 369 53.18 -9.93 15.94
CA PRO E 369 53.05 -9.85 17.41
C PRO E 369 52.06 -8.77 17.80
N ILE E 370 51.23 -9.07 18.79
CA ILE E 370 50.20 -8.14 19.22
C ILE E 370 50.34 -7.91 20.73
N ASP E 371 51.54 -8.06 21.25
CA ASP E 371 51.77 -7.82 22.66
C ASP E 371 51.74 -6.31 22.95
N GLU E 372 51.54 -5.98 24.22
CA GLU E 372 51.37 -4.58 24.61
C GLU E 372 52.64 -3.76 24.38
N SER E 373 53.79 -4.41 24.26
CA SER E 373 55.05 -3.72 23.99
C SER E 373 55.41 -3.68 22.51
N CYS E 374 54.55 -4.21 21.64
CA CYS E 374 54.81 -4.22 20.20
C CYS E 374 53.75 -3.48 19.40
N VAL E 375 52.71 -2.94 20.03
CA VAL E 375 51.61 -2.29 19.34
C VAL E 375 51.35 -0.94 20.00
N GLU E 376 50.63 -0.09 19.29
CA GLU E 376 50.18 1.20 19.80
C GLU E 376 48.76 1.04 20.32
N LEU E 377 48.54 1.41 21.58
CA LEU E 377 47.26 1.26 22.24
C LEU E 377 46.60 2.62 22.41
N ILE E 378 45.32 2.70 22.06
CA ILE E 378 44.55 3.94 22.19
C ILE E 378 43.32 3.64 23.04
N PHE E 379 43.16 4.40 24.11
CA PHE E 379 41.97 4.31 24.97
C PHE E 379 41.28 5.66 24.97
N ASP E 380 40.01 5.65 25.38
CA ASP E 380 39.33 6.90 25.68
C ASP E 380 39.68 7.34 27.10
N ASP E 381 39.10 8.45 27.55
CA ASP E 381 39.49 9.04 28.82
C ASP E 381 39.16 8.11 29.98
N ASN E 382 37.96 7.53 30.00
CA ASN E 382 37.56 6.69 31.12
C ASN E 382 38.39 5.42 31.19
N THR E 383 38.65 4.77 30.05
CA THR E 383 39.47 3.56 30.05
C THR E 383 40.88 3.86 30.51
N ALA E 384 41.46 4.97 30.04
CA ALA E 384 42.79 5.35 30.47
C ALA E 384 42.83 5.62 31.96
N ASN E 385 41.82 6.31 32.49
CA ASN E 385 41.78 6.58 33.93
C ASN E 385 41.68 5.29 34.73
N LYS E 386 40.80 4.37 34.32
CA LYS E 386 40.65 3.12 35.06
C LYS E 386 41.93 2.29 34.99
N ILE E 387 42.57 2.24 33.81
CA ILE E 387 43.80 1.46 33.68
C ILE E 387 44.90 2.06 34.55
N LYS E 388 45.03 3.40 34.55
CA LYS E 388 46.05 4.03 35.38
C LYS E 388 45.79 3.78 36.86
N ASP E 389 44.53 3.90 37.29
CA ASP E 389 44.21 3.66 38.69
C ASP E 389 44.50 2.21 39.09
N SER E 390 44.19 1.26 38.22
CA SER E 390 44.40 -0.15 38.52
C SER E 390 45.85 -0.57 38.43
N LEU E 391 46.67 0.11 37.61
CA LEU E 391 48.04 -0.33 37.40
C LEU E 391 48.86 -0.28 38.69
N LYS E 392 48.66 0.76 39.50
CA LYS E 392 49.47 0.93 40.71
C LYS E 392 49.23 -0.18 41.72
N THR E 393 48.14 -0.93 41.58
CA THR E 393 47.77 -1.95 42.54
C THR E 393 48.18 -3.36 42.07
N LEU E 394 48.92 -3.45 40.98
CA LEU E 394 49.37 -4.73 40.45
C LEU E 394 50.83 -4.97 40.78
N SER E 395 51.23 -6.24 40.68
CA SER E 395 52.61 -6.64 40.95
C SER E 395 53.44 -6.63 39.66
N ASP E 396 52.89 -7.20 38.59
CA ASP E 396 53.61 -7.25 37.32
C ASP E 396 53.63 -5.92 36.59
N LYS E 397 52.68 -5.03 36.88
CA LYS E 397 52.66 -3.67 36.33
C LYS E 397 52.57 -3.70 34.81
N LYS E 398 51.66 -4.50 34.28
CA LYS E 398 51.47 -4.64 32.84
C LYS E 398 50.04 -4.31 32.47
N ILE E 399 49.86 -3.61 31.35
CA ILE E 399 48.52 -3.23 30.91
C ILE E 399 47.69 -4.45 30.58
N TYR E 400 48.31 -5.47 29.98
CA TYR E 400 47.59 -6.71 29.68
C TYR E 400 47.20 -7.48 30.92
N ASN E 401 47.71 -7.12 32.10
CA ASN E 401 47.35 -7.78 33.34
C ASN E 401 46.24 -7.06 34.09
N VAL E 402 45.71 -5.97 33.53
CA VAL E 402 44.65 -5.22 34.18
C VAL E 402 43.32 -5.91 33.93
N LYS E 403 42.51 -6.02 34.98
CA LYS E 403 41.21 -6.67 34.85
C LYS E 403 40.31 -5.88 33.89
N LEU E 404 39.48 -6.62 33.16
CA LEU E 404 38.56 -6.00 32.20
C LEU E 404 37.27 -5.59 32.88
N GLU E 405 36.79 -4.38 32.57
CA GLU E 405 35.53 -3.88 33.08
C GLU E 405 34.66 -3.41 31.93
N ARG E 406 33.37 -3.27 32.21
CA ARG E 406 32.41 -2.88 31.18
C ARG E 406 32.63 -1.45 30.74
N GLY E 407 32.37 -1.18 29.46
CA GLY E 407 32.46 0.15 28.91
C GLY E 407 33.83 0.55 28.40
N MET E 408 34.85 -0.29 28.56
CA MET E 408 36.17 0.04 28.06
C MET E 408 36.19 0.05 26.54
N ASN E 409 36.94 1.00 25.98
CA ASN E 409 37.17 1.10 24.54
C ASN E 409 38.67 0.98 24.32
N ILE E 410 39.09 -0.14 23.74
CA ILE E 410 40.50 -0.44 23.51
C ILE E 410 40.72 -0.61 22.02
N LEU E 411 41.67 0.14 21.48
CA LEU E 411 42.03 0.06 20.06
C LEU E 411 43.49 -0.36 19.95
N ILE E 412 43.75 -1.37 19.12
CA ILE E 412 45.10 -1.87 18.89
C ILE E 412 45.48 -1.55 17.46
N LYS E 413 46.58 -0.83 17.29
CA LYS E 413 47.10 -0.47 15.97
C LYS E 413 48.46 -1.13 15.81
N THR E 414 48.52 -2.18 14.99
CA THR E 414 49.78 -2.83 14.71
C THR E 414 50.67 -1.92 13.87
N PRO E 415 51.97 -1.93 14.09
CA PRO E 415 52.87 -1.04 13.34
C PRO E 415 53.12 -1.53 11.93
N THR E 416 53.64 -0.62 11.10
CA THR E 416 54.01 -0.99 9.74
C THR E 416 55.32 -1.76 9.73
N TYR E 417 56.38 -1.18 10.28
CA TYR E 417 57.68 -1.83 10.38
C TYR E 417 58.08 -1.88 11.84
N PHE E 418 58.48 -3.07 12.31
CA PHE E 418 58.78 -3.27 13.71
C PHE E 418 59.87 -4.32 13.84
N THR E 419 60.81 -4.07 14.76
CA THR E 419 61.86 -5.05 15.05
C THR E 419 62.03 -5.16 16.56
N ASN E 420 62.14 -6.40 17.04
CA ASN E 420 62.42 -6.66 18.44
C ASN E 420 63.84 -7.17 18.65
N PHE E 421 64.65 -7.22 17.60
CA PHE E 421 66.06 -7.60 17.65
C PHE E 421 66.28 -9.02 18.16
N ASP E 422 65.25 -9.87 18.12
CA ASP E 422 65.41 -11.27 18.48
C ASP E 422 65.18 -12.21 17.31
N ASP E 423 63.98 -12.19 16.72
CA ASP E 423 63.68 -12.98 15.54
C ASP E 423 62.84 -12.27 14.51
N TYR E 424 62.22 -11.14 14.84
CA TYR E 424 61.28 -10.45 13.95
C TYR E 424 61.91 -9.13 13.50
N ASN E 425 62.01 -8.96 12.18
CA ASN E 425 62.43 -7.70 11.60
C ASN E 425 61.59 -7.42 10.36
N ASN E 426 61.12 -6.18 10.23
CA ASN E 426 60.21 -5.82 9.16
C ASN E 426 60.68 -4.62 8.34
N TYR E 427 61.81 -4.01 8.69
CA TYR E 427 62.28 -2.85 7.94
C TYR E 427 62.86 -3.31 6.61
N PRO E 428 62.38 -2.78 5.47
CA PRO E 428 63.03 -3.10 4.20
C PRO E 428 64.47 -2.64 4.13
N SER E 429 64.81 -1.56 4.82
CA SER E 429 66.19 -1.10 4.92
C SER E 429 66.85 -1.73 6.14
N THR E 430 68.04 -1.26 6.50
CA THR E 430 68.80 -1.81 7.62
C THR E 430 69.41 -0.68 8.42
N TRP E 431 69.51 -0.88 9.74
CA TRP E 431 70.18 0.08 10.59
C TRP E 431 71.70 0.01 10.39
N SER E 432 72.38 1.08 10.77
CA SER E 432 73.79 1.22 10.43
C SER E 432 74.64 0.16 11.09
N ASN E 433 74.49 -0.02 12.42
CA ASN E 433 75.26 -1.01 13.16
C ASN E 433 74.33 -1.83 14.03
N VAL E 434 74.60 -3.13 14.10
CA VAL E 434 73.77 -4.09 14.84
C VAL E 434 74.65 -4.93 15.73
N ASN E 435 74.30 -5.02 17.01
CA ASN E 435 74.98 -5.91 17.95
C ASN E 435 73.93 -6.51 18.87
N THR E 436 73.69 -7.81 18.72
CA THR E 436 72.66 -8.53 19.46
C THR E 436 73.26 -9.69 20.24
N THR E 437 74.36 -9.44 20.95
CA THR E 437 75.10 -10.46 21.66
C THR E 437 74.78 -10.49 23.16
N ASN E 438 73.74 -9.81 23.60
CA ASN E 438 73.44 -9.71 25.01
C ASN E 438 71.94 -9.80 25.24
N GLN E 439 71.57 -10.17 26.47
CA GLN E 439 70.17 -10.27 26.89
C GLN E 439 69.77 -8.99 27.60
N ASP E 440 69.26 -8.03 26.83
CA ASP E 440 68.76 -6.78 27.37
C ASP E 440 67.43 -6.42 26.72
N GLY E 441 66.96 -5.19 26.95
CA GLY E 441 65.70 -4.76 26.37
C GLY E 441 64.52 -5.50 26.97
N LEU E 442 63.38 -5.37 26.30
CA LEU E 442 62.17 -6.05 26.77
C LEU E 442 62.35 -7.57 26.73
N GLN E 443 62.93 -8.09 25.65
CA GLN E 443 63.18 -9.53 25.53
C GLN E 443 64.56 -9.74 24.89
N GLY E 444 65.59 -9.79 25.73
CA GLY E 444 66.89 -10.28 25.33
C GLY E 444 67.61 -9.61 24.17
N SER E 445 67.67 -8.28 24.13
CA SER E 445 68.42 -7.58 23.09
C SER E 445 68.54 -6.11 23.43
N ALA E 446 69.71 -5.53 23.16
CA ALA E 446 69.97 -4.11 23.43
C ALA E 446 70.20 -3.31 22.16
N ASN E 447 71.16 -3.71 21.33
CA ASN E 447 71.43 -3.07 20.04
C ASN E 447 71.64 -1.57 20.18
N LYS E 448 72.58 -1.21 21.06
CA LYS E 448 73.03 0.17 21.18
C LYS E 448 74.32 0.20 21.99
N LEU E 449 75.32 0.90 21.46
CA LEU E 449 76.63 1.03 22.09
C LEU E 449 77.18 2.40 21.70
N ASN E 450 78.49 2.57 21.83
CA ASN E 450 79.14 3.81 21.41
C ASN E 450 78.91 4.11 19.94
N GLY E 451 78.68 3.08 19.11
CA GLY E 451 78.27 3.31 17.74
C GLY E 451 76.85 3.83 17.68
N GLU E 452 76.44 4.28 16.50
CA GLU E 452 75.15 4.91 16.36
C GLU E 452 74.36 4.32 15.21
N THR E 453 73.04 4.35 15.34
CA THR E 453 72.12 3.75 14.39
C THR E 453 71.45 4.81 13.53
N LYS E 454 71.34 4.51 12.23
CA LYS E 454 70.69 5.37 11.25
C LYS E 454 69.81 4.51 10.36
N ILE E 455 68.65 5.06 9.98
CA ILE E 455 67.72 4.36 9.10
C ILE E 455 67.31 5.31 7.97
N LYS E 456 67.20 4.78 6.76
CA LYS E 456 66.75 5.54 5.61
C LYS E 456 65.57 4.80 4.98
N ILE E 457 64.40 5.41 5.05
CA ILE E 457 63.21 4.87 4.41
C ILE E 457 63.09 5.50 3.02
N PRO E 458 63.05 4.71 1.95
CA PRO E 458 63.12 5.26 0.59
C PRO E 458 61.89 6.05 0.15
N MET E 459 60.92 6.26 1.04
CA MET E 459 59.77 7.15 0.80
C MET E 459 58.85 6.57 -0.27
N SER E 460 59.23 5.44 -0.86
CA SER E 460 58.38 4.73 -1.80
C SER E 460 57.57 3.63 -1.13
N GLU E 461 57.69 3.48 0.19
CA GLU E 461 56.95 2.49 0.96
C GLU E 461 56.15 3.15 2.08
N LEU E 462 55.86 4.44 1.94
CA LEU E 462 55.10 5.19 2.92
C LEU E 462 54.01 5.97 2.22
N LYS E 463 52.96 6.29 2.96
CA LYS E 463 51.85 7.03 2.40
C LYS E 463 52.22 8.50 2.25
N PRO E 464 51.76 9.16 1.18
CA PRO E 464 52.19 10.55 0.91
C PRO E 464 51.78 11.54 1.99
N TYR E 465 50.49 11.64 2.27
CA TYR E 465 49.95 12.65 3.19
C TYR E 465 49.31 11.95 4.38
N LYS E 466 50.13 11.57 5.35
CA LYS E 466 49.66 11.00 6.62
C LYS E 466 50.69 11.29 7.69
N ARG E 467 50.31 10.98 8.93
CA ARG E 467 51.13 11.26 10.10
C ARG E 467 51.51 9.94 10.77
N TYR E 468 52.78 9.77 11.07
CA TYR E 468 53.31 8.53 11.63
C TYR E 468 53.85 8.77 13.04
N VAL E 469 54.17 7.67 13.71
CA VAL E 469 54.74 7.69 15.05
C VAL E 469 55.93 6.74 15.08
N PHE E 470 57.07 7.22 15.56
CA PHE E 470 58.25 6.38 15.78
C PHE E 470 58.41 6.16 17.27
N SER E 471 58.27 4.90 17.70
CA SER E 471 58.22 4.57 19.11
C SER E 471 59.19 3.44 19.43
N GLY E 472 59.55 3.35 20.70
CA GLY E 472 60.47 2.32 21.15
C GLY E 472 60.66 2.42 22.65
N TYR E 473 61.56 1.57 23.16
CA TYR E 473 61.86 1.50 24.57
C TYR E 473 63.36 1.68 24.79
N SER E 474 63.72 2.41 25.84
CA SER E 474 65.10 2.67 26.19
C SER E 474 65.29 2.54 27.68
N LYS E 475 66.52 2.20 28.08
CA LYS E 475 66.86 2.08 29.50
C LYS E 475 68.33 2.33 29.70
N ASP E 476 68.65 3.13 30.71
CA ASP E 476 70.02 3.30 31.17
C ASP E 476 70.16 2.59 32.51
N PRO E 477 70.94 1.51 32.61
CA PRO E 477 71.06 0.81 33.90
C PRO E 477 71.56 1.70 35.02
N LEU E 478 72.40 2.68 34.72
CA LEU E 478 72.80 3.71 35.67
C LEU E 478 72.57 5.06 35.00
N THR E 479 72.04 6.02 35.77
CA THR E 479 71.64 7.30 35.19
C THR E 479 72.83 8.04 34.60
N SER E 480 72.66 8.52 33.38
CA SER E 480 73.72 9.21 32.65
C SER E 480 73.09 10.23 31.71
N ASN E 481 73.85 10.70 30.74
CA ASN E 481 73.41 11.73 29.81
C ASN E 481 72.22 11.26 28.97
N SER E 482 71.66 12.20 28.22
CA SER E 482 70.51 11.96 27.37
C SER E 482 70.95 11.54 25.98
N ILE E 483 70.01 11.45 25.04
CA ILE E 483 70.27 11.01 23.67
C ILE E 483 69.60 11.97 22.70
N ILE E 484 70.32 12.31 21.63
CA ILE E 484 69.79 13.16 20.57
C ILE E 484 68.83 12.35 19.72
N VAL E 485 67.68 12.93 19.39
CA VAL E 485 66.71 12.32 18.49
C VAL E 485 66.38 13.33 17.39
N LYS E 486 66.61 12.94 16.14
CA LYS E 486 66.32 13.78 14.98
C LYS E 486 65.54 12.97 13.96
N ILE E 487 64.41 13.51 13.51
CA ILE E 487 63.59 12.93 12.46
C ILE E 487 63.37 14.01 11.40
N LYS E 488 63.57 13.66 10.14
CA LYS E 488 63.32 14.58 9.02
C LYS E 488 62.33 13.94 8.05
N ALA E 489 61.08 14.35 8.13
CA ALA E 489 60.05 13.95 7.18
C ALA E 489 59.48 15.14 6.43
N LYS E 490 59.01 16.16 7.15
CA LYS E 490 58.57 17.42 6.55
C LYS E 490 59.27 18.63 7.15
N GLU E 491 59.65 18.58 8.42
CA GLU E 491 60.42 19.63 9.06
C GLU E 491 61.45 19.00 9.99
N GLU E 492 62.52 19.74 10.26
CA GLU E 492 63.54 19.27 11.19
C GLU E 492 63.10 19.53 12.62
N LYS E 493 63.15 18.50 13.46
CA LYS E 493 62.70 18.61 14.84
C LYS E 493 63.78 18.06 15.76
N THR E 494 63.93 18.70 16.92
CA THR E 494 64.95 18.35 17.90
C THR E 494 64.28 17.78 19.13
N ASP E 495 64.82 16.69 19.67
CA ASP E 495 64.27 16.05 20.85
C ASP E 495 65.36 15.34 21.62
N TYR E 496 65.29 15.45 22.96
CA TYR E 496 66.23 14.80 23.86
C TYR E 496 65.44 14.11 24.95
N LEU E 497 65.76 12.84 25.20
CA LEU E 497 65.09 12.03 26.22
C LEU E 497 66.13 11.52 27.20
N VAL E 498 65.76 11.50 28.48
CA VAL E 498 66.62 10.99 29.55
C VAL E 498 66.06 9.64 29.99
N PRO E 499 66.69 8.53 29.62
CA PRO E 499 66.23 7.21 30.10
C PRO E 499 66.29 7.14 31.61
N GLU E 500 65.30 6.50 32.22
CA GLU E 500 65.27 6.27 33.65
C GLU E 500 65.92 4.93 33.96
N GLN E 501 65.75 4.46 35.20
CA GLN E 501 66.30 3.17 35.60
C GLN E 501 65.67 2.01 34.83
N GLY E 502 64.38 2.08 34.52
CA GLY E 502 63.68 1.03 33.83
C GLY E 502 63.38 1.36 32.38
N TYR E 503 62.28 0.78 31.88
CA TYR E 503 61.87 0.92 30.49
C TYR E 503 60.81 2.01 30.37
N THR E 504 61.00 2.92 29.41
CA THR E 504 60.04 3.97 29.13
C THR E 504 59.82 4.08 27.63
N LYS E 505 58.65 4.60 27.26
CA LYS E 505 58.31 4.83 25.86
C LYS E 505 58.44 6.32 25.53
N PHE E 506 58.99 6.61 24.35
CA PHE E 506 59.19 7.97 23.88
C PHE E 506 58.24 8.37 22.74
N SER E 507 58.20 7.60 21.65
CA SER E 507 57.14 7.70 20.65
C SER E 507 57.00 9.12 20.07
N TYR E 508 58.04 9.54 19.36
CA TYR E 508 57.91 10.80 18.63
C TYR E 508 57.16 10.58 17.31
N GLU E 509 56.79 11.69 16.66
CA GLU E 509 55.92 11.67 15.50
C GLU E 509 56.52 12.48 14.36
N PHE E 510 56.11 12.14 13.14
CA PHE E 510 56.50 12.88 11.95
C PHE E 510 55.38 12.74 10.92
N GLU E 511 55.61 13.30 9.73
CA GLU E 511 54.59 13.31 8.66
C GLU E 511 55.28 13.33 7.32
N THR E 512 55.00 12.32 6.49
CA THR E 512 55.54 12.28 5.13
C THR E 512 54.91 13.38 4.27
N THR E 513 55.53 13.64 3.12
CA THR E 513 55.12 14.78 2.32
C THR E 513 54.50 14.43 0.97
N GLU E 514 55.23 13.80 0.04
CA GLU E 514 54.80 13.91 -1.34
C GLU E 514 54.92 12.64 -2.18
N LYS E 515 55.50 11.56 -1.64
CA LYS E 515 55.73 10.30 -2.36
C LYS E 515 56.83 10.47 -3.42
N ASP E 516 57.30 11.69 -3.62
CA ASP E 516 58.36 11.95 -4.58
C ASP E 516 59.51 12.79 -4.00
N SER E 517 59.37 13.27 -2.78
CA SER E 517 60.40 14.09 -2.15
C SER E 517 61.51 13.20 -1.61
N SER E 518 62.38 13.78 -0.78
CA SER E 518 63.54 13.07 -0.26
C SER E 518 63.10 11.91 0.64
N ASN E 519 64.08 11.12 1.07
CA ASN E 519 63.83 9.95 1.89
C ASN E 519 63.47 10.34 3.33
N ILE E 520 63.24 9.34 4.16
CA ILE E 520 62.94 9.52 5.58
C ILE E 520 64.12 9.01 6.39
N GLU E 521 64.61 9.84 7.31
CA GLU E 521 65.80 9.53 8.09
C GLU E 521 65.49 9.74 9.57
N ILE E 522 65.98 8.82 10.41
CA ILE E 522 65.81 8.90 11.85
C ILE E 522 67.16 8.62 12.50
N THR E 523 67.56 9.49 13.43
CA THR E 523 68.86 9.39 14.09
C THR E 523 68.67 9.25 15.58
N LEU E 524 69.50 8.40 16.20
CA LEU E 524 69.45 8.18 17.64
C LEU E 524 70.83 8.33 18.27
N ILE E 525 71.55 9.38 17.92
CA ILE E 525 72.92 9.55 18.41
C ILE E 525 72.90 9.95 19.87
N GLY E 526 73.67 9.24 20.69
CA GLY E 526 73.73 9.50 22.12
C GLY E 526 74.96 8.87 22.74
N SER E 527 75.12 9.10 24.03
CA SER E 527 76.29 8.61 24.76
C SER E 527 75.84 7.91 26.04
N GLY E 528 76.80 7.23 26.67
CA GLY E 528 76.53 6.53 27.91
C GLY E 528 76.07 5.10 27.76
N THR E 529 76.49 4.41 26.69
CA THR E 529 76.13 3.01 26.39
C THR E 529 74.69 2.70 26.78
N THR E 530 73.77 3.46 26.19
CA THR E 530 72.34 3.32 26.48
C THR E 530 71.81 2.06 25.79
N TYR E 531 70.53 1.75 26.02
CA TYR E 531 69.90 0.56 25.47
C TYR E 531 68.63 0.96 24.71
N LEU E 532 68.24 0.09 23.78
CA LEU E 532 67.05 0.30 22.97
C LEU E 532 66.40 -1.05 22.68
N ASP E 533 65.11 -1.00 22.36
CA ASP E 533 64.39 -2.20 21.95
C ASP E 533 63.02 -1.80 21.41
N ASN E 534 62.42 -2.73 20.66
CA ASN E 534 61.05 -2.62 20.17
C ASN E 534 60.83 -1.30 19.43
N LEU E 535 61.59 -1.12 18.36
CA LEU E 535 61.51 0.08 17.54
C LEU E 535 60.51 -0.14 16.41
N SER E 536 59.56 0.80 16.27
CA SER E 536 58.50 0.61 15.30
C SER E 536 58.07 1.96 14.73
N ILE E 537 57.48 1.91 13.54
CA ILE E 537 56.85 3.06 12.90
C ILE E 537 55.38 2.73 12.70
N THR E 538 54.49 3.60 13.18
CA THR E 538 53.06 3.32 13.21
C THR E 538 52.29 4.49 12.63
N GLU E 539 51.24 4.17 11.88
CA GLU E 539 50.37 5.17 11.28
C GLU E 539 49.40 5.75 12.32
N LEU E 540 48.73 6.82 11.94
CA LEU E 540 47.78 7.50 12.81
C LEU E 540 46.48 7.77 12.07
N ASN E 541 45.43 8.06 12.85
CA ASN E 541 44.14 8.47 12.29
C ASN E 541 43.37 9.32 13.32
N SER E 542 43.45 10.64 13.16
CA SER E 542 42.82 11.58 14.07
C SER E 542 42.15 12.68 13.26
N THR E 543 40.84 12.83 13.43
CA THR E 543 40.06 13.83 12.70
C THR E 543 39.16 14.60 13.65
N PRO E 544 39.71 15.58 14.37
CA PRO E 544 38.85 16.52 15.12
C PRO E 544 38.44 17.71 14.26
N GLU E 545 37.14 17.95 14.11
CA GLU E 545 36.66 19.04 13.24
C GLU E 545 36.37 20.32 14.02
N ILE E 546 35.39 20.29 14.93
CA ILE E 546 35.03 21.49 15.69
C ILE E 546 35.04 21.21 17.19
N LEU E 547 34.30 20.18 17.62
CA LEU E 547 34.19 19.71 19.00
C LEU E 547 33.56 20.73 19.94
N ASP E 548 33.15 21.90 19.47
CA ASP E 548 32.59 22.93 20.34
C ASP E 548 31.86 23.96 19.48
N GLU E 549 31.10 24.82 20.16
CA GLU E 549 30.38 25.92 19.53
C GLU E 549 30.63 27.21 20.30
N PRO E 550 30.61 28.35 19.62
CA PRO E 550 30.87 29.62 20.30
C PRO E 550 29.67 30.09 21.12
N GLU E 551 29.91 31.14 21.90
CA GLU E 551 28.87 31.71 22.74
C GLU E 551 27.83 32.44 21.91
N VAL E 552 26.83 33.00 22.58
CA VAL E 552 25.77 33.72 21.88
C VAL E 552 26.19 35.16 21.57
N LYS E 553 26.75 35.85 22.57
CA LYS E 553 27.32 37.20 22.39
C LYS E 553 26.27 38.19 21.87
N ILE E 554 25.28 38.44 22.73
CA ILE E 554 24.26 39.45 22.42
C ILE E 554 24.92 40.79 22.14
N PRO E 555 24.56 41.50 21.08
CA PRO E 555 25.22 42.76 20.77
C PRO E 555 24.89 43.85 21.78
N THR E 556 25.78 44.83 21.85
CA THR E 556 25.60 45.98 22.72
C THR E 556 24.83 47.08 21.98
N ASP E 557 24.52 48.15 22.73
CA ASP E 557 23.82 49.29 22.12
C ASP E 557 24.69 49.97 21.06
N GLN E 558 25.97 50.17 21.36
CA GLN E 558 26.84 50.85 20.41
C GLN E 558 27.07 50.02 19.15
N GLU E 559 27.17 48.70 19.28
CA GLU E 559 27.29 47.86 18.11
C GLU E 559 26.03 47.92 17.24
N ILE E 560 24.87 47.92 17.88
CA ILE E 560 23.60 48.03 17.13
C ILE E 560 23.55 49.36 16.39
N MET E 561 23.92 50.45 17.06
CA MET E 561 23.92 51.75 16.40
C MET E 561 24.99 51.86 15.33
N ASP E 562 26.09 51.12 15.46
CA ASP E 562 27.13 51.11 14.43
C ASP E 562 26.72 50.29 13.21
N ALA E 563 25.85 49.29 13.39
CA ALA E 563 25.41 48.48 12.27
C ALA E 563 24.52 49.26 11.30
N HIS E 564 23.96 50.39 11.72
CA HIS E 564 23.04 51.16 10.90
C HIS E 564 23.66 52.45 10.38
N LYS E 565 25.00 52.54 10.35
CA LYS E 565 25.64 53.79 9.97
C LYS E 565 25.56 54.06 8.47
N ILE E 566 25.59 53.02 7.64
CA ILE E 566 25.52 53.16 6.19
C ILE E 566 24.14 52.68 5.74
N TYR E 567 23.46 53.51 4.96
CA TYR E 567 22.12 53.18 4.50
C TYR E 567 21.90 53.75 3.12
N PHE E 568 20.87 53.23 2.45
CA PHE E 568 20.42 53.75 1.16
C PHE E 568 18.91 53.83 1.18
N ALA E 569 18.36 54.98 0.78
CA ALA E 569 16.93 55.20 0.77
C ALA E 569 16.39 54.86 -0.61
N ASP E 570 15.29 54.12 -0.64
CA ASP E 570 14.63 53.76 -1.89
C ASP E 570 13.59 54.83 -2.20
N LEU E 571 13.79 55.57 -3.29
CA LEU E 571 12.95 56.70 -3.65
C LEU E 571 12.08 56.37 -4.85
N ASN E 572 10.87 56.90 -4.85
CA ASN E 572 9.95 56.78 -5.97
C ASN E 572 9.94 58.11 -6.72
N PHE E 573 10.08 58.04 -8.04
CA PHE E 573 10.11 59.26 -8.85
C PHE E 573 9.52 58.92 -10.22
N ASN E 574 8.24 59.22 -10.39
CA ASN E 574 7.62 59.20 -11.71
C ASN E 574 7.51 60.64 -12.21
N PRO E 575 8.26 61.02 -13.25
CA PRO E 575 8.46 62.45 -13.52
C PRO E 575 7.23 63.17 -14.05
N SER E 576 6.57 63.94 -13.18
CA SER E 576 5.63 64.96 -13.62
C SER E 576 6.13 66.35 -13.28
N THR E 577 6.33 66.64 -11.98
CA THR E 577 7.11 67.79 -11.51
C THR E 577 7.81 67.35 -10.23
N GLY E 578 9.01 66.76 -10.37
CA GLY E 578 9.85 66.42 -9.24
C GLY E 578 9.17 65.70 -8.09
N ASN E 579 8.72 64.47 -8.29
CA ASN E 579 7.98 63.78 -7.24
C ASN E 579 8.87 63.44 -6.05
N THR E 580 9.85 62.56 -6.27
CA THR E 580 10.92 62.27 -5.30
C THR E 580 10.35 62.02 -3.90
N TYR E 581 9.61 60.91 -3.78
CA TYR E 581 9.12 60.45 -2.49
C TYR E 581 9.82 59.17 -2.07
N ILE E 582 9.99 59.03 -0.75
CA ILE E 582 10.65 57.86 -0.18
C ILE E 582 9.69 56.68 -0.21
N ASN E 583 10.21 55.53 -0.62
CA ASN E 583 9.46 54.27 -0.56
C ASN E 583 9.94 53.33 0.53
N GLY E 584 11.24 53.32 0.82
CA GLY E 584 11.77 52.47 1.85
C GLY E 584 13.16 52.89 2.24
N MET E 585 13.83 52.03 3.00
CA MET E 585 15.18 52.31 3.47
C MET E 585 15.95 51.01 3.61
N TYR E 586 17.07 50.92 2.93
CA TYR E 586 17.98 49.79 3.07
C TYR E 586 19.00 50.07 4.16
N PHE E 587 19.59 48.99 4.68
CA PHE E 587 20.70 49.09 5.62
C PHE E 587 21.82 48.22 5.10
N ALA E 588 22.94 48.84 4.76
CA ALA E 588 24.00 48.16 4.02
C ALA E 588 24.60 47.03 4.86
N PRO E 589 24.79 45.84 4.27
CA PRO E 589 25.48 44.77 4.99
C PRO E 589 26.99 44.84 4.80
N THR E 590 27.73 44.81 5.89
CA THR E 590 29.18 44.91 5.85
C THR E 590 29.79 43.62 6.39
N GLN E 591 31.11 43.61 6.54
CA GLN E 591 31.83 42.44 7.02
C GLN E 591 31.77 42.27 8.53
N THR E 592 31.18 43.22 9.25
CA THR E 592 31.15 43.17 10.70
C THR E 592 29.76 43.23 11.32
N ASN E 593 28.75 43.68 10.57
CA ASN E 593 27.43 43.96 11.14
C ASN E 593 26.42 42.86 10.85
N LYS E 594 26.86 41.60 10.81
CA LYS E 594 25.91 40.51 10.56
C LYS E 594 25.11 40.17 11.81
N GLU E 595 25.80 39.95 12.94
CA GLU E 595 25.11 39.64 14.18
C GLU E 595 24.25 40.81 14.65
N ALA E 596 24.76 42.04 14.53
CA ALA E 596 24.03 43.20 15.00
C ALA E 596 22.77 43.45 14.19
N LEU E 597 22.83 43.23 12.87
CA LEU E 597 21.65 43.41 12.03
C LEU E 597 20.66 42.27 12.22
N ASP E 598 21.16 41.03 12.32
CA ASP E 598 20.27 39.89 12.50
C ASP E 598 19.60 39.87 13.87
N TYR E 599 20.10 40.65 14.82
CA TYR E 599 19.54 40.74 16.16
C TYR E 599 18.31 41.64 16.24
N ILE E 600 18.06 42.45 15.22
CA ILE E 600 17.08 43.53 15.29
C ILE E 600 15.96 43.27 14.30
N GLN E 601 14.72 43.34 14.78
CA GLN E 601 13.55 43.47 13.92
C GLN E 601 12.66 44.57 14.47
N LYS E 602 11.46 44.72 13.92
CA LYS E 602 10.42 45.60 14.49
C LYS E 602 10.92 47.05 14.59
N TYR E 603 11.18 47.63 13.42
CA TYR E 603 11.52 49.05 13.37
C TYR E 603 10.27 49.90 13.58
N ARG E 604 10.41 50.94 14.40
CA ARG E 604 9.37 51.94 14.61
C ARG E 604 9.79 53.23 13.91
N VAL E 605 8.87 53.82 13.16
CA VAL E 605 9.18 54.95 12.28
C VAL E 605 8.28 56.13 12.63
N GLU E 606 8.89 57.32 12.67
CA GLU E 606 8.15 58.59 12.70
C GLU E 606 8.62 59.40 11.50
N ALA E 607 7.68 59.80 10.64
CA ALA E 607 8.02 60.44 9.38
C ALA E 607 7.18 61.71 9.21
N THR E 608 7.39 62.38 8.08
CA THR E 608 6.68 63.61 7.74
C THR E 608 5.78 63.32 6.55
N LEU E 609 4.48 63.19 6.80
CA LEU E 609 3.53 62.93 5.74
C LEU E 609 3.34 64.17 4.86
N GLN E 610 2.93 63.92 3.62
CA GLN E 610 2.82 65.01 2.65
C GLN E 610 1.77 66.03 3.08
N TYR E 611 0.60 65.55 3.53
CA TYR E 611 -0.47 66.44 3.93
C TYR E 611 -0.59 66.61 5.44
N SER E 612 -0.27 65.58 6.21
CA SER E 612 -0.22 65.72 7.65
C SER E 612 1.12 66.32 8.06
N GLY E 613 1.35 66.39 9.36
CA GLY E 613 2.61 66.87 9.91
C GLY E 613 3.58 65.73 10.17
N PHE E 614 4.39 65.92 11.20
CA PHE E 614 5.31 64.88 11.65
C PHE E 614 4.61 64.06 12.72
N LYS E 615 4.49 62.74 12.50
CA LYS E 615 3.75 61.89 13.41
C LYS E 615 4.26 60.47 13.32
N ASP E 616 3.99 59.69 14.37
CA ASP E 616 4.36 58.28 14.37
C ASP E 616 3.45 57.50 13.44
N ILE E 617 4.03 56.53 12.72
CA ILE E 617 3.28 55.75 11.76
C ILE E 617 3.32 54.27 12.11
N GLY E 618 3.51 53.97 13.39
CA GLY E 618 3.40 52.61 13.88
C GLY E 618 4.71 51.84 13.88
N THR E 619 4.57 50.52 14.01
CA THR E 619 5.72 49.63 14.09
C THR E 619 5.44 48.39 13.24
N LYS E 620 6.40 48.01 12.40
CA LYS E 620 6.30 46.84 11.56
C LYS E 620 7.62 46.09 11.56
N ASP E 621 7.59 44.84 11.11
CA ASP E 621 8.79 44.02 11.02
C ASP E 621 9.64 44.42 9.83
N LYS E 622 10.75 43.73 9.65
CA LYS E 622 11.64 43.93 8.52
C LYS E 622 11.35 42.91 7.43
N GLU E 623 11.86 43.18 6.22
CA GLU E 623 11.56 42.35 5.06
C GLU E 623 12.76 41.66 4.45
N MET E 624 13.98 42.11 4.72
CA MET E 624 15.20 41.42 4.30
C MET E 624 15.25 41.25 2.78
N ARG E 625 15.33 42.39 2.10
CA ARG E 625 15.41 42.41 0.64
C ARG E 625 16.87 42.47 0.19
N ASN E 626 17.06 42.32 -1.13
CA ASN E 626 18.39 42.43 -1.72
C ASN E 626 18.84 43.88 -1.77
N TYR E 627 20.12 44.12 -1.50
CA TYR E 627 20.62 45.48 -1.35
C TYR E 627 20.60 46.22 -2.68
N LEU E 628 20.08 47.44 -2.66
CA LEU E 628 19.95 48.32 -3.83
C LEU E 628 19.16 47.67 -4.96
N GLY E 629 18.36 46.65 -4.66
CA GLY E 629 17.69 45.92 -5.72
C GLY E 629 18.61 45.11 -6.60
N ASP E 630 19.82 44.82 -6.13
CA ASP E 630 20.80 44.09 -6.91
C ASP E 630 20.66 42.60 -6.64
N PRO E 631 20.38 41.77 -7.65
CA PRO E 631 20.28 40.32 -7.42
C PRO E 631 21.57 39.70 -6.92
N ASN E 632 22.73 40.31 -7.21
CA ASN E 632 24.00 39.75 -6.75
C ASN E 632 24.26 40.02 -5.28
N GLN E 633 23.80 41.16 -4.77
CA GLN E 633 24.06 41.53 -3.38
C GLN E 633 23.24 40.65 -2.43
N PRO E 634 23.72 40.48 -1.19
CA PRO E 634 23.00 39.63 -0.24
C PRO E 634 21.74 40.31 0.28
N LYS E 635 20.97 39.53 1.04
CA LYS E 635 19.78 40.06 1.69
C LYS E 635 20.17 40.92 2.89
N THR E 636 19.50 42.07 3.03
CA THR E 636 19.80 42.99 4.11
C THR E 636 18.52 43.60 4.63
N ASN E 637 18.58 44.12 5.86
CA ASN E 637 17.39 44.67 6.50
C ASN E 637 16.77 45.76 5.66
N TYR E 638 15.44 45.71 5.53
CA TYR E 638 14.69 46.67 4.74
C TYR E 638 13.49 47.14 5.55
N VAL E 639 13.25 48.45 5.53
CA VAL E 639 12.12 49.05 6.20
C VAL E 639 11.14 49.51 5.13
N ASN E 640 10.00 48.83 5.02
CA ASN E 640 9.01 49.13 3.99
C ASN E 640 8.10 50.22 4.50
N LEU E 641 8.44 51.47 4.17
CA LEU E 641 7.66 52.61 4.65
C LEU E 641 6.27 52.66 4.02
N ARG E 642 6.10 52.05 2.84
CA ARG E 642 4.79 52.03 2.20
C ARG E 642 3.79 51.18 2.96
N SER E 643 4.25 50.33 3.88
CA SER E 643 3.38 49.43 4.62
C SER E 643 2.99 49.96 5.99
N TYR E 644 3.50 51.12 6.40
CA TYR E 644 3.21 51.63 7.73
C TYR E 644 1.86 52.34 7.75
N PHE E 645 1.45 52.72 8.97
CA PHE E 645 0.09 53.22 9.20
C PHE E 645 -0.05 54.67 8.73
N THR E 646 0.18 54.86 7.44
CA THR E 646 -0.11 56.12 6.77
C THR E 646 -1.43 56.01 6.02
N GLY E 647 -2.10 57.15 5.87
CA GLY E 647 -3.35 57.18 5.14
C GLY E 647 -3.16 57.21 3.64
N GLY E 648 -2.18 56.45 3.16
CA GLY E 648 -1.83 56.46 1.75
C GLY E 648 -1.01 57.64 1.31
N GLU E 649 -0.64 58.52 2.23
CA GLU E 649 0.13 59.71 1.89
C GLU E 649 1.59 59.35 1.66
N ASN E 650 2.24 60.12 0.79
CA ASN E 650 3.66 59.94 0.56
C ASN E 650 4.47 60.45 1.75
N ILE E 651 5.76 60.15 1.72
CA ILE E 651 6.68 60.56 2.78
C ILE E 651 7.70 61.51 2.17
N MET E 652 7.78 62.72 2.73
CA MET E 652 8.57 63.78 2.14
C MET E 652 10.06 63.56 2.36
N THR E 653 10.85 63.96 1.37
CA THR E 653 12.30 63.97 1.47
C THR E 653 12.76 65.27 2.14
N TYR E 654 13.97 65.22 2.71
CA TYR E 654 14.57 66.36 3.38
C TYR E 654 13.66 66.92 4.48
N LYS E 655 13.10 66.02 5.28
CA LYS E 655 12.22 66.40 6.37
C LYS E 655 12.55 65.55 7.59
N LYS E 656 11.92 65.88 8.71
CA LYS E 656 12.15 65.14 9.94
C LYS E 656 11.74 63.69 9.77
N LEU E 657 12.60 62.77 10.21
CA LEU E 657 12.37 61.34 10.03
C LEU E 657 13.21 60.60 11.05
N ARG E 658 12.56 59.81 11.90
CA ARG E 658 13.25 59.04 12.94
C ARG E 658 12.87 57.57 12.81
N ILE E 659 13.88 56.70 12.82
CA ILE E 659 13.68 55.27 12.76
C ILE E 659 14.27 54.66 14.04
N TYR E 660 13.45 53.92 14.76
CA TYR E 660 13.85 53.32 16.04
C TYR E 660 13.94 51.81 15.87
N ALA E 661 15.07 51.24 16.28
CA ALA E 661 15.27 49.80 16.27
C ALA E 661 14.86 49.22 17.62
N ILE E 662 13.96 48.25 17.60
CA ILE E 662 13.40 47.67 18.81
C ILE E 662 14.05 46.31 19.04
N THR E 663 14.74 46.17 20.17
CA THR E 663 15.41 44.94 20.51
C THR E 663 14.39 43.89 20.95
N PRO E 664 14.78 42.61 20.96
CA PRO E 664 13.88 41.57 21.48
C PRO E 664 13.44 41.80 22.92
N ASP E 665 14.12 42.66 23.67
CA ASP E 665 13.72 43.02 25.02
C ASP E 665 13.03 44.39 25.07
N ASP E 666 12.65 44.92 23.90
CA ASP E 666 11.88 46.16 23.78
C ASP E 666 12.63 47.37 24.32
N ARG E 667 13.94 47.45 24.05
CA ARG E 667 14.70 48.67 24.29
C ARG E 667 14.85 49.37 22.94
N GLU E 668 14.15 50.49 22.76
CA GLU E 668 14.18 51.18 21.49
C GLU E 668 15.43 52.05 21.38
N LEU E 669 16.07 51.97 20.22
CA LEU E 669 17.30 52.71 19.95
C LEU E 669 17.14 53.50 18.65
N LEU E 670 17.51 54.77 18.69
CA LEU E 670 17.46 55.62 17.51
C LEU E 670 18.66 55.29 16.63
N VAL E 671 18.39 54.79 15.42
CA VAL E 671 19.45 54.34 14.52
C VAL E 671 19.50 55.14 13.24
N LEU E 672 18.56 56.07 13.02
CA LEU E 672 18.58 56.89 11.82
C LEU E 672 17.83 58.18 12.11
N SER E 673 18.39 59.30 11.63
CA SER E 673 17.79 60.61 11.86
C SER E 673 18.07 61.49 10.65
N VAL E 674 17.02 62.09 10.09
CA VAL E 674 17.14 63.02 8.98
C VAL E 674 16.52 64.34 9.42
N ASP E 675 17.27 65.43 9.24
CA ASP E 675 16.78 66.76 9.61
C ASP E 675 17.06 67.77 8.52
N GLU F 16 26.83 -50.23 14.70
CA GLU F 16 25.77 -50.57 15.64
C GLU F 16 24.46 -49.90 15.23
N ASP F 17 23.62 -49.60 16.22
CA ASP F 17 22.34 -48.93 16.01
C ASP F 17 22.34 -47.50 16.52
N LEU F 18 23.51 -46.96 16.87
CA LEU F 18 23.58 -45.60 17.41
C LEU F 18 23.27 -44.58 16.32
N ASP F 19 22.62 -43.49 16.74
CA ASP F 19 22.22 -42.44 15.80
C ASP F 19 22.25 -41.11 16.57
N THR F 20 23.34 -40.36 16.40
CA THR F 20 23.58 -39.19 17.24
C THR F 20 22.95 -37.91 16.69
N ASP F 21 23.03 -37.67 15.39
CA ASP F 21 22.47 -36.46 14.79
C ASP F 21 21.01 -36.63 14.42
N ASN F 22 20.42 -37.79 14.70
CA ASN F 22 18.98 -38.03 14.58
C ASN F 22 18.48 -37.94 13.14
N ASP F 23 19.37 -38.16 12.17
CA ASP F 23 18.92 -38.46 10.81
C ASP F 23 18.56 -39.93 10.75
N ASN F 24 18.39 -40.49 9.55
CA ASN F 24 17.99 -41.88 9.41
C ASN F 24 19.15 -42.79 9.02
N ILE F 25 20.37 -42.44 9.42
CA ILE F 25 21.55 -43.24 9.12
C ILE F 25 22.36 -43.45 10.39
N PRO F 26 22.74 -44.69 10.71
CA PRO F 26 23.60 -44.92 11.88
C PRO F 26 25.00 -44.34 11.67
N ASP F 27 25.67 -44.07 12.78
CA ASP F 27 26.98 -43.44 12.74
C ASP F 27 27.99 -44.30 11.99
N SER F 28 27.99 -45.61 12.24
CA SER F 28 28.94 -46.50 11.58
C SER F 28 28.75 -46.49 10.07
N TYR F 29 27.50 -46.46 9.62
CA TYR F 29 27.22 -46.40 8.18
C TYR F 29 27.78 -45.11 7.57
N GLU F 30 27.59 -43.98 8.27
CA GLU F 30 28.10 -42.72 7.76
C GLU F 30 29.61 -42.71 7.69
N ARG F 31 30.27 -43.28 8.71
CA ARG F 31 31.72 -43.24 8.75
C ARG F 31 32.32 -44.19 7.72
N ASN F 32 31.77 -45.39 7.58
CA ASN F 32 32.37 -46.41 6.73
C ASN F 32 31.82 -46.39 5.30
N GLY F 33 30.54 -46.08 5.13
CA GLY F 33 29.95 -46.08 3.81
C GLY F 33 28.61 -46.79 3.77
N TYR F 34 27.67 -46.26 3.00
CA TYR F 34 26.31 -46.79 2.96
C TYR F 34 25.71 -46.49 1.60
N THR F 35 24.60 -47.17 1.31
CA THR F 35 23.79 -46.88 0.14
C THR F 35 22.33 -47.09 0.52
N ILE F 36 21.44 -46.51 -0.29
CA ILE F 36 20.01 -46.52 -0.02
C ILE F 36 19.34 -47.47 -1.00
N LYS F 37 18.60 -48.45 -0.47
CA LYS F 37 17.77 -49.32 -1.28
C LYS F 37 16.47 -49.60 -0.53
N ASP F 38 15.35 -49.49 -1.24
CA ASP F 38 14.01 -49.60 -0.66
C ASP F 38 13.81 -48.59 0.47
N LEU F 39 14.38 -47.40 0.29
CA LEU F 39 14.25 -46.30 1.24
C LEU F 39 14.75 -46.66 2.63
N ILE F 40 15.76 -47.52 2.71
CA ILE F 40 16.37 -47.93 3.97
C ILE F 40 17.88 -47.95 3.78
N ALA F 41 18.60 -47.35 4.74
CA ALA F 41 20.05 -47.30 4.65
C ALA F 41 20.65 -48.66 5.01
N VAL F 42 21.57 -49.14 4.15
CA VAL F 42 22.22 -50.43 4.33
C VAL F 42 23.72 -50.24 4.21
N LYS F 43 24.47 -51.20 4.74
CA LYS F 43 25.92 -51.18 4.63
C LYS F 43 26.36 -51.30 3.19
N TRP F 44 27.49 -50.69 2.87
CA TRP F 44 28.04 -50.76 1.53
C TRP F 44 28.80 -52.06 1.32
N GLU F 45 28.63 -52.65 0.14
CA GLU F 45 29.37 -53.82 -0.29
C GLU F 45 29.93 -53.57 -1.68
N ASP F 46 31.07 -54.18 -1.96
CA ASP F 46 31.73 -53.96 -3.25
C ASP F 46 30.88 -54.44 -4.42
N SER F 47 30.06 -55.46 -4.19
CA SER F 47 29.20 -55.97 -5.26
C SER F 47 28.10 -55.01 -5.66
N PHE F 48 27.83 -53.98 -4.86
CA PHE F 48 26.76 -53.04 -5.16
C PHE F 48 27.11 -52.09 -6.30
N ALA F 49 28.40 -51.87 -6.55
CA ALA F 49 28.78 -50.97 -7.64
C ALA F 49 28.44 -51.56 -9.00
N GLU F 50 28.48 -52.88 -9.14
CA GLU F 50 28.19 -53.50 -10.42
C GLU F 50 26.73 -53.32 -10.83
N GLN F 51 25.84 -53.07 -9.86
CA GLN F 51 24.43 -52.86 -10.14
C GLN F 51 24.06 -51.38 -10.24
N GLY F 52 25.05 -50.47 -10.20
CA GLY F 52 24.80 -49.06 -10.35
C GLY F 52 24.67 -48.28 -9.07
N TYR F 53 24.77 -48.93 -7.92
CA TYR F 53 24.67 -48.22 -6.64
C TYR F 53 25.94 -47.42 -6.37
N LYS F 54 25.79 -46.36 -5.59
CA LYS F 54 26.88 -45.48 -5.23
C LYS F 54 27.16 -45.57 -3.73
N LYS F 55 28.40 -45.26 -3.36
CA LYS F 55 28.84 -45.31 -1.98
C LYS F 55 28.89 -43.90 -1.42
N TYR F 56 28.20 -43.69 -0.31
CA TYR F 56 28.10 -42.37 0.32
C TYR F 56 28.75 -42.38 1.68
N VAL F 57 29.37 -41.25 2.03
CA VAL F 57 29.88 -41.00 3.37
C VAL F 57 29.40 -39.61 3.77
N SER F 58 29.28 -39.39 5.07
CA SER F 58 28.75 -38.12 5.56
C SER F 58 29.15 -37.95 7.03
N ASN F 59 28.92 -36.74 7.53
CA ASN F 59 29.21 -36.43 8.93
C ASN F 59 28.17 -37.08 9.82
N TYR F 60 28.63 -37.81 10.83
CA TYR F 60 27.72 -38.50 11.74
C TYR F 60 27.31 -37.64 12.93
N LEU F 61 27.84 -36.43 13.05
CA LEU F 61 27.41 -35.48 14.06
C LEU F 61 26.58 -34.34 13.50
N GLU F 62 26.44 -34.26 12.18
CA GLU F 62 25.66 -33.22 11.52
C GLU F 62 24.59 -33.86 10.66
N SER F 63 23.36 -33.34 10.77
CA SER F 63 22.28 -33.82 9.91
C SER F 63 22.41 -33.28 8.49
N ASN F 64 23.01 -32.10 8.33
CA ASN F 64 23.26 -31.48 7.03
C ASN F 64 24.76 -31.36 6.86
N THR F 65 25.37 -32.34 6.20
CA THR F 65 26.81 -32.32 6.01
C THR F 65 27.24 -31.15 5.12
N ALA F 66 26.51 -30.90 4.04
CA ALA F 66 26.88 -29.88 3.08
C ALA F 66 26.33 -28.50 3.41
N GLY F 67 25.45 -28.38 4.40
CA GLY F 67 24.87 -27.10 4.74
C GLY F 67 23.69 -26.67 3.90
N ASP F 68 23.25 -27.49 2.95
CA ASP F 68 22.08 -27.19 2.15
C ASP F 68 20.81 -27.59 2.90
N PRO F 69 19.65 -27.07 2.49
CA PRO F 69 18.42 -27.31 3.27
C PRO F 69 17.94 -28.76 3.31
N TYR F 70 18.66 -29.72 2.73
CA TYR F 70 18.25 -31.11 2.70
C TYR F 70 19.20 -31.97 3.53
N THR F 71 18.64 -32.92 4.27
CA THR F 71 19.44 -33.75 5.16
C THR F 71 20.20 -34.83 4.38
N ASP F 72 21.10 -35.51 5.08
CA ASP F 72 21.90 -36.54 4.44
C ASP F 72 21.03 -37.69 3.94
N TYR F 73 20.04 -38.11 4.73
CA TYR F 73 19.14 -39.16 4.28
C TYR F 73 18.32 -38.72 3.07
N GLU F 74 17.80 -37.49 3.11
CA GLU F 74 17.00 -37.00 1.99
C GLU F 74 17.83 -36.95 0.72
N LYS F 75 19.06 -36.45 0.82
CA LYS F 75 19.92 -36.35 -0.36
C LYS F 75 20.30 -37.73 -0.89
N ALA F 76 20.73 -38.62 -0.01
CA ALA F 76 21.17 -39.95 -0.45
C ALA F 76 20.01 -40.75 -1.04
N SER F 77 18.83 -40.66 -0.44
CA SER F 77 17.68 -41.42 -0.89
C SER F 77 16.93 -40.73 -2.03
N GLY F 78 17.23 -39.48 -2.34
CA GLY F 78 16.50 -38.77 -3.36
C GLY F 78 15.08 -38.42 -2.98
N SER F 79 14.81 -38.35 -1.68
CA SER F 79 13.45 -38.01 -1.18
C SER F 79 13.24 -36.49 -1.20
N PHE F 80 13.64 -35.83 -2.29
CA PHE F 80 13.41 -34.36 -2.41
C PHE F 80 12.82 -34.03 -3.79
N ASP F 81 12.99 -32.78 -4.23
CA ASP F 81 12.48 -32.33 -5.55
C ASP F 81 13.16 -33.15 -6.66
N LYS F 82 12.38 -33.74 -7.57
CA LYS F 82 12.93 -34.57 -8.62
C LYS F 82 13.69 -33.79 -9.67
N ALA F 83 13.63 -32.46 -9.64
CA ALA F 83 14.33 -31.62 -10.62
C ALA F 83 15.77 -31.32 -10.23
N ILE F 84 16.23 -31.80 -9.08
CA ILE F 84 17.60 -31.58 -8.64
C ILE F 84 18.52 -32.57 -9.32
N LYS F 85 19.71 -32.11 -9.72
CA LYS F 85 20.64 -32.95 -10.45
C LYS F 85 21.08 -34.14 -9.61
N THR F 86 21.30 -35.28 -10.27
CA THR F 86 21.62 -36.52 -9.57
C THR F 86 23.00 -36.51 -8.95
N GLU F 87 23.89 -35.59 -9.35
CA GLU F 87 25.18 -35.48 -8.70
C GLU F 87 25.11 -34.76 -7.37
N ALA F 88 23.98 -34.12 -7.07
CA ALA F 88 23.76 -33.47 -5.78
C ALA F 88 23.08 -34.40 -4.79
N ARG F 89 23.13 -35.71 -5.02
CA ARG F 89 22.53 -36.67 -4.10
C ARG F 89 23.53 -37.25 -3.10
N ASP F 90 24.82 -37.12 -3.34
CA ASP F 90 25.74 -37.48 -2.27
C ASP F 90 25.82 -36.35 -1.25
N PRO F 91 25.98 -36.67 0.03
CA PRO F 91 25.95 -35.62 1.06
C PRO F 91 27.06 -34.60 0.94
N LEU F 92 28.15 -34.91 0.23
CA LEU F 92 29.29 -34.00 0.14
C LEU F 92 29.12 -32.92 -0.93
N VAL F 93 28.16 -33.07 -1.83
CA VAL F 93 27.91 -32.09 -2.88
C VAL F 93 26.62 -31.36 -2.53
N ALA F 94 26.70 -30.04 -2.45
CA ALA F 94 25.57 -29.24 -2.00
C ALA F 94 24.61 -28.93 -3.15
N ALA F 95 23.32 -29.08 -2.90
CA ALA F 95 22.30 -28.64 -3.83
C ALA F 95 22.24 -27.11 -3.77
N TYR F 96 22.74 -26.46 -4.81
CA TYR F 96 22.95 -25.02 -4.75
C TYR F 96 22.80 -24.41 -6.14
N PRO F 97 21.82 -23.55 -6.35
CA PRO F 97 21.68 -22.91 -7.66
C PRO F 97 22.63 -21.74 -7.84
N ILE F 98 23.10 -21.56 -9.07
CA ILE F 98 23.94 -20.43 -9.45
C ILE F 98 23.18 -19.68 -10.53
N VAL F 99 22.70 -18.48 -10.20
CA VAL F 99 21.84 -17.70 -11.09
C VAL F 99 22.56 -16.41 -11.44
N GLY F 100 22.65 -16.11 -12.74
CA GLY F 100 23.21 -14.88 -13.21
C GLY F 100 22.31 -14.23 -14.25
N VAL F 101 22.54 -12.94 -14.48
CA VAL F 101 21.75 -12.15 -15.40
C VAL F 101 22.67 -11.61 -16.49
N GLY F 102 22.28 -11.82 -17.74
CA GLY F 102 23.00 -11.25 -18.86
C GLY F 102 22.13 -10.35 -19.71
N MET F 103 22.58 -9.14 -20.00
CA MET F 103 21.82 -8.21 -20.81
C MET F 103 22.17 -8.38 -22.28
N GLU F 104 21.15 -8.34 -23.14
CA GLU F 104 21.32 -8.56 -24.56
C GLU F 104 21.32 -7.26 -25.37
N LYS F 105 20.46 -6.30 -25.02
CA LYS F 105 20.50 -5.00 -25.66
C LYS F 105 19.77 -3.99 -24.79
N LEU F 106 20.11 -2.73 -24.99
CA LEU F 106 19.52 -1.63 -24.22
C LEU F 106 18.96 -0.58 -25.18
N ILE F 107 17.78 -0.07 -24.85
CA ILE F 107 17.03 0.81 -25.73
C ILE F 107 16.84 2.15 -25.04
N ILE F 108 17.14 3.24 -25.75
CA ILE F 108 17.07 4.58 -25.21
C ILE F 108 15.79 5.26 -25.71
N SER F 109 15.13 6.00 -24.82
CA SER F 109 13.89 6.71 -25.13
C SER F 109 14.08 8.17 -24.75
N THR F 110 14.43 9.00 -25.71
CA THR F 110 14.68 10.41 -25.44
C THR F 110 13.38 11.12 -25.06
N ASN F 111 13.47 11.94 -24.00
CA ASN F 111 12.30 12.60 -23.43
C ASN F 111 12.32 14.08 -23.84
N GLU F 112 11.74 14.36 -25.00
CA GLU F 112 11.70 15.72 -25.53
C GLU F 112 10.27 16.10 -25.89
N HIS F 113 10.01 17.40 -25.89
CA HIS F 113 8.71 17.95 -26.23
C HIS F 113 8.87 18.87 -27.43
N ALA F 114 8.10 18.62 -28.47
CA ALA F 114 8.19 19.38 -29.73
C ALA F 114 6.82 19.96 -30.06
N SER F 115 6.80 21.25 -30.39
CA SER F 115 5.56 21.96 -30.70
C SER F 115 5.67 22.61 -32.07
N THR F 116 4.51 22.95 -32.63
CA THR F 116 4.44 23.58 -33.94
C THR F 116 3.18 24.44 -34.00
N ASP F 117 3.32 25.67 -34.49
CA ASP F 117 2.21 26.60 -34.59
C ASP F 117 2.16 27.23 -35.97
N GLN F 118 0.98 27.70 -36.35
CA GLN F 118 0.80 28.40 -37.61
C GLN F 118 -0.52 29.17 -37.57
N GLY F 119 -0.48 30.43 -37.98
CA GLY F 119 -1.66 31.27 -37.93
C GLY F 119 -1.67 32.32 -39.01
N LYS F 120 -2.86 32.83 -39.30
CA LYS F 120 -3.09 33.84 -40.31
C LYS F 120 -3.65 35.11 -39.68
N THR F 121 -3.60 36.20 -40.43
CA THR F 121 -4.05 37.49 -39.94
C THR F 121 -4.66 38.26 -41.10
N VAL F 122 -5.56 39.21 -40.76
CA VAL F 122 -6.14 40.11 -41.75
C VAL F 122 -6.55 41.38 -41.03
N SER F 123 -6.41 42.52 -41.71
CA SER F 123 -6.66 43.81 -41.10
C SER F 123 -7.23 44.77 -42.14
N ARG F 124 -7.78 45.88 -41.65
CA ARG F 124 -8.36 46.90 -42.51
C ARG F 124 -8.26 48.23 -41.77
N ALA F 125 -7.33 49.08 -42.19
CA ALA F 125 -7.08 50.37 -41.54
C ALA F 125 -7.54 51.50 -42.44
N THR F 126 -8.38 52.39 -41.89
CA THR F 126 -8.88 53.54 -42.61
C THR F 126 -8.43 54.82 -41.90
N THR F 127 -8.12 55.83 -42.69
CA THR F 127 -7.62 57.11 -42.17
C THR F 127 -8.35 58.26 -42.85
N ASN F 128 -8.68 59.27 -42.06
CA ASN F 128 -9.29 60.51 -42.56
C ASN F 128 -8.50 61.67 -41.97
N SER F 129 -7.62 62.27 -42.77
CA SER F 129 -6.77 63.35 -42.31
C SER F 129 -7.34 64.70 -42.73
N LYS F 130 -6.61 65.77 -42.40
CA LYS F 130 -7.02 67.14 -42.71
C LYS F 130 -5.78 68.02 -42.63
N THR F 131 -5.81 69.12 -43.39
CA THR F 131 -4.70 70.07 -43.40
C THR F 131 -5.25 71.49 -43.51
N GLU F 132 -4.58 72.41 -42.83
CA GLU F 132 -4.93 73.84 -42.87
C GLU F 132 -3.63 74.64 -42.81
N SER F 133 -3.13 75.03 -43.99
CA SER F 133 -1.87 75.74 -44.10
C SER F 133 -2.12 77.23 -44.34
N ASN F 134 -1.36 78.07 -43.64
CA ASN F 134 -1.47 79.51 -43.76
C ASN F 134 -0.08 80.13 -43.83
N THR F 135 0.07 81.16 -44.66
CA THR F 135 1.35 81.85 -44.82
C THR F 135 1.15 83.24 -45.39
N HIS F 158 -3.10 80.32 -48.13
CA HIS F 158 -4.12 79.46 -47.54
C HIS F 158 -4.33 78.19 -48.35
N THR F 159 -4.27 77.05 -47.69
CA THR F 159 -4.48 75.77 -48.35
C THR F 159 -5.17 74.81 -47.40
N THR F 160 -6.11 74.02 -47.93
CA THR F 160 -6.84 73.06 -47.14
C THR F 160 -7.06 71.80 -47.97
N ASP F 161 -6.67 70.64 -47.43
CA ASP F 161 -6.87 69.37 -48.12
C ASP F 161 -7.40 68.35 -47.13
N ASN F 162 -8.14 67.38 -47.67
CA ASN F 162 -8.70 66.28 -46.90
C ASN F 162 -8.18 64.98 -47.49
N SER F 163 -7.52 64.18 -46.67
CA SER F 163 -6.90 62.94 -47.12
C SER F 163 -7.69 61.74 -46.60
N THR F 164 -8.08 60.86 -47.52
CA THR F 164 -8.77 59.63 -47.18
C THR F 164 -8.00 58.45 -47.76
N ALA F 165 -7.90 57.37 -46.98
CA ALA F 165 -7.16 56.20 -47.42
C ALA F 165 -7.65 54.99 -46.64
N VAL F 166 -7.54 53.83 -47.28
CA VAL F 166 -7.84 52.55 -46.64
C VAL F 166 -6.62 51.65 -46.81
N GLN F 167 -6.20 51.03 -45.71
CA GLN F 167 -5.03 50.15 -45.70
C GLN F 167 -5.47 48.71 -45.45
N ASP F 168 -5.03 47.80 -46.31
CA ASP F 168 -5.33 46.39 -46.17
C ASP F 168 -4.04 45.59 -46.13
N SER F 169 -4.04 44.56 -45.29
CA SER F 169 -2.87 43.72 -45.15
C SER F 169 -3.29 42.38 -44.53
N ASN F 170 -2.50 41.35 -44.82
CA ASN F 170 -2.70 40.04 -44.21
C ASN F 170 -1.35 39.49 -43.78
N GLY F 171 -1.39 38.54 -42.85
CA GLY F 171 -0.19 37.94 -42.32
C GLY F 171 -0.30 36.42 -42.30
N GLU F 172 0.85 35.79 -42.06
CA GLU F 172 0.94 34.34 -41.99
C GLU F 172 2.26 33.97 -41.35
N SER F 173 2.21 33.07 -40.39
CA SER F 173 3.39 32.79 -39.57
C SER F 173 3.49 31.29 -39.28
N TRP F 174 4.70 30.85 -38.98
CA TRP F 174 4.98 29.48 -38.58
C TRP F 174 5.94 29.51 -37.40
N ASN F 175 5.88 28.46 -36.58
CA ASN F 175 6.73 28.37 -35.40
C ASN F 175 7.09 26.92 -35.15
N THR F 176 8.21 26.71 -34.46
CA THR F 176 8.65 25.38 -34.06
C THR F 176 9.40 25.49 -32.74
N GLY F 177 9.13 24.56 -31.83
CA GLY F 177 9.74 24.58 -30.51
C GLY F 177 10.29 23.22 -30.12
N LEU F 178 11.10 23.23 -29.08
CA LEU F 178 11.68 21.99 -28.54
C LEU F 178 12.05 22.24 -27.09
N SER F 179 11.61 21.34 -26.21
CA SER F 179 11.87 21.45 -24.78
C SER F 179 12.60 20.20 -24.29
N ILE F 180 13.47 20.40 -23.30
CA ILE F 180 14.26 19.32 -22.73
C ILE F 180 14.35 19.51 -21.22
N ASN F 181 14.42 18.40 -20.50
CA ASN F 181 14.67 18.39 -19.06
C ASN F 181 16.05 17.86 -18.80
N LYS F 182 16.89 18.64 -18.12
CA LYS F 182 18.25 18.20 -17.84
C LYS F 182 18.29 17.13 -16.77
N GLY F 183 17.28 17.06 -15.90
CA GLY F 183 17.28 16.03 -14.88
C GLY F 183 16.93 14.66 -15.43
N GLU F 184 15.84 14.58 -16.21
CA GLU F 184 15.39 13.33 -16.82
C GLU F 184 15.32 13.55 -18.32
N SER F 185 16.45 13.35 -19.00
CA SER F 185 16.53 13.59 -20.44
C SER F 185 16.16 12.38 -21.27
N ALA F 186 16.21 11.17 -20.71
CA ALA F 186 15.89 9.96 -21.46
C ALA F 186 15.47 8.87 -20.50
N TYR F 187 14.88 7.82 -21.06
CA TYR F 187 14.50 6.62 -20.32
C TYR F 187 15.13 5.40 -20.99
N ILE F 188 15.73 4.54 -20.18
CA ILE F 188 16.49 3.39 -20.67
C ILE F 188 15.70 2.12 -20.38
N ASN F 189 15.78 1.17 -21.31
CA ASN F 189 15.12 -0.12 -21.21
C ASN F 189 16.14 -1.20 -21.56
N ALA F 190 16.22 -2.23 -20.72
CA ALA F 190 17.23 -3.27 -20.86
C ALA F 190 16.58 -4.63 -21.04
N ASN F 191 16.98 -5.35 -22.08
CA ASN F 191 16.50 -6.70 -22.35
C ASN F 191 17.51 -7.71 -21.80
N VAL F 192 17.06 -8.52 -20.85
CA VAL F 192 17.96 -9.37 -20.07
C VAL F 192 17.42 -10.81 -20.05
N ARG F 193 18.31 -11.74 -19.68
CA ARG F 193 17.95 -13.13 -19.48
C ARG F 193 18.58 -13.63 -18.18
N TYR F 194 17.94 -14.64 -17.59
CA TYR F 194 18.46 -15.31 -16.41
C TYR F 194 18.90 -16.72 -16.79
N TYR F 195 19.99 -17.18 -16.19
CA TYR F 195 20.49 -18.52 -16.45
C TYR F 195 20.86 -19.19 -15.13
N ASN F 196 20.80 -20.52 -15.12
CA ASN F 196 21.09 -21.31 -13.93
C ASN F 196 22.15 -22.33 -14.27
N THR F 197 23.26 -22.31 -13.52
CA THR F 197 24.37 -23.23 -13.75
C THR F 197 24.70 -24.05 -12.51
N GLY F 198 23.72 -24.30 -11.64
CA GLY F 198 23.92 -25.06 -10.43
C GLY F 198 23.33 -26.45 -10.51
N THR F 199 23.11 -27.04 -9.32
CA THR F 199 22.52 -28.38 -9.22
C THR F 199 21.09 -28.35 -8.71
N ALA F 200 20.55 -27.19 -8.37
CA ALA F 200 19.21 -27.12 -7.83
C ALA F 200 18.40 -26.06 -8.57
N PRO F 201 17.10 -26.24 -8.68
CA PRO F 201 16.25 -25.19 -9.27
C PRO F 201 16.01 -24.06 -8.28
N MET F 202 15.69 -22.89 -8.84
CA MET F 202 15.30 -21.74 -8.04
C MET F 202 13.90 -21.31 -8.46
N TYR F 203 13.02 -21.17 -7.48
CA TYR F 203 11.64 -20.74 -7.72
C TYR F 203 11.51 -19.27 -7.32
N LYS F 204 10.74 -18.52 -8.11
CA LYS F 204 10.51 -17.09 -7.88
C LYS F 204 11.83 -16.32 -7.88
N VAL F 205 12.48 -16.32 -9.04
CA VAL F 205 13.78 -15.67 -9.18
C VAL F 205 13.60 -14.15 -9.16
N THR F 206 14.31 -13.48 -8.26
CA THR F 206 14.21 -12.04 -8.09
C THR F 206 15.61 -11.43 -7.99
N PRO F 207 16.27 -11.20 -9.12
CA PRO F 207 17.64 -10.67 -9.09
C PRO F 207 17.70 -9.16 -8.96
N THR F 208 18.82 -8.70 -8.39
CA THR F 208 19.15 -7.28 -8.28
C THR F 208 20.35 -6.98 -9.17
N THR F 209 20.27 -5.88 -9.91
CA THR F 209 21.26 -5.56 -10.93
C THR F 209 21.76 -4.14 -10.79
N ASN F 210 23.03 -3.93 -11.14
CA ASN F 210 23.62 -2.62 -11.29
C ASN F 210 23.59 -2.18 -12.75
N LEU F 211 23.45 -0.87 -12.96
CA LEU F 211 23.59 -0.28 -14.28
C LEU F 211 24.72 0.73 -14.22
N VAL F 212 25.85 0.41 -14.86
CA VAL F 212 27.07 1.19 -14.76
C VAL F 212 27.39 1.74 -16.15
N LEU F 213 27.64 3.05 -16.23
CA LEU F 213 28.00 3.66 -17.51
C LEU F 213 29.50 3.73 -17.70
N ASP F 214 30.19 4.51 -16.86
CA ASP F 214 31.65 4.52 -16.84
C ASP F 214 32.20 4.04 -15.50
N GLY F 215 31.81 4.69 -14.42
CA GLY F 215 32.12 4.24 -13.08
C GLY F 215 30.92 4.57 -12.20
N ASP F 216 29.89 5.12 -12.85
CA ASP F 216 28.70 5.58 -12.16
C ASP F 216 27.63 4.51 -12.22
N THR F 217 27.23 4.01 -11.04
CA THR F 217 26.07 3.12 -10.97
C THR F 217 24.81 3.98 -11.17
N LEU F 218 24.21 3.88 -12.36
CA LEU F 218 23.06 4.71 -12.67
C LEU F 218 21.87 4.38 -11.78
N SER F 219 21.62 3.09 -11.56
CA SER F 219 20.52 2.68 -10.68
C SER F 219 20.70 1.21 -10.33
N THR F 220 20.13 0.84 -9.19
CA THR F 220 20.03 -0.56 -8.77
C THR F 220 18.56 -0.92 -8.63
N ILE F 221 18.15 -1.98 -9.30
CA ILE F 221 16.74 -2.39 -9.35
C ILE F 221 16.64 -3.83 -8.88
N LYS F 222 15.76 -4.08 -7.91
CA LYS F 222 15.31 -5.42 -7.58
C LYS F 222 14.10 -5.74 -8.46
N ALA F 223 14.10 -6.92 -9.06
CA ALA F 223 13.05 -7.28 -10.01
C ALA F 223 11.68 -7.19 -9.39
N GLN F 224 10.75 -6.54 -10.10
CA GLN F 224 9.37 -6.45 -9.63
C GLN F 224 8.60 -7.67 -10.12
N GLU F 225 7.27 -7.66 -9.96
CA GLU F 225 6.45 -8.78 -10.38
C GLU F 225 6.51 -9.02 -11.89
N ASN F 226 6.86 -7.99 -12.66
CA ASN F 226 6.91 -8.14 -14.11
C ASN F 226 8.13 -8.94 -14.56
N GLN F 227 9.20 -8.93 -13.76
CA GLN F 227 10.47 -9.54 -14.15
C GLN F 227 10.85 -10.72 -13.26
N ILE F 228 9.88 -11.35 -12.60
CA ILE F 228 10.13 -12.47 -11.71
C ILE F 228 9.91 -13.77 -12.48
N GLY F 229 10.89 -14.66 -12.43
CA GLY F 229 10.77 -15.95 -13.09
C GLY F 229 10.25 -17.03 -12.17
N ASN F 230 9.13 -17.65 -12.54
CA ASN F 230 8.52 -18.66 -11.68
C ASN F 230 9.42 -19.88 -11.52
N ASN F 231 9.98 -20.37 -12.62
CA ASN F 231 10.78 -21.58 -12.62
C ASN F 231 12.10 -21.34 -13.34
N LEU F 232 13.16 -21.99 -12.86
CA LEU F 232 14.47 -21.92 -13.51
C LEU F 232 15.21 -23.21 -13.15
N SER F 233 15.18 -24.17 -14.05
CA SER F 233 15.87 -25.43 -13.84
C SER F 233 17.36 -25.30 -14.11
N PRO F 234 18.18 -26.17 -13.52
CA PRO F 234 19.61 -26.15 -13.84
C PRO F 234 19.85 -26.41 -15.31
N GLY F 235 20.66 -25.55 -15.93
CA GLY F 235 20.91 -25.63 -17.35
C GLY F 235 19.84 -25.01 -18.22
N ASP F 236 18.80 -24.42 -17.63
CA ASP F 236 17.73 -23.77 -18.36
C ASP F 236 17.94 -22.26 -18.34
N THR F 237 16.98 -21.53 -18.89
CA THR F 237 17.08 -20.09 -19.02
C THR F 237 15.67 -19.49 -18.93
N TYR F 238 15.54 -18.36 -18.26
CA TYR F 238 14.29 -17.62 -18.23
C TYR F 238 14.49 -16.28 -18.92
N PRO F 239 13.76 -15.98 -20.01
CA PRO F 239 12.76 -16.84 -20.64
C PRO F 239 13.40 -18.03 -21.36
N LYS F 240 12.62 -19.10 -21.56
CA LYS F 240 13.13 -20.32 -22.15
C LYS F 240 13.78 -20.05 -23.51
N LYS F 241 14.67 -20.96 -23.91
CA LYS F 241 15.34 -20.83 -25.19
C LYS F 241 14.34 -20.83 -26.32
N GLY F 242 14.50 -19.89 -27.25
CA GLY F 242 13.55 -19.71 -28.34
C GLY F 242 12.60 -18.55 -28.16
N LEU F 243 12.57 -17.93 -26.98
CA LEU F 243 11.74 -16.77 -26.71
C LEU F 243 12.61 -15.52 -26.62
N SER F 244 11.94 -14.37 -26.66
CA SER F 244 12.64 -13.10 -26.60
C SER F 244 12.99 -12.74 -25.16
N PRO F 245 14.05 -11.95 -24.96
CA PRO F 245 14.40 -11.52 -23.60
C PRO F 245 13.33 -10.61 -23.01
N LEU F 246 13.24 -10.63 -21.68
CA LEU F 246 12.28 -9.78 -20.99
C LEU F 246 12.79 -8.34 -20.92
N ALA F 247 11.87 -7.43 -20.63
CA ALA F 247 12.17 -6.01 -20.57
C ALA F 247 12.15 -5.54 -19.12
N LEU F 248 13.20 -4.83 -18.71
CA LEU F 248 13.29 -4.21 -17.40
C LEU F 248 13.38 -2.71 -17.61
N ASN F 249 12.25 -2.01 -17.43
CA ASN F 249 12.18 -0.58 -17.72
C ASN F 249 11.56 0.24 -16.60
N THR F 250 11.33 -0.33 -15.43
CA THR F 250 10.77 0.39 -14.30
C THR F 250 11.63 0.16 -13.07
N MET F 251 11.64 1.15 -12.17
CA MET F 251 12.50 1.10 -11.00
C MET F 251 11.76 1.08 -9.67
N ASP F 252 10.48 1.46 -9.63
CA ASP F 252 9.80 1.53 -8.35
C ASP F 252 9.24 0.16 -7.96
N GLN F 253 8.61 0.11 -6.78
CA GLN F 253 8.08 -1.15 -6.28
C GLN F 253 6.83 -1.59 -7.01
N PHE F 254 6.10 -0.67 -7.65
CA PHE F 254 4.84 -0.99 -8.30
C PHE F 254 4.91 -0.85 -9.82
N SER F 255 6.12 -0.81 -10.38
CA SER F 255 6.32 -0.79 -11.83
C SER F 255 5.59 0.38 -12.49
N SER F 256 5.68 1.56 -11.90
CA SER F 256 4.99 2.74 -12.41
C SER F 256 5.91 3.89 -12.78
N ARG F 257 7.20 3.81 -12.47
CA ARG F 257 8.17 4.86 -12.80
C ARG F 257 9.28 4.27 -13.64
N LEU F 258 9.56 4.91 -14.78
CA LEU F 258 10.64 4.47 -15.64
C LEU F 258 11.99 4.91 -15.07
N ILE F 259 13.06 4.44 -15.70
CA ILE F 259 14.42 4.67 -15.22
C ILE F 259 15.00 5.85 -16.00
N PRO F 260 15.25 7.00 -15.37
CA PRO F 260 15.78 8.16 -16.08
C PRO F 260 17.30 8.23 -16.05
N ILE F 261 17.84 9.05 -16.95
CA ILE F 261 19.26 9.36 -17.00
C ILE F 261 19.43 10.86 -17.22
N ASN F 262 20.65 11.33 -17.05
CA ASN F 262 20.96 12.76 -17.13
C ASN F 262 21.15 13.20 -18.58
N TYR F 263 21.39 14.50 -18.74
CA TYR F 263 21.76 15.04 -20.05
C TYR F 263 23.20 14.68 -20.38
N ASP F 264 24.10 14.75 -19.40
CA ASP F 264 25.49 14.36 -19.62
C ASP F 264 25.61 12.85 -19.86
N GLN F 265 24.84 12.06 -19.12
CA GLN F 265 24.83 10.62 -19.37
C GLN F 265 24.26 10.31 -20.75
N LEU F 266 23.24 11.06 -21.17
CA LEU F 266 22.72 10.90 -22.52
C LEU F 266 23.77 11.22 -23.56
N LYS F 267 24.55 12.29 -23.33
CA LYS F 267 25.63 12.63 -24.26
C LYS F 267 26.69 11.53 -24.31
N LYS F 268 27.03 10.96 -23.15
CA LYS F 268 27.99 9.87 -23.12
C LYS F 268 27.46 8.66 -23.91
N LEU F 269 26.16 8.35 -23.75
CA LEU F 269 25.58 7.26 -24.51
C LEU F 269 25.59 7.55 -26.01
N ASP F 270 25.33 8.80 -26.38
CA ASP F 270 25.39 9.21 -27.78
C ASP F 270 26.79 9.17 -28.36
N ALA F 271 27.82 9.30 -27.53
CA ALA F 271 29.21 9.21 -27.99
C ALA F 271 29.62 7.77 -28.32
N GLY F 272 28.74 6.80 -28.11
CA GLY F 272 29.04 5.41 -28.39
C GLY F 272 29.38 4.57 -27.18
N LYS F 273 29.37 5.16 -25.98
CA LYS F 273 29.65 4.40 -24.77
C LYS F 273 28.52 3.42 -24.48
N GLN F 274 28.87 2.34 -23.80
CA GLN F 274 27.94 1.26 -23.50
C GLN F 274 27.66 1.19 -22.00
N ILE F 275 26.49 0.66 -21.67
CA ILE F 275 26.08 0.43 -20.29
C ILE F 275 26.30 -1.04 -19.97
N LYS F 276 26.95 -1.30 -18.83
CA LYS F 276 27.21 -2.67 -18.38
C LYS F 276 26.24 -3.03 -17.27
N LEU F 277 25.72 -4.25 -17.32
CA LEU F 277 24.79 -4.76 -16.32
C LEU F 277 25.51 -5.78 -15.45
N GLU F 278 25.57 -5.51 -14.16
CA GLU F 278 26.15 -6.43 -13.19
C GLU F 278 25.06 -6.86 -12.21
N THR F 279 24.96 -8.16 -11.98
CA THR F 279 24.03 -8.70 -11.00
C THR F 279 24.74 -8.86 -9.67
N THR F 280 24.13 -8.33 -8.61
CA THR F 280 24.73 -8.32 -7.28
C THR F 280 24.20 -9.42 -6.37
N GLN F 281 22.91 -9.73 -6.46
CA GLN F 281 22.31 -10.78 -5.66
C GLN F 281 21.05 -11.26 -6.36
N VAL F 282 20.63 -12.49 -6.01
CA VAL F 282 19.44 -13.09 -6.57
C VAL F 282 18.64 -13.72 -5.43
N SER F 283 17.34 -13.43 -5.38
CA SER F 283 16.43 -14.05 -4.44
C SER F 283 15.74 -15.24 -5.10
N GLY F 284 15.26 -16.15 -4.26
CA GLY F 284 14.58 -17.33 -4.78
C GLY F 284 14.22 -18.27 -3.65
N ASN F 285 13.40 -19.26 -4.00
CA ASN F 285 12.88 -20.22 -3.04
C ASN F 285 13.24 -21.64 -3.46
N PHE F 286 13.25 -22.53 -2.49
CA PHE F 286 13.35 -23.97 -2.72
C PHE F 286 12.09 -24.65 -2.23
N GLY F 287 11.91 -25.91 -2.63
CA GLY F 287 10.73 -26.68 -2.28
C GLY F 287 11.08 -27.81 -1.34
N THR F 288 10.24 -27.99 -0.32
CA THR F 288 10.37 -29.08 0.65
C THR F 288 9.21 -30.04 0.43
N LYS F 289 9.53 -31.30 0.15
CA LYS F 289 8.54 -32.26 -0.30
C LYS F 289 8.09 -33.15 0.85
N ASN F 290 6.78 -33.14 1.12
CA ASN F 290 6.21 -34.02 2.12
C ASN F 290 6.20 -35.46 1.62
N SER F 291 6.04 -36.39 2.56
CA SER F 291 5.94 -37.81 2.20
C SER F 291 4.69 -38.14 1.40
N SER F 292 3.70 -37.24 1.37
CA SER F 292 2.52 -37.42 0.53
C SER F 292 2.65 -36.75 -0.83
N GLY F 293 3.80 -36.14 -1.13
CA GLY F 293 4.02 -35.53 -2.42
C GLY F 293 3.73 -34.06 -2.51
N GLN F 294 3.38 -33.41 -1.41
CA GLN F 294 3.10 -31.97 -1.44
C GLN F 294 4.39 -31.17 -1.39
N ILE F 295 4.48 -30.15 -2.21
CA ILE F 295 5.65 -29.28 -2.31
C ILE F 295 5.24 -27.86 -1.98
N VAL F 296 5.91 -27.26 -1.00
CA VAL F 296 5.67 -25.87 -0.62
C VAL F 296 6.98 -25.11 -0.77
N THR F 297 6.92 -23.98 -1.47
CA THR F 297 8.08 -23.14 -1.68
C THR F 297 7.99 -21.79 -0.97
N GLU F 298 6.84 -21.45 -0.40
CA GLU F 298 6.67 -20.15 0.22
C GLU F 298 7.39 -20.11 1.57
N GLY F 299 8.20 -19.08 1.77
CA GLY F 299 8.94 -18.94 3.01
C GLY F 299 10.20 -19.78 3.12
N ASN F 300 10.62 -20.42 2.04
CA ASN F 300 11.84 -21.22 2.01
C ASN F 300 12.88 -20.47 1.18
N SER F 301 13.65 -19.62 1.83
CA SER F 301 14.57 -18.71 1.14
C SER F 301 15.98 -19.30 1.06
N TRP F 302 16.61 -19.12 -0.10
CA TRP F 302 17.99 -19.59 -0.29
C TRP F 302 19.00 -18.71 0.42
N SER F 303 18.64 -17.45 0.66
CA SER F 303 19.58 -16.52 1.30
C SER F 303 19.90 -16.92 2.73
N ASP F 304 19.06 -17.72 3.37
CA ASP F 304 19.38 -18.22 4.69
C ASP F 304 20.46 -19.29 4.66
N TYR F 305 20.72 -19.88 3.50
CA TYR F 305 21.72 -20.94 3.36
C TYR F 305 22.93 -20.55 2.53
N ILE F 306 22.87 -19.43 1.80
CA ILE F 306 23.98 -19.06 0.92
C ILE F 306 25.26 -18.88 1.72
N SER F 307 25.22 -18.11 2.81
CA SER F 307 26.42 -17.84 3.59
C SER F 307 26.96 -19.11 4.24
N GLN F 308 26.07 -19.91 4.83
CA GLN F 308 26.51 -21.14 5.49
C GLN F 308 27.13 -22.11 4.50
N ILE F 309 26.55 -22.22 3.30
CA ILE F 309 27.12 -23.10 2.29
C ILE F 309 28.49 -22.60 1.84
N ASP F 310 28.59 -21.30 1.53
CA ASP F 310 29.86 -20.76 1.04
C ASP F 310 30.94 -20.77 2.10
N SER F 311 30.57 -20.82 3.39
CA SER F 311 31.58 -20.78 4.44
C SER F 311 32.36 -22.09 4.54
N ILE F 312 31.72 -23.22 4.27
CA ILE F 312 32.30 -24.53 4.52
C ILE F 312 32.57 -25.32 3.24
N SER F 313 32.47 -24.65 2.08
CA SER F 313 32.59 -25.33 0.80
C SER F 313 33.80 -24.81 0.03
N ALA F 314 34.17 -25.56 -1.00
CA ALA F 314 35.18 -25.15 -1.97
C ALA F 314 34.52 -25.09 -3.34
N SER F 315 34.70 -23.96 -4.03
CA SER F 315 34.03 -23.74 -5.30
C SER F 315 34.85 -24.34 -6.45
N ILE F 316 34.20 -25.18 -7.25
CA ILE F 316 34.83 -25.82 -8.40
C ILE F 316 33.95 -25.55 -9.61
N ILE F 317 34.57 -25.12 -10.71
CA ILE F 317 33.86 -24.78 -11.94
C ILE F 317 34.44 -25.58 -13.09
N LEU F 318 33.57 -26.16 -13.91
CA LEU F 318 33.95 -26.82 -15.14
C LEU F 318 33.45 -25.99 -16.31
N ASP F 319 34.36 -25.61 -17.21
CA ASP F 319 34.06 -24.73 -18.33
C ASP F 319 34.33 -25.50 -19.62
N THR F 320 33.29 -26.10 -20.17
CA THR F 320 33.39 -26.78 -21.45
C THR F 320 32.89 -25.85 -22.56
N GLU F 321 32.84 -26.35 -23.80
CA GLU F 321 32.30 -25.56 -24.89
C GLU F 321 30.81 -25.35 -24.69
N ASN F 322 30.36 -24.12 -24.96
CA ASN F 322 28.97 -23.67 -24.90
C ASN F 322 28.16 -24.28 -23.76
N GLU F 323 28.78 -24.42 -22.58
CA GLU F 323 28.11 -24.88 -21.37
C GLU F 323 29.07 -24.72 -20.20
N SER F 324 28.54 -24.38 -19.04
CA SER F 324 29.35 -24.22 -17.84
C SER F 324 28.59 -24.78 -16.64
N TYR F 325 29.34 -25.25 -15.64
CA TYR F 325 28.79 -25.78 -14.41
C TYR F 325 29.53 -25.20 -13.23
N GLU F 326 28.79 -24.93 -12.15
CA GLU F 326 29.37 -24.45 -10.90
C GLU F 326 28.92 -25.36 -9.77
N ARG F 327 29.86 -25.78 -8.94
CA ARG F 327 29.60 -26.74 -7.88
C ARG F 327 30.24 -26.28 -6.57
N ARG F 328 29.68 -26.79 -5.47
CA ARG F 328 30.23 -26.57 -4.14
C ARG F 328 30.42 -27.93 -3.47
N VAL F 329 31.61 -28.17 -2.94
CA VAL F 329 31.95 -29.43 -2.30
C VAL F 329 32.40 -29.14 -0.87
N THR F 330 31.86 -29.89 0.08
CA THR F 330 32.21 -29.70 1.48
C THR F 330 33.67 -30.08 1.72
N ALA F 331 34.36 -29.26 2.49
CA ALA F 331 35.77 -29.46 2.80
C ALA F 331 35.97 -29.54 4.30
N LYS F 332 36.86 -30.42 4.73
CA LYS F 332 37.12 -30.59 6.15
C LYS F 332 37.99 -29.46 6.68
N ASN F 333 37.69 -29.04 7.91
CA ASN F 333 38.50 -28.05 8.61
C ASN F 333 39.39 -28.80 9.60
N LEU F 334 40.69 -28.82 9.33
CA LEU F 334 41.62 -29.58 10.18
C LEU F 334 41.87 -28.90 11.52
N GLN F 335 41.59 -27.59 11.63
CA GLN F 335 41.77 -26.91 12.90
C GLN F 335 40.78 -27.40 13.96
N ASP F 336 39.61 -27.88 13.55
CA ASP F 336 38.58 -28.32 14.47
C ASP F 336 38.65 -29.83 14.62
N PRO F 337 38.98 -30.36 15.81
CA PRO F 337 38.96 -31.81 16.00
C PRO F 337 37.57 -32.42 15.96
N GLU F 338 36.52 -31.63 16.10
CA GLU F 338 35.15 -32.14 16.15
C GLU F 338 34.44 -32.06 14.80
N ASP F 339 35.16 -31.70 13.74
CA ASP F 339 34.60 -31.67 12.39
C ASP F 339 34.79 -33.05 11.78
N LYS F 340 33.74 -33.86 11.82
CA LYS F 340 33.79 -35.24 11.37
C LYS F 340 33.40 -35.42 9.91
N THR F 341 33.41 -34.34 9.13
CA THR F 341 33.08 -34.45 7.72
C THR F 341 34.16 -35.24 6.99
N PRO F 342 33.80 -36.00 5.96
CA PRO F 342 34.81 -36.82 5.27
C PRO F 342 35.84 -35.98 4.54
N GLU F 343 37.01 -36.57 4.35
CA GLU F 343 38.15 -35.91 3.73
C GLU F 343 38.27 -36.35 2.28
N LEU F 344 38.46 -35.38 1.39
CA LEU F 344 38.51 -35.64 -0.05
C LEU F 344 39.74 -34.97 -0.66
N THR F 345 40.28 -35.61 -1.69
CA THR F 345 41.29 -34.99 -2.53
C THR F 345 40.61 -34.20 -3.64
N ILE F 346 41.40 -33.50 -4.45
CA ILE F 346 40.83 -32.71 -5.53
C ILE F 346 40.20 -33.62 -6.58
N GLY F 347 40.83 -34.75 -6.88
CA GLY F 347 40.28 -35.66 -7.86
C GLY F 347 38.93 -36.22 -7.44
N GLU F 348 38.85 -36.68 -6.19
CA GLU F 348 37.59 -37.22 -5.69
C GLU F 348 36.50 -36.16 -5.64
N ALA F 349 36.87 -34.94 -5.25
CA ALA F 349 35.90 -33.85 -5.22
C ALA F 349 35.38 -33.54 -6.61
N ILE F 350 36.26 -33.51 -7.61
CA ILE F 350 35.83 -33.27 -8.99
C ILE F 350 34.91 -34.38 -9.46
N GLU F 351 35.29 -35.64 -9.20
CA GLU F 351 34.49 -36.77 -9.65
C GLU F 351 33.11 -36.76 -9.00
N LYS F 352 33.03 -36.40 -7.72
CA LYS F 352 31.73 -36.33 -7.05
C LYS F 352 30.90 -35.15 -7.56
N ALA F 353 31.55 -34.01 -7.79
CA ALA F 353 30.81 -32.80 -8.14
C ALA F 353 30.25 -32.86 -9.54
N PHE F 354 31.05 -33.29 -10.51
CA PHE F 354 30.64 -33.27 -11.91
C PHE F 354 30.13 -34.62 -12.40
N GLY F 355 30.01 -35.61 -11.50
CA GLY F 355 29.51 -36.91 -11.90
C GLY F 355 30.36 -37.61 -12.93
N ALA F 356 31.67 -37.37 -12.91
CA ALA F 356 32.56 -38.02 -13.86
C ALA F 356 32.76 -39.48 -13.50
N THR F 357 33.12 -40.28 -14.50
CA THR F 357 33.37 -41.70 -14.33
C THR F 357 34.84 -42.00 -14.56
N LYS F 358 35.25 -43.20 -14.17
CA LYS F 358 36.63 -43.66 -14.28
C LYS F 358 36.73 -44.76 -15.34
N LYS F 359 37.61 -44.57 -16.30
CA LYS F 359 37.90 -45.59 -17.31
C LYS F 359 39.12 -46.41 -16.93
N ASP F 360 40.28 -45.77 -16.81
CA ASP F 360 41.54 -46.44 -16.51
C ASP F 360 42.34 -45.62 -15.50
N GLY F 361 41.65 -45.13 -14.47
CA GLY F 361 42.27 -44.23 -13.52
C GLY F 361 42.28 -42.77 -13.94
N LEU F 362 41.68 -42.45 -15.08
CA LEU F 362 41.56 -41.08 -15.55
C LEU F 362 40.09 -40.71 -15.67
N LEU F 363 39.78 -39.45 -15.36
CA LEU F 363 38.40 -38.99 -15.28
C LEU F 363 37.92 -38.54 -16.64
N TYR F 364 36.68 -38.90 -16.98
CA TYR F 364 36.01 -38.44 -18.18
C TYR F 364 34.64 -37.90 -17.78
N PHE F 365 34.28 -36.72 -18.33
CA PHE F 365 33.02 -36.10 -17.94
C PHE F 365 31.84 -36.79 -18.64
N ASN F 366 31.77 -36.66 -19.96
CA ASN F 366 30.89 -37.49 -20.77
C ASN F 366 31.70 -38.32 -21.75
N ASP F 367 32.50 -37.67 -22.60
CA ASP F 367 33.54 -38.31 -23.38
C ASP F 367 34.79 -37.46 -23.46
N ILE F 368 34.88 -36.39 -22.69
CA ILE F 368 36.01 -35.47 -22.68
C ILE F 368 36.97 -35.88 -21.56
N PRO F 369 38.27 -35.97 -21.83
CA PRO F 369 39.22 -36.21 -20.73
C PRO F 369 39.37 -34.95 -19.89
N ILE F 370 39.01 -35.05 -18.61
CA ILE F 370 39.12 -33.94 -17.69
C ILE F 370 40.24 -34.17 -16.67
N ASP F 371 41.20 -35.03 -17.00
CA ASP F 371 42.35 -35.24 -16.15
C ASP F 371 43.22 -33.98 -16.13
N GLU F 372 43.99 -33.83 -15.05
CA GLU F 372 44.77 -32.61 -14.84
C GLU F 372 45.76 -32.35 -15.96
N SER F 373 46.18 -33.38 -16.69
CA SER F 373 47.11 -33.22 -17.80
C SER F 373 46.42 -32.97 -19.13
N CYS F 374 45.08 -33.06 -19.17
CA CYS F 374 44.33 -32.83 -20.39
C CYS F 374 43.61 -31.50 -20.43
N VAL F 375 43.57 -30.78 -19.31
CA VAL F 375 42.84 -29.52 -19.20
C VAL F 375 43.77 -28.46 -18.62
N GLU F 376 43.26 -27.23 -18.55
CA GLU F 376 43.97 -26.12 -17.94
C GLU F 376 43.31 -25.79 -16.60
N LEU F 377 44.09 -25.84 -15.54
CA LEU F 377 43.59 -25.58 -14.19
C LEU F 377 43.98 -24.17 -13.77
N ILE F 378 42.99 -23.38 -13.39
CA ILE F 378 43.18 -21.98 -13.00
C ILE F 378 42.82 -21.85 -11.53
N PHE F 379 43.73 -21.25 -10.75
CA PHE F 379 43.52 -21.02 -9.33
C PHE F 379 43.73 -19.55 -9.02
N ASP F 380 43.10 -19.09 -7.95
CA ASP F 380 43.43 -17.78 -7.41
C ASP F 380 44.73 -17.88 -6.62
N ASP F 381 45.15 -16.76 -6.02
CA ASP F 381 46.44 -16.71 -5.34
C ASP F 381 46.50 -17.69 -4.17
N ASN F 382 45.44 -17.74 -3.36
CA ASN F 382 45.47 -18.56 -2.15
C ASN F 382 45.44 -20.04 -2.49
N THR F 383 44.59 -20.45 -3.44
CA THR F 383 44.55 -21.85 -3.84
C THR F 383 45.87 -22.28 -4.45
N ALA F 384 46.46 -21.42 -5.29
CA ALA F 384 47.75 -21.75 -5.89
C ALA F 384 48.82 -21.90 -4.81
N ASN F 385 48.84 -21.01 -3.83
CA ASN F 385 49.82 -21.11 -2.76
C ASN F 385 49.63 -22.39 -1.95
N LYS F 386 48.38 -22.72 -1.63
CA LYS F 386 48.10 -23.94 -0.88
C LYS F 386 48.53 -25.18 -1.65
N ILE F 387 48.23 -25.22 -2.95
CA ILE F 387 48.61 -26.37 -3.77
C ILE F 387 50.12 -26.48 -3.86
N LYS F 388 50.81 -25.35 -4.05
CA LYS F 388 52.26 -25.35 -4.12
C LYS F 388 52.87 -25.86 -2.83
N ASP F 389 52.33 -25.41 -1.68
CA ASP F 389 52.83 -25.86 -0.39
C ASP F 389 52.58 -27.35 -0.18
N SER F 390 51.40 -27.84 -0.56
CA SER F 390 51.06 -29.23 -0.31
C SER F 390 51.70 -30.20 -1.29
N LEU F 391 52.14 -29.73 -2.45
CA LEU F 391 52.75 -30.63 -3.43
C LEU F 391 54.10 -31.15 -2.96
N LYS F 392 54.87 -30.31 -2.26
CA LYS F 392 56.24 -30.70 -1.88
C LYS F 392 56.23 -31.89 -0.94
N THR F 393 55.27 -31.97 -0.03
CA THR F 393 55.19 -33.07 0.91
C THR F 393 54.47 -34.29 0.35
N LEU F 394 53.99 -34.22 -0.89
CA LEU F 394 53.25 -35.32 -1.49
C LEU F 394 54.18 -36.24 -2.26
N SER F 395 53.93 -37.54 -2.14
CA SER F 395 54.77 -38.55 -2.77
C SER F 395 54.49 -38.69 -4.27
N ASP F 396 53.24 -38.46 -4.70
CA ASP F 396 52.89 -38.65 -6.09
C ASP F 396 53.06 -37.39 -6.94
N LYS F 397 53.17 -36.22 -6.32
CA LYS F 397 53.35 -34.95 -7.03
C LYS F 397 52.25 -34.71 -8.05
N LYS F 398 51.01 -35.05 -7.69
CA LYS F 398 49.85 -34.83 -8.53
C LYS F 398 48.90 -33.87 -7.85
N ILE F 399 48.42 -32.88 -8.61
CA ILE F 399 47.49 -31.89 -8.05
C ILE F 399 46.19 -32.56 -7.61
N TYR F 400 45.76 -33.59 -8.34
CA TYR F 400 44.52 -34.29 -8.01
C TYR F 400 44.63 -35.08 -6.71
N ASN F 401 45.84 -35.29 -6.19
CA ASN F 401 46.03 -35.97 -4.92
C ASN F 401 46.15 -35.02 -3.74
N VAL F 402 46.02 -33.72 -3.97
CA VAL F 402 46.11 -32.74 -2.91
C VAL F 402 44.78 -32.66 -2.17
N LYS F 403 44.84 -32.59 -0.84
CA LYS F 403 43.63 -32.55 -0.03
C LYS F 403 42.86 -31.26 -0.27
N LEU F 404 41.55 -31.39 -0.45
CA LEU F 404 40.68 -30.24 -0.63
C LEU F 404 40.52 -29.47 0.67
N GLU F 405 40.52 -28.14 0.58
CA GLU F 405 40.38 -27.29 1.75
C GLU F 405 39.33 -26.22 1.48
N ARG F 406 38.86 -25.60 2.56
CA ARG F 406 37.81 -24.59 2.45
C ARG F 406 38.32 -23.33 1.77
N GLY F 407 37.47 -22.73 0.94
CA GLY F 407 37.80 -21.49 0.28
C GLY F 407 38.55 -21.62 -1.03
N MET F 408 38.81 -22.84 -1.49
CA MET F 408 39.55 -23.02 -2.74
C MET F 408 38.73 -22.57 -3.94
N ASN F 409 39.41 -22.03 -4.94
CA ASN F 409 38.80 -21.58 -6.19
C ASN F 409 39.50 -22.27 -7.34
N ILE F 410 38.81 -23.19 -8.00
CA ILE F 410 39.38 -23.97 -9.11
C ILE F 410 38.50 -23.76 -10.33
N LEU F 411 39.12 -23.45 -11.46
CA LEU F 411 38.43 -23.34 -12.74
C LEU F 411 39.07 -24.30 -13.73
N ILE F 412 38.23 -25.09 -14.40
CA ILE F 412 38.69 -26.09 -15.36
C ILE F 412 38.16 -25.70 -16.73
N LYS F 413 39.07 -25.45 -17.67
CA LYS F 413 38.72 -25.02 -19.02
C LYS F 413 39.20 -26.09 -19.99
N THR F 414 38.27 -26.91 -20.49
CA THR F 414 38.63 -27.99 -21.40
C THR F 414 39.11 -27.41 -22.74
N PRO F 415 40.08 -28.04 -23.38
CA PRO F 415 40.63 -27.49 -24.62
C PRO F 415 39.67 -27.62 -25.79
N THR F 416 39.87 -26.74 -26.78
CA THR F 416 39.10 -26.82 -28.01
C THR F 416 39.55 -28.01 -28.86
N TYR F 417 40.87 -28.18 -29.00
CA TYR F 417 41.44 -29.31 -29.73
C TYR F 417 42.52 -29.94 -28.87
N PHE F 418 42.43 -31.26 -28.71
CA PHE F 418 43.34 -31.99 -27.84
C PHE F 418 43.67 -33.33 -28.47
N THR F 419 44.86 -33.84 -28.17
CA THR F 419 45.25 -35.17 -28.61
C THR F 419 46.24 -35.77 -27.62
N ASN F 420 46.09 -37.06 -27.36
CA ASN F 420 47.01 -37.82 -26.53
C ASN F 420 47.69 -38.95 -27.29
N PHE F 421 47.36 -39.13 -28.57
CA PHE F 421 47.99 -40.06 -29.48
C PHE F 421 47.72 -41.53 -29.13
N ASP F 422 46.73 -41.80 -28.28
CA ASP F 422 46.32 -43.18 -28.00
C ASP F 422 44.90 -43.45 -28.48
N ASP F 423 43.92 -42.66 -28.02
CA ASP F 423 42.53 -42.90 -28.33
C ASP F 423 41.73 -41.65 -28.60
N TYR F 424 42.26 -40.46 -28.38
CA TYR F 424 41.51 -39.21 -28.48
C TYR F 424 42.28 -38.23 -29.34
N ASN F 425 41.71 -37.87 -30.50
CA ASN F 425 42.25 -36.82 -31.34
C ASN F 425 41.10 -35.90 -31.75
N ASN F 426 41.27 -34.60 -31.53
CA ASN F 426 40.22 -33.64 -31.78
C ASN F 426 40.60 -32.60 -32.83
N TYR F 427 41.85 -32.57 -33.27
CA TYR F 427 42.25 -31.57 -34.25
C TYR F 427 41.54 -31.81 -35.58
N PRO F 428 41.19 -30.75 -36.31
CA PRO F 428 40.58 -30.96 -37.63
C PRO F 428 41.57 -31.51 -38.65
N SER F 429 42.80 -31.00 -38.65
CA SER F 429 43.83 -31.46 -39.57
C SER F 429 44.64 -32.59 -38.94
N THR F 430 45.72 -32.98 -39.59
CA THR F 430 46.61 -34.02 -39.10
C THR F 430 48.04 -33.53 -39.10
N TRP F 431 48.79 -33.90 -38.06
CA TRP F 431 50.19 -33.50 -37.97
C TRP F 431 51.02 -34.24 -39.02
N SER F 432 52.23 -33.73 -39.26
CA SER F 432 53.04 -34.25 -40.36
C SER F 432 53.77 -35.53 -39.96
N ASN F 433 54.65 -35.43 -38.96
CA ASN F 433 55.45 -36.57 -38.50
C ASN F 433 54.81 -37.09 -37.22
N VAL F 434 54.48 -38.39 -37.21
CA VAL F 434 53.91 -39.04 -36.03
C VAL F 434 54.62 -40.39 -35.84
N ASN F 435 55.12 -40.63 -34.63
CA ASN F 435 55.77 -41.89 -34.27
C ASN F 435 55.16 -42.37 -32.96
N THR F 436 54.05 -43.10 -33.06
CA THR F 436 53.29 -43.57 -31.91
C THR F 436 53.48 -45.06 -31.65
N THR F 437 54.63 -45.61 -32.05
CA THR F 437 54.89 -47.05 -31.96
C THR F 437 55.63 -47.43 -30.67
N ASN F 438 55.48 -46.64 -29.60
CA ASN F 438 56.18 -46.89 -28.36
C ASN F 438 55.25 -46.65 -27.19
N GLN F 439 55.66 -47.16 -26.02
CA GLN F 439 54.94 -46.94 -24.77
C GLN F 439 55.81 -46.04 -23.91
N ASP F 440 55.70 -44.74 -24.12
CA ASP F 440 56.47 -43.76 -23.38
C ASP F 440 55.68 -42.46 -23.30
N GLY F 441 56.02 -41.63 -22.33
CA GLY F 441 55.33 -40.39 -22.10
C GLY F 441 54.39 -40.46 -20.92
N LEU F 442 53.50 -39.47 -20.86
CA LEU F 442 52.47 -39.46 -19.82
C LEU F 442 51.60 -40.71 -19.92
N GLN F 443 51.10 -41.00 -21.12
CA GLN F 443 50.43 -42.26 -21.42
C GLN F 443 50.88 -42.69 -22.82
N GLY F 444 51.97 -43.45 -22.88
CA GLY F 444 52.29 -44.25 -24.05
C GLY F 444 52.25 -43.52 -25.39
N SER F 445 52.91 -42.36 -25.49
CA SER F 445 52.89 -41.63 -26.74
C SER F 445 54.07 -40.66 -26.80
N ALA F 446 54.77 -40.65 -27.93
CA ALA F 446 55.96 -39.83 -28.11
C ALA F 446 55.77 -38.76 -29.18
N ASN F 447 55.46 -39.15 -30.41
CA ASN F 447 55.29 -38.25 -31.55
C ASN F 447 56.42 -37.22 -31.64
N LYS F 448 57.63 -37.75 -31.85
CA LYS F 448 58.77 -36.90 -32.15
C LYS F 448 59.90 -37.78 -32.66
N LEU F 449 60.56 -37.33 -33.73
CA LEU F 449 61.67 -38.04 -34.35
C LEU F 449 62.62 -37.01 -34.94
N ASN F 450 63.57 -37.46 -35.76
CA ASN F 450 64.55 -36.54 -36.35
C ASN F 450 63.86 -35.43 -37.15
N GLY F 451 62.93 -35.82 -38.02
CA GLY F 451 62.13 -34.84 -38.71
C GLY F 451 61.19 -34.11 -37.76
N GLU F 452 60.62 -33.02 -38.26
CA GLU F 452 59.85 -32.11 -37.42
C GLU F 452 58.35 -32.22 -37.74
N THR F 453 57.56 -31.50 -36.97
CA THR F 453 56.11 -31.58 -37.03
C THR F 453 55.50 -30.20 -37.21
N LYS F 454 54.51 -30.10 -38.10
CA LYS F 454 53.87 -28.84 -38.42
C LYS F 454 52.42 -29.10 -38.79
N ILE F 455 51.54 -28.20 -38.36
CA ILE F 455 50.10 -28.36 -38.55
C ILE F 455 49.51 -27.06 -39.07
N LYS F 456 48.50 -27.17 -39.93
CA LYS F 456 47.71 -26.03 -40.39
C LYS F 456 46.32 -26.11 -39.78
N ILE F 457 45.89 -25.02 -39.17
CA ILE F 457 44.51 -24.87 -38.70
C ILE F 457 43.72 -24.12 -39.77
N PRO F 458 42.65 -24.69 -40.31
CA PRO F 458 41.89 -24.01 -41.38
C PRO F 458 41.42 -22.62 -41.02
N MET F 459 41.38 -22.27 -39.73
CA MET F 459 41.15 -20.91 -39.24
C MET F 459 39.69 -20.51 -39.49
N SER F 460 38.95 -21.36 -40.21
CA SER F 460 37.55 -21.11 -40.48
C SER F 460 36.63 -21.63 -39.37
N GLU F 461 37.20 -22.13 -38.28
CA GLU F 461 36.43 -22.69 -37.18
C GLU F 461 36.88 -22.16 -35.83
N LEU F 462 37.73 -21.13 -35.81
CA LEU F 462 38.20 -20.52 -34.57
C LEU F 462 37.59 -19.13 -34.42
N LYS F 463 37.59 -18.62 -33.20
CA LYS F 463 37.01 -17.32 -32.93
C LYS F 463 37.85 -16.23 -33.62
N PRO F 464 37.20 -15.21 -34.19
CA PRO F 464 37.96 -14.19 -34.95
C PRO F 464 38.96 -13.40 -34.11
N TYR F 465 38.48 -12.77 -33.05
CA TYR F 465 39.31 -11.93 -32.18
C TYR F 465 39.32 -12.56 -30.79
N LYS F 466 40.27 -13.44 -30.53
CA LYS F 466 40.32 -14.05 -29.20
C LYS F 466 41.69 -14.66 -28.98
N ARG F 467 42.10 -14.71 -27.72
CA ARG F 467 43.42 -15.17 -27.31
C ARG F 467 43.37 -16.64 -26.94
N TYR F 468 44.28 -17.44 -27.50
CA TYR F 468 44.32 -18.87 -27.27
C TYR F 468 45.60 -19.25 -26.52
N VAL F 469 45.75 -20.55 -26.27
CA VAL F 469 46.95 -21.12 -25.67
C VAL F 469 47.27 -22.42 -26.39
N PHE F 470 48.55 -22.63 -26.71
CA PHE F 470 49.03 -23.91 -27.21
C PHE F 470 49.93 -24.52 -26.16
N SER F 471 49.49 -25.66 -25.59
CA SER F 471 50.19 -26.29 -24.49
C SER F 471 50.52 -27.73 -24.84
N GLY F 472 51.35 -28.35 -24.01
CA GLY F 472 51.76 -29.72 -24.24
C GLY F 472 52.83 -30.12 -23.25
N TYR F 473 53.34 -31.34 -23.43
CA TYR F 473 54.37 -31.90 -22.57
C TYR F 473 55.59 -32.26 -23.42
N SER F 474 56.77 -32.00 -22.88
CA SER F 474 58.02 -32.32 -23.56
C SER F 474 59.05 -32.80 -22.55
N LYS F 475 59.53 -34.03 -22.72
CA LYS F 475 60.53 -34.61 -21.83
C LYS F 475 61.72 -35.08 -22.66
N ASP F 476 62.92 -34.67 -22.25
CA ASP F 476 64.14 -35.09 -22.92
C ASP F 476 64.91 -36.02 -22.00
N PRO F 477 64.97 -37.32 -22.29
CA PRO F 477 65.59 -38.26 -21.33
C PRO F 477 67.06 -38.00 -21.10
N LEU F 478 67.75 -37.37 -22.05
CA LEU F 478 69.15 -37.02 -21.90
C LEU F 478 69.37 -35.62 -22.44
N THR F 479 70.45 -34.99 -21.97
CA THR F 479 70.74 -33.62 -22.38
C THR F 479 70.96 -33.54 -23.88
N SER F 480 70.22 -32.66 -24.54
CA SER F 480 70.29 -32.51 -25.99
C SER F 480 70.08 -31.04 -26.31
N ASN F 481 69.84 -30.75 -27.59
CA ASN F 481 69.63 -29.38 -28.03
C ASN F 481 68.20 -28.94 -27.73
N SER F 482 67.99 -27.63 -27.82
CA SER F 482 66.71 -27.04 -27.47
C SER F 482 65.68 -27.28 -28.58
N ILE F 483 64.42 -26.94 -28.28
CA ILE F 483 63.32 -27.02 -29.23
C ILE F 483 62.80 -25.61 -29.46
N ILE F 484 62.72 -25.20 -30.72
CA ILE F 484 62.25 -23.88 -31.08
C ILE F 484 60.81 -24.01 -31.59
N VAL F 485 59.91 -23.23 -31.01
CA VAL F 485 58.48 -23.31 -31.31
C VAL F 485 58.07 -21.98 -31.93
N LYS F 486 57.47 -22.04 -33.12
CA LYS F 486 57.00 -20.86 -33.82
C LYS F 486 55.51 -21.00 -34.07
N ILE F 487 54.73 -20.05 -33.57
CA ILE F 487 53.29 -19.98 -33.79
C ILE F 487 52.98 -18.61 -34.38
N LYS F 488 52.23 -18.59 -35.48
CA LYS F 488 51.86 -17.33 -36.12
C LYS F 488 50.40 -17.39 -36.55
N ALA F 489 49.58 -16.56 -35.93
CA ALA F 489 48.22 -16.30 -36.37
C ALA F 489 47.97 -14.83 -36.67
N LYS F 490 48.38 -13.94 -35.76
CA LYS F 490 48.36 -12.50 -35.99
C LYS F 490 49.76 -11.90 -35.86
N GLU F 491 50.51 -12.29 -34.83
CA GLU F 491 51.88 -11.85 -34.63
C GLU F 491 52.80 -13.07 -34.75
N GLU F 492 53.81 -12.96 -35.62
CA GLU F 492 54.76 -14.04 -35.83
C GLU F 492 55.80 -13.99 -34.72
N LYS F 493 55.73 -14.93 -33.79
CA LYS F 493 56.61 -14.98 -32.64
C LYS F 493 57.14 -16.40 -32.45
N THR F 494 58.42 -16.51 -32.14
CA THR F 494 59.06 -17.79 -31.85
C THR F 494 59.58 -17.80 -30.43
N ASP F 495 59.86 -18.99 -29.93
CA ASP F 495 60.36 -19.15 -28.57
C ASP F 495 61.25 -20.39 -28.50
N TYR F 496 62.04 -20.45 -27.43
CA TYR F 496 62.98 -21.54 -27.20
C TYR F 496 62.46 -22.40 -26.04
N LEU F 497 62.41 -23.71 -26.26
CA LEU F 497 61.96 -24.67 -25.26
C LEU F 497 63.09 -25.63 -24.94
N VAL F 498 63.43 -25.74 -23.65
CA VAL F 498 64.47 -26.66 -23.20
C VAL F 498 63.86 -27.69 -22.27
N PRO F 499 63.41 -28.83 -22.78
CA PRO F 499 62.84 -29.87 -21.92
C PRO F 499 63.86 -30.40 -20.94
N GLU F 500 63.38 -30.69 -19.73
CA GLU F 500 64.22 -31.26 -18.69
C GLU F 500 64.23 -32.78 -18.83
N GLN F 501 64.85 -33.46 -17.87
CA GLN F 501 64.81 -34.92 -17.85
C GLN F 501 63.40 -35.45 -17.64
N GLY F 502 62.53 -34.67 -16.99
CA GLY F 502 61.16 -35.05 -16.76
C GLY F 502 60.19 -34.33 -17.67
N TYR F 503 58.91 -34.42 -17.31
CA TYR F 503 57.84 -33.83 -18.10
C TYR F 503 57.38 -32.53 -17.47
N THR F 504 57.26 -31.49 -18.30
CA THR F 504 56.87 -30.16 -17.85
C THR F 504 55.96 -29.56 -18.92
N LYS F 505 55.19 -28.54 -18.54
CA LYS F 505 54.28 -27.85 -19.43
C LYS F 505 54.85 -26.49 -19.80
N PHE F 506 54.56 -26.04 -21.02
CA PHE F 506 55.03 -24.75 -21.50
C PHE F 506 53.90 -23.76 -21.79
N SER F 507 52.91 -24.15 -22.59
CA SER F 507 51.67 -23.40 -22.79
C SER F 507 51.96 -21.98 -23.30
N TYR F 508 52.48 -21.92 -24.52
CA TYR F 508 52.65 -20.63 -25.18
C TYR F 508 51.32 -20.07 -25.64
N GLU F 509 51.33 -18.85 -26.15
CA GLU F 509 50.13 -18.12 -26.48
C GLU F 509 50.12 -17.70 -27.95
N PHE F 510 48.93 -17.37 -28.44
CA PHE F 510 48.73 -16.79 -29.77
C PHE F 510 47.30 -16.27 -29.83
N GLU F 511 47.03 -15.44 -30.83
CA GLU F 511 45.74 -14.79 -30.97
C GLU F 511 45.33 -14.77 -32.44
N THR F 512 44.06 -15.09 -32.71
CA THR F 512 43.53 -15.06 -34.06
C THR F 512 43.21 -13.63 -34.48
N THR F 513 42.99 -13.45 -35.79
CA THR F 513 42.86 -12.11 -36.35
C THR F 513 41.52 -11.84 -37.00
N GLU F 514 41.02 -12.71 -37.88
CA GLU F 514 39.85 -12.36 -38.66
C GLU F 514 38.78 -13.44 -38.72
N LYS F 515 39.19 -14.71 -38.57
CA LYS F 515 38.37 -15.89 -38.82
C LYS F 515 38.18 -16.09 -40.32
N ASP F 516 38.62 -15.13 -41.12
CA ASP F 516 38.61 -15.22 -42.57
C ASP F 516 39.98 -15.04 -43.19
N SER F 517 41.03 -14.96 -42.38
CA SER F 517 42.38 -14.76 -42.88
C SER F 517 43.01 -16.11 -43.20
N SER F 518 44.33 -16.12 -43.42
CA SER F 518 45.03 -17.35 -43.76
C SER F 518 45.05 -18.29 -42.55
N ASN F 519 45.63 -19.47 -42.76
CA ASN F 519 45.61 -20.53 -41.76
C ASN F 519 46.54 -20.18 -40.59
N ILE F 520 46.56 -21.07 -39.60
CA ILE F 520 47.44 -20.96 -38.45
C ILE F 520 48.50 -22.04 -38.57
N GLU F 521 49.77 -21.64 -38.48
CA GLU F 521 50.90 -22.56 -38.63
C GLU F 521 51.61 -22.69 -37.30
N ILE F 522 51.77 -23.92 -36.82
CA ILE F 522 52.47 -24.22 -35.58
C ILE F 522 53.59 -25.19 -35.90
N THR F 523 54.80 -24.86 -35.45
CA THR F 523 55.98 -25.69 -35.68
C THR F 523 56.64 -26.06 -34.36
N LEU F 524 57.23 -27.25 -34.33
CA LEU F 524 57.92 -27.74 -33.15
C LEU F 524 59.35 -28.14 -33.49
N ILE F 525 60.07 -27.28 -34.20
CA ILE F 525 61.42 -27.59 -34.64
C ILE F 525 62.32 -27.83 -33.43
N GLY F 526 62.89 -29.02 -33.34
CA GLY F 526 63.74 -29.39 -32.23
C GLY F 526 64.24 -30.82 -32.35
N SER F 527 65.52 -31.03 -32.07
CA SER F 527 66.15 -32.33 -32.23
C SER F 527 66.55 -32.88 -30.85
N GLY F 528 67.20 -34.03 -30.86
CA GLY F 528 67.57 -34.72 -29.64
C GLY F 528 66.61 -35.80 -29.20
N THR F 529 65.89 -36.42 -30.13
CA THR F 529 64.88 -37.45 -29.87
C THR F 529 64.10 -37.18 -28.58
N THR F 530 63.51 -35.99 -28.53
CA THR F 530 62.67 -35.59 -27.40
C THR F 530 61.32 -36.29 -27.56
N TYR F 531 60.43 -36.13 -26.57
CA TYR F 531 59.12 -36.75 -26.61
C TYR F 531 58.06 -35.69 -26.36
N LEU F 532 56.89 -35.89 -26.97
CA LEU F 532 55.77 -34.98 -26.84
C LEU F 532 54.54 -35.75 -26.39
N ASP F 533 53.67 -35.06 -25.64
CA ASP F 533 52.47 -35.68 -25.12
C ASP F 533 51.47 -34.60 -24.75
N ASN F 534 50.18 -34.93 -24.93
CA ASN F 534 49.07 -34.10 -24.47
C ASN F 534 49.17 -32.66 -25.00
N LEU F 535 49.11 -32.54 -26.32
CA LEU F 535 49.11 -31.25 -26.98
C LEU F 535 47.67 -30.76 -27.15
N SER F 536 47.42 -29.52 -26.74
CA SER F 536 46.05 -29.03 -26.71
C SER F 536 46.03 -27.53 -27.02
N ILE F 537 44.88 -27.08 -27.52
CA ILE F 537 44.62 -25.67 -27.77
C ILE F 537 43.41 -25.26 -26.94
N THR F 538 43.59 -24.23 -26.11
CA THR F 538 42.56 -23.78 -25.17
C THR F 538 42.27 -22.29 -25.40
N GLU F 539 41.36 -21.76 -24.59
CA GLU F 539 40.97 -20.36 -24.65
C GLU F 539 41.24 -19.71 -23.29
N LEU F 540 41.37 -18.38 -23.31
CA LEU F 540 41.59 -17.60 -22.11
C LEU F 540 40.50 -16.54 -21.97
N ASN F 541 40.27 -16.12 -20.72
CA ASN F 541 39.27 -15.09 -20.41
C ASN F 541 39.87 -14.19 -19.32
N SER F 542 40.51 -13.10 -19.74
CA SER F 542 41.13 -12.15 -18.82
C SER F 542 40.61 -10.76 -19.15
N THR F 543 40.01 -10.11 -18.16
CA THR F 543 39.44 -8.76 -18.33
C THR F 543 39.85 -7.86 -17.16
N PRO F 544 41.14 -7.50 -17.07
CA PRO F 544 41.54 -6.51 -16.05
C PRO F 544 41.47 -5.09 -16.59
N GLU F 545 40.77 -4.21 -15.89
CA GLU F 545 40.54 -2.85 -16.39
C GLU F 545 41.57 -1.87 -15.85
N ILE F 546 41.60 -1.66 -14.54
CA ILE F 546 42.51 -0.70 -13.93
C ILE F 546 43.31 -1.35 -12.81
N LEU F 547 42.62 -2.02 -11.88
CA LEU F 547 43.16 -2.74 -10.74
C LEU F 547 43.76 -1.82 -9.68
N ASP F 548 43.81 -0.51 -9.91
CA ASP F 548 44.37 0.43 -8.94
C ASP F 548 43.96 1.84 -9.32
N GLU F 549 44.08 2.75 -8.36
CA GLU F 549 43.79 4.15 -8.57
C GLU F 549 44.91 5.01 -8.00
N PRO F 550 45.13 6.21 -8.55
CA PRO F 550 46.22 7.06 -8.05
C PRO F 550 45.90 7.73 -6.71
N GLU F 551 46.80 8.58 -6.25
CA GLU F 551 46.66 9.28 -4.99
C GLU F 551 45.95 10.61 -5.21
N VAL F 552 45.89 11.45 -4.15
CA VAL F 552 45.23 12.74 -4.27
C VAL F 552 46.06 13.70 -5.11
N LYS F 553 47.39 13.67 -4.95
CA LYS F 553 48.32 14.51 -5.70
C LYS F 553 48.00 16.00 -5.48
N ILE F 554 48.22 16.42 -4.24
CA ILE F 554 48.01 17.83 -3.85
C ILE F 554 48.88 18.73 -4.72
N PRO F 555 48.33 19.79 -5.31
CA PRO F 555 49.14 20.66 -6.18
C PRO F 555 50.10 21.52 -5.39
N THR F 556 51.12 22.00 -6.10
CA THR F 556 52.12 22.89 -5.51
C THR F 556 51.72 24.34 -5.71
N ASP F 557 52.43 25.24 -5.01
CA ASP F 557 52.13 26.66 -5.10
C ASP F 557 52.39 27.19 -6.50
N GLN F 558 53.46 26.70 -7.15
CA GLN F 558 53.76 27.14 -8.50
C GLN F 558 52.67 26.70 -9.48
N GLU F 559 52.12 25.50 -9.28
CA GLU F 559 51.01 25.05 -10.12
C GLU F 559 49.77 25.93 -9.92
N ILE F 560 49.51 26.32 -8.68
CA ILE F 560 48.38 27.22 -8.41
C ILE F 560 48.60 28.57 -9.09
N MET F 561 49.84 29.07 -9.04
CA MET F 561 50.14 30.32 -9.75
C MET F 561 49.97 30.16 -11.26
N ASP F 562 50.40 29.03 -11.81
CA ASP F 562 50.36 28.82 -13.26
C ASP F 562 48.94 28.65 -13.76
N ALA F 563 48.06 28.05 -12.96
CA ALA F 563 46.69 27.80 -13.42
C ALA F 563 45.95 29.09 -13.74
N HIS F 564 46.26 30.18 -13.03
CA HIS F 564 45.54 31.43 -13.17
C HIS F 564 46.23 32.42 -14.10
N LYS F 565 47.19 31.96 -14.90
CA LYS F 565 47.93 32.86 -15.78
C LYS F 565 47.05 33.45 -16.87
N ILE F 566 46.12 32.66 -17.41
CA ILE F 566 45.22 33.11 -18.46
C ILE F 566 43.88 33.47 -17.83
N TYR F 567 43.34 34.62 -18.20
CA TYR F 567 42.11 35.12 -17.60
C TYR F 567 41.41 36.03 -18.59
N PHE F 568 40.10 36.24 -18.35
CA PHE F 568 39.31 37.19 -19.12
C PHE F 568 38.42 37.98 -18.17
N ALA F 569 38.35 39.29 -18.40
CA ALA F 569 37.60 40.19 -17.54
C ALA F 569 36.20 40.39 -18.10
N ASP F 570 35.19 40.14 -17.27
CA ASP F 570 33.79 40.35 -17.65
C ASP F 570 33.43 41.79 -17.32
N LEU F 571 33.27 42.62 -18.35
CA LEU F 571 33.17 44.07 -18.18
C LEU F 571 31.73 44.53 -18.35
N ASN F 572 31.24 45.25 -17.34
CA ASN F 572 29.92 45.87 -17.41
C ASN F 572 30.04 47.11 -18.29
N PHE F 573 29.49 47.03 -19.51
CA PHE F 573 29.54 48.14 -20.46
C PHE F 573 28.12 48.56 -20.79
N ASN F 574 27.55 49.40 -19.94
CA ASN F 574 26.31 50.10 -20.26
C ASN F 574 26.63 51.54 -20.65
N PRO F 575 26.23 51.98 -21.83
CA PRO F 575 26.71 53.29 -22.30
C PRO F 575 26.06 54.46 -21.58
N SER F 576 26.80 55.06 -20.64
CA SER F 576 26.44 56.36 -20.10
C SER F 576 27.52 57.39 -20.40
N THR F 577 28.75 57.18 -19.90
CA THR F 577 29.93 57.95 -20.30
C THR F 577 31.12 57.00 -20.30
N GLY F 578 31.34 56.32 -21.43
CA GLY F 578 32.51 55.49 -21.65
C GLY F 578 33.01 54.73 -20.43
N ASN F 579 32.12 53.96 -19.79
CA ASN F 579 32.36 53.50 -18.43
C ASN F 579 33.31 52.32 -18.34
N THR F 580 32.93 51.17 -18.89
CA THR F 580 33.73 49.93 -18.85
C THR F 580 34.12 49.56 -17.41
N TYR F 581 33.11 49.25 -16.61
CA TYR F 581 33.33 48.74 -15.26
C TYR F 581 33.40 47.21 -15.26
N ILE F 582 33.95 46.67 -14.18
CA ILE F 582 34.22 45.23 -14.07
C ILE F 582 33.07 44.56 -13.34
N ASN F 583 32.56 43.46 -13.92
CA ASN F 583 31.56 42.61 -13.29
C ASN F 583 32.17 41.38 -12.63
N GLY F 584 33.08 40.71 -13.33
CA GLY F 584 33.69 39.51 -12.82
C GLY F 584 34.86 39.13 -13.70
N MET F 585 35.44 37.97 -13.41
CA MET F 585 36.60 37.50 -14.17
C MET F 585 36.63 35.99 -14.22
N TYR F 586 36.83 35.45 -15.42
CA TYR F 586 36.99 34.01 -15.59
C TYR F 586 38.47 33.64 -15.52
N PHE F 587 38.72 32.38 -15.16
CA PHE F 587 40.04 31.78 -15.26
C PHE F 587 39.97 30.71 -16.34
N ALA F 588 40.79 30.86 -17.37
CA ALA F 588 40.65 30.02 -18.55
C ALA F 588 40.93 28.56 -18.21
N PRO F 589 40.16 27.62 -18.77
CA PRO F 589 40.50 26.21 -18.61
C PRO F 589 41.44 25.73 -19.70
N THR F 590 42.56 25.13 -19.30
CA THR F 590 43.53 24.56 -20.23
C THR F 590 43.58 23.05 -20.02
N GLN F 591 44.51 22.40 -20.72
CA GLN F 591 44.62 20.95 -20.65
C GLN F 591 45.40 20.47 -19.42
N THR F 592 46.02 21.38 -18.67
CA THR F 592 46.90 20.99 -17.58
C THR F 592 46.59 21.66 -16.24
N ASN F 593 45.49 22.40 -16.12
CA ASN F 593 45.19 23.14 -14.91
C ASN F 593 43.86 22.75 -14.28
N LYS F 594 43.30 21.60 -14.64
CA LYS F 594 41.99 21.21 -14.13
C LYS F 594 42.04 20.94 -12.63
N GLU F 595 42.98 20.11 -12.19
CA GLU F 595 43.03 19.73 -10.78
C GLU F 595 43.45 20.90 -9.90
N ALA F 596 44.33 21.77 -10.39
CA ALA F 596 44.71 22.96 -9.62
C ALA F 596 43.51 23.87 -9.41
N LEU F 597 42.70 24.07 -10.44
CA LEU F 597 41.52 24.91 -10.30
C LEU F 597 40.49 24.27 -9.38
N ASP F 598 40.26 22.96 -9.52
CA ASP F 598 39.31 22.29 -8.64
C ASP F 598 39.77 22.30 -7.19
N TYR F 599 41.08 22.33 -6.97
CA TYR F 599 41.62 22.39 -5.62
C TYR F 599 41.33 23.72 -4.92
N ILE F 600 41.09 24.78 -5.69
CA ILE F 600 41.00 26.13 -5.15
C ILE F 600 39.57 26.63 -5.22
N GLN F 601 39.07 27.12 -4.08
CA GLN F 601 37.87 27.93 -4.03
C GLN F 601 38.13 29.07 -3.05
N LYS F 602 37.08 29.83 -2.73
CA LYS F 602 37.14 30.89 -1.71
C LYS F 602 38.23 31.92 -2.05
N TYR F 603 38.00 32.62 -3.14
CA TYR F 603 38.89 33.70 -3.55
C TYR F 603 38.69 34.94 -2.68
N ARG F 604 39.78 35.65 -2.43
CA ARG F 604 39.75 36.92 -1.71
C ARG F 604 40.19 38.02 -2.65
N VAL F 605 39.46 39.14 -2.65
CA VAL F 605 39.65 40.21 -3.62
C VAL F 605 39.83 41.53 -2.88
N GLU F 606 40.80 42.32 -3.31
CA GLU F 606 40.95 43.71 -2.90
C GLU F 606 40.91 44.58 -4.15
N ALA F 607 39.92 45.45 -4.25
CA ALA F 607 39.66 46.22 -5.45
C ALA F 607 39.62 47.70 -5.13
N THR F 608 39.56 48.51 -6.19
CA THR F 608 39.51 49.96 -6.07
C THR F 608 38.15 50.42 -6.56
N LEU F 609 37.28 50.79 -5.61
CA LEU F 609 35.92 51.19 -5.94
C LEU F 609 35.91 52.59 -6.56
N GLN F 610 34.76 52.95 -7.12
CA GLN F 610 34.65 54.21 -7.85
C GLN F 610 34.71 55.40 -6.90
N TYR F 611 33.96 55.35 -5.81
CA TYR F 611 33.90 56.49 -4.90
C TYR F 611 34.85 56.34 -3.72
N SER F 612 35.10 55.11 -3.27
CA SER F 612 36.14 54.84 -2.30
C SER F 612 37.44 54.56 -3.04
N GLY F 613 38.45 54.07 -2.32
CA GLY F 613 39.71 53.74 -2.95
C GLY F 613 40.05 52.27 -2.89
N PHE F 614 41.34 51.95 -2.85
CA PHE F 614 41.76 50.56 -2.73
C PHE F 614 41.42 50.03 -1.34
N LYS F 615 40.75 48.89 -1.28
CA LYS F 615 40.34 48.31 -0.01
C LYS F 615 40.00 46.84 -0.20
N ASP F 616 39.97 46.11 0.91
CA ASP F 616 39.58 44.71 0.89
C ASP F 616 38.06 44.59 0.94
N ILE F 617 37.49 43.84 0.00
CA ILE F 617 36.05 43.77 -0.16
C ILE F 617 35.49 42.40 0.21
N GLY F 618 36.27 41.58 0.91
CA GLY F 618 35.77 40.36 1.47
C GLY F 618 36.39 39.11 0.86
N THR F 619 35.69 37.99 1.03
CA THR F 619 36.18 36.69 0.58
C THR F 619 34.98 35.80 0.34
N LYS F 620 34.75 35.42 -0.92
CA LYS F 620 33.59 34.63 -1.31
C LYS F 620 34.02 33.43 -2.13
N ASP F 621 33.09 32.49 -2.29
CA ASP F 621 33.36 31.25 -2.99
C ASP F 621 33.27 31.45 -4.51
N LYS F 622 33.90 30.53 -5.24
CA LYS F 622 33.85 30.55 -6.70
C LYS F 622 32.46 30.15 -7.18
N GLU F 623 32.20 30.38 -8.47
CA GLU F 623 30.87 30.17 -9.03
C GLU F 623 30.81 29.10 -10.11
N MET F 624 31.89 28.84 -10.84
CA MET F 624 31.93 27.80 -11.87
C MET F 624 30.87 28.05 -12.95
N ARG F 625 31.05 29.15 -13.66
CA ARG F 625 30.25 29.46 -14.82
C ARG F 625 30.94 29.00 -16.10
N ASN F 626 30.18 28.99 -17.20
CA ASN F 626 30.73 28.64 -18.50
C ASN F 626 31.77 29.66 -18.93
N TYR F 627 32.86 29.18 -19.52
CA TYR F 627 33.94 30.07 -19.91
C TYR F 627 33.48 31.04 -20.99
N LEU F 628 33.78 32.32 -20.80
CA LEU F 628 33.46 33.41 -21.71
C LEU F 628 31.96 33.54 -21.97
N GLY F 629 31.11 32.89 -21.19
CA GLY F 629 29.69 32.89 -21.48
C GLY F 629 29.30 32.02 -22.65
N ASP F 630 30.23 31.22 -23.17
CA ASP F 630 29.95 30.38 -24.32
C ASP F 630 29.38 29.04 -23.85
N PRO F 631 28.18 28.65 -24.32
CA PRO F 631 27.63 27.35 -23.90
C PRO F 631 28.49 26.16 -24.28
N ASN F 632 29.28 26.26 -25.35
CA ASN F 632 30.12 25.15 -25.76
C ASN F 632 31.34 24.99 -24.86
N GLN F 633 31.87 26.11 -24.36
CA GLN F 633 33.05 26.06 -23.51
C GLN F 633 32.72 25.42 -22.16
N PRO F 634 33.69 24.77 -21.51
CA PRO F 634 33.42 24.13 -20.23
C PRO F 634 33.27 25.15 -19.11
N LYS F 635 32.63 24.68 -18.03
CA LYS F 635 32.50 25.51 -16.84
C LYS F 635 33.86 25.69 -16.17
N THR F 636 34.20 26.94 -15.87
CA THR F 636 35.49 27.28 -15.30
C THR F 636 35.31 28.19 -14.11
N ASN F 637 36.36 28.30 -13.29
CA ASN F 637 36.32 29.13 -12.10
C ASN F 637 35.99 30.57 -12.45
N TYR F 638 34.98 31.12 -11.76
CA TYR F 638 34.52 32.48 -11.99
C TYR F 638 34.40 33.19 -10.65
N VAL F 639 34.96 34.40 -10.58
CA VAL F 639 34.88 35.24 -9.39
C VAL F 639 33.90 36.35 -9.70
N ASN F 640 32.77 36.36 -8.99
CA ASN F 640 31.72 37.36 -9.22
C ASN F 640 32.01 38.56 -8.33
N LEU F 641 32.57 39.61 -8.93
CA LEU F 641 32.93 40.82 -8.19
C LEU F 641 31.72 41.66 -7.79
N ARG F 642 30.53 41.34 -8.30
CA ARG F 642 29.34 42.08 -7.92
C ARG F 642 28.76 41.62 -6.60
N SER F 643 29.16 40.44 -6.11
CA SER F 643 28.58 39.85 -4.91
C SER F 643 29.45 40.04 -3.68
N TYR F 644 30.58 40.74 -3.82
CA TYR F 644 31.47 40.97 -2.69
C TYR F 644 30.94 42.11 -1.83
N PHE F 645 31.71 42.47 -0.80
CA PHE F 645 31.28 43.49 0.16
C PHE F 645 31.65 44.90 -0.30
N THR F 646 31.13 45.25 -1.47
CA THR F 646 31.17 46.63 -1.94
C THR F 646 29.87 47.33 -1.54
N GLY F 647 29.92 48.65 -1.48
CA GLY F 647 28.74 49.43 -1.15
C GLY F 647 27.84 49.64 -2.35
N GLY F 648 27.82 48.66 -3.26
CA GLY F 648 27.09 48.79 -4.49
C GLY F 648 27.80 49.60 -5.56
N GLU F 649 29.01 50.07 -5.28
CA GLU F 649 29.76 50.88 -6.21
C GLU F 649 30.32 50.03 -7.35
N ASN F 650 30.77 50.71 -8.39
CA ASN F 650 31.39 50.05 -9.53
C ASN F 650 32.88 49.83 -9.26
N ILE F 651 33.42 48.78 -9.87
CA ILE F 651 34.85 48.47 -9.75
C ILE F 651 35.54 49.01 -10.99
N MET F 652 36.58 49.81 -10.79
CA MET F 652 37.22 50.52 -11.88
C MET F 652 38.18 49.61 -12.65
N THR F 653 38.40 49.95 -13.91
CA THR F 653 39.40 49.32 -14.75
C THR F 653 40.70 50.13 -14.75
N TYR F 654 41.79 49.45 -15.08
CA TYR F 654 43.13 50.03 -15.12
C TYR F 654 43.59 50.53 -13.75
N LYS F 655 42.91 50.12 -12.69
CA LYS F 655 43.27 50.49 -11.34
C LYS F 655 43.83 49.28 -10.60
N LYS F 656 44.35 49.53 -9.39
CA LYS F 656 44.94 48.47 -8.60
C LYS F 656 43.90 47.38 -8.29
N LEU F 657 44.32 46.13 -8.43
CA LEU F 657 43.43 44.99 -8.22
C LEU F 657 44.26 43.80 -7.78
N ARG F 658 43.82 43.14 -6.70
CA ARG F 658 44.48 41.95 -6.18
C ARG F 658 43.44 40.86 -5.94
N ILE F 659 43.75 39.65 -6.39
CA ILE F 659 42.92 38.49 -6.15
C ILE F 659 43.77 37.41 -5.49
N TYR F 660 43.29 36.86 -4.39
CA TYR F 660 44.02 35.85 -3.63
C TYR F 660 43.24 34.55 -3.62
N ALA F 661 43.92 33.45 -3.94
CA ALA F 661 43.33 32.12 -3.91
C ALA F 661 43.68 31.46 -2.59
N ILE F 662 42.68 30.92 -1.92
CA ILE F 662 42.83 30.36 -0.58
C ILE F 662 42.66 28.85 -0.65
N THR F 663 43.64 28.12 -0.15
CA THR F 663 43.61 26.67 -0.09
C THR F 663 42.88 26.21 1.15
N PRO F 664 42.52 24.93 1.23
CA PRO F 664 41.91 24.42 2.47
C PRO F 664 42.74 24.64 3.72
N ASP F 665 44.06 24.80 3.58
CA ASP F 665 44.93 25.13 4.70
C ASP F 665 44.90 26.61 5.05
N ASP F 666 43.98 27.38 4.48
CA ASP F 666 43.89 28.82 4.68
C ASP F 666 45.20 29.51 4.28
N ARG F 667 45.86 28.96 3.26
CA ARG F 667 47.07 29.56 2.72
C ARG F 667 46.70 30.31 1.45
N GLU F 668 46.94 31.61 1.43
CA GLU F 668 46.53 32.48 0.35
C GLU F 668 47.71 32.78 -0.57
N LEU F 669 47.43 32.82 -1.87
CA LEU F 669 48.44 33.10 -2.88
C LEU F 669 47.92 34.19 -3.82
N LEU F 670 48.82 35.09 -4.23
CA LEU F 670 48.46 36.17 -5.13
C LEU F 670 48.43 35.62 -6.55
N VAL F 671 47.22 35.41 -7.08
CA VAL F 671 47.06 34.84 -8.41
C VAL F 671 46.81 35.88 -9.50
N LEU F 672 46.28 37.05 -9.15
CA LEU F 672 46.09 38.12 -10.11
C LEU F 672 46.61 39.43 -9.53
N SER F 673 47.41 40.15 -10.31
CA SER F 673 47.97 41.41 -9.89
C SER F 673 47.89 42.39 -11.05
N VAL F 674 47.16 43.48 -10.87
CA VAL F 674 47.00 44.51 -11.89
C VAL F 674 47.31 45.87 -11.26
N ASP F 675 48.24 46.60 -11.85
CA ASP F 675 48.59 47.93 -11.37
C ASP F 675 48.32 48.99 -12.42
N GLU G 16 -0.76 -59.65 -1.08
CA GLU G 16 -0.04 -59.17 0.10
C GLU G 16 -0.41 -57.72 0.39
N ASP G 17 -0.26 -57.31 1.66
CA ASP G 17 -0.67 -55.98 2.07
C ASP G 17 0.48 -55.05 2.46
N LEU G 18 1.73 -55.38 2.14
CA LEU G 18 2.83 -54.46 2.40
C LEU G 18 2.66 -53.17 1.62
N ASP G 19 2.84 -52.04 2.32
CA ASP G 19 2.66 -50.71 1.72
C ASP G 19 3.86 -49.86 2.12
N THR G 20 4.84 -49.78 1.23
CA THR G 20 6.07 -49.06 1.54
C THR G 20 5.87 -47.54 1.56
N ASP G 21 5.18 -46.99 0.57
CA ASP G 21 4.99 -45.55 0.46
C ASP G 21 3.71 -45.06 1.11
N ASN G 22 2.89 -45.96 1.65
CA ASN G 22 1.68 -45.60 2.38
C ASN G 22 0.74 -44.76 1.53
N ASP G 23 0.36 -45.30 0.36
CA ASP G 23 -0.58 -44.63 -0.53
C ASP G 23 -1.84 -45.46 -0.76
N ASN G 24 -2.15 -46.38 0.16
CA ASN G 24 -3.33 -47.23 0.14
C ASN G 24 -3.32 -48.26 -0.98
N ILE G 25 -2.17 -48.56 -1.57
CA ILE G 25 -2.06 -49.60 -2.59
C ILE G 25 -0.88 -50.48 -2.23
N PRO G 26 -1.06 -51.80 -2.15
CA PRO G 26 0.08 -52.69 -1.84
C PRO G 26 1.15 -52.63 -2.91
N ASP G 27 2.39 -52.92 -2.50
CA ASP G 27 3.51 -52.89 -3.43
C ASP G 27 3.36 -53.93 -4.53
N SER G 28 2.87 -55.12 -4.18
CA SER G 28 2.67 -56.17 -5.18
C SER G 28 1.61 -55.74 -6.20
N TYR G 29 0.55 -55.08 -5.74
CA TYR G 29 -0.50 -54.62 -6.66
C TYR G 29 0.06 -53.64 -7.69
N GLU G 30 0.85 -52.67 -7.23
CA GLU G 30 1.42 -51.70 -8.15
C GLU G 30 2.47 -52.34 -9.05
N ARG G 31 3.21 -53.30 -8.52
CA ARG G 31 4.22 -53.99 -9.32
C ARG G 31 3.58 -54.77 -10.46
N ASN G 32 2.48 -55.47 -10.18
CA ASN G 32 1.83 -56.34 -11.16
C ASN G 32 0.67 -55.67 -11.90
N GLY G 33 -0.22 -54.99 -11.19
CA GLY G 33 -1.37 -54.36 -11.81
C GLY G 33 -2.58 -54.38 -10.89
N TYR G 34 -3.41 -53.36 -11.00
CA TYR G 34 -4.56 -53.21 -10.11
C TYR G 34 -5.61 -52.33 -10.78
N THR G 35 -6.76 -52.24 -10.12
CA THR G 35 -7.84 -51.34 -10.53
C THR G 35 -8.64 -50.99 -9.29
N ILE G 36 -9.50 -49.99 -9.41
CA ILE G 36 -10.26 -49.46 -8.29
C ILE G 36 -11.73 -49.76 -8.50
N LYS G 37 -12.35 -50.41 -7.52
CA LYS G 37 -13.79 -50.61 -7.47
C LYS G 37 -14.26 -50.51 -6.04
N ASP G 38 -15.33 -49.75 -5.81
CA ASP G 38 -15.81 -49.41 -4.47
C ASP G 38 -14.70 -48.73 -3.66
N LEU G 39 -13.93 -47.86 -4.34
CA LEU G 39 -12.86 -47.07 -3.70
C LEU G 39 -11.81 -47.96 -3.04
N ILE G 40 -11.64 -49.18 -3.54
CA ILE G 40 -10.65 -50.12 -3.02
C ILE G 40 -9.83 -50.65 -4.17
N ALA G 41 -8.51 -50.74 -3.97
CA ALA G 41 -7.65 -51.38 -4.94
C ALA G 41 -7.78 -52.89 -4.87
N VAL G 42 -7.85 -53.53 -6.04
CA VAL G 42 -7.98 -54.97 -6.14
C VAL G 42 -7.00 -55.47 -7.20
N LYS G 43 -6.66 -56.76 -7.11
CA LYS G 43 -5.76 -57.35 -8.08
C LYS G 43 -6.41 -57.43 -9.45
N TRP G 44 -5.60 -57.25 -10.49
CA TRP G 44 -6.12 -57.22 -11.84
C TRP G 44 -6.43 -58.64 -12.34
N GLU G 45 -7.59 -58.79 -12.96
CA GLU G 45 -7.96 -60.01 -13.67
C GLU G 45 -8.42 -59.63 -15.06
N ASP G 46 -8.02 -60.43 -16.06
CA ASP G 46 -8.26 -60.06 -17.45
C ASP G 46 -9.75 -60.01 -17.78
N SER G 47 -10.61 -60.60 -16.94
CA SER G 47 -12.04 -60.52 -17.16
C SER G 47 -12.62 -59.15 -16.83
N PHE G 48 -11.83 -58.27 -16.21
CA PHE G 48 -12.29 -56.92 -15.89
C PHE G 48 -12.31 -55.99 -17.09
N ALA G 49 -11.61 -56.33 -18.18
CA ALA G 49 -11.52 -55.43 -19.32
C ALA G 49 -12.86 -55.26 -20.02
N GLU G 50 -13.71 -56.28 -20.00
CA GLU G 50 -15.01 -56.18 -20.69
C GLU G 50 -15.91 -55.16 -20.04
N GLN G 51 -15.86 -55.03 -18.71
CA GLN G 51 -16.71 -54.10 -17.99
C GLN G 51 -16.23 -52.66 -18.08
N GLY G 52 -15.19 -52.38 -18.86
CA GLY G 52 -14.66 -51.05 -18.99
C GLY G 52 -13.61 -50.66 -17.97
N TYR G 53 -13.18 -51.59 -17.12
CA TYR G 53 -12.13 -51.29 -16.16
C TYR G 53 -10.78 -51.16 -16.86
N LYS G 54 -9.88 -50.42 -16.23
CA LYS G 54 -8.54 -50.19 -16.75
C LYS G 54 -7.51 -50.72 -15.78
N LYS G 55 -6.42 -51.25 -16.32
CA LYS G 55 -5.34 -51.83 -15.55
C LYS G 55 -4.26 -50.79 -15.30
N TYR G 56 -3.88 -50.63 -14.04
CA TYR G 56 -2.94 -49.58 -13.63
C TYR G 56 -1.69 -50.20 -13.01
N VAL G 57 -0.54 -49.63 -13.36
CA VAL G 57 0.73 -49.93 -12.71
C VAL G 57 1.38 -48.60 -12.32
N SER G 58 2.19 -48.63 -11.28
CA SER G 58 2.78 -47.39 -10.76
C SER G 58 3.99 -47.73 -9.90
N ASN G 59 4.69 -46.67 -9.48
CA ASN G 59 5.90 -46.82 -8.69
C ASN G 59 5.54 -47.20 -7.26
N TYR G 60 6.11 -48.30 -6.76
CA TYR G 60 5.79 -48.79 -5.42
C TYR G 60 6.66 -48.16 -4.34
N LEU G 61 7.70 -47.42 -4.70
CA LEU G 61 8.50 -46.67 -3.75
C LEU G 61 8.18 -45.19 -3.74
N GLU G 62 7.25 -44.73 -4.58
CA GLU G 62 6.91 -43.33 -4.71
C GLU G 62 5.41 -43.15 -4.63
N SER G 63 4.96 -42.15 -3.87
CA SER G 63 3.54 -41.91 -3.72
C SER G 63 2.97 -41.08 -4.87
N ASN G 64 3.80 -40.27 -5.53
CA ASN G 64 3.40 -39.46 -6.67
C ASN G 64 4.28 -39.86 -7.85
N THR G 65 3.84 -40.87 -8.60
CA THR G 65 4.65 -41.38 -9.70
C THR G 65 4.83 -40.33 -10.78
N ALA G 66 3.77 -39.61 -11.13
CA ALA G 66 3.83 -38.66 -12.24
C ALA G 66 4.46 -37.33 -11.86
N GLY G 67 4.71 -37.09 -10.57
CA GLY G 67 5.23 -35.81 -10.14
C GLY G 67 4.21 -34.72 -10.00
N ASP G 68 2.92 -35.03 -10.14
CA ASP G 68 1.85 -34.08 -9.97
C ASP G 68 1.36 -34.11 -8.53
N PRO G 69 0.58 -33.11 -8.09
CA PRO G 69 0.21 -33.02 -6.67
C PRO G 69 -0.77 -34.08 -6.20
N TYR G 70 -1.20 -35.00 -7.06
CA TYR G 70 -2.13 -36.05 -6.68
C TYR G 70 -1.41 -37.38 -6.59
N THR G 71 -1.76 -38.18 -5.57
CA THR G 71 -1.09 -39.44 -5.34
C THR G 71 -1.54 -40.48 -6.38
N ASP G 72 -1.02 -41.70 -6.23
CA ASP G 72 -1.41 -42.79 -7.12
C ASP G 72 -2.85 -43.21 -6.87
N TYR G 73 -3.25 -43.32 -5.61
CA TYR G 73 -4.61 -43.75 -5.29
C TYR G 73 -5.62 -42.69 -5.67
N GLU G 74 -5.29 -41.41 -5.46
CA GLU G 74 -6.22 -40.35 -5.83
C GLU G 74 -6.48 -40.34 -7.33
N LYS G 75 -5.42 -40.53 -8.13
CA LYS G 75 -5.59 -40.54 -9.58
C LYS G 75 -6.33 -41.79 -10.05
N ALA G 76 -5.95 -42.95 -9.53
CA ALA G 76 -6.58 -44.19 -9.97
C ALA G 76 -8.06 -44.24 -9.59
N SER G 77 -8.39 -43.78 -8.38
CA SER G 77 -9.76 -43.84 -7.88
C SER G 77 -10.62 -42.67 -8.32
N GLY G 78 -10.03 -41.63 -8.92
CA GLY G 78 -10.79 -40.46 -9.29
C GLY G 78 -11.33 -39.66 -8.12
N SER G 79 -10.53 -39.58 -7.05
CA SER G 79 -10.93 -38.81 -5.85
C SER G 79 -10.39 -37.38 -5.97
N PHE G 80 -10.24 -36.88 -7.19
CA PHE G 80 -9.73 -35.50 -7.41
C PHE G 80 -10.81 -34.62 -8.05
N ASP G 81 -10.41 -33.46 -8.57
CA ASP G 81 -11.38 -32.51 -9.20
C ASP G 81 -12.04 -33.21 -10.40
N LYS G 82 -13.37 -33.12 -10.50
CA LYS G 82 -14.08 -33.82 -11.57
C LYS G 82 -13.81 -33.24 -12.95
N ALA G 83 -13.21 -32.05 -13.04
CA ALA G 83 -12.92 -31.42 -14.31
C ALA G 83 -11.60 -31.89 -14.91
N ILE G 84 -10.86 -32.76 -14.23
CA ILE G 84 -9.63 -33.31 -14.76
C ILE G 84 -9.96 -34.47 -15.69
N LYS G 85 -9.31 -34.49 -16.85
CA LYS G 85 -9.63 -35.47 -17.88
C LYS G 85 -9.36 -36.89 -17.37
N THR G 86 -10.19 -37.83 -17.83
CA THR G 86 -10.03 -39.22 -17.44
C THR G 86 -8.74 -39.83 -17.97
N GLU G 87 -8.10 -39.19 -18.96
CA GLU G 87 -6.78 -39.65 -19.40
C GLU G 87 -5.73 -39.48 -18.32
N ALA G 88 -5.94 -38.52 -17.41
CA ALA G 88 -5.02 -38.27 -16.31
C ALA G 88 -5.36 -39.06 -15.06
N ARG G 89 -6.05 -40.20 -15.21
CA ARG G 89 -6.35 -41.05 -14.07
C ARG G 89 -5.37 -42.19 -13.89
N ASP G 90 -4.64 -42.57 -14.93
CA ASP G 90 -3.59 -43.54 -14.68
C ASP G 90 -2.38 -42.84 -14.07
N PRO G 91 -1.66 -43.49 -13.16
CA PRO G 91 -0.56 -42.80 -12.46
C PRO G 91 0.59 -42.39 -13.36
N LEU G 92 0.67 -42.90 -14.58
CA LEU G 92 1.78 -42.60 -15.47
C LEU G 92 1.56 -41.36 -16.32
N VAL G 93 0.37 -40.78 -16.30
CA VAL G 93 0.07 -39.57 -17.06
C VAL G 93 -0.21 -38.44 -16.08
N ALA G 94 0.53 -37.35 -16.22
CA ALA G 94 0.44 -36.25 -15.27
C ALA G 94 -0.75 -35.36 -15.58
N ALA G 95 -1.51 -35.03 -14.54
CA ALA G 95 -2.53 -33.99 -14.64
C ALA G 95 -1.84 -32.64 -14.61
N TYR G 96 -1.80 -31.95 -15.75
CA TYR G 96 -0.94 -30.79 -15.87
C TYR G 96 -1.49 -29.87 -16.98
N PRO G 97 -1.76 -28.60 -16.68
CA PRO G 97 -2.35 -27.71 -17.67
C PRO G 97 -1.30 -27.00 -18.53
N ILE G 98 -1.60 -26.92 -19.83
CA ILE G 98 -0.74 -26.26 -20.81
C ILE G 98 -1.50 -25.03 -21.29
N VAL G 99 -1.19 -23.89 -20.70
CA VAL G 99 -1.91 -22.64 -20.96
C VAL G 99 -1.05 -21.75 -21.86
N GLY G 100 -1.67 -21.18 -22.89
CA GLY G 100 -1.00 -20.25 -23.76
C GLY G 100 -1.88 -19.03 -24.04
N VAL G 101 -1.24 -17.98 -24.54
CA VAL G 101 -1.90 -16.71 -24.81
C VAL G 101 -1.73 -16.37 -26.27
N GLY G 102 -2.83 -16.02 -26.93
CA GLY G 102 -2.78 -15.60 -28.31
C GLY G 102 -3.43 -14.24 -28.52
N MET G 103 -2.66 -13.29 -29.04
CA MET G 103 -3.18 -11.94 -29.27
C MET G 103 -3.89 -11.88 -30.61
N GLU G 104 -5.01 -11.16 -30.64
CA GLU G 104 -5.85 -11.09 -31.83
C GLU G 104 -5.77 -9.76 -32.57
N LYS G 105 -5.55 -8.65 -31.88
CA LYS G 105 -5.36 -7.37 -32.55
C LYS G 105 -4.77 -6.37 -31.56
N LEU G 106 -4.24 -5.28 -32.11
CA LEU G 106 -3.57 -4.25 -31.31
C LEU G 106 -4.08 -2.88 -31.73
N ILE G 107 -4.28 -2.00 -30.75
CA ILE G 107 -4.88 -0.69 -30.95
C ILE G 107 -3.91 0.37 -30.43
N ILE G 108 -3.68 1.41 -31.23
CA ILE G 108 -2.70 2.45 -30.94
C ILE G 108 -3.44 3.74 -30.61
N SER G 109 -2.97 4.43 -29.56
CA SER G 109 -3.54 5.71 -29.12
C SER G 109 -2.46 6.78 -29.22
N THR G 110 -2.46 7.54 -30.31
CA THR G 110 -1.44 8.57 -30.50
C THR G 110 -1.66 9.73 -29.53
N ASN G 111 -0.69 9.95 -28.66
CA ASN G 111 -0.81 10.90 -27.55
C ASN G 111 -0.23 12.25 -27.99
N GLU G 112 -1.08 13.07 -28.61
CA GLU G 112 -0.68 14.40 -29.05
C GLU G 112 -1.76 15.40 -28.66
N HIS G 113 -1.34 16.65 -28.44
CA HIS G 113 -2.23 17.72 -28.01
C HIS G 113 -2.44 18.69 -29.15
N ALA G 114 -3.70 18.98 -29.47
CA ALA G 114 -4.05 19.90 -30.53
C ALA G 114 -4.75 21.13 -29.94
N SER G 115 -4.51 22.29 -30.55
CA SER G 115 -5.08 23.53 -30.06
C SER G 115 -5.56 24.36 -31.25
N THR G 116 -6.43 25.33 -30.95
CA THR G 116 -6.94 26.25 -31.96
C THR G 116 -7.34 27.55 -31.29
N ASP G 117 -6.85 28.67 -31.82
CA ASP G 117 -7.12 29.99 -31.27
C ASP G 117 -7.68 30.89 -32.37
N GLN G 118 -8.66 31.72 -32.01
CA GLN G 118 -9.15 32.77 -32.88
C GLN G 118 -9.31 34.05 -32.06
N GLY G 119 -9.07 35.19 -32.70
CA GLY G 119 -9.08 36.45 -31.98
C GLY G 119 -9.61 37.58 -32.85
N LYS G 120 -9.90 38.70 -32.18
CA LYS G 120 -10.39 39.90 -32.85
C LYS G 120 -9.75 41.11 -32.17
N THR G 121 -9.68 42.21 -32.92
CA THR G 121 -9.02 43.41 -32.42
C THR G 121 -9.76 44.64 -32.94
N VAL G 122 -9.84 45.67 -32.10
CA VAL G 122 -10.39 46.97 -32.48
C VAL G 122 -9.51 48.05 -31.88
N SER G 123 -9.15 49.04 -32.69
CA SER G 123 -8.21 50.08 -32.26
C SER G 123 -8.62 51.42 -32.84
N ARG G 124 -7.92 52.46 -32.39
CA ARG G 124 -8.15 53.82 -32.88
C ARG G 124 -6.98 54.69 -32.44
N ALA G 125 -6.40 55.45 -33.38
CA ALA G 125 -5.26 56.31 -33.11
C ALA G 125 -5.57 57.72 -33.59
N THR G 126 -5.29 58.71 -32.74
CA THR G 126 -5.54 60.11 -33.03
C THR G 126 -4.22 60.87 -33.04
N THR G 127 -3.98 61.64 -34.10
CA THR G 127 -2.72 62.34 -34.29
C THR G 127 -2.98 63.84 -34.42
N ASN G 128 -2.16 64.64 -33.73
CA ASN G 128 -2.15 66.08 -33.89
C ASN G 128 -0.76 66.53 -34.31
N SER G 129 -0.70 67.44 -35.28
CA SER G 129 0.58 67.92 -35.80
C SER G 129 0.57 69.44 -35.83
N LYS G 130 1.73 70.03 -35.54
CA LYS G 130 1.91 71.49 -35.54
C LYS G 130 3.19 71.80 -36.29
N THR G 131 3.05 72.43 -37.46
CA THR G 131 4.18 72.67 -38.35
C THR G 131 4.45 74.16 -38.47
N GLU G 132 5.71 74.54 -38.27
CA GLU G 132 6.17 75.92 -38.47
C GLU G 132 7.37 75.89 -39.40
N SER G 133 7.32 76.72 -40.45
CA SER G 133 8.37 76.75 -41.45
C SER G 133 8.82 78.19 -41.71
N ASN G 134 10.07 78.33 -42.12
CA ASN G 134 10.65 79.63 -42.42
C ASN G 134 11.54 79.52 -43.66
N THR G 135 11.71 80.64 -44.33
CA THR G 135 12.56 80.70 -45.52
C THR G 135 13.40 81.97 -45.54
N HIS G 158 6.87 81.81 -44.44
CA HIS G 158 6.49 81.57 -43.06
C HIS G 158 5.21 80.74 -42.99
N THR G 159 5.35 79.43 -43.06
CA THR G 159 4.21 78.52 -43.08
C THR G 159 3.86 78.09 -41.66
N THR G 160 2.58 78.19 -41.31
CA THR G 160 2.06 77.71 -40.03
C THR G 160 0.82 76.88 -40.32
N ASP G 161 0.86 75.61 -39.95
CA ASP G 161 -0.24 74.70 -40.30
C ASP G 161 -0.39 73.63 -39.22
N ASN G 162 -1.58 73.05 -39.19
CA ASN G 162 -1.92 71.98 -38.27
C ASN G 162 -2.65 70.88 -39.04
N SER G 163 -2.57 69.66 -38.52
CA SER G 163 -3.21 68.51 -39.16
C SER G 163 -3.65 67.52 -38.10
N THR G 164 -4.83 66.93 -38.31
CA THR G 164 -5.38 65.90 -37.43
C THR G 164 -5.76 64.69 -38.25
N ALA G 165 -5.30 63.52 -37.84
CA ALA G 165 -5.60 62.26 -38.50
C ALA G 165 -6.16 61.27 -37.49
N VAL G 166 -7.28 60.64 -37.83
CA VAL G 166 -7.93 59.66 -36.97
C VAL G 166 -7.86 58.32 -37.68
N GLN G 167 -6.92 57.48 -37.27
CA GLN G 167 -6.70 56.18 -37.89
C GLN G 167 -7.47 55.12 -37.11
N ASP G 168 -8.52 54.60 -37.72
CA ASP G 168 -9.37 53.57 -37.12
C ASP G 168 -8.97 52.24 -37.75
N SER G 169 -8.60 51.27 -36.92
CA SER G 169 -8.10 49.99 -37.39
C SER G 169 -8.73 48.85 -36.61
N ASN G 170 -8.91 47.72 -37.29
CA ASN G 170 -9.42 46.50 -36.66
C ASN G 170 -8.94 45.30 -37.46
N GLY G 171 -9.00 44.14 -36.82
CA GLY G 171 -8.52 42.94 -37.47
C GLY G 171 -8.94 41.69 -36.72
N GLU G 172 -8.43 40.55 -37.19
CA GLU G 172 -8.74 39.26 -36.59
C GLU G 172 -7.65 38.27 -37.00
N SER G 173 -7.54 37.18 -36.25
CA SER G 173 -6.45 36.24 -36.45
C SER G 173 -6.90 34.84 -36.07
N TRP G 174 -6.15 33.85 -36.56
CA TRP G 174 -6.38 32.45 -36.25
C TRP G 174 -5.05 31.80 -35.88
N ASN G 175 -5.13 30.65 -35.21
CA ASN G 175 -3.94 29.91 -34.84
C ASN G 175 -4.26 28.43 -34.75
N THR G 176 -3.23 27.60 -34.93
CA THR G 176 -3.36 26.16 -34.82
C THR G 176 -2.05 25.60 -34.29
N GLY G 177 -2.15 24.64 -33.35
CA GLY G 177 -0.98 24.08 -32.73
C GLY G 177 -1.06 22.57 -32.59
N LEU G 178 0.10 21.97 -32.32
CA LEU G 178 0.21 20.53 -32.17
C LEU G 178 1.48 20.21 -31.40
N SER G 179 1.37 19.44 -30.32
CA SER G 179 2.50 19.07 -29.49
C SER G 179 2.58 17.56 -29.36
N ILE G 180 3.81 17.03 -29.41
CA ILE G 180 4.05 15.60 -29.32
C ILE G 180 5.21 15.36 -28.36
N ASN G 181 5.08 14.35 -27.51
CA ASN G 181 6.13 13.97 -26.57
C ASN G 181 6.84 12.74 -27.10
N LYS G 182 8.14 12.89 -27.38
CA LYS G 182 8.89 11.81 -28.01
C LYS G 182 9.10 10.63 -27.07
N GLY G 183 9.14 10.87 -25.76
CA GLY G 183 9.32 9.78 -24.82
C GLY G 183 8.15 8.82 -24.81
N GLU G 184 6.92 9.34 -24.79
CA GLU G 184 5.70 8.55 -24.81
C GLU G 184 4.81 9.13 -25.91
N SER G 185 5.02 8.66 -27.14
CA SER G 185 4.26 9.18 -28.27
C SER G 185 2.91 8.51 -28.44
N ALA G 186 2.74 7.28 -27.96
CA ALA G 186 1.48 6.57 -28.15
C ALA G 186 1.34 5.50 -27.08
N TYR G 187 0.10 5.02 -26.92
CA TYR G 187 -0.22 3.91 -26.05
C TYR G 187 -0.79 2.77 -26.87
N ILE G 188 -0.56 1.54 -26.42
CA ILE G 188 -1.00 0.36 -27.16
C ILE G 188 -1.91 -0.47 -26.28
N ASN G 189 -2.84 -1.17 -26.93
CA ASN G 189 -3.85 -1.98 -26.26
C ASN G 189 -3.99 -3.29 -27.01
N ALA G 190 -3.65 -4.39 -26.35
CA ALA G 190 -3.64 -5.71 -26.98
C ALA G 190 -4.86 -6.52 -26.54
N ASN G 191 -5.51 -7.16 -27.50
CA ASN G 191 -6.64 -8.05 -27.23
C ASN G 191 -6.14 -9.49 -27.34
N VAL G 192 -6.28 -10.25 -26.25
CA VAL G 192 -5.68 -11.58 -26.15
C VAL G 192 -6.72 -12.58 -25.63
N ARG G 193 -6.39 -13.86 -25.79
CA ARG G 193 -7.20 -14.95 -25.27
C ARG G 193 -6.29 -15.97 -24.60
N TYR G 194 -6.84 -16.72 -23.66
CA TYR G 194 -6.15 -17.81 -22.99
C TYR G 194 -6.78 -19.13 -23.40
N TYR G 195 -5.93 -20.12 -23.68
CA TYR G 195 -6.38 -21.46 -24.04
C TYR G 195 -5.61 -22.50 -23.24
N ASN G 196 -6.25 -23.65 -23.04
CA ASN G 196 -5.67 -24.75 -22.27
C ASN G 196 -5.76 -26.04 -23.09
N THR G 197 -4.64 -26.74 -23.22
CA THR G 197 -4.58 -27.98 -23.97
C THR G 197 -4.11 -29.16 -23.11
N GLY G 198 -4.10 -29.01 -21.81
CA GLY G 198 -3.65 -30.05 -20.90
C GLY G 198 -4.79 -30.93 -20.42
N THR G 199 -4.53 -31.62 -19.30
CA THR G 199 -5.49 -32.53 -18.71
C THR G 199 -6.16 -31.98 -17.45
N ALA G 200 -5.69 -30.85 -16.93
CA ALA G 200 -6.21 -30.31 -15.69
C ALA G 200 -6.57 -28.85 -15.84
N PRO G 201 -7.52 -28.35 -15.06
CA PRO G 201 -7.86 -26.93 -15.11
C PRO G 201 -6.84 -26.07 -14.37
N MET G 202 -6.79 -24.81 -14.75
CA MET G 202 -6.00 -23.80 -14.06
C MET G 202 -6.92 -22.73 -13.54
N TYR G 203 -6.92 -22.54 -12.22
CA TYR G 203 -7.68 -21.47 -11.59
C TYR G 203 -6.78 -20.27 -11.36
N LYS G 204 -7.36 -19.08 -11.45
CA LYS G 204 -6.65 -17.82 -11.23
C LYS G 204 -5.47 -17.68 -12.21
N VAL G 205 -5.80 -17.80 -13.49
CA VAL G 205 -4.78 -17.79 -14.54
C VAL G 205 -4.19 -16.39 -14.66
N THR G 206 -2.88 -16.28 -14.41
CA THR G 206 -2.17 -15.00 -14.46
C THR G 206 -0.93 -15.17 -15.34
N PRO G 207 -1.08 -15.07 -16.66
CA PRO G 207 0.07 -15.23 -17.54
C PRO G 207 0.95 -13.99 -17.60
N THR G 208 2.16 -14.20 -18.10
CA THR G 208 3.12 -13.13 -18.35
C THR G 208 3.47 -13.13 -19.84
N THR G 209 3.43 -11.97 -20.47
CA THR G 209 3.60 -11.87 -21.91
C THR G 209 4.69 -10.86 -22.26
N ASN G 210 5.25 -11.04 -23.45
CA ASN G 210 6.24 -10.14 -24.03
C ASN G 210 5.66 -9.49 -25.28
N LEU G 211 6.10 -8.27 -25.56
CA LEU G 211 5.68 -7.52 -26.74
C LEU G 211 6.92 -7.10 -27.51
N VAL G 212 7.10 -7.68 -28.70
CA VAL G 212 8.32 -7.52 -29.49
C VAL G 212 7.95 -6.84 -30.81
N LEU G 213 8.66 -5.77 -31.16
CA LEU G 213 8.39 -5.07 -32.41
C LEU G 213 9.28 -5.55 -33.55
N ASP G 214 10.59 -5.35 -33.43
CA ASP G 214 11.53 -5.88 -34.42
C ASP G 214 12.47 -6.91 -33.79
N GLY G 215 13.20 -6.51 -32.76
CA GLY G 215 13.93 -7.43 -31.91
C GLY G 215 13.88 -6.88 -30.51
N ASP G 216 13.18 -5.75 -30.38
CA ASP G 216 13.09 -5.01 -29.14
C ASP G 216 11.88 -5.47 -28.35
N THR G 217 12.12 -6.03 -27.17
CA THR G 217 11.03 -6.34 -26.25
C THR G 217 10.48 -5.03 -25.70
N LEU G 218 9.31 -4.63 -26.17
CA LEU G 218 8.74 -3.35 -25.75
C LEU G 218 8.41 -3.35 -24.26
N SER G 219 7.78 -4.42 -23.78
CA SER G 219 7.36 -4.48 -22.38
C SER G 219 7.11 -5.92 -22.00
N THR G 220 7.08 -6.17 -20.70
CA THR G 220 6.78 -7.48 -20.13
C THR G 220 5.80 -7.28 -18.98
N ILE G 221 4.57 -7.74 -19.17
CA ILE G 221 3.47 -7.44 -18.26
C ILE G 221 2.94 -8.75 -17.66
N LYS G 222 2.84 -8.78 -16.34
CA LYS G 222 2.07 -9.80 -15.65
C LYS G 222 0.64 -9.31 -15.48
N ALA G 223 -0.32 -10.22 -15.68
CA ALA G 223 -1.72 -9.83 -15.69
C ALA G 223 -2.15 -9.28 -14.34
N GLN G 224 -2.88 -8.17 -14.36
CA GLN G 224 -3.49 -7.60 -13.16
C GLN G 224 -4.83 -8.28 -12.89
N GLU G 225 -5.60 -7.74 -11.95
CA GLU G 225 -6.89 -8.32 -11.62
C GLU G 225 -7.86 -8.24 -12.79
N ASN G 226 -7.69 -7.25 -13.67
CA ASN G 226 -8.57 -7.08 -14.82
C ASN G 226 -8.34 -8.12 -15.89
N GLN G 227 -7.28 -8.93 -15.80
CA GLN G 227 -6.95 -9.91 -16.82
C GLN G 227 -6.78 -11.32 -16.27
N ILE G 228 -7.16 -11.56 -15.02
CA ILE G 228 -7.00 -12.87 -14.41
C ILE G 228 -8.23 -13.72 -14.73
N GLY G 229 -7.99 -14.91 -15.28
CA GLY G 229 -9.07 -15.82 -15.59
C GLY G 229 -9.38 -16.75 -14.42
N ASN G 230 -10.63 -16.67 -13.94
CA ASN G 230 -11.01 -17.47 -12.77
C ASN G 230 -10.96 -18.96 -13.07
N ASN G 231 -11.47 -19.38 -14.22
CA ASN G 231 -11.55 -20.79 -14.58
C ASN G 231 -11.09 -20.99 -16.00
N LEU G 232 -10.35 -22.09 -16.24
CA LEU G 232 -9.95 -22.46 -17.60
C LEU G 232 -9.86 -23.98 -17.65
N SER G 233 -10.96 -24.60 -18.07
CA SER G 233 -11.01 -26.05 -18.20
C SER G 233 -10.25 -26.51 -19.44
N PRO G 234 -9.76 -27.75 -19.47
CA PRO G 234 -9.09 -28.25 -20.67
C PRO G 234 -10.00 -28.19 -21.88
N GLY G 235 -9.48 -27.64 -22.97
CA GLY G 235 -10.23 -27.49 -24.19
C GLY G 235 -11.04 -26.21 -24.31
N ASP G 236 -11.12 -25.42 -23.25
CA ASP G 236 -11.92 -24.20 -23.26
C ASP G 236 -11.02 -22.98 -23.46
N THR G 237 -11.62 -21.79 -23.37
CA THR G 237 -10.94 -20.54 -23.62
C THR G 237 -11.46 -19.51 -22.64
N TYR G 238 -10.60 -18.57 -22.23
CA TYR G 238 -11.05 -17.41 -21.49
C TYR G 238 -10.68 -16.14 -22.25
N PRO G 239 -11.66 -15.32 -22.68
CA PRO G 239 -13.10 -15.53 -22.49
C PRO G 239 -13.65 -16.69 -23.31
N LYS G 240 -14.79 -17.23 -22.92
CA LYS G 240 -15.37 -18.38 -23.59
C LYS G 240 -15.63 -18.06 -25.07
N LYS G 241 -15.79 -19.12 -25.85
CA LYS G 241 -16.09 -18.95 -27.27
C LYS G 241 -17.39 -18.19 -27.45
N GLY G 242 -17.36 -17.20 -28.33
CA GLY G 242 -18.50 -16.32 -28.55
C GLY G 242 -18.36 -14.95 -27.93
N LEU G 243 -17.44 -14.77 -27.00
CA LEU G 243 -17.18 -13.48 -26.38
C LEU G 243 -15.96 -12.83 -27.03
N SER G 244 -15.80 -11.54 -26.75
CA SER G 244 -14.70 -10.77 -27.31
C SER G 244 -13.42 -10.96 -26.50
N PRO G 245 -12.26 -10.75 -27.10
CA PRO G 245 -11.01 -10.86 -26.36
C PRO G 245 -10.88 -9.77 -25.31
N LEU G 246 -10.12 -10.07 -24.25
CA LEU G 246 -9.93 -9.11 -23.18
C LEU G 246 -8.81 -8.13 -23.52
N ALA G 247 -8.93 -6.91 -23.01
CA ALA G 247 -8.01 -5.84 -23.33
C ALA G 247 -6.90 -5.76 -22.30
N LEU G 248 -5.65 -5.86 -22.75
CA LEU G 248 -4.48 -5.75 -21.89
C LEU G 248 -3.81 -4.42 -22.21
N ASN G 249 -4.04 -3.43 -21.35
CA ASN G 249 -3.60 -2.07 -21.65
C ASN G 249 -3.00 -1.36 -20.44
N THR G 250 -2.56 -2.09 -19.41
CA THR G 250 -1.92 -1.50 -18.25
C THR G 250 -0.69 -2.31 -17.91
N MET G 251 0.28 -1.66 -17.25
CA MET G 251 1.52 -2.31 -16.88
C MET G 251 1.84 -2.27 -15.39
N ASP G 252 1.26 -1.35 -14.63
CA ASP G 252 1.54 -1.28 -13.21
C ASP G 252 0.67 -2.28 -12.44
N GLN G 253 1.05 -2.53 -11.19
CA GLN G 253 0.36 -3.52 -10.37
C GLN G 253 -1.09 -3.15 -10.08
N PHE G 254 -1.43 -1.86 -10.09
CA PHE G 254 -2.77 -1.41 -9.74
C PHE G 254 -3.60 -1.00 -10.94
N SER G 255 -3.14 -1.32 -12.16
CA SER G 255 -3.87 -1.01 -13.40
C SER G 255 -4.14 0.48 -13.52
N SER G 256 -3.15 1.30 -13.19
CA SER G 256 -3.29 2.75 -13.23
C SER G 256 -2.47 3.42 -14.33
N ARG G 257 -1.52 2.71 -14.93
CA ARG G 257 -0.61 3.29 -15.91
C ARG G 257 -0.72 2.55 -17.23
N LEU G 258 -0.78 3.30 -18.33
CA LEU G 258 -0.87 2.73 -19.66
C LEU G 258 0.51 2.29 -20.15
N ILE G 259 0.55 1.65 -21.32
CA ILE G 259 1.77 1.12 -21.89
C ILE G 259 2.27 2.10 -22.94
N PRO G 260 3.41 2.76 -22.74
CA PRO G 260 3.89 3.74 -23.71
C PRO G 260 4.86 3.17 -24.74
N ILE G 261 4.97 3.83 -25.89
CA ILE G 261 5.94 3.49 -26.92
C ILE G 261 6.60 4.77 -27.40
N ASN G 262 7.75 4.61 -28.05
CA ASN G 262 8.58 5.74 -28.46
C ASN G 262 8.07 6.38 -29.75
N TYR G 263 8.76 7.44 -30.17
CA TYR G 263 8.50 8.06 -31.46
C TYR G 263 8.99 7.19 -32.60
N ASP G 264 10.21 6.65 -32.48
CA ASP G 264 10.73 5.78 -33.53
C ASP G 264 9.95 4.47 -33.60
N GLN G 265 9.54 3.94 -32.45
CA GLN G 265 8.69 2.76 -32.43
C GLN G 265 7.35 3.03 -33.10
N LEU G 266 6.78 4.22 -32.87
CA LEU G 266 5.53 4.59 -33.53
C LEU G 266 5.73 4.73 -35.03
N LYS G 267 6.86 5.31 -35.46
CA LYS G 267 7.15 5.43 -36.88
C LYS G 267 7.31 4.07 -37.53
N LYS G 268 7.89 3.11 -36.80
CA LYS G 268 7.96 1.74 -37.31
C LYS G 268 6.59 1.09 -37.35
N LEU G 269 5.73 1.40 -36.37
CA LEU G 269 4.41 0.79 -36.32
C LEU G 269 3.54 1.25 -37.48
N ASP G 270 3.49 2.56 -37.74
CA ASP G 270 2.67 3.04 -38.84
C ASP G 270 3.36 2.92 -40.19
N ALA G 271 4.49 2.22 -40.25
CA ALA G 271 5.11 1.83 -41.51
C ALA G 271 4.75 0.41 -41.92
N GLY G 272 3.84 -0.24 -41.18
CA GLY G 272 3.38 -1.58 -41.48
C GLY G 272 3.97 -2.66 -40.60
N LYS G 273 5.03 -2.38 -39.85
CA LYS G 273 5.62 -3.38 -38.99
C LYS G 273 4.67 -3.76 -37.86
N GLN G 274 4.62 -5.04 -37.54
CA GLN G 274 3.67 -5.58 -36.57
C GLN G 274 4.35 -5.90 -35.25
N ILE G 275 3.54 -5.96 -34.20
CA ILE G 275 3.98 -6.33 -32.86
C ILE G 275 3.55 -7.77 -32.59
N LYS G 276 4.50 -8.59 -32.13
CA LYS G 276 4.22 -9.96 -31.76
C LYS G 276 4.06 -10.07 -30.25
N LEU G 277 3.36 -11.13 -29.83
CA LEU G 277 3.15 -11.42 -28.42
C LEU G 277 3.67 -12.82 -28.09
N GLU G 278 4.35 -12.94 -26.96
CA GLU G 278 4.98 -14.18 -26.54
C GLU G 278 4.66 -14.40 -25.07
N THR G 279 4.10 -15.57 -24.74
CA THR G 279 3.87 -15.92 -23.35
C THR G 279 5.12 -16.59 -22.78
N THR G 280 5.63 -16.04 -21.68
CA THR G 280 6.86 -16.56 -21.09
C THR G 280 6.56 -17.55 -19.97
N GLN G 281 5.53 -17.27 -19.18
CA GLN G 281 5.12 -18.16 -18.09
C GLN G 281 3.68 -17.86 -17.76
N VAL G 282 3.02 -18.84 -17.13
CA VAL G 282 1.63 -18.68 -16.69
C VAL G 282 1.55 -19.10 -15.24
N SER G 283 1.03 -18.22 -14.40
CA SER G 283 0.73 -18.55 -13.01
C SER G 283 -0.68 -19.11 -12.91
N GLY G 284 -0.88 -19.98 -11.93
CA GLY G 284 -2.19 -20.59 -11.76
C GLY G 284 -2.21 -21.48 -10.54
N ASN G 285 -3.40 -21.98 -10.24
CA ASN G 285 -3.63 -22.78 -9.05
C ASN G 285 -4.38 -24.05 -9.40
N PHE G 286 -4.23 -25.06 -8.55
CA PHE G 286 -5.01 -26.29 -8.62
C PHE G 286 -5.84 -26.40 -7.35
N GLY G 287 -6.83 -27.30 -7.40
N GLY G 287 -6.83 -27.29 -7.39
CA GLY G 287 -7.76 -27.48 -6.30
CA GLY G 287 -7.73 -27.47 -6.27
C GLY G 287 -7.56 -28.81 -5.61
C GLY G 287 -7.61 -28.82 -5.61
N THR G 288 -7.80 -28.82 -4.30
N THR G 288 -7.68 -28.85 -4.29
CA THR G 288 -7.65 -30.02 -3.47
CA THR G 288 -7.57 -30.08 -3.51
C THR G 288 -8.83 -30.09 -2.50
C THR G 288 -8.91 -30.39 -2.87
N LYS G 289 -8.72 -30.96 -1.51
N LYS G 289 -9.39 -31.62 -3.07
CA LYS G 289 -9.74 -31.11 -0.48
CA LYS G 289 -10.69 -32.05 -2.58
C LYS G 289 -9.14 -30.79 0.88
C LYS G 289 -10.51 -32.79 -1.26
N ASN G 290 -9.84 -29.97 1.65
N ASN G 290 -11.16 -32.30 -0.21
CA ASN G 290 -9.42 -29.60 2.99
CA ASN G 290 -10.99 -32.85 1.12
C ASN G 290 -9.87 -30.67 3.98
C ASN G 290 -12.02 -33.95 1.37
N SER G 291 -9.84 -30.38 5.27
N SER G 291 -12.17 -34.35 2.64
CA SER G 291 -10.25 -31.36 6.28
CA SER G 291 -12.96 -35.54 2.96
C SER G 291 -11.69 -31.83 6.06
C SER G 291 -14.43 -35.38 2.63
N SER G 292 -12.54 -30.97 5.50
N SER G 292 -15.02 -34.24 2.97
CA SER G 292 -13.90 -31.32 5.14
CA SER G 292 -16.44 -33.99 2.71
C SER G 292 -13.97 -31.61 3.64
C SER G 292 -16.66 -33.18 1.43
N GLY G 293 -15.19 -31.77 3.14
N GLY G 293 -15.77 -33.31 0.45
CA GLY G 293 -15.40 -32.11 1.74
CA GLY G 293 -15.94 -32.64 -0.82
C GLY G 293 -15.31 -30.92 0.81
C GLY G 293 -15.77 -31.14 -0.81
N GLN G 294 -14.88 -29.78 1.33
N GLN G 294 -15.00 -30.62 0.14
CA GLN G 294 -14.77 -28.57 0.53
CA GLN G 294 -14.70 -29.18 0.19
C GLN G 294 -13.50 -28.58 -0.31
C GLN G 294 -13.36 -28.94 -0.49
N ILE G 295 -13.40 -27.62 -1.21
N ILE G 295 -13.32 -27.90 -1.32
CA ILE G 295 -12.28 -27.51 -2.14
CA ILE G 295 -12.20 -27.67 -2.23
C ILE G 295 -11.56 -26.20 -1.88
C ILE G 295 -11.56 -26.33 -1.88
N VAL G 296 -10.25 -26.28 -1.69
N VAL G 296 -10.24 -26.33 -1.73
CA VAL G 296 -9.40 -25.12 -1.43
CA VAL G 296 -9.46 -25.12 -1.47
C VAL G 296 -8.47 -24.93 -2.63
C VAL G 296 -8.49 -24.94 -2.62
N THR G 297 -8.45 -23.72 -3.17
CA THR G 297 -7.60 -23.42 -4.31
C THR G 297 -6.49 -22.43 -3.96
N GLU G 298 -6.67 -21.61 -2.92
CA GLU G 298 -5.64 -20.67 -2.52
C GLU G 298 -4.44 -21.41 -1.95
N GLY G 299 -3.24 -20.97 -2.33
CA GLY G 299 -2.01 -21.54 -1.82
C GLY G 299 -1.53 -22.78 -2.53
N ASN G 300 -2.26 -23.29 -3.51
CA ASN G 300 -1.89 -24.47 -4.27
C ASN G 300 -1.39 -24.02 -5.64
N SER G 301 -0.09 -23.80 -5.75
CA SER G 301 0.51 -23.26 -6.96
C SER G 301 1.07 -24.37 -7.85
N TRP G 302 0.89 -24.22 -9.16
CA TRP G 302 1.44 -25.17 -10.13
C TRP G 302 2.93 -25.01 -10.32
N SER G 303 3.49 -23.83 -10.04
CA SER G 303 4.91 -23.60 -10.22
C SER G 303 5.76 -24.46 -9.28
N ASP G 304 5.18 -24.98 -8.20
CA ASP G 304 5.90 -25.89 -7.33
C ASP G 304 6.03 -27.28 -7.92
N TYR G 305 5.30 -27.58 -9.00
CA TYR G 305 5.35 -28.88 -9.63
C TYR G 305 5.76 -28.83 -11.10
N ILE G 306 5.83 -27.65 -11.71
CA ILE G 306 6.13 -27.58 -13.14
C ILE G 306 7.52 -28.14 -13.44
N SER G 307 8.53 -27.70 -12.69
CA SER G 307 9.89 -28.17 -12.92
C SER G 307 10.00 -29.67 -12.67
N GLN G 308 9.38 -30.15 -11.59
CA GLN G 308 9.47 -31.56 -11.25
C GLN G 308 8.79 -32.43 -12.32
N ILE G 309 7.64 -32.00 -12.81
CA ILE G 309 6.95 -32.76 -13.86
C ILE G 309 7.77 -32.75 -15.14
N ASP G 310 8.33 -31.60 -15.51
CA ASP G 310 9.11 -31.53 -16.74
C ASP G 310 10.43 -32.27 -16.64
N SER G 311 10.92 -32.52 -15.42
CA SER G 311 12.23 -33.16 -15.27
C SER G 311 12.20 -34.66 -15.52
N ILE G 312 11.09 -35.33 -15.20
CA ILE G 312 11.05 -36.78 -15.19
C ILE G 312 10.07 -37.34 -16.23
N SER G 313 9.67 -36.54 -17.21
CA SER G 313 8.64 -36.94 -18.14
C SER G 313 9.02 -36.55 -19.56
N ALA G 314 8.34 -37.18 -20.52
CA ALA G 314 8.47 -36.87 -21.94
C ALA G 314 7.21 -36.17 -22.42
N SER G 315 7.37 -35.27 -23.39
CA SER G 315 6.26 -34.49 -23.90
C SER G 315 5.80 -35.06 -25.24
N ILE G 316 4.49 -35.27 -25.36
CA ILE G 316 3.87 -35.80 -26.58
C ILE G 316 2.74 -34.88 -26.98
N ILE G 317 2.69 -34.52 -28.25
CA ILE G 317 1.67 -33.61 -28.77
C ILE G 317 0.96 -34.28 -29.94
N LEU G 318 -0.37 -34.21 -29.95
CA LEU G 318 -1.19 -34.68 -31.04
C LEU G 318 -1.89 -33.47 -31.67
N ASP G 319 -1.62 -33.23 -32.95
CA ASP G 319 -2.06 -32.01 -33.63
C ASP G 319 -3.09 -32.39 -34.68
N THR G 320 -4.37 -32.31 -34.31
CA THR G 320 -5.46 -32.52 -35.25
C THR G 320 -5.82 -31.20 -35.92
N GLU G 321 -6.87 -31.23 -36.75
CA GLU G 321 -7.25 -30.05 -37.51
C GLU G 321 -7.81 -28.96 -36.60
N ASN G 322 -8.72 -29.33 -35.69
CA ASN G 322 -9.45 -28.35 -34.90
C ASN G 322 -8.89 -28.16 -33.50
N GLU G 323 -8.12 -29.13 -32.97
CA GLU G 323 -7.66 -29.02 -31.59
C GLU G 323 -6.32 -29.72 -31.46
N SER G 324 -5.50 -29.24 -30.52
CA SER G 324 -4.20 -29.80 -30.23
C SER G 324 -4.16 -30.26 -28.79
N TYR G 325 -3.45 -31.36 -28.54
CA TYR G 325 -3.38 -31.98 -27.22
C TYR G 325 -1.93 -32.18 -26.83
N GLU G 326 -1.56 -31.66 -25.66
CA GLU G 326 -0.20 -31.79 -25.15
C GLU G 326 -0.23 -32.57 -23.84
N ARG G 327 0.62 -33.58 -23.73
CA ARG G 327 0.60 -34.51 -22.60
C ARG G 327 2.02 -34.75 -22.10
N ARG G 328 2.12 -35.15 -20.84
CA ARG G 328 3.37 -35.54 -20.21
C ARG G 328 3.23 -36.94 -19.65
N VAL G 329 4.15 -37.83 -20.01
CA VAL G 329 4.15 -39.21 -19.57
C VAL G 329 5.45 -39.50 -18.86
N THR G 330 5.36 -40.08 -17.67
CA THR G 330 6.55 -40.36 -16.87
C THR G 330 7.42 -41.40 -17.56
N ALA G 331 8.73 -41.17 -17.57
CA ALA G 331 9.68 -42.03 -18.26
C ALA G 331 10.71 -42.53 -17.27
N LYS G 332 11.06 -43.81 -17.38
CA LYS G 332 11.98 -44.45 -16.46
C LYS G 332 13.42 -44.07 -16.77
N ASN G 333 14.23 -43.96 -15.72
CA ASN G 333 15.67 -43.76 -15.84
C ASN G 333 16.37 -45.07 -15.52
N LEU G 334 17.01 -45.66 -16.53
CA LEU G 334 17.60 -46.98 -16.37
C LEU G 334 18.95 -46.95 -15.67
N GLN G 335 19.57 -45.78 -15.55
CA GLN G 335 20.85 -45.65 -14.86
C GLN G 335 20.71 -45.61 -13.35
N ASP G 336 19.48 -45.51 -12.84
CA ASP G 336 19.23 -45.48 -11.40
C ASP G 336 18.57 -46.79 -10.98
N PRO G 337 19.28 -47.66 -10.24
CA PRO G 337 18.67 -48.94 -9.86
C PRO G 337 17.48 -48.81 -8.92
N GLU G 338 17.32 -47.66 -8.27
CA GLU G 338 16.22 -47.45 -7.34
C GLU G 338 15.03 -46.75 -7.97
N ASP G 339 15.06 -46.50 -9.28
CA ASP G 339 13.94 -45.90 -9.99
C ASP G 339 13.00 -47.03 -10.41
N LYS G 340 11.95 -47.23 -9.62
CA LYS G 340 11.05 -48.37 -9.79
C LYS G 340 9.83 -48.06 -10.63
N THR G 341 9.79 -46.89 -11.27
CA THR G 341 8.64 -46.54 -12.10
C THR G 341 8.50 -47.53 -13.25
N PRO G 342 7.27 -47.91 -13.61
CA PRO G 342 7.09 -48.92 -14.66
C PRO G 342 7.56 -48.43 -16.01
N GLU G 343 7.99 -49.38 -16.84
CA GLU G 343 8.56 -49.09 -18.14
C GLU G 343 7.47 -49.07 -19.20
N LEU G 344 7.59 -48.13 -20.15
CA LEU G 344 6.67 -48.00 -21.26
C LEU G 344 7.44 -47.89 -22.57
N THR G 345 6.80 -48.31 -23.65
CA THR G 345 7.27 -48.03 -25.00
C THR G 345 6.55 -46.79 -25.51
N ILE G 346 6.89 -46.38 -26.74
CA ILE G 346 6.29 -45.17 -27.30
C ILE G 346 4.81 -45.37 -27.58
N GLY G 347 4.45 -46.52 -28.14
CA GLY G 347 3.04 -46.77 -28.46
C GLY G 347 2.18 -46.84 -27.21
N GLU G 348 2.65 -47.53 -26.18
CA GLU G 348 1.90 -47.60 -24.93
C GLU G 348 1.75 -46.22 -24.30
N ALA G 349 2.83 -45.42 -24.34
CA ALA G 349 2.77 -44.08 -23.79
C ALA G 349 1.74 -43.24 -24.53
N ILE G 350 1.72 -43.32 -25.86
CA ILE G 350 0.75 -42.55 -26.65
C ILE G 350 -0.66 -43.00 -26.32
N GLU G 351 -0.88 -44.31 -26.26
CA GLU G 351 -2.21 -44.84 -25.99
C GLU G 351 -2.71 -44.40 -24.61
N LYS G 352 -1.84 -44.45 -23.60
CA LYS G 352 -2.23 -44.02 -22.27
C LYS G 352 -2.47 -42.51 -22.23
N ALA G 353 -1.64 -41.73 -22.92
CA ALA G 353 -1.74 -40.28 -22.86
C ALA G 353 -3.03 -39.78 -23.50
N PHE G 354 -3.37 -40.31 -24.68
CA PHE G 354 -4.51 -39.80 -25.42
C PHE G 354 -5.75 -40.68 -25.30
N GLY G 355 -5.69 -41.75 -24.53
CA GLY G 355 -6.84 -42.62 -24.39
C GLY G 355 -7.27 -43.27 -25.70
N ALA G 356 -6.32 -43.60 -26.56
CA ALA G 356 -6.63 -44.21 -27.83
C ALA G 356 -7.12 -45.65 -27.64
N THR G 357 -7.81 -46.15 -28.64
CA THR G 357 -8.35 -47.50 -28.62
C THR G 357 -7.68 -48.36 -29.69
N LYS G 358 -7.43 -49.61 -29.34
CA LYS G 358 -6.78 -50.57 -30.23
C LYS G 358 -7.85 -51.44 -30.88
N LYS G 359 -7.93 -51.40 -32.20
CA LYS G 359 -8.88 -52.23 -32.94
C LYS G 359 -8.27 -53.58 -33.30
N ASP G 360 -7.19 -53.56 -34.08
CA ASP G 360 -6.50 -54.77 -34.52
C ASP G 360 -4.98 -54.57 -34.41
N GLY G 361 -4.55 -54.01 -33.28
CA GLY G 361 -3.17 -53.65 -33.09
C GLY G 361 -2.82 -52.24 -33.47
N LEU G 362 -3.79 -51.45 -33.93
CA LEU G 362 -3.57 -50.09 -34.38
C LEU G 362 -4.38 -49.14 -33.52
N LEU G 363 -3.78 -47.99 -33.18
CA LEU G 363 -4.38 -47.04 -32.27
C LEU G 363 -5.26 -46.06 -33.02
N TYR G 364 -6.45 -45.80 -32.49
CA TYR G 364 -7.39 -44.84 -33.05
C TYR G 364 -7.77 -43.84 -31.98
N PHE G 365 -7.83 -42.56 -32.34
CA PHE G 365 -8.14 -41.53 -31.35
C PHE G 365 -9.65 -41.44 -31.12
N ASN G 366 -10.40 -41.03 -32.13
CA ASN G 366 -11.85 -41.15 -32.13
C ASN G 366 -12.33 -41.99 -33.30
N ASP G 367 -11.98 -41.58 -34.53
CA ASP G 367 -12.13 -42.43 -35.70
C ASP G 367 -10.87 -42.39 -36.55
N ILE G 368 -10.03 -41.38 -36.39
CA ILE G 368 -8.81 -41.24 -37.19
C ILE G 368 -7.78 -42.26 -36.71
N PRO G 369 -6.97 -42.81 -37.60
CA PRO G 369 -5.85 -43.66 -37.15
C PRO G 369 -4.68 -42.81 -36.72
N ILE G 370 -4.01 -43.23 -35.65
CA ILE G 370 -2.81 -42.53 -35.18
C ILE G 370 -1.66 -43.51 -35.10
N ASP G 371 -1.75 -44.61 -35.83
CA ASP G 371 -0.66 -45.55 -35.94
C ASP G 371 0.51 -44.90 -36.68
N GLU G 372 1.72 -45.37 -36.38
CA GLU G 372 2.94 -44.72 -36.88
C GLU G 372 3.00 -44.68 -38.40
N SER G 373 2.32 -45.60 -39.09
CA SER G 373 2.30 -45.61 -40.54
C SER G 373 1.21 -44.72 -41.13
N CYS G 374 0.34 -44.15 -40.31
CA CYS G 374 -0.76 -43.34 -40.78
C CYS G 374 -0.68 -41.88 -40.35
N VAL G 375 0.43 -41.46 -39.73
CA VAL G 375 0.61 -40.08 -39.28
C VAL G 375 2.03 -39.65 -39.58
N GLU G 376 2.30 -38.37 -39.34
CA GLU G 376 3.62 -37.79 -39.51
C GLU G 376 4.25 -37.62 -38.13
N LEU G 377 5.46 -38.15 -37.97
CA LEU G 377 6.19 -38.11 -36.70
C LEU G 377 7.31 -37.09 -36.79
N ILE G 378 7.36 -36.19 -35.81
CA ILE G 378 8.35 -35.12 -35.77
C ILE G 378 9.09 -35.21 -34.44
N PHE G 379 10.42 -35.19 -34.49
CA PHE G 379 11.26 -35.20 -33.31
C PHE G 379 12.32 -34.12 -33.44
N ASP G 380 12.93 -33.76 -32.32
CA ASP G 380 14.06 -32.85 -32.33
C ASP G 380 15.33 -33.66 -32.63
N ASP G 381 16.50 -33.03 -32.45
CA ASP G 381 17.76 -33.73 -32.71
C ASP G 381 17.94 -34.92 -31.77
N ASN G 382 17.79 -34.68 -30.46
CA ASN G 382 18.10 -35.72 -29.49
C ASN G 382 17.12 -36.89 -29.57
N THR G 383 15.82 -36.61 -29.71
CA THR G 383 14.84 -37.68 -29.78
C THR G 383 15.03 -38.51 -31.04
N ALA G 384 15.29 -37.86 -32.18
CA ALA G 384 15.54 -38.60 -33.41
C ALA G 384 16.81 -39.43 -33.31
N ASN G 385 17.84 -38.88 -32.67
CA ASN G 385 19.07 -39.65 -32.47
C ASN G 385 18.82 -40.88 -31.61
N LYS G 386 18.09 -40.73 -30.51
CA LYS G 386 17.77 -41.87 -29.66
C LYS G 386 16.94 -42.90 -30.41
N ILE G 387 15.98 -42.43 -31.22
CA ILE G 387 15.10 -43.34 -31.95
C ILE G 387 15.89 -44.14 -32.98
N LYS G 388 16.79 -43.48 -33.73
CA LYS G 388 17.52 -44.24 -34.74
C LYS G 388 18.65 -45.06 -34.13
N ASP G 389 19.08 -44.73 -32.90
CA ASP G 389 20.02 -45.59 -32.21
C ASP G 389 19.34 -46.81 -31.60
N SER G 390 18.05 -46.70 -31.27
CA SER G 390 17.33 -47.85 -30.73
C SER G 390 16.70 -48.71 -31.81
N LEU G 391 16.44 -48.16 -32.99
CA LEU G 391 15.83 -48.95 -34.06
C LEU G 391 16.78 -50.04 -34.55
N LYS G 392 18.08 -49.73 -34.63
CA LYS G 392 19.03 -50.73 -35.13
C LYS G 392 19.11 -51.94 -34.23
N THR G 393 19.10 -51.74 -32.91
CA THR G 393 19.18 -52.86 -31.98
C THR G 393 17.85 -53.54 -31.74
N LEU G 394 16.75 -53.01 -32.28
CA LEU G 394 15.45 -53.65 -32.10
C LEU G 394 15.21 -54.69 -33.19
N SER G 395 14.31 -55.63 -32.91
CA SER G 395 14.00 -56.73 -33.81
C SER G 395 12.84 -56.42 -34.74
N ASP G 396 11.75 -55.85 -34.21
CA ASP G 396 10.59 -55.55 -35.05
C ASP G 396 10.80 -54.34 -35.95
N LYS G 397 11.78 -53.49 -35.64
CA LYS G 397 12.07 -52.28 -36.42
C LYS G 397 10.85 -51.37 -36.52
N LYS G 398 10.14 -51.22 -35.41
CA LYS G 398 8.99 -50.33 -35.31
C LYS G 398 9.29 -49.21 -34.33
N ILE G 399 8.85 -48.00 -34.67
CA ILE G 399 9.09 -46.85 -33.79
C ILE G 399 8.29 -46.97 -32.50
N TYR G 400 7.06 -47.48 -32.59
CA TYR G 400 6.22 -47.61 -31.41
C TYR G 400 6.72 -48.64 -30.41
N ASN G 401 7.69 -49.47 -30.79
CA ASN G 401 8.33 -50.40 -29.86
C ASN G 401 9.58 -49.84 -29.22
N VAL G 402 9.96 -48.59 -29.54
CA VAL G 402 11.16 -48.00 -28.98
C VAL G 402 10.94 -47.66 -27.51
N LYS G 403 11.97 -47.90 -26.70
CA LYS G 403 11.92 -47.57 -25.29
C LYS G 403 11.71 -46.07 -25.10
N LEU G 404 10.88 -45.71 -24.12
CA LEU G 404 10.56 -44.32 -23.84
C LEU G 404 11.51 -43.77 -22.77
N GLU G 405 12.13 -42.62 -23.06
CA GLU G 405 13.12 -42.04 -22.18
C GLU G 405 12.75 -40.60 -21.87
N ARG G 406 13.28 -40.10 -20.76
CA ARG G 406 12.99 -38.74 -20.32
C ARG G 406 13.55 -37.73 -21.31
N GLY G 407 12.81 -36.63 -21.49
CA GLY G 407 13.23 -35.57 -22.38
C GLY G 407 12.86 -35.77 -23.84
N MET G 408 12.18 -36.85 -24.18
CA MET G 408 11.78 -37.08 -25.56
C MET G 408 10.68 -36.11 -25.97
N ASN G 409 10.85 -35.48 -27.13
CA ASN G 409 9.88 -34.56 -27.69
C ASN G 409 9.30 -35.16 -28.95
N ILE G 410 8.00 -35.44 -28.93
CA ILE G 410 7.31 -36.11 -30.03
C ILE G 410 6.12 -35.26 -30.45
N LEU G 411 5.94 -35.10 -31.76
CA LEU G 411 4.79 -34.39 -32.31
C LEU G 411 4.14 -35.26 -33.36
N ILE G 412 2.82 -35.42 -33.27
CA ILE G 412 2.06 -36.29 -34.17
C ILE G 412 1.11 -35.41 -34.97
N LYS G 413 1.35 -35.31 -36.28
CA LYS G 413 0.48 -34.57 -37.19
C LYS G 413 -0.43 -35.55 -37.90
N THR G 414 -1.73 -35.34 -37.79
CA THR G 414 -2.70 -36.17 -38.51
C THR G 414 -2.96 -35.58 -39.88
N PRO G 415 -2.98 -36.40 -40.94
CA PRO G 415 -3.10 -35.86 -42.29
C PRO G 415 -4.48 -35.26 -42.55
N THR G 416 -4.51 -34.31 -43.48
CA THR G 416 -5.79 -33.78 -43.95
C THR G 416 -6.56 -34.84 -44.72
N TYR G 417 -5.89 -35.50 -45.67
CA TYR G 417 -6.49 -36.57 -46.47
C TYR G 417 -5.58 -37.79 -46.40
N PHE G 418 -6.19 -38.96 -46.23
CA PHE G 418 -5.45 -40.19 -46.06
C PHE G 418 -6.24 -41.35 -46.65
N THR G 419 -5.51 -42.39 -47.07
CA THR G 419 -6.14 -43.60 -47.55
C THR G 419 -5.22 -44.79 -47.27
N ASN G 420 -5.82 -45.89 -46.83
CA ASN G 420 -5.12 -47.15 -46.63
C ASN G 420 -5.49 -48.19 -47.66
N PHE G 421 -6.38 -47.85 -48.61
CA PHE G 421 -6.89 -48.72 -49.66
C PHE G 421 -7.69 -49.90 -49.11
N ASP G 422 -8.06 -49.88 -47.83
CA ASP G 422 -8.93 -50.93 -47.29
C ASP G 422 -10.27 -50.39 -46.82
N ASP G 423 -10.28 -49.48 -45.85
CA ASP G 423 -11.53 -48.97 -45.30
C ASP G 423 -11.56 -47.48 -45.06
N TYR G 424 -10.42 -46.81 -44.90
CA TYR G 424 -10.37 -45.39 -44.56
C TYR G 424 -10.02 -44.61 -45.82
N ASN G 425 -11.03 -44.00 -46.43
CA ASN G 425 -10.84 -43.10 -47.57
C ASN G 425 -11.33 -41.71 -47.16
N ASN G 426 -10.50 -40.71 -47.41
CA ASN G 426 -10.78 -39.35 -46.97
C ASN G 426 -10.77 -38.36 -48.13
N TYR G 427 -10.10 -38.68 -49.24
CA TYR G 427 -10.00 -37.74 -50.35
C TYR G 427 -11.39 -37.41 -50.90
N PRO G 428 -11.69 -36.13 -51.14
CA PRO G 428 -13.00 -35.79 -51.72
C PRO G 428 -13.22 -36.40 -53.09
N SER G 429 -12.17 -36.54 -53.89
CA SER G 429 -12.26 -37.12 -55.22
C SER G 429 -11.78 -38.57 -55.18
N THR G 430 -11.68 -39.19 -56.36
CA THR G 430 -11.31 -40.59 -56.47
C THR G 430 -10.10 -40.73 -57.38
N TRP G 431 -9.18 -41.63 -57.00
CA TRP G 431 -8.05 -41.94 -57.85
C TRP G 431 -8.54 -42.60 -59.14
N SER G 432 -7.76 -42.44 -60.21
CA SER G 432 -8.17 -42.92 -61.52
C SER G 432 -8.31 -44.43 -61.55
N ASN G 433 -7.37 -45.15 -60.95
CA ASN G 433 -7.34 -46.61 -60.99
C ASN G 433 -7.20 -47.14 -59.57
N VAL G 434 -8.10 -48.05 -59.20
CA VAL G 434 -8.10 -48.67 -57.88
C VAL G 434 -8.24 -50.18 -58.04
N ASN G 435 -7.38 -50.94 -57.37
CA ASN G 435 -7.50 -52.39 -57.31
C ASN G 435 -6.87 -52.87 -56.01
N THR G 436 -7.72 -53.29 -55.07
CA THR G 436 -7.29 -53.73 -53.74
C THR G 436 -7.60 -55.20 -53.51
N THR G 437 -7.54 -56.01 -54.57
CA THR G 437 -7.93 -57.41 -54.46
C THR G 437 -6.88 -58.26 -53.77
N ASN G 438 -5.60 -57.90 -53.91
CA ASN G 438 -4.51 -58.72 -53.39
C ASN G 438 -4.28 -58.42 -51.92
N GLN G 439 -3.20 -58.96 -51.36
CA GLN G 439 -2.81 -58.75 -49.97
C GLN G 439 -1.34 -58.33 -49.96
N ASP G 440 -1.11 -57.02 -50.01
CA ASP G 440 0.24 -56.47 -50.02
C ASP G 440 0.20 -55.13 -49.28
N GLY G 441 1.27 -54.35 -49.41
CA GLY G 441 1.34 -53.08 -48.73
C GLY G 441 1.56 -53.25 -47.25
N LEU G 442 1.39 -52.13 -46.52
CA LEU G 442 1.59 -52.16 -45.08
C LEU G 442 0.59 -53.09 -44.41
N GLN G 443 -0.69 -53.00 -44.80
CA GLN G 443 -1.73 -53.88 -44.27
C GLN G 443 -2.69 -54.23 -45.40
N GLY G 444 -2.40 -55.30 -46.12
CA GLY G 444 -3.38 -55.89 -47.04
C GLY G 444 -3.93 -54.96 -48.09
N SER G 445 -3.07 -54.19 -48.75
CA SER G 445 -3.54 -53.24 -49.76
C SER G 445 -2.43 -52.76 -50.67
N ALA G 446 -2.64 -52.83 -51.99
CA ALA G 446 -1.61 -52.49 -52.96
C ALA G 446 -2.00 -51.31 -53.85
N ASN G 447 -3.17 -51.37 -54.49
CA ASN G 447 -3.62 -50.31 -55.41
C ASN G 447 -2.59 -50.05 -56.51
N LYS G 448 -2.39 -51.07 -57.34
CA LYS G 448 -1.45 -50.99 -58.45
C LYS G 448 -2.10 -51.53 -59.71
N LEU G 449 -2.20 -50.68 -60.74
CA LEU G 449 -2.51 -51.09 -62.10
C LEU G 449 -1.38 -50.60 -63.00
N ASN G 450 -1.17 -51.32 -64.12
CA ASN G 450 -0.17 -50.88 -65.08
C ASN G 450 -0.52 -49.51 -65.63
N GLY G 451 -1.80 -49.27 -65.93
CA GLY G 451 -2.28 -47.93 -66.15
C GLY G 451 -2.08 -47.09 -64.91
N GLU G 452 -1.56 -45.89 -65.06
CA GLU G 452 -1.13 -45.11 -63.91
C GLU G 452 -2.33 -44.50 -63.19
N THR G 453 -2.04 -43.64 -62.21
CA THR G 453 -3.06 -43.05 -61.37
C THR G 453 -2.90 -41.53 -61.30
N LYS G 454 -4.00 -40.85 -61.02
CA LYS G 454 -4.01 -39.40 -60.87
C LYS G 454 -5.21 -38.99 -60.02
N ILE G 455 -5.06 -37.92 -59.26
CA ILE G 455 -6.10 -37.42 -58.37
C ILE G 455 -6.14 -35.90 -58.50
N LYS G 456 -7.35 -35.35 -58.56
CA LYS G 456 -7.57 -33.92 -58.74
C LYS G 456 -8.25 -33.34 -57.51
N ILE G 457 -7.70 -32.26 -56.98
CA ILE G 457 -8.16 -31.62 -55.75
C ILE G 457 -8.87 -30.33 -56.13
N PRO G 458 -10.13 -30.14 -55.70
CA PRO G 458 -10.92 -28.99 -56.19
C PRO G 458 -10.40 -27.62 -55.77
N MET G 459 -9.42 -27.53 -54.87
CA MET G 459 -8.84 -26.26 -54.42
C MET G 459 -9.81 -25.43 -53.60
N SER G 460 -11.05 -25.89 -53.47
CA SER G 460 -11.99 -25.29 -52.54
C SER G 460 -11.97 -25.95 -51.18
N GLU G 461 -11.14 -26.98 -51.01
CA GLU G 461 -11.08 -27.74 -49.76
C GLU G 461 -9.69 -27.73 -49.13
N LEU G 462 -8.77 -26.91 -49.65
CA LEU G 462 -7.43 -26.81 -49.11
C LEU G 462 -7.16 -25.38 -48.66
N LYS G 463 -6.26 -25.24 -47.70
CA LYS G 463 -5.98 -23.92 -47.14
C LYS G 463 -5.37 -23.01 -48.21
N PRO G 464 -5.82 -21.75 -48.30
CA PRO G 464 -5.37 -20.86 -49.38
C PRO G 464 -3.85 -20.78 -49.55
N TYR G 465 -3.14 -20.33 -48.52
CA TYR G 465 -1.69 -20.15 -48.58
C TYR G 465 -1.06 -20.99 -47.49
N LYS G 466 -0.80 -22.26 -47.79
CA LYS G 466 -0.17 -23.15 -46.83
C LYS G 466 0.69 -24.15 -47.58
N ARG G 467 1.64 -24.73 -46.86
CA ARG G 467 2.58 -25.69 -47.44
C ARG G 467 2.20 -27.10 -46.98
N TYR G 468 2.11 -28.01 -47.94
CA TYR G 468 1.66 -29.37 -47.68
C TYR G 468 2.76 -30.36 -48.04
N VAL G 469 2.55 -31.60 -47.62
CA VAL G 469 3.43 -32.71 -47.97
C VAL G 469 2.57 -33.90 -48.38
N PHE G 470 2.99 -34.61 -49.42
CA PHE G 470 2.31 -35.80 -49.89
C PHE G 470 3.23 -36.99 -49.69
N SER G 471 2.76 -37.99 -48.95
CA SER G 471 3.61 -39.08 -48.48
C SER G 471 2.94 -40.42 -48.76
N GLY G 472 3.74 -41.47 -48.67
CA GLY G 472 3.25 -42.81 -48.91
C GLY G 472 4.37 -43.82 -48.74
N TYR G 473 4.11 -45.04 -49.17
CA TYR G 473 5.09 -46.12 -49.10
C TYR G 473 5.15 -46.84 -50.44
N SER G 474 6.35 -47.27 -50.83
CA SER G 474 6.57 -47.94 -52.10
C SER G 474 7.39 -49.20 -51.90
N LYS G 475 6.99 -50.28 -52.55
CA LYS G 475 7.70 -51.55 -52.49
C LYS G 475 7.97 -52.05 -53.91
N ASP G 476 9.16 -52.63 -54.11
CA ASP G 476 9.50 -53.35 -55.33
C ASP G 476 9.87 -54.78 -54.94
N PRO G 477 8.93 -55.73 -55.04
CA PRO G 477 9.26 -57.11 -54.66
C PRO G 477 10.40 -57.70 -55.46
N LEU G 478 10.52 -57.33 -56.73
CA LEU G 478 11.68 -57.66 -57.56
C LEU G 478 12.17 -56.38 -58.20
N THR G 479 13.50 -56.21 -58.22
CA THR G 479 14.08 -54.94 -58.64
C THR G 479 13.63 -54.56 -60.04
N SER G 480 13.20 -53.32 -60.21
CA SER G 480 12.65 -52.83 -61.46
C SER G 480 12.97 -51.35 -61.59
N ASN G 481 12.36 -50.70 -62.57
CA ASN G 481 12.60 -49.28 -62.80
C ASN G 481 11.92 -48.45 -61.72
N SER G 482 12.09 -47.14 -61.82
CA SER G 482 11.70 -46.21 -60.76
C SER G 482 10.33 -45.61 -61.03
N ILE G 483 9.93 -44.65 -60.19
CA ILE G 483 8.67 -43.94 -60.31
C ILE G 483 8.97 -42.46 -60.52
N ILE G 484 8.27 -41.84 -61.46
CA ILE G 484 8.36 -40.40 -61.69
C ILE G 484 7.13 -39.75 -61.07
N VAL G 485 7.33 -38.65 -60.35
CA VAL G 485 6.28 -38.01 -59.57
C VAL G 485 6.12 -36.57 -60.07
N LYS G 486 4.90 -36.22 -60.45
CA LYS G 486 4.57 -34.88 -60.93
C LYS G 486 3.54 -34.27 -59.99
N ILE G 487 3.86 -33.10 -59.44
CA ILE G 487 2.94 -32.34 -58.60
C ILE G 487 2.85 -30.93 -59.16
N LYS G 488 1.64 -30.50 -59.52
CA LYS G 488 1.42 -29.19 -60.13
C LYS G 488 0.40 -28.45 -59.27
N ALA G 489 0.89 -27.75 -58.26
CA ALA G 489 0.09 -26.84 -57.44
C ALA G 489 0.57 -25.41 -57.54
N LYS G 490 1.86 -25.17 -57.28
CA LYS G 490 2.45 -23.85 -57.47
C LYS G 490 3.59 -23.95 -58.49
N GLU G 491 4.31 -25.06 -58.47
CA GLU G 491 5.41 -25.28 -59.41
C GLU G 491 5.61 -26.77 -59.58
N GLU G 492 5.67 -27.22 -60.84
CA GLU G 492 5.91 -28.63 -61.12
C GLU G 492 7.35 -28.99 -60.78
N LYS G 493 7.51 -30.09 -60.05
CA LYS G 493 8.81 -30.55 -59.59
C LYS G 493 9.12 -31.93 -60.16
N THR G 494 10.33 -32.07 -60.70
CA THR G 494 10.82 -33.36 -61.18
C THR G 494 11.49 -34.08 -60.02
N ASP G 495 10.80 -35.08 -59.48
CA ASP G 495 11.30 -35.85 -58.34
C ASP G 495 11.17 -37.34 -58.65
N TYR G 496 12.17 -38.10 -58.25
CA TYR G 496 12.26 -39.52 -58.60
C TYR G 496 12.50 -40.34 -57.33
N LEU G 497 12.10 -41.61 -57.38
CA LEU G 497 12.43 -42.54 -56.30
C LEU G 497 12.48 -43.95 -56.86
N VAL G 498 13.42 -44.73 -56.35
CA VAL G 498 13.58 -46.12 -56.75
C VAL G 498 13.03 -47.01 -55.63
N PRO G 499 11.99 -47.80 -55.89
CA PRO G 499 11.46 -48.68 -54.84
C PRO G 499 12.45 -49.76 -54.46
N GLU G 500 12.32 -50.22 -53.22
CA GLU G 500 13.18 -51.27 -52.67
C GLU G 500 12.36 -52.50 -52.32
N GLN G 501 13.06 -53.53 -51.80
CA GLN G 501 12.38 -54.75 -51.42
C GLN G 501 11.40 -54.53 -50.28
N GLY G 502 11.82 -53.75 -49.27
CA GLY G 502 10.99 -53.48 -48.11
C GLY G 502 10.06 -52.31 -48.33
N TYR G 503 9.87 -51.54 -47.27
CA TYR G 503 8.99 -50.37 -47.27
C TYR G 503 9.79 -49.12 -46.94
N THR G 504 9.65 -48.10 -47.79
CA THR G 504 10.26 -46.81 -47.56
C THR G 504 9.26 -45.72 -47.91
N LYS G 505 9.43 -44.56 -47.29
CA LYS G 505 8.55 -43.43 -47.52
C LYS G 505 9.31 -42.29 -48.18
N PHE G 506 8.60 -41.52 -49.00
CA PHE G 506 9.18 -40.45 -49.80
C PHE G 506 8.79 -39.06 -49.33
N SER G 507 7.49 -38.79 -49.12
CA SER G 507 7.01 -37.55 -48.50
C SER G 507 7.50 -36.31 -49.26
N TYR G 508 7.03 -36.20 -50.49
CA TYR G 508 7.33 -35.05 -51.34
C TYR G 508 6.37 -33.89 -51.01
N GLU G 509 6.86 -32.66 -51.23
CA GLU G 509 6.19 -31.46 -50.77
C GLU G 509 5.72 -30.61 -51.94
N PHE G 510 4.76 -29.74 -51.65
CA PHE G 510 4.26 -28.77 -52.62
C PHE G 510 3.74 -27.55 -51.86
N GLU G 511 2.97 -26.70 -52.55
CA GLU G 511 2.45 -25.48 -51.93
C GLU G 511 1.24 -24.99 -52.70
N THR G 512 0.19 -24.60 -51.97
CA THR G 512 -0.97 -23.95 -52.54
C THR G 512 -0.95 -22.48 -52.12
N THR G 513 -1.10 -21.57 -53.10
CA THR G 513 -0.95 -20.15 -52.78
C THR G 513 -1.93 -19.24 -53.49
N GLU G 514 -3.08 -19.74 -53.94
CA GLU G 514 -3.99 -18.79 -54.58
C GLU G 514 -5.42 -18.83 -54.04
N LYS G 515 -5.93 -20.02 -53.70
CA LYS G 515 -7.31 -20.21 -53.23
C LYS G 515 -8.32 -19.95 -54.35
N ASP G 516 -7.83 -19.56 -55.53
CA ASP G 516 -8.71 -19.33 -56.66
C ASP G 516 -8.08 -19.84 -57.96
N SER G 517 -6.94 -20.54 -57.89
CA SER G 517 -6.27 -21.02 -59.08
C SER G 517 -6.86 -22.36 -59.50
N SER G 518 -6.19 -23.04 -60.44
CA SER G 518 -6.65 -24.31 -60.95
C SER G 518 -6.42 -25.41 -59.92
N ASN G 519 -6.91 -26.61 -60.24
CA ASN G 519 -6.86 -27.74 -59.33
C ASN G 519 -5.43 -28.27 -59.21
N ILE G 520 -5.22 -29.10 -58.19
CA ILE G 520 -3.96 -29.81 -57.99
C ILE G 520 -4.10 -31.20 -58.59
N GLU G 521 -3.10 -31.62 -59.36
CA GLU G 521 -3.06 -32.95 -59.95
C GLU G 521 -1.84 -33.69 -59.42
N ILE G 522 -2.07 -34.85 -58.82
CA ILE G 522 -1.01 -35.71 -58.31
C ILE G 522 -1.03 -36.99 -59.14
N THR G 523 0.07 -37.25 -59.85
CA THR G 523 0.18 -38.46 -60.65
C THR G 523 1.39 -39.27 -60.20
N LEU G 524 1.28 -40.59 -60.34
CA LEU G 524 2.30 -41.51 -59.84
C LEU G 524 2.77 -42.43 -60.95
N ILE G 525 3.14 -41.86 -62.10
CA ILE G 525 3.61 -42.66 -63.23
C ILE G 525 4.78 -43.53 -62.78
N GLY G 526 4.61 -44.84 -62.90
CA GLY G 526 5.66 -45.77 -62.54
C GLY G 526 5.40 -47.17 -63.09
N SER G 527 6.46 -47.83 -63.53
CA SER G 527 6.36 -49.16 -64.10
C SER G 527 7.15 -50.15 -63.24
N GLY G 528 7.29 -51.37 -63.74
CA GLY G 528 8.01 -52.39 -63.01
C GLY G 528 7.24 -53.06 -61.90
N THR G 529 5.93 -52.85 -61.84
CA THR G 529 5.05 -53.49 -60.85
C THR G 529 5.48 -53.13 -59.42
N THR G 530 5.42 -51.84 -59.11
CA THR G 530 5.69 -51.36 -57.77
C THR G 530 4.40 -51.38 -56.94
N TYR G 531 4.52 -51.10 -55.64
CA TYR G 531 3.39 -51.22 -54.73
C TYR G 531 3.26 -49.94 -53.93
N LEU G 532 2.03 -49.61 -53.54
CA LEU G 532 1.74 -48.38 -52.84
C LEU G 532 0.84 -48.66 -51.64
N ASP G 533 0.93 -47.81 -50.62
CA ASP G 533 0.09 -47.92 -49.44
C ASP G 533 0.23 -46.66 -48.61
N ASN G 534 -0.86 -46.28 -47.95
CA ASN G 534 -0.90 -45.17 -47.00
C ASN G 534 -0.47 -43.86 -47.66
N LEU G 535 -1.27 -43.42 -48.64
CA LEU G 535 -1.05 -42.13 -49.28
C LEU G 535 -1.78 -41.04 -48.49
N SER G 536 -1.04 -39.99 -48.14
CA SER G 536 -1.55 -38.99 -47.21
C SER G 536 -1.23 -37.59 -47.73
N ILE G 537 -2.06 -36.64 -47.31
CA ILE G 537 -1.85 -35.21 -47.57
C ILE G 537 -1.86 -34.50 -46.23
N THR G 538 -0.74 -33.89 -45.86
CA THR G 538 -0.57 -33.28 -44.55
C THR G 538 0.03 -31.89 -44.70
N GLU G 539 -0.36 -30.99 -43.81
CA GLU G 539 0.24 -29.67 -43.74
C GLU G 539 1.64 -29.74 -43.13
N LEU G 540 2.34 -28.62 -43.15
CA LEU G 540 3.64 -28.48 -42.51
C LEU G 540 3.74 -27.11 -41.88
N ASN G 541 4.31 -27.06 -40.67
CA ASN G 541 4.37 -25.83 -39.88
C ASN G 541 5.81 -25.46 -39.52
N SER G 542 6.75 -25.80 -40.40
CA SER G 542 8.14 -25.42 -40.17
C SER G 542 8.33 -23.93 -40.42
N THR G 543 8.90 -23.23 -39.44
CA THR G 543 9.08 -21.78 -39.50
C THR G 543 10.51 -21.42 -39.13
N PRO G 544 11.43 -21.45 -40.10
CA PRO G 544 12.77 -20.91 -39.85
C PRO G 544 12.83 -19.42 -40.08
N GLU G 545 13.12 -18.63 -39.04
CA GLU G 545 13.03 -17.19 -39.13
C GLU G 545 14.37 -16.54 -39.46
N ILE G 546 15.37 -16.68 -38.59
CA ILE G 546 16.68 -16.09 -38.84
C ILE G 546 17.78 -17.13 -38.67
N LEU G 547 17.81 -17.77 -37.51
CA LEU G 547 18.80 -18.78 -37.12
C LEU G 547 20.22 -18.23 -37.02
N ASP G 548 20.40 -16.91 -37.06
CA ASP G 548 21.73 -16.31 -36.99
C ASP G 548 21.60 -14.83 -36.69
N GLU G 549 22.73 -14.23 -36.32
CA GLU G 549 22.86 -12.79 -36.10
C GLU G 549 24.22 -12.35 -36.63
N PRO G 550 24.36 -11.05 -36.94
CA PRO G 550 25.67 -10.56 -37.43
C PRO G 550 26.77 -10.67 -36.40
N GLU G 551 28.01 -10.43 -36.81
CA GLU G 551 29.19 -10.56 -35.97
C GLU G 551 29.76 -9.19 -35.67
N VAL G 552 30.84 -9.17 -34.88
CA VAL G 552 31.46 -7.90 -34.51
C VAL G 552 32.08 -7.22 -35.72
N LYS G 553 32.86 -7.96 -36.50
CA LYS G 553 33.48 -7.46 -37.74
C LYS G 553 34.19 -6.12 -37.52
N ILE G 554 35.26 -6.20 -36.73
CA ILE G 554 36.03 -4.99 -36.39
C ILE G 554 36.58 -4.37 -37.68
N PRO G 555 36.39 -3.07 -37.91
CA PRO G 555 36.81 -2.48 -39.19
C PRO G 555 38.31 -2.37 -39.30
N THR G 556 38.77 -2.21 -40.55
CA THR G 556 40.17 -1.98 -40.86
C THR G 556 40.45 -0.48 -40.94
N ASP G 557 41.74 -0.14 -40.98
CA ASP G 557 42.13 1.27 -41.04
C ASP G 557 41.68 1.92 -42.35
N GLN G 558 41.81 1.20 -43.46
CA GLN G 558 41.40 1.74 -44.75
C GLN G 558 39.90 2.02 -44.78
N GLU G 559 39.11 1.13 -44.19
CA GLU G 559 37.67 1.38 -44.09
C GLU G 559 37.38 2.63 -43.26
N ILE G 560 38.13 2.83 -42.18
CA ILE G 560 37.93 4.00 -41.34
C ILE G 560 38.25 5.28 -42.12
N MET G 561 39.35 5.27 -42.87
CA MET G 561 39.67 6.45 -43.68
C MET G 561 38.66 6.66 -44.79
N ASP G 562 38.12 5.58 -45.35
CA ASP G 562 37.11 5.69 -46.38
C ASP G 562 35.80 6.25 -45.84
N ALA G 563 35.48 5.96 -44.59
CA ALA G 563 34.23 6.46 -44.01
C ALA G 563 34.21 7.97 -43.89
N HIS G 564 35.38 8.60 -43.72
CA HIS G 564 35.48 10.03 -43.48
C HIS G 564 35.84 10.82 -44.74
N LYS G 565 35.55 10.27 -45.92
CA LYS G 565 35.99 10.93 -47.16
C LYS G 565 35.13 12.15 -47.47
N ILE G 566 33.82 12.06 -47.27
CA ILE G 566 32.90 13.16 -47.55
C ILE G 566 32.58 13.87 -46.25
N TYR G 567 32.70 15.19 -46.26
CA TYR G 567 32.50 16.00 -45.06
C TYR G 567 31.86 17.32 -45.43
N PHE G 568 31.33 18.01 -44.42
CA PHE G 568 30.77 19.34 -44.57
C PHE G 568 31.17 20.17 -43.36
N ALA G 569 31.48 21.45 -43.61
CA ALA G 569 31.94 22.35 -42.57
C ALA G 569 30.79 23.28 -42.17
N ASP G 570 30.45 23.29 -40.89
CA ASP G 570 29.43 24.19 -40.36
C ASP G 570 30.10 25.52 -40.06
N LEU G 571 29.76 26.55 -40.83
CA LEU G 571 30.47 27.82 -40.80
C LEU G 571 29.72 28.85 -39.97
N ASN G 572 30.47 29.83 -39.48
CA ASN G 572 29.93 30.98 -38.77
C ASN G 572 30.05 32.20 -39.65
N PHE G 573 28.93 32.88 -39.91
CA PHE G 573 28.94 34.01 -40.83
C PHE G 573 27.78 34.95 -40.49
N ASN G 574 28.10 36.02 -39.77
CA ASN G 574 27.22 37.19 -39.65
C ASN G 574 27.94 38.38 -40.27
N PRO G 575 27.53 38.87 -41.42
CA PRO G 575 28.44 39.67 -42.25
C PRO G 575 28.76 41.04 -41.69
N SER G 576 29.94 41.18 -41.11
CA SER G 576 30.53 42.49 -40.86
C SER G 576 31.84 42.65 -41.62
N THR G 577 32.82 41.78 -41.40
CA THR G 577 34.07 41.75 -42.17
C THR G 577 34.49 40.27 -42.30
N GLY G 578 33.98 39.61 -43.33
CA GLY G 578 34.41 38.28 -43.72
C GLY G 578 34.72 37.31 -42.60
N ASN G 579 33.72 36.98 -41.77
CA ASN G 579 33.96 36.14 -40.60
C ASN G 579 34.46 34.76 -41.02
N THR G 580 33.61 33.98 -41.68
CA THR G 580 33.95 32.68 -42.26
C THR G 580 34.79 31.84 -41.29
N TYR G 581 34.19 31.55 -40.14
CA TYR G 581 34.82 30.75 -39.11
C TYR G 581 34.18 29.38 -39.04
N ILE G 582 34.99 28.38 -38.68
CA ILE G 582 34.53 27.00 -38.60
C ILE G 582 33.94 26.76 -37.21
N ASN G 583 32.70 26.31 -37.17
CA ASN G 583 32.04 25.92 -35.93
C ASN G 583 32.13 24.43 -35.66
N GLY G 584 31.94 23.61 -36.68
CA GLY G 584 32.03 22.16 -36.53
C GLY G 584 32.24 21.51 -37.87
N MET G 585 32.43 20.20 -37.83
CA MET G 585 32.71 19.41 -39.02
C MET G 585 31.79 18.20 -39.04
N TYR G 586 30.99 18.05 -40.09
CA TYR G 586 30.17 16.88 -40.27
C TYR G 586 30.93 15.78 -41.00
N PHE G 587 30.36 14.58 -40.98
CA PHE G 587 30.86 13.46 -41.77
C PHE G 587 29.66 12.77 -42.38
N ALA G 588 29.54 12.84 -43.71
CA ALA G 588 28.30 12.47 -44.37
C ALA G 588 28.01 10.99 -44.17
N PRO G 589 26.75 10.61 -43.98
CA PRO G 589 26.40 9.18 -43.95
C PRO G 589 26.12 8.64 -45.34
N THR G 590 26.78 7.56 -45.70
CA THR G 590 26.55 6.89 -46.98
C THR G 590 25.94 5.51 -46.70
N GLN G 591 25.76 4.74 -47.77
CA GLN G 591 25.18 3.41 -47.64
C GLN G 591 26.18 2.38 -47.15
N THR G 592 27.47 2.73 -47.07
CA THR G 592 28.51 1.76 -46.75
C THR G 592 29.49 2.21 -45.67
N ASN G 593 29.11 3.13 -44.78
CA ASN G 593 30.02 3.61 -43.74
C ASN G 593 29.37 3.71 -42.36
N LYS G 594 28.31 2.93 -42.11
CA LYS G 594 27.65 3.02 -40.81
C LYS G 594 28.52 2.45 -39.69
N GLU G 595 29.06 1.24 -39.89
CA GLU G 595 29.85 0.60 -38.85
C GLU G 595 31.16 1.33 -38.60
N ALA G 596 31.83 1.79 -39.65
CA ALA G 596 33.10 2.49 -39.48
C ALA G 596 32.90 3.80 -38.71
N LEU G 597 31.82 4.53 -39.01
CA LEU G 597 31.55 5.76 -38.29
C LEU G 597 31.08 5.50 -36.87
N ASP G 598 30.37 4.39 -36.64
CA ASP G 598 29.95 4.05 -35.30
C ASP G 598 31.10 3.53 -34.44
N TYR G 599 32.16 3.04 -35.07
CA TYR G 599 33.32 2.51 -34.34
C TYR G 599 34.21 3.59 -33.76
N ILE G 600 34.08 4.84 -34.21
CA ILE G 600 35.01 5.90 -33.87
C ILE G 600 34.32 6.91 -32.97
N GLN G 601 34.97 7.26 -31.86
CA GLN G 601 34.68 8.46 -31.09
C GLN G 601 36.00 9.14 -30.75
N LYS G 602 35.93 10.21 -29.95
CA LYS G 602 37.10 10.89 -29.43
C LYS G 602 38.00 11.40 -30.56
N TYR G 603 37.46 12.35 -31.32
CA TYR G 603 38.25 13.00 -32.36
C TYR G 603 39.23 14.00 -31.74
N ARG G 604 40.49 13.89 -32.12
CA ARG G 604 41.53 14.82 -31.68
C ARG G 604 41.86 15.78 -32.82
N VAL G 605 41.88 17.08 -32.52
CA VAL G 605 41.99 18.12 -33.52
C VAL G 605 43.21 18.98 -33.24
N GLU G 606 43.88 19.40 -34.31
CA GLU G 606 44.94 20.41 -34.26
C GLU G 606 44.60 21.46 -35.31
N ALA G 607 44.27 22.67 -34.86
CA ALA G 607 43.73 23.71 -35.73
C ALA G 607 44.57 24.98 -35.64
N THR G 608 44.22 25.96 -36.47
CA THR G 608 44.88 27.25 -36.52
C THR G 608 43.93 28.32 -36.03
N LEU G 609 44.36 29.09 -35.04
CA LEU G 609 43.50 30.05 -34.36
C LEU G 609 43.68 31.46 -34.93
N GLN G 610 42.76 32.35 -34.55
CA GLN G 610 42.77 33.71 -35.07
C GLN G 610 44.01 34.46 -34.64
N TYR G 611 44.45 34.27 -33.40
CA TYR G 611 45.58 35.02 -32.84
C TYR G 611 46.77 34.13 -32.53
N SER G 612 46.56 32.89 -32.14
CA SER G 612 47.63 31.93 -32.00
C SER G 612 47.80 31.14 -33.29
N GLY G 613 48.99 30.57 -33.46
CA GLY G 613 49.30 29.82 -34.66
C GLY G 613 48.74 28.41 -34.60
N PHE G 614 49.24 27.57 -35.51
CA PHE G 614 48.85 26.18 -35.53
C PHE G 614 49.20 25.50 -34.21
N LYS G 615 48.24 24.82 -33.61
CA LYS G 615 48.45 24.20 -32.32
C LYS G 615 47.40 23.10 -32.12
N ASP G 616 47.67 22.24 -31.16
CA ASP G 616 46.71 21.23 -30.76
C ASP G 616 45.66 21.86 -29.84
N ILE G 617 44.40 21.45 -30.01
CA ILE G 617 43.31 21.97 -29.21
C ILE G 617 42.63 20.88 -28.40
N GLY G 618 43.31 19.75 -28.20
CA GLY G 618 42.80 18.71 -27.33
C GLY G 618 41.97 17.67 -28.04
N THR G 619 41.39 16.80 -27.22
CA THR G 619 40.57 15.68 -27.69
C THR G 619 39.19 15.78 -27.06
N LYS G 620 38.15 15.61 -27.87
CA LYS G 620 36.78 15.62 -27.40
C LYS G 620 35.98 14.53 -28.11
N ASP G 621 34.93 14.07 -27.44
CA ASP G 621 34.04 13.06 -28.01
C ASP G 621 33.13 13.68 -29.07
N LYS G 622 32.50 12.81 -29.85
CA LYS G 622 31.58 13.23 -30.88
C LYS G 622 30.21 13.55 -30.28
N GLU G 623 29.32 14.11 -31.10
CA GLU G 623 28.01 14.53 -30.63
C GLU G 623 26.83 13.91 -31.37
N MET G 624 27.02 13.45 -32.61
CA MET G 624 25.98 12.76 -33.37
C MET G 624 24.75 13.66 -33.57
N ARG G 625 24.98 14.74 -34.31
CA ARG G 625 23.92 15.64 -34.74
C ARG G 625 23.35 15.20 -36.09
N ASN G 626 22.22 15.79 -36.45
CA ASN G 626 21.63 15.53 -37.76
C ASN G 626 22.52 16.08 -38.86
N TYR G 627 22.63 15.34 -39.96
CA TYR G 627 23.48 15.77 -41.06
C TYR G 627 22.94 17.04 -41.68
N LEU G 628 23.80 18.04 -41.79
CA LEU G 628 23.51 19.36 -42.36
C LEU G 628 22.41 20.10 -41.61
N GLY G 629 22.06 19.65 -40.41
CA GLY G 629 20.98 20.25 -39.67
C GLY G 629 19.59 19.92 -40.18
N ASP G 630 19.49 19.11 -41.22
CA ASP G 630 18.19 18.79 -41.80
C ASP G 630 17.46 17.79 -40.90
N PRO G 631 16.24 18.09 -40.45
CA PRO G 631 15.53 17.13 -39.58
C PRO G 631 15.24 15.81 -40.25
N ASN G 632 15.20 15.75 -41.58
CA ASN G 632 14.95 14.49 -42.26
C ASN G 632 16.20 13.63 -42.40
N GLN G 633 17.37 14.25 -42.35
CA GLN G 633 18.61 13.51 -42.50
C GLN G 633 18.93 12.72 -41.23
N PRO G 634 19.65 11.61 -41.35
CA PRO G 634 19.99 10.82 -40.16
C PRO G 634 21.06 11.52 -39.32
N LYS G 635 21.22 11.02 -38.10
CA LYS G 635 22.25 11.52 -37.20
C LYS G 635 23.59 10.89 -37.55
N THR G 636 24.61 11.73 -37.68
CA THR G 636 25.93 11.29 -38.10
C THR G 636 26.97 11.94 -37.20
N ASN G 637 28.21 11.47 -37.32
CA ASN G 637 29.28 12.00 -36.48
C ASN G 637 29.49 13.48 -36.74
N TYR G 638 29.63 14.26 -35.68
CA TYR G 638 29.84 15.70 -35.77
C TYR G 638 30.90 16.10 -34.77
N VAL G 639 31.97 16.74 -35.26
CA VAL G 639 33.06 17.22 -34.42
C VAL G 639 32.74 18.67 -34.07
N ASN G 640 32.54 18.94 -32.79
CA ASN G 640 32.18 20.28 -32.32
C ASN G 640 33.47 21.05 -32.04
N LEU G 641 33.98 21.75 -33.06
CA LEU G 641 35.22 22.49 -32.92
C LEU G 641 35.08 23.69 -31.99
N ARG G 642 33.85 24.19 -31.81
CA ARG G 642 33.63 25.38 -31.01
C ARG G 642 33.78 25.09 -29.51
N SER G 643 33.87 23.82 -29.12
CA SER G 643 33.93 23.43 -27.72
C SER G 643 35.27 22.80 -27.35
N TYR G 644 36.28 22.92 -28.20
CA TYR G 644 37.60 22.37 -27.89
C TYR G 644 38.40 23.34 -27.04
N PHE G 645 39.64 22.95 -26.74
CA PHE G 645 40.49 23.71 -25.82
C PHE G 645 41.09 24.93 -26.51
N THR G 646 40.22 25.84 -26.90
CA THR G 646 40.59 27.14 -27.42
C THR G 646 40.24 28.21 -26.40
N GLY G 647 41.02 29.29 -26.39
CA GLY G 647 40.79 30.38 -25.47
C GLY G 647 39.72 31.34 -25.97
N GLY G 648 38.63 30.81 -26.51
CA GLY G 648 37.60 31.60 -27.10
C GLY G 648 37.90 32.13 -28.49
N GLU G 649 39.06 31.77 -29.05
CA GLU G 649 39.43 32.21 -30.38
C GLU G 649 38.62 31.46 -31.44
N ASN G 650 38.51 32.08 -32.61
CA ASN G 650 37.84 31.45 -33.74
C ASN G 650 38.84 30.63 -34.56
N ILE G 651 38.31 29.70 -35.34
CA ILE G 651 39.11 28.88 -36.23
C ILE G 651 38.87 29.36 -37.65
N MET G 652 39.94 29.78 -38.32
CA MET G 652 39.82 30.33 -39.66
C MET G 652 39.74 29.22 -40.71
N THR G 653 39.26 29.59 -41.88
CA THR G 653 39.22 28.69 -43.02
C THR G 653 40.46 28.90 -43.89
N TYR G 654 40.71 27.92 -44.76
CA TYR G 654 41.84 27.96 -45.70
C TYR G 654 43.17 28.02 -44.94
N LYS G 655 43.21 27.40 -43.77
CA LYS G 655 44.41 27.32 -42.96
C LYS G 655 44.67 25.87 -42.59
N LYS G 656 45.84 25.61 -42.01
CA LYS G 656 46.22 24.26 -41.65
C LYS G 656 45.27 23.69 -40.60
N LEU G 657 44.81 22.47 -40.83
CA LEU G 657 43.84 21.83 -39.94
C LEU G 657 43.96 20.33 -40.09
N ARG G 658 44.25 19.63 -38.99
CA ARG G 658 44.38 18.18 -38.97
C ARG G 658 43.43 17.59 -37.94
N ILE G 659 42.66 16.58 -38.36
CA ILE G 659 41.72 15.89 -37.48
C ILE G 659 42.07 14.42 -37.48
N TYR G 660 42.20 13.86 -36.28
CA TYR G 660 42.55 12.45 -36.10
C TYR G 660 41.40 11.71 -35.42
N ALA G 661 41.27 10.43 -35.75
CA ALA G 661 40.24 9.57 -35.17
C ALA G 661 40.90 8.56 -34.23
N ILE G 662 40.44 8.53 -32.98
CA ILE G 662 41.01 7.67 -31.96
C ILE G 662 40.17 6.40 -31.88
N THR G 663 40.76 5.30 -32.31
CA THR G 663 40.12 4.00 -32.20
C THR G 663 40.11 3.53 -30.75
N PRO G 664 39.26 2.57 -30.41
CA PRO G 664 39.29 2.02 -29.04
C PRO G 664 40.62 1.40 -28.66
N ASP G 665 41.46 1.04 -29.62
CA ASP G 665 42.79 0.53 -29.34
C ASP G 665 43.83 1.63 -29.20
N ASP G 666 43.42 2.89 -29.26
CA ASP G 666 44.28 4.06 -29.00
C ASP G 666 45.33 4.24 -30.10
N ARG G 667 44.92 4.09 -31.35
CA ARG G 667 45.76 4.39 -32.50
C ARG G 667 45.13 5.51 -33.31
N GLU G 668 45.94 6.50 -33.66
CA GLU G 668 45.47 7.68 -34.37
C GLU G 668 45.42 7.42 -35.87
N LEU G 669 44.41 7.99 -36.53
CA LEU G 669 44.26 7.92 -37.97
C LEU G 669 43.90 9.31 -38.49
N LEU G 670 44.67 9.80 -39.46
CA LEU G 670 44.48 11.14 -40.01
C LEU G 670 43.33 11.09 -41.02
N VAL G 671 42.11 11.34 -40.54
CA VAL G 671 40.93 11.22 -41.37
C VAL G 671 40.61 12.48 -42.16
N LEU G 672 41.22 13.61 -41.82
CA LEU G 672 40.92 14.86 -42.50
C LEU G 672 42.15 15.75 -42.48
N SER G 673 42.38 16.48 -43.57
CA SER G 673 43.52 17.37 -43.67
C SER G 673 43.17 18.53 -44.60
N VAL G 674 43.35 19.76 -44.12
CA VAL G 674 43.13 20.96 -44.90
C VAL G 674 44.35 21.85 -44.73
N ASP G 675 44.89 22.34 -45.84
CA ASP G 675 46.04 23.25 -45.81
C ASP G 675 45.69 24.58 -46.46
N GLU H 20 1.73 -19.14 18.46
CA GLU H 20 2.79 -19.64 17.60
C GLU H 20 2.24 -20.47 16.45
N ARG H 21 1.24 -19.93 15.75
CA ARG H 21 0.65 -20.66 14.64
C ARG H 21 1.63 -20.77 13.46
N LYS H 22 2.59 -19.85 13.36
CA LYS H 22 3.57 -19.93 12.29
C LYS H 22 4.38 -21.21 12.39
N GLU H 23 4.87 -21.53 13.59
CA GLU H 23 5.63 -22.76 13.78
C GLU H 23 4.74 -23.98 13.54
N ALA H 24 3.49 -23.92 13.97
CA ALA H 24 2.59 -25.04 13.78
C ALA H 24 2.35 -25.31 12.30
N GLU H 25 2.16 -24.26 11.51
CA GLU H 25 1.96 -24.44 10.07
C GLU H 25 3.25 -24.85 9.38
N ARG H 26 4.40 -24.44 9.91
CA ARG H 26 5.67 -24.93 9.40
C ARG H 26 5.83 -26.43 9.65
N ILE H 27 5.40 -26.90 10.82
CA ILE H 27 5.66 -28.28 11.23
C ILE H 27 4.56 -29.24 10.81
N GLU H 28 3.38 -28.74 10.43
CA GLU H 28 2.31 -29.65 10.02
C GLU H 28 2.43 -30.09 8.57
N GLN H 29 3.13 -29.31 7.73
CA GLN H 29 3.26 -29.69 6.33
C GLN H 29 4.10 -30.95 6.18
N LYS H 30 5.15 -31.10 7.00
CA LYS H 30 5.99 -32.29 6.93
C LYS H 30 5.24 -33.55 7.32
N LEU H 31 4.12 -33.43 8.02
CA LEU H 31 3.29 -34.59 8.33
C LEU H 31 2.61 -35.09 7.07
N GLU H 32 2.68 -36.40 6.83
CA GLU H 32 2.03 -36.99 5.68
C GLU H 32 0.56 -37.23 5.99
N ARG H 33 -0.14 -37.95 5.11
CA ARG H 33 -1.58 -38.11 5.27
C ARG H 33 -1.94 -38.92 6.51
N SER H 34 -1.13 -39.93 6.85
CA SER H 34 -1.46 -40.79 7.98
C SER H 34 -1.46 -40.01 9.29
N GLU H 35 -0.41 -39.20 9.52
CA GLU H 35 -0.39 -38.34 10.70
C GLU H 35 -1.50 -37.31 10.66
N LYS H 36 -1.83 -36.80 9.47
CA LYS H 36 -2.94 -35.85 9.36
C LYS H 36 -4.24 -36.47 9.83
N GLU H 37 -4.53 -37.70 9.39
CA GLU H 37 -5.75 -38.36 9.81
C GLU H 37 -5.72 -38.74 11.28
N ALA H 38 -4.55 -39.13 11.80
CA ALA H 38 -4.43 -39.42 13.23
C ALA H 38 -4.76 -38.19 14.06
N LEU H 39 -4.18 -37.03 13.68
CA LEU H 39 -4.45 -35.81 14.43
C LEU H 39 -5.90 -35.35 14.26
N GLU H 40 -6.47 -35.53 13.07
CA GLU H 40 -7.87 -35.19 12.87
C GLU H 40 -8.78 -36.04 13.75
N SER H 41 -8.50 -37.34 13.85
CA SER H 41 -9.29 -38.20 14.72
C SER H 41 -9.07 -37.84 16.18
N TYR H 42 -7.86 -37.40 16.54
CA TYR H 42 -7.59 -36.97 17.91
C TYR H 42 -8.38 -35.72 18.26
N LYS H 43 -8.49 -34.77 17.33
CA LYS H 43 -9.03 -33.45 17.67
C LYS H 43 -10.49 -33.53 18.09
N LYS H 44 -11.26 -34.47 17.53
CA LYS H 44 -12.66 -34.62 17.91
C LYS H 44 -12.90 -35.71 18.95
N ASP H 45 -11.92 -36.57 19.21
CA ASP H 45 -12.07 -37.67 20.16
C ASP H 45 -10.84 -37.76 21.07
N SER H 46 -10.41 -36.62 21.61
CA SER H 46 -9.23 -36.62 22.47
C SER H 46 -9.45 -37.43 23.74
N VAL H 47 -10.63 -37.31 24.35
CA VAL H 47 -10.87 -37.93 25.65
C VAL H 47 -10.80 -39.45 25.55
N GLU H 48 -11.49 -40.04 24.57
CA GLU H 48 -11.54 -41.50 24.50
C GLU H 48 -10.23 -42.09 23.99
N ILE H 49 -9.56 -41.41 23.05
CA ILE H 49 -8.24 -41.89 22.61
C ILE H 49 -7.26 -41.85 23.78
N SER H 50 -7.30 -40.79 24.58
CA SER H 50 -6.42 -40.72 25.75
C SER H 50 -6.77 -41.83 26.75
N LYS H 51 -8.06 -42.01 27.04
CA LYS H 51 -8.48 -43.03 28.01
C LYS H 51 -8.03 -44.41 27.56
N TYR H 52 -8.11 -44.70 26.26
CA TYR H 52 -7.50 -45.91 25.74
C TYR H 52 -5.98 -45.90 25.91
N SER H 53 -5.36 -44.71 25.84
CA SER H 53 -3.90 -44.65 25.86
C SER H 53 -3.32 -45.03 27.21
N GLN H 54 -3.99 -44.69 28.32
CA GLN H 54 -3.42 -45.10 29.62
C GLN H 54 -3.38 -46.63 29.76
N THR H 55 -4.48 -47.30 29.49
CA THR H 55 -4.58 -48.75 29.71
C THR H 55 -4.52 -49.47 28.36
N ARG H 56 -3.32 -49.80 27.94
CA ARG H 56 -3.13 -50.45 26.65
C ARG H 56 -2.24 -51.68 26.71
N ASN H 57 -1.18 -51.68 27.51
CA ASN H 57 -0.12 -52.68 27.44
C ASN H 57 -0.31 -53.86 28.37
N TYR H 58 -1.33 -53.85 29.21
CA TYR H 58 -1.50 -54.92 30.19
C TYR H 58 -2.29 -56.11 29.67
N PHE H 59 -2.85 -56.03 28.47
CA PHE H 59 -3.61 -57.13 27.90
C PHE H 59 -2.67 -58.20 27.35
N TYR H 60 -3.26 -59.28 26.84
CA TYR H 60 -2.49 -60.36 26.25
C TYR H 60 -1.73 -59.88 25.01
N ASP H 61 -0.86 -60.75 24.51
CA ASP H 61 -0.12 -60.46 23.29
C ASP H 61 -1.01 -60.40 22.06
N TYR H 62 -2.24 -60.94 22.14
CA TYR H 62 -3.14 -60.95 21.01
C TYR H 62 -4.02 -59.71 20.94
N GLN H 63 -4.57 -59.27 22.07
CA GLN H 63 -5.43 -58.09 22.06
C GLN H 63 -4.68 -56.85 21.60
N ILE H 64 -3.40 -56.73 21.98
CA ILE H 64 -2.62 -55.55 21.61
C ILE H 64 -2.32 -55.47 20.13
N GLU H 65 -2.76 -56.44 19.33
CA GLU H 65 -2.62 -56.38 17.89
C GLU H 65 -3.93 -56.53 17.13
N ALA H 66 -5.04 -56.83 17.80
CA ALA H 66 -6.31 -57.08 17.14
C ALA H 66 -7.36 -56.00 17.41
N ASN H 67 -6.97 -54.89 18.03
CA ASN H 67 -7.92 -53.81 18.26
C ASN H 67 -8.01 -52.90 17.04
N SER H 68 -9.02 -52.02 17.07
CA SER H 68 -9.24 -51.05 16.01
C SER H 68 -8.62 -49.69 16.30
N ARG H 69 -7.91 -49.55 17.43
CA ARG H 69 -7.25 -48.30 17.76
C ARG H 69 -5.75 -48.46 18.01
N GLU H 70 -5.21 -49.67 17.89
CA GLU H 70 -3.77 -49.86 18.11
C GLU H 70 -2.95 -49.08 17.09
N LYS H 71 -3.38 -49.11 15.81
CA LYS H 71 -2.70 -48.31 14.80
C LYS H 71 -2.78 -46.83 15.12
N GLU H 72 -3.92 -46.37 15.64
CA GLU H 72 -4.05 -44.98 16.06
C GLU H 72 -3.00 -44.62 17.11
N TYR H 73 -2.84 -45.49 18.13
CA TYR H 73 -1.84 -45.24 19.16
C TYR H 73 -0.44 -45.22 18.57
N LYS H 74 -0.13 -46.18 17.69
CA LYS H 74 1.22 -46.25 17.12
C LYS H 74 1.54 -45.00 16.31
N GLU H 75 0.62 -44.58 15.45
CA GLU H 75 0.90 -43.43 14.60
C GLU H 75 0.89 -42.13 15.41
N LEU H 76 0.07 -42.04 16.47
CA LEU H 76 0.12 -40.87 17.32
C LEU H 76 1.46 -40.79 18.05
N ARG H 77 1.97 -41.93 18.54
CA ARG H 77 3.29 -41.92 19.17
C ARG H 77 4.37 -41.54 18.16
N ASN H 78 4.27 -42.05 16.93
CA ASN H 78 5.23 -41.68 15.90
C ASN H 78 5.21 -40.17 15.64
N ALA H 79 4.01 -39.60 15.51
CA ALA H 79 3.89 -38.17 15.27
C ALA H 79 4.45 -37.36 16.45
N ILE H 80 4.17 -37.80 17.67
CA ILE H 80 4.64 -37.07 18.85
C ILE H 80 6.16 -37.12 18.94
N SER H 81 6.76 -38.26 18.63
CA SER H 81 8.21 -38.39 18.68
C SER H 81 8.90 -37.93 17.40
N LYS H 82 8.14 -37.48 16.40
CA LYS H 82 8.75 -36.96 15.18
C LYS H 82 9.58 -35.70 15.46
N ASN H 83 9.06 -34.80 16.29
CA ASN H 83 9.71 -33.52 16.58
C ASN H 83 9.90 -33.39 18.08
N LYS H 84 11.06 -32.88 18.49
CA LYS H 84 11.47 -32.83 19.89
C LYS H 84 11.84 -31.40 20.29
N ILE H 85 12.39 -31.27 21.49
CA ILE H 85 12.87 -30.00 22.02
C ILE H 85 14.35 -30.17 22.38
N ASP H 86 15.15 -29.16 22.05
CA ASP H 86 16.60 -29.25 22.27
C ASP H 86 17.03 -28.88 23.67
N LYS H 87 16.17 -28.24 24.46
CA LYS H 87 16.52 -27.82 25.81
C LYS H 87 15.34 -28.02 26.74
N PRO H 88 15.59 -28.21 28.04
CA PRO H 88 14.48 -28.33 28.99
C PRO H 88 13.69 -27.02 29.07
N MET H 89 12.37 -27.15 28.98
CA MET H 89 11.47 -26.00 29.08
C MET H 89 10.28 -26.37 29.94
N TYR H 90 9.67 -25.36 30.56
CA TYR H 90 8.56 -25.57 31.47
C TYR H 90 7.25 -25.70 30.71
N VAL H 91 6.38 -26.57 31.24
CA VAL H 91 5.03 -26.72 30.72
C VAL H 91 4.06 -26.67 31.90
N TYR H 92 2.79 -26.36 31.59
CA TYR H 92 1.79 -26.12 32.61
C TYR H 92 0.48 -26.74 32.18
N TYR H 93 -0.24 -27.36 33.14
CA TYR H 93 -1.54 -27.94 32.86
C TYR H 93 -2.24 -28.22 34.18
N PHE H 94 -3.52 -28.58 34.08
CA PHE H 94 -4.36 -28.89 35.23
C PHE H 94 -4.44 -30.41 35.39
N GLU H 95 -4.08 -30.90 36.56
CA GLU H 95 -4.13 -32.33 36.85
C GLU H 95 -5.08 -32.59 38.01
N SER H 96 -5.86 -33.67 37.89
CA SER H 96 -6.75 -34.06 38.98
C SER H 96 -5.94 -34.55 40.16
N PRO H 97 -6.36 -34.23 41.39
CA PRO H 97 -5.65 -34.77 42.57
C PRO H 97 -5.71 -36.28 42.68
N GLU H 98 -6.65 -36.93 41.99
CA GLU H 98 -6.79 -38.38 42.08
C GLU H 98 -5.57 -39.12 41.57
N LYS H 99 -4.76 -38.50 40.72
CA LYS H 99 -3.55 -39.15 40.21
C LYS H 99 -2.34 -38.94 41.10
N PHE H 100 -2.45 -38.14 42.16
CA PHE H 100 -1.37 -37.90 43.11
C PHE H 100 -1.65 -38.58 44.44
N ALA H 101 -2.27 -39.76 44.38
CA ALA H 101 -2.59 -40.57 45.55
C ALA H 101 -3.45 -39.79 46.56
N PHE H 102 -4.38 -38.99 46.05
CA PHE H 102 -5.34 -38.28 46.90
C PHE H 102 -6.74 -38.64 46.41
N ASN H 103 -7.47 -39.38 47.25
CA ASN H 103 -8.79 -39.89 46.91
C ASN H 103 -9.91 -38.95 47.33
N LYS H 104 -9.58 -37.78 47.87
CA LYS H 104 -10.56 -36.80 48.32
C LYS H 104 -10.63 -35.65 47.33
N VAL H 105 -11.49 -34.70 47.63
CA VAL H 105 -11.62 -33.47 46.85
C VAL H 105 -11.19 -32.30 47.73
N ILE H 106 -10.30 -31.47 47.21
CA ILE H 106 -9.75 -30.37 47.99
C ILE H 106 -10.77 -29.24 48.11
N ARG H 107 -11.31 -28.79 46.97
CA ARG H 107 -12.25 -27.69 46.94
C ARG H 107 -13.19 -27.87 45.76
N THR H 108 -14.49 -27.78 46.02
CA THR H 108 -15.49 -28.07 45.00
C THR H 108 -15.56 -26.92 43.99
N GLU H 109 -16.21 -27.20 42.86
CA GLU H 109 -16.22 -26.25 41.75
C GLU H 109 -16.85 -24.93 42.14
N ASN H 110 -17.92 -24.97 42.93
CA ASN H 110 -18.64 -23.75 43.28
C ASN H 110 -18.04 -23.01 44.47
N GLN H 111 -17.12 -23.61 45.21
CA GLN H 111 -16.45 -22.94 46.31
C GLN H 111 -15.25 -22.14 45.81
N ASN H 112 -14.76 -21.26 46.67
CA ASN H 112 -13.65 -20.36 46.33
C ASN H 112 -12.36 -20.67 47.06
N GLU H 113 -12.41 -20.96 48.35
CA GLU H 113 -11.21 -21.06 49.17
C GLU H 113 -10.99 -22.49 49.64
N ILE H 114 -9.72 -22.81 49.91
CA ILE H 114 -9.32 -24.13 50.39
C ILE H 114 -8.93 -24.01 51.85
N SER H 115 -9.17 -25.09 52.59
CA SER H 115 -8.88 -25.12 54.02
C SER H 115 -7.39 -25.32 54.27
N LEU H 116 -6.93 -24.80 55.41
CA LEU H 116 -5.56 -25.05 55.84
C LEU H 116 -5.34 -26.54 56.09
N GLU H 117 -6.32 -27.21 56.70
CA GLU H 117 -6.20 -28.64 56.94
C GLU H 117 -6.00 -29.40 55.64
N LYS H 118 -6.91 -29.19 54.68
CA LYS H 118 -6.83 -29.93 53.41
C LYS H 118 -5.49 -29.71 52.74
N PHE H 119 -4.96 -28.48 52.80
CA PHE H 119 -3.61 -28.22 52.33
C PHE H 119 -2.60 -29.08 53.09
N ASN H 120 -2.80 -29.25 54.40
CA ASN H 120 -1.83 -30.00 55.20
C ASN H 120 -1.81 -31.48 54.82
N GLU H 121 -2.98 -32.12 54.74
CA GLU H 121 -2.97 -33.51 54.28
C GLU H 121 -2.49 -33.64 52.84
N PHE H 122 -2.83 -32.69 51.97
CA PHE H 122 -2.37 -32.79 50.60
C PHE H 122 -0.85 -32.70 50.51
N LYS H 123 -0.24 -31.83 51.32
CA LYS H 123 1.22 -31.72 51.33
C LYS H 123 1.86 -32.95 51.94
N GLU H 124 1.29 -33.48 53.03
CA GLU H 124 1.88 -34.65 53.68
C GLU H 124 1.69 -35.92 52.86
N THR H 125 0.69 -35.97 51.98
CA THR H 125 0.44 -37.15 51.18
C THR H 125 1.47 -37.34 50.07
N ILE H 126 2.16 -36.27 49.66
CA ILE H 126 3.09 -36.34 48.54
C ILE H 126 4.49 -35.97 49.00
N GLN H 127 4.83 -36.32 50.24
CA GLN H 127 6.14 -36.00 50.78
C GLN H 127 7.26 -36.56 49.91
N ASN H 128 7.34 -37.90 49.81
CA ASN H 128 8.31 -38.57 48.93
C ASN H 128 7.57 -39.73 48.26
N LYS H 129 6.94 -39.44 47.12
CA LYS H 129 6.23 -40.46 46.35
C LYS H 129 6.28 -40.07 44.89
N LEU H 130 6.81 -40.97 44.06
CA LEU H 130 6.96 -40.73 42.63
C LEU H 130 5.78 -41.37 41.89
N PHE H 131 5.14 -40.59 41.03
CA PHE H 131 3.97 -41.05 40.27
C PHE H 131 4.28 -41.03 38.79
N LYS H 132 3.87 -42.08 38.09
CA LYS H 132 4.14 -42.23 36.67
C LYS H 132 2.86 -42.12 35.86
N GLN H 133 2.96 -41.48 34.70
CA GLN H 133 1.86 -41.35 33.75
C GLN H 133 2.30 -41.92 32.41
N ASP H 134 1.38 -42.57 31.71
CA ASP H 134 1.73 -43.34 30.50
C ASP H 134 0.71 -43.14 29.38
N GLY H 135 0.15 -41.93 29.26
CA GLY H 135 -0.85 -41.67 28.24
C GLY H 135 -0.66 -40.32 27.58
N PHE H 136 -1.31 -40.14 26.45
CA PHE H 136 -1.30 -38.86 25.77
C PHE H 136 -2.09 -37.83 26.58
N LYS H 137 -1.58 -36.60 26.61
CA LYS H 137 -2.21 -35.55 27.41
C LYS H 137 -1.92 -34.20 26.78
N ASP H 138 -2.75 -33.22 27.15
CA ASP H 138 -2.67 -31.87 26.62
C ASP H 138 -2.00 -30.95 27.63
N ILE H 139 -0.94 -30.26 27.21
CA ILE H 139 -0.20 -29.36 28.06
C ILE H 139 -0.04 -28.01 27.35
N SER H 140 0.34 -27.00 28.12
CA SER H 140 0.56 -25.66 27.60
C SER H 140 1.88 -25.11 28.13
N LEU H 141 2.44 -24.15 27.40
CA LEU H 141 3.71 -23.54 27.72
C LEU H 141 3.56 -22.22 28.47
N TYR H 142 2.35 -21.86 28.86
CA TYR H 142 2.09 -20.58 29.51
C TYR H 142 1.25 -20.80 30.77
N GLU H 143 1.25 -19.79 31.63
CA GLU H 143 0.40 -19.83 32.82
C GLU H 143 -1.06 -19.75 32.40
N PRO H 144 -1.97 -20.40 33.11
CA PRO H 144 -3.39 -20.38 32.73
C PRO H 144 -4.06 -19.05 33.01
N GLY H 145 -3.91 -18.08 32.12
CA GLY H 145 -4.55 -16.80 32.27
C GLY H 145 -6.02 -16.81 31.87
N LYS H 146 -6.52 -15.67 31.40
CA LYS H 146 -7.92 -15.57 31.02
C LYS H 146 -8.18 -16.34 29.73
N GLY H 147 -9.42 -16.83 29.59
CA GLY H 147 -9.82 -17.58 28.43
C GLY H 147 -9.53 -19.06 28.47
N ASP H 148 -9.05 -19.59 29.60
CA ASP H 148 -8.75 -21.00 29.73
C ASP H 148 -9.67 -21.65 30.76
N GLU H 149 -10.08 -22.87 30.47
CA GLU H 149 -10.93 -23.63 31.37
C GLU H 149 -10.09 -24.35 32.43
N LYS H 150 -10.67 -24.51 33.61
CA LYS H 150 -9.96 -24.96 34.81
C LYS H 150 -10.65 -26.18 35.39
N PRO H 151 -10.24 -27.39 34.99
CA PRO H 151 -10.97 -28.59 35.45
C PRO H 151 -10.88 -28.83 36.96
N THR H 152 -9.70 -28.72 37.54
CA THR H 152 -9.49 -29.10 38.93
C THR H 152 -8.78 -27.99 39.68
N PRO H 153 -8.95 -27.92 41.01
CA PRO H 153 -8.25 -26.89 41.79
C PRO H 153 -6.75 -27.11 41.90
N LEU H 154 -6.22 -28.18 41.31
CA LEU H 154 -4.80 -28.49 41.37
C LEU H 154 -4.10 -27.92 40.15
N LEU H 155 -2.97 -27.25 40.37
CA LEU H 155 -2.15 -26.72 39.30
C LEU H 155 -0.70 -27.15 39.50
N MET H 156 -0.08 -27.69 38.46
CA MET H 156 1.27 -28.19 38.51
C MET H 156 2.08 -27.62 37.37
N HIS H 157 3.24 -27.05 37.68
CA HIS H 157 4.15 -26.49 36.70
C HIS H 157 5.24 -27.53 36.45
N LEU H 158 5.19 -28.16 35.28
CA LEU H 158 6.03 -29.31 34.97
C LEU H 158 7.25 -28.89 34.16
N LYS H 159 8.39 -29.52 34.45
CA LYS H 159 9.66 -29.24 33.80
C LYS H 159 10.02 -30.42 32.89
N LEU H 160 9.75 -30.28 31.60
CA LEU H 160 10.13 -31.32 30.65
C LEU H 160 11.63 -31.26 30.36
N PRO H 161 12.28 -32.41 30.23
CA PRO H 161 13.71 -32.45 29.95
C PRO H 161 14.00 -32.32 28.45
N ARG H 162 15.28 -32.47 28.11
CA ARG H 162 15.72 -32.42 26.73
C ARG H 162 15.20 -33.61 25.93
N ASN H 163 14.88 -33.35 24.66
CA ASN H 163 14.51 -34.39 23.68
C ASN H 163 13.27 -35.16 24.14
N THR H 164 12.17 -34.43 24.21
CA THR H 164 10.87 -35.00 24.54
C THR H 164 9.89 -34.71 23.40
N GLY H 165 8.88 -35.57 23.29
CA GLY H 165 7.89 -35.39 22.24
C GLY H 165 7.20 -34.05 22.34
N MET H 166 7.08 -33.38 21.19
CA MET H 166 6.54 -32.02 21.16
C MET H 166 5.94 -31.78 19.77
N LEU H 167 4.61 -31.91 19.66
CA LEU H 167 3.89 -31.68 18.42
C LEU H 167 2.67 -30.82 18.68
N PRO H 168 2.83 -29.49 18.65
CA PRO H 168 1.67 -28.61 18.80
C PRO H 168 0.70 -28.75 17.65
N TYR H 169 -0.60 -28.60 17.96
CA TYR H 169 -1.64 -28.61 16.96
C TYR H 169 -2.57 -27.43 17.21
N THR H 170 -3.28 -27.03 16.17
CA THR H 170 -4.13 -25.84 16.22
C THR H 170 -5.59 -26.20 16.13
N ASN H 171 -6.41 -25.51 16.92
CA ASN H 171 -7.87 -25.64 16.85
C ASN H 171 -8.42 -24.60 15.89
N THR H 172 -9.74 -24.39 15.93
CA THR H 172 -10.35 -23.39 15.06
C THR H 172 -9.79 -21.99 15.32
N ASN H 173 -9.45 -21.68 16.56
CA ASN H 173 -8.95 -20.34 16.88
C ASN H 173 -7.64 -20.35 17.65
N ASN H 174 -7.41 -21.33 18.52
CA ASN H 174 -6.25 -21.33 19.40
C ASN H 174 -5.39 -22.57 19.16
N VAL H 175 -4.26 -22.62 19.85
CA VAL H 175 -3.26 -23.66 19.68
C VAL H 175 -3.01 -24.36 21.01
N SER H 176 -2.92 -25.68 20.97
CA SER H 176 -2.64 -26.49 22.15
C SER H 176 -1.69 -27.62 21.77
N THR H 177 -0.96 -28.11 22.76
CA THR H 177 0.11 -29.07 22.52
C THR H 177 -0.24 -30.43 23.13
N LEU H 178 0.35 -31.48 22.57
CA LEU H 178 0.08 -32.86 22.97
C LEU H 178 1.39 -33.59 23.19
N ILE H 179 1.50 -34.31 24.31
CA ILE H 179 2.69 -35.09 24.61
C ILE H 179 2.27 -36.47 25.12
N GLU H 180 3.21 -37.42 25.05
CA GLU H 180 3.05 -38.74 25.65
C GLU H 180 4.07 -38.89 26.77
N GLN H 181 3.62 -39.42 27.90
CA GLN H 181 4.44 -39.52 29.10
C GLN H 181 4.94 -40.95 29.29
N GLY H 182 6.23 -41.08 29.60
CA GLY H 182 6.81 -42.36 29.92
C GLY H 182 7.75 -42.25 31.12
N TYR H 183 7.42 -41.37 32.05
CA TYR H 183 8.32 -41.00 33.13
C TYR H 183 7.52 -40.87 34.42
N SER H 184 8.25 -40.76 35.54
CA SER H 184 7.65 -40.54 36.85
C SER H 184 8.05 -39.17 37.35
N ILE H 185 7.08 -38.45 37.93
CA ILE H 185 7.25 -37.06 38.29
C ILE H 185 7.20 -36.89 39.80
N LYS H 186 8.09 -36.03 40.31
CA LYS H 186 8.20 -35.75 41.73
C LYS H 186 7.94 -34.28 41.99
N ILE H 187 7.12 -33.99 43.00
CA ILE H 187 6.74 -32.62 43.35
C ILE H 187 7.51 -32.21 44.60
N ASP H 188 8.20 -31.08 44.52
CA ASP H 188 9.01 -30.61 45.64
C ASP H 188 8.17 -29.84 46.66
N LYS H 189 7.54 -28.76 46.21
CA LYS H 189 6.78 -27.89 47.10
C LYS H 189 5.41 -27.59 46.49
N ILE H 190 4.46 -27.27 47.36
CA ILE H 190 3.12 -26.85 46.96
C ILE H 190 2.78 -25.58 47.73
N VAL H 191 2.12 -24.64 47.05
CA VAL H 191 1.71 -23.37 47.64
C VAL H 191 0.27 -23.07 47.22
N ARG H 192 -0.33 -22.10 47.89
CA ARG H 192 -1.67 -21.63 47.58
C ARG H 192 -1.58 -20.32 46.82
N ILE H 193 -2.33 -20.24 45.71
CA ILE H 193 -2.34 -19.06 44.85
C ILE H 193 -3.79 -18.70 44.55
N VAL H 194 -3.99 -17.46 44.11
CA VAL H 194 -5.31 -16.93 43.78
C VAL H 194 -5.34 -16.61 42.29
N ILE H 195 -6.26 -17.25 41.57
CA ILE H 195 -6.43 -17.02 40.14
C ILE H 195 -7.86 -16.55 39.92
N ASP H 196 -8.03 -15.25 39.67
CA ASP H 196 -9.33 -14.66 39.33
C ASP H 196 -10.36 -14.90 40.43
N GLY H 197 -9.93 -14.82 41.69
CA GLY H 197 -10.85 -14.88 42.80
C GLY H 197 -11.09 -16.24 43.40
N LYS H 198 -10.29 -17.25 43.05
CA LYS H 198 -10.41 -18.58 43.60
C LYS H 198 -9.06 -19.10 44.05
N HIS H 199 -9.06 -19.95 45.06
CA HIS H 199 -7.83 -20.52 45.60
C HIS H 199 -7.45 -21.75 44.80
N TYR H 200 -6.17 -21.85 44.46
CA TYR H 200 -5.63 -23.01 43.76
C TYR H 200 -4.32 -23.43 44.43
N ILE H 201 -3.91 -24.67 44.17
CA ILE H 201 -2.67 -25.22 44.68
C ILE H 201 -1.67 -25.27 43.53
N LYS H 202 -0.49 -24.69 43.73
CA LYS H 202 0.55 -24.65 42.71
C LYS H 202 1.67 -25.60 43.12
N ALA H 203 1.97 -26.55 42.24
CA ALA H 203 3.00 -27.55 42.48
C ALA H 203 4.09 -27.44 41.44
N GLU H 204 5.34 -27.58 41.86
CA GLU H 204 6.48 -27.63 40.95
C GLU H 204 7.01 -29.06 40.92
N ALA H 205 7.15 -29.60 39.71
CA ALA H 205 7.52 -31.00 39.53
C ALA H 205 8.60 -31.12 38.47
N SER H 206 9.31 -32.25 38.52
CA SER H 206 10.39 -32.53 37.58
C SER H 206 10.21 -33.93 37.00
N VAL H 207 10.79 -34.13 35.82
CA VAL H 207 10.67 -35.38 35.07
C VAL H 207 11.92 -36.21 35.31
N VAL H 208 11.73 -37.47 35.70
CA VAL H 208 12.82 -38.38 36.04
C VAL H 208 13.07 -39.30 34.86
N SER H 209 14.33 -39.36 34.41
CA SER H 209 14.70 -40.22 33.30
C SER H 209 14.81 -41.67 33.74
N SER H 210 14.48 -42.58 32.83
CA SER H 210 14.51 -44.01 33.08
C SER H 210 14.41 -44.72 31.73
N LEU H 211 14.26 -46.05 31.77
CA LEU H 211 14.00 -46.83 30.56
C LEU H 211 12.84 -47.77 30.83
N ASP H 212 12.01 -47.99 29.81
CA ASP H 212 10.82 -48.81 29.95
C ASP H 212 10.44 -49.39 28.59
N PHE H 213 9.91 -50.62 28.61
CA PHE H 213 9.51 -51.33 27.40
C PHE H 213 8.06 -51.76 27.57
N LYS H 214 7.13 -50.93 27.10
CA LYS H 214 5.71 -51.28 27.17
C LYS H 214 5.38 -52.45 26.25
N ASP H 215 5.83 -52.39 24.99
CA ASP H 215 5.62 -53.48 24.06
C ASP H 215 6.86 -53.82 23.25
N ASP H 216 7.99 -53.17 23.49
CA ASP H 216 9.22 -53.44 22.76
C ASP H 216 9.84 -54.74 23.30
N VAL H 217 9.29 -55.86 22.82
CA VAL H 217 9.84 -57.16 23.17
C VAL H 217 11.24 -57.31 22.61
N SER H 218 11.42 -56.97 21.33
CA SER H 218 12.73 -57.08 20.69
C SER H 218 13.74 -56.14 21.34
N LYS H 219 13.33 -54.90 21.62
CA LYS H 219 14.26 -53.94 22.20
C LYS H 219 14.61 -54.30 23.64
N GLY H 220 13.63 -54.77 24.41
CA GLY H 220 13.94 -55.22 25.76
C GLY H 220 14.88 -56.41 25.78
N ASP H 221 14.64 -57.38 24.88
CA ASP H 221 15.53 -58.52 24.77
C ASP H 221 16.93 -58.07 24.37
N SER H 222 17.03 -57.14 23.42
CA SER H 222 18.33 -56.63 22.99
C SER H 222 19.06 -55.94 24.14
N TRP H 223 18.35 -55.12 24.91
CA TRP H 223 18.97 -54.45 26.04
C TRP H 223 19.46 -55.44 27.08
N GLY H 224 18.64 -56.44 27.40
CA GLY H 224 19.05 -57.43 28.38
C GLY H 224 20.27 -58.23 27.94
N LYS H 225 20.27 -58.68 26.68
CA LYS H 225 21.42 -59.44 26.19
C LYS H 225 22.66 -58.55 26.05
N ALA H 226 22.49 -57.28 25.72
CA ALA H 226 23.63 -56.39 25.62
C ALA H 226 24.26 -56.16 26.99
N ASN H 227 23.45 -56.01 28.04
CA ASN H 227 24.02 -55.72 29.34
C ASN H 227 24.55 -56.96 30.03
N TYR H 228 23.80 -58.07 30.00
CA TYR H 228 24.11 -59.20 30.86
C TYR H 228 24.70 -60.39 30.12
N ASN H 229 25.16 -60.20 28.88
CA ASN H 229 25.90 -61.28 28.21
C ASN H 229 27.25 -61.50 28.88
N ASP H 230 27.92 -60.42 29.27
CA ASP H 230 29.20 -60.50 29.98
C ASP H 230 29.04 -60.66 31.48
N TRP H 231 27.82 -60.99 31.95
CA TRP H 231 27.61 -61.15 33.38
C TRP H 231 28.36 -62.36 33.93
N SER H 232 28.20 -63.52 33.28
CA SER H 232 28.76 -64.76 33.80
C SER H 232 30.28 -64.85 33.62
N ASN H 233 30.88 -63.94 32.84
CA ASN H 233 32.32 -64.02 32.61
C ASN H 233 33.12 -63.71 33.88
N LYS H 234 32.51 -63.04 34.85
CA LYS H 234 33.19 -62.67 36.09
C LYS H 234 32.99 -63.68 37.21
N LEU H 235 32.23 -64.74 36.98
CA LEU H 235 31.86 -65.68 38.03
C LEU H 235 32.55 -67.03 37.82
N THR H 236 32.95 -67.64 38.93
CA THR H 236 33.53 -68.96 38.88
C THR H 236 32.50 -69.97 38.39
N PRO H 237 32.91 -71.00 37.65
CA PRO H 237 31.92 -71.96 37.11
C PRO H 237 31.08 -72.65 38.18
N ASN H 238 31.64 -72.88 39.37
CA ASN H 238 30.87 -73.55 40.42
C ASN H 238 29.68 -72.71 40.86
N GLU H 239 29.87 -71.40 41.01
CA GLU H 239 28.77 -70.55 41.45
C GLU H 239 27.70 -70.41 40.36
N LEU H 240 28.12 -70.34 39.09
CA LEU H 240 27.15 -70.32 38.00
C LEU H 240 26.35 -71.62 37.96
N ALA H 241 27.02 -72.76 38.13
CA ALA H 241 26.32 -74.03 38.14
C ALA H 241 25.35 -74.11 39.32
N ASP H 242 25.77 -73.61 40.49
CA ASP H 242 24.90 -73.61 41.65
C ASP H 242 23.67 -72.74 41.43
N VAL H 243 23.86 -71.56 40.84
CA VAL H 243 22.74 -70.66 40.57
C VAL H 243 21.78 -71.31 39.58
N ASN H 244 22.31 -71.89 38.50
CA ASN H 244 21.46 -72.54 37.51
C ASN H 244 20.69 -73.70 38.10
N ASP H 245 21.37 -74.53 38.90
CA ASP H 245 20.69 -75.66 39.52
C ASP H 245 19.60 -75.19 40.48
N TYR H 246 19.87 -74.15 41.26
CA TYR H 246 18.89 -73.66 42.22
C TYR H 246 17.67 -73.08 41.52
N MET H 247 17.88 -72.36 40.42
CA MET H 247 16.74 -71.81 39.69
C MET H 247 16.04 -72.86 38.84
N ARG H 248 16.69 -74.01 38.59
CA ARG H 248 16.05 -75.05 37.80
C ARG H 248 15.27 -76.03 38.65
N GLY H 249 15.74 -76.34 39.86
CA GLY H 249 15.14 -77.42 40.62
C GLY H 249 14.52 -77.07 41.96
N GLY H 250 15.05 -76.03 42.62
CA GLY H 250 14.60 -75.73 43.96
C GLY H 250 13.99 -74.36 44.15
N TYR H 251 13.23 -73.89 43.15
CA TYR H 251 12.64 -72.56 43.26
C TYR H 251 11.44 -72.54 44.20
N THR H 252 10.73 -73.66 44.32
CA THR H 252 9.59 -73.75 45.23
C THR H 252 9.97 -74.26 46.62
N ALA H 253 11.25 -74.54 46.87
CA ALA H 253 11.69 -75.02 48.17
C ALA H 253 12.31 -73.92 49.02
N ILE H 254 13.32 -73.23 48.50
CA ILE H 254 14.00 -72.19 49.27
C ILE H 254 13.06 -71.01 49.52
N ASN H 255 12.19 -70.69 48.56
CA ASN H 255 11.25 -69.59 48.77
C ASN H 255 10.28 -69.91 49.90
N ASN H 256 9.75 -71.13 49.93
CA ASN H 256 8.86 -71.53 51.02
C ASN H 256 9.62 -71.57 52.35
N TYR H 257 10.88 -72.00 52.32
CA TYR H 257 11.69 -72.00 53.54
C TYR H 257 11.88 -70.58 54.08
N LEU H 258 12.14 -69.63 53.19
CA LEU H 258 12.31 -68.25 53.61
C LEU H 258 10.99 -67.65 54.11
N ILE H 259 9.88 -68.00 53.46
CA ILE H 259 8.57 -67.49 53.89
C ILE H 259 8.23 -67.98 55.28
N SER H 260 8.54 -69.24 55.58
CA SER H 260 8.26 -69.85 56.87
C SER H 260 9.13 -69.32 58.01
N ASN H 261 9.93 -68.27 57.78
CA ASN H 261 10.79 -67.67 58.80
C ASN H 261 11.78 -68.70 59.34
N GLY H 262 12.61 -69.22 58.43
CA GLY H 262 13.59 -70.23 58.76
C GLY H 262 14.64 -69.83 59.78
N PRO H 263 15.28 -68.67 59.61
CA PRO H 263 16.34 -68.28 60.56
C PRO H 263 15.87 -68.14 61.99
N VAL H 264 14.59 -67.86 62.23
CA VAL H 264 14.09 -67.72 63.60
C VAL H 264 13.57 -69.05 64.13
N ASN H 265 12.84 -69.81 63.31
CA ASN H 265 12.24 -71.05 63.78
C ASN H 265 13.26 -72.18 63.82
N ASN H 266 13.83 -72.53 62.67
CA ASN H 266 14.76 -73.66 62.54
C ASN H 266 16.03 -73.21 61.83
N PRO H 267 16.94 -72.56 62.54
CA PRO H 267 18.21 -72.15 61.92
C PRO H 267 18.99 -73.35 61.41
N ASN H 268 19.64 -73.18 60.27
CA ASN H 268 20.41 -74.25 59.65
C ASN H 268 21.38 -73.66 58.64
N PRO H 269 22.60 -74.20 58.51
CA PRO H 269 23.56 -73.62 57.56
C PRO H 269 23.42 -74.15 56.14
N GLU H 270 22.83 -75.33 55.94
CA GLU H 270 22.76 -75.92 54.60
C GLU H 270 21.94 -75.05 53.66
N LEU H 271 20.97 -74.31 54.18
CA LEU H 271 20.21 -73.35 53.38
C LEU H 271 20.69 -71.92 53.54
N ASP H 272 21.28 -71.60 54.68
CA ASP H 272 21.85 -70.26 54.88
C ASP H 272 22.98 -70.01 53.89
N SER H 273 23.78 -71.03 53.59
CA SER H 273 24.83 -70.89 52.59
C SER H 273 24.24 -70.56 51.22
N LYS H 274 23.16 -71.25 50.84
CA LYS H 274 22.49 -70.96 49.58
C LYS H 274 21.97 -69.53 49.55
N ILE H 275 21.33 -69.10 50.64
CA ILE H 275 20.77 -67.74 50.70
C ILE H 275 21.88 -66.72 50.56
N THR H 276 22.99 -66.91 51.28
CA THR H 276 24.10 -65.97 51.22
C THR H 276 24.73 -65.92 49.84
N ASN H 277 24.92 -67.08 49.20
CA ASN H 277 25.50 -67.11 47.87
C ASN H 277 24.61 -66.40 46.87
N ILE H 278 23.31 -66.67 46.91
CA ILE H 278 22.39 -66.03 45.97
C ILE H 278 22.33 -64.53 46.21
N GLU H 279 22.31 -64.11 47.48
CA GLU H 279 22.28 -62.68 47.79
C GLU H 279 23.55 -62.00 47.30
N ASN H 280 24.71 -62.62 47.48
CA ASN H 280 25.95 -62.04 46.99
C ASN H 280 25.95 -61.93 45.47
N ALA H 281 25.49 -62.98 44.79
CA ALA H 281 25.44 -62.93 43.33
C ALA H 281 24.50 -61.84 42.83
N LEU H 282 23.35 -61.67 43.49
CA LEU H 282 22.39 -60.67 43.05
C LEU H 282 22.85 -59.25 43.39
N LYS H 283 23.55 -59.07 44.50
CA LYS H 283 24.08 -57.77 44.88
C LYS H 283 25.37 -57.43 44.14
N ARG H 284 25.96 -58.41 43.45
CA ARG H 284 27.24 -58.18 42.79
C ARG H 284 27.14 -57.09 41.73
N GLU H 285 26.07 -57.12 40.92
CA GLU H 285 25.96 -56.23 39.76
C GLU H 285 24.71 -55.37 39.85
N PRO H 286 24.83 -54.08 40.17
CA PRO H 286 23.67 -53.19 40.11
C PRO H 286 23.40 -52.71 38.70
N ILE H 287 22.18 -52.22 38.50
CA ILE H 287 21.76 -51.72 37.19
C ILE H 287 22.47 -50.40 36.91
N PRO H 288 22.76 -50.08 35.64
CA PRO H 288 23.31 -48.75 35.32
C PRO H 288 22.24 -47.70 35.04
N THR H 289 20.99 -48.08 34.85
CA THR H 289 19.94 -47.15 34.45
C THR H 289 18.61 -47.62 35.02
N ASN H 290 17.76 -46.66 35.38
CA ASN H 290 16.50 -46.97 36.03
C ASN H 290 15.58 -47.74 35.09
N LEU H 291 14.96 -48.81 35.60
CA LEU H 291 14.00 -49.59 34.85
C LEU H 291 12.81 -49.93 35.73
N THR H 292 11.69 -50.24 35.08
CA THR H 292 10.48 -50.67 35.77
C THR H 292 10.18 -52.11 35.42
N VAL H 293 10.00 -52.94 36.44
CA VAL H 293 9.72 -54.36 36.27
C VAL H 293 8.29 -54.65 36.71
N TYR H 294 7.70 -55.66 36.10
CA TYR H 294 6.31 -56.03 36.32
C TYR H 294 6.25 -57.41 36.96
N ARG H 295 5.73 -57.48 38.18
CA ARG H 295 5.47 -58.74 38.87
C ARG H 295 3.96 -58.95 38.98
N ARG H 296 3.48 -60.08 38.48
CA ARG H 296 2.09 -60.48 38.66
C ARG H 296 1.99 -61.15 40.04
N SER H 297 1.76 -60.34 41.06
CA SER H 297 1.68 -60.86 42.43
C SER H 297 0.41 -61.68 42.61
N GLY H 298 0.53 -62.72 43.44
CA GLY H 298 -0.61 -63.55 43.76
C GLY H 298 -1.38 -63.04 44.95
N PRO H 299 -2.68 -63.36 45.01
CA PRO H 299 -3.47 -62.93 46.17
C PRO H 299 -2.95 -63.46 47.49
N GLN H 300 -2.35 -64.65 47.50
CA GLN H 300 -1.80 -65.21 48.72
C GLN H 300 -0.63 -64.38 49.23
N GLU H 301 0.04 -63.66 48.35
CA GLU H 301 1.14 -62.78 48.78
C GLU H 301 0.64 -61.65 49.66
N PHE H 302 -0.52 -61.08 49.34
CA PHE H 302 -1.14 -60.06 50.17
C PHE H 302 -1.98 -60.63 51.30
N GLY H 303 -1.91 -61.95 51.52
CA GLY H 303 -2.70 -62.58 52.54
C GLY H 303 -4.19 -62.59 52.27
N LEU H 304 -4.58 -62.76 51.01
CA LEU H 304 -5.98 -62.85 50.62
C LEU H 304 -6.21 -64.11 49.81
N THR H 305 -7.42 -64.64 49.89
CA THR H 305 -7.77 -65.91 49.27
C THR H 305 -8.94 -65.70 48.33
N LEU H 306 -9.05 -66.57 47.33
CA LEU H 306 -10.02 -66.40 46.26
C LEU H 306 -11.46 -66.35 46.76
N THR H 307 -11.73 -66.87 47.95
CA THR H 307 -13.07 -66.86 48.52
C THR H 307 -13.36 -65.63 49.36
N SER H 308 -12.41 -64.71 49.49
CA SER H 308 -12.61 -63.55 50.34
C SER H 308 -13.41 -62.48 49.60
N PRO H 309 -14.40 -61.87 50.25
CA PRO H 309 -15.17 -60.80 49.59
C PRO H 309 -14.33 -59.60 49.20
N GLU H 310 -13.31 -59.26 49.99
CA GLU H 310 -12.44 -58.14 49.65
C GLU H 310 -11.62 -58.44 48.41
N TYR H 311 -11.41 -59.72 48.09
CA TYR H 311 -10.63 -60.07 46.92
C TYR H 311 -11.38 -59.79 45.63
N ASP H 312 -12.72 -59.87 45.65
CA ASP H 312 -13.51 -59.70 44.43
C ASP H 312 -13.42 -58.27 43.95
N PHE H 313 -12.63 -58.03 42.91
CA PHE H 313 -12.38 -56.69 42.39
C PHE H 313 -13.41 -56.28 41.35
N ASN H 314 -14.41 -57.12 41.08
CA ASN H 314 -15.46 -56.74 40.12
C ASN H 314 -16.23 -55.53 40.61
N LYS H 315 -16.55 -55.49 41.90
CA LYS H 315 -17.26 -54.36 42.45
C LYS H 315 -16.31 -53.20 42.72
N LEU H 316 -16.87 -51.98 42.74
CA LEU H 316 -16.07 -50.79 42.99
C LEU H 316 -15.65 -50.65 44.44
N GLU H 317 -16.47 -51.16 45.37
CA GLU H 317 -16.19 -50.96 46.79
C GLU H 317 -14.95 -51.72 47.23
N ASN H 318 -14.70 -52.91 46.67
CA ASN H 318 -13.50 -53.64 47.04
C ASN H 318 -12.25 -52.93 46.54
N ILE H 319 -12.29 -52.38 45.34
CA ILE H 319 -11.18 -51.57 44.83
C ILE H 319 -10.96 -50.37 45.73
N ASP H 320 -12.04 -49.70 46.12
CA ASP H 320 -11.94 -48.53 47.00
C ASP H 320 -11.33 -48.91 48.35
N ALA H 321 -11.75 -50.04 48.91
CA ALA H 321 -11.23 -50.47 50.20
C ALA H 321 -9.75 -50.86 50.11
N PHE H 322 -9.37 -51.56 49.06
CA PHE H 322 -7.98 -51.94 48.89
C PHE H 322 -7.10 -50.70 48.74
N LYS H 323 -7.58 -49.72 47.96
CA LYS H 323 -6.87 -48.46 47.83
C LYS H 323 -6.77 -47.73 49.17
N SER H 324 -7.86 -47.73 49.94
CA SER H 324 -7.85 -47.02 51.23
C SER H 324 -6.85 -47.64 52.19
N LYS H 325 -6.78 -48.98 52.23
CA LYS H 325 -5.95 -49.64 53.23
C LYS H 325 -4.55 -50.01 52.74
N TRP H 326 -4.23 -49.80 51.46
CA TRP H 326 -2.95 -50.26 50.95
C TRP H 326 -2.20 -49.23 50.12
N GLU H 327 -2.89 -48.19 49.65
CA GLU H 327 -2.20 -47.10 48.98
C GLU H 327 -1.41 -46.29 50.00
N GLY H 328 -0.13 -46.09 49.72
CA GLY H 328 0.74 -45.39 50.64
C GLY H 328 1.35 -46.25 51.73
N GLN H 329 0.94 -47.51 51.84
CA GLN H 329 1.49 -48.40 52.85
C GLN H 329 2.78 -49.03 52.35
N ALA H 330 3.51 -49.63 53.29
CA ALA H 330 4.77 -50.30 52.96
C ALA H 330 4.52 -51.76 52.60
N LEU H 331 5.42 -52.31 51.79
CA LEU H 331 5.37 -53.70 51.39
C LEU H 331 6.76 -54.30 51.50
N SER H 332 6.81 -55.62 51.63
CA SER H 332 8.09 -56.33 51.73
C SER H 332 7.92 -57.75 51.22
N TYR H 333 9.01 -58.30 50.68
CA TYR H 333 9.00 -59.65 50.11
C TYR H 333 10.10 -60.48 50.75
N PRO H 334 9.80 -61.24 51.81
CA PRO H 334 10.84 -62.07 52.44
C PRO H 334 11.40 -63.15 51.53
N ASN H 335 10.67 -63.50 50.46
CA ASN H 335 11.13 -64.51 49.52
C ASN H 335 12.12 -63.89 48.52
N PHE H 336 12.61 -64.70 47.60
CA PHE H 336 13.39 -64.19 46.48
C PHE H 336 12.46 -63.57 45.46
N ILE H 337 12.73 -62.31 45.09
CA ILE H 337 11.85 -61.56 44.21
C ILE H 337 12.10 -61.98 42.77
N SER H 338 11.05 -62.37 42.08
CA SER H 338 11.11 -62.70 40.66
C SER H 338 10.22 -61.72 39.90
N THR H 339 10.78 -61.04 38.90
CA THR H 339 10.07 -60.03 38.15
C THR H 339 10.15 -60.32 36.66
N SER H 340 9.09 -59.92 35.95
CA SER H 340 9.04 -60.02 34.50
C SER H 340 9.13 -58.62 33.92
N ILE H 341 10.13 -58.39 33.07
CA ILE H 341 10.30 -57.08 32.45
C ILE H 341 9.16 -56.79 31.48
N GLY H 342 8.59 -57.84 30.88
CA GLY H 342 7.48 -57.65 29.97
C GLY H 342 6.22 -57.21 30.68
N SER H 343 5.40 -56.45 29.97
CA SER H 343 4.13 -55.93 30.49
C SER H 343 2.92 -56.68 29.97
N VAL H 344 3.11 -57.68 29.12
CA VAL H 344 1.99 -58.40 28.52
C VAL H 344 1.55 -59.53 29.44
N ASN H 345 0.27 -59.87 29.40
CA ASN H 345 -0.24 -60.96 30.21
C ASN H 345 0.26 -62.29 29.68
N MET H 346 0.77 -63.12 30.57
CA MET H 346 1.37 -64.40 30.19
C MET H 346 0.43 -65.55 30.54
N SER H 347 0.58 -66.65 29.80
CA SER H 347 -0.25 -67.82 30.06
C SER H 347 -0.01 -68.38 31.45
N ALA H 348 1.26 -68.44 31.88
CA ALA H 348 1.60 -68.95 33.20
C ALA H 348 1.09 -68.09 34.33
N PHE H 349 0.82 -66.80 34.06
CA PHE H 349 0.32 -65.88 35.08
C PHE H 349 -0.94 -65.18 34.59
N ALA H 350 -1.83 -65.95 33.96
CA ALA H 350 -3.04 -65.38 33.38
C ALA H 350 -4.07 -65.03 34.44
N LYS H 351 -4.26 -65.90 35.43
CA LYS H 351 -5.39 -65.76 36.34
C LYS H 351 -5.15 -64.71 37.42
N ARG H 352 -3.95 -64.18 37.56
CA ARG H 352 -3.64 -63.26 38.64
C ARG H 352 -4.10 -61.86 38.29
N LYS H 353 -4.83 -61.22 39.21
CA LYS H 353 -5.41 -59.91 38.98
C LYS H 353 -4.48 -58.76 39.35
N ILE H 354 -3.46 -59.00 40.16
CA ILE H 354 -2.62 -57.93 40.70
C ILE H 354 -1.27 -57.98 39.99
N VAL H 355 -0.93 -56.88 39.33
CA VAL H 355 0.37 -56.71 38.67
C VAL H 355 1.10 -55.59 39.39
N LEU H 356 2.34 -55.86 39.80
CA LEU H 356 3.12 -54.94 40.60
C LEU H 356 4.06 -54.17 39.70
N ARG H 357 3.95 -52.83 39.71
CA ARG H 357 4.77 -51.97 38.86
C ARG H 357 5.92 -51.43 39.69
N ILE H 358 6.99 -52.23 39.78
CA ILE H 358 8.13 -51.89 40.60
C ILE H 358 9.05 -50.98 39.80
N THR H 359 9.42 -49.84 40.38
CA THR H 359 10.36 -48.91 39.76
C THR H 359 11.72 -49.11 40.39
N ILE H 360 12.70 -49.52 39.59
CA ILE H 360 14.04 -49.83 40.07
C ILE H 360 14.95 -48.65 39.72
N PRO H 361 15.42 -47.88 40.69
CA PRO H 361 16.32 -46.76 40.40
C PRO H 361 17.76 -47.24 40.29
N LYS H 362 18.61 -46.35 39.78
CA LYS H 362 20.01 -46.68 39.52
C LYS H 362 20.73 -47.09 40.80
N GLY H 363 21.64 -48.05 40.67
CA GLY H 363 22.40 -48.56 41.79
C GLY H 363 21.68 -49.58 42.64
N SER H 364 20.49 -50.02 42.23
CA SER H 364 19.67 -50.98 42.97
C SER H 364 20.00 -52.40 42.52
N PRO H 365 19.79 -53.38 43.41
CA PRO H 365 20.07 -54.77 43.05
C PRO H 365 19.14 -55.28 41.95
N GLY H 366 19.65 -56.25 41.19
CA GLY H 366 18.88 -56.86 40.13
C GLY H 366 19.75 -57.34 38.99
N ALA H 367 19.50 -58.56 38.52
CA ALA H 367 20.27 -59.16 37.44
C ALA H 367 19.33 -59.80 36.43
N TYR H 368 19.60 -59.58 35.15
CA TYR H 368 18.82 -60.19 34.07
C TYR H 368 19.25 -61.65 33.92
N LEU H 369 18.30 -62.57 34.02
CA LEU H 369 18.61 -63.99 33.91
C LEU H 369 18.29 -64.58 32.55
N SER H 370 17.76 -63.79 31.61
CA SER H 370 17.46 -64.29 30.28
C SER H 370 18.60 -64.10 29.29
N ALA H 371 19.68 -63.41 29.69
CA ALA H 371 20.84 -63.27 28.82
C ALA H 371 21.56 -64.60 28.65
N ILE H 372 21.66 -65.38 29.71
CA ILE H 372 22.30 -66.69 29.68
C ILE H 372 21.42 -67.63 28.86
N PRO H 373 21.98 -68.68 28.25
CA PRO H 373 21.19 -69.51 27.34
C PRO H 373 20.15 -70.34 28.08
N GLY H 374 19.40 -71.12 27.31
CA GLY H 374 18.36 -71.96 27.86
C GLY H 374 17.09 -71.17 28.17
N TYR H 375 16.06 -71.90 28.56
CA TYR H 375 14.80 -71.28 28.98
C TYR H 375 14.90 -71.03 30.48
N ALA H 376 15.31 -69.82 30.84
CA ALA H 376 15.51 -69.46 32.23
C ALA H 376 14.24 -68.98 32.91
N GLY H 377 13.11 -68.99 32.21
CA GLY H 377 11.85 -68.58 32.77
C GLY H 377 11.14 -67.64 31.83
N GLU H 378 10.35 -66.73 32.42
CA GLU H 378 9.68 -65.68 31.66
C GLU H 378 10.28 -64.34 32.05
N TYR H 379 11.37 -63.99 31.36
CA TYR H 379 12.09 -62.74 31.60
C TYR H 379 12.49 -62.60 33.06
N GLU H 380 12.86 -63.73 33.67
CA GLU H 380 13.00 -63.80 35.11
C GLU H 380 14.18 -62.97 35.60
N VAL H 381 13.96 -62.22 36.68
CA VAL H 381 14.99 -61.39 37.31
C VAL H 381 14.90 -61.58 38.81
N LEU H 382 16.02 -61.88 39.44
CA LEU H 382 16.07 -62.16 40.87
C LEU H 382 16.69 -60.99 41.63
N LEU H 383 16.11 -60.67 42.79
CA LEU H 383 16.59 -59.62 43.66
C LEU H 383 16.74 -60.16 45.08
N ASN H 384 17.26 -59.31 45.96
CA ASN H 384 17.54 -59.72 47.34
C ASN H 384 16.25 -60.04 48.09
N HIS H 385 16.33 -61.05 48.95
CA HIS H 385 15.21 -61.42 49.80
C HIS H 385 14.96 -60.35 50.87
N GLY H 386 13.74 -60.36 51.40
CA GLY H 386 13.38 -59.42 52.44
C GLY H 386 13.39 -57.97 52.02
N SER H 387 13.39 -57.70 50.72
CA SER H 387 13.48 -56.32 50.23
C SER H 387 12.21 -55.55 50.59
N LYS H 388 12.38 -54.28 50.93
CA LYS H 388 11.27 -53.41 51.27
C LYS H 388 10.70 -52.75 50.02
N PHE H 389 9.38 -52.56 50.02
CA PHE H 389 8.69 -51.95 48.91
C PHE H 389 7.81 -50.81 49.41
N LYS H 390 7.64 -49.80 48.57
CA LYS H 390 6.78 -48.66 48.87
C LYS H 390 5.69 -48.58 47.81
N ILE H 391 4.44 -48.48 48.26
CA ILE H 391 3.29 -48.41 47.36
C ILE H 391 2.93 -46.93 47.19
N ASN H 392 2.80 -46.50 45.93
CA ASN H 392 2.45 -45.11 45.64
C ASN H 392 0.97 -44.94 45.32
N LYS H 393 0.48 -45.68 44.33
CA LYS H 393 -0.92 -45.57 43.92
C LYS H 393 -1.45 -46.95 43.54
N ILE H 394 -2.77 -47.08 43.62
CA ILE H 394 -3.47 -48.31 43.28
C ILE H 394 -4.62 -47.96 42.33
N ASP H 395 -4.51 -48.41 41.08
CA ASP H 395 -5.50 -48.12 40.06
C ASP H 395 -5.86 -49.40 39.30
N SER H 396 -7.00 -49.36 38.62
CA SER H 396 -7.60 -50.54 38.00
C SER H 396 -8.01 -50.25 36.57
N TYR H 397 -8.14 -51.30 35.76
CA TYR H 397 -8.58 -51.17 34.38
C TYR H 397 -9.62 -52.25 34.10
N LYS H 398 -10.43 -52.01 33.07
CA LYS H 398 -11.34 -53.04 32.59
C LYS H 398 -10.56 -54.13 31.88
N ASP H 399 -10.80 -55.39 32.28
CA ASP H 399 -10.18 -56.56 31.66
C ASP H 399 -11.31 -57.53 31.32
N GLY H 400 -11.79 -57.47 30.09
CA GLY H 400 -12.95 -58.26 29.71
C GLY H 400 -14.18 -57.84 30.50
N THR H 401 -14.60 -58.69 31.43
CA THR H 401 -15.66 -58.35 32.37
C THR H 401 -15.14 -58.00 33.75
N ILE H 402 -13.95 -58.48 34.12
CA ILE H 402 -13.40 -58.27 35.43
C ILE H 402 -12.49 -57.05 35.39
N THR H 403 -12.15 -56.53 36.58
CA THR H 403 -11.22 -55.41 36.71
C THR H 403 -10.00 -55.88 37.50
N LYS H 404 -8.83 -55.77 36.88
CA LYS H 404 -7.58 -56.16 37.50
C LYS H 404 -7.01 -54.98 38.28
N LEU H 405 -5.81 -55.16 38.83
CA LEU H 405 -5.26 -54.23 39.81
C LEU H 405 -3.79 -53.95 39.54
N ILE H 406 -3.41 -52.67 39.59
CA ILE H 406 -2.04 -52.22 39.37
C ILE H 406 -1.58 -51.45 40.60
N VAL H 407 -0.36 -51.76 41.07
CA VAL H 407 0.26 -51.05 42.18
C VAL H 407 1.60 -50.52 41.70
N ASP H 408 1.86 -49.24 41.96
CA ASP H 408 3.12 -48.61 41.56
C ASP H 408 4.14 -48.76 42.69
N ALA H 409 4.68 -49.97 42.79
CA ALA H 409 5.66 -50.27 43.81
C ALA H 409 6.96 -49.51 43.56
N THR H 410 7.68 -49.22 44.64
CA THR H 410 8.96 -48.52 44.59
C THR H 410 9.97 -49.27 45.44
N LEU H 411 11.18 -49.41 44.90
CA LEU H 411 12.25 -50.10 45.62
C LEU H 411 12.98 -49.13 46.54
N ILE H 412 13.05 -49.47 47.82
CA ILE H 412 13.71 -48.64 48.82
C ILE H 412 14.99 -49.36 49.25
N PRO H 413 16.12 -48.65 49.38
CA PRO H 413 17.39 -49.26 49.83
C PRO H 413 17.29 -49.84 51.24
CA CA I . -23.85 -39.72 -1.33
CA CA J . -23.79 -42.85 1.97
CA CA K . -55.52 -31.78 -27.15
CA CA L . -35.02 -24.34 18.39
CA CA M . -34.66 -27.96 21.12
CA CA N . -67.12 2.12 18.26
CA CA O . -22.61 -10.65 38.88
CA CA P . -22.28 -14.66 41.05
CA CA Q . -29.66 26.92 56.15
CA CA R . 4.23 -9.24 44.50
CA CA S . 3.92 -13.29 46.33
CA CA T . 28.17 22.09 57.84
CA CA U . 25.25 -21.06 31.47
CA CA V . 24.26 -24.66 33.52
CA CA W . 64.02 -7.72 22.29
CA CA X . 24.64 -37.13 9.14
CA CA Y . 23.48 -40.45 11.90
CA CA Z . 49.47 -40.12 -24.47
CA CA AA . 2.86 -45.66 -5.25
CA CA BA . 2.07 -48.46 -2.50
CA CA CA . -4.44 -51.30 -46.11
#